data_5X2N
#
_entry.id   5X2N
#
_cell.length_a   99.372
_cell.length_b   117.472
_cell.length_c   130.055
_cell.angle_alpha   90.00
_cell.angle_beta   91.93
_cell.angle_gamma   90.00
#
_symmetry.space_group_name_H-M   'P 1 21 1'
#
loop_
_entity.id
_entity.type
_entity.pdbx_description
1 polymer 'Taste receptor, type 1, member 2a'
2 polymer 'Taste receptor, type 1, member 3'
3 polymer 'Fab16A Heavy chain'
4 polymer 'Fab16A Light chain'
5 non-polymer 2-acetamido-2-deoxy-beta-D-glucopyranose
6 non-polymer ALANINE
7 non-polymer 'SODIUM ION'
8 non-polymer 'CHLORIDE ION'
9 water water
#
loop_
_entity_poly.entity_id
_entity_poly.type
_entity_poly.pdbx_seq_one_letter_code
_entity_poly.pdbx_strand_id
1 'polypeptide(L)'
;QSTDQTSEFHLRGDYLIGGLFNIHYVAAANFQRPQAIDCSSKLFILPNYRRFQMMRFSVEEINNSSSLLPNVSLGYQMFD
HCSDIHSFPGIFKLLSVNDLIRPWEDASTGLPNAIGVVGPFTSTHALSIAPIFMTNLFPMVSYGCSGSVFSKENLYPSFL
RTVHSNKDVINAIVGIILNFNWRWVAFLYSDDDFGKDGLEQFKNKIEDSEICLAFYKAINVNTDYLQVFKQIEEQNIKVI
VVFAPKVYAEAVVESAVQLNVTNKVWIADDGWSLNKKLPSMNGIQNIGTVLGVAQPVVTIPGFTDFIYSAISQTDGGDTE
QKMFCNQKCNCSNLSVKSLLNADPSFSFPVYAAVYAIAHALHNTLRCGSDRCPKNITVHPHMILEELKKSNFTLLNQTVQ
FDENGDPKFGSLSVVFWNSSGNAEEVGSYHFQSSIHLSINKTKIKWFTNGEVPTSSGIEGR
;
A,C
2 'polypeptide(L)'
;SPNWFNNISTDLFSMPGDIKLGGLFPIKEQSNEVSNDLTKLNSVSCDSLNKDGLGRALVMKYAVEEINANSQLLPGVKLG
YKIYNTCRHSAVIVRPALSFLTEKSNGTLSVECNYTDYETDMVAVIGPQSSEMVTVIGKLLGFFLMPQISFGATSDKFSD
SLVYPSFFRTVPSDIRQVDAMVQLIKKFNWNWVAVVGSEEEYGQQGVQQFSKKAEDMGVCVAYQGLIPIYDDPKPAIQTI
INNIQTTEVKVVVVFSLVSPAVSFFEEVIKKNLTGVWIASSSWAISDKVYSLPNIDSIGTVIGFIDETETLELLSPFTEV
LFKKIHEASPTEKPEDPYNPCPECWSLSPANVSLVKEESVQRTAFSVYAAVYTVAHALHKLLECNSAACKWSSSTRLYPW
KLLEVLKEFSVNISNTSLKFDQNGNPNIGYSVIQRIWENQSLSSVGSYRSANLSINETLFKWYTNNSEKPESSGIEGR
;
B,D
3 'polypeptide(L)'
;EVQLQQSGPELVKPGASMKISCKASGYSFTGYSMNWVKQSHGKNLEWIGLINPYNGDTTYKQKFKGKATLTVDRSSSTAY
MELLRLTSEDSAVYYCARSGRGAPTTTTAWFTYWGQGTLVTVSAAKTTPPSVYPLAPGSAAQTNSMVTLGCLVKGYFPEP
VTVTWNSGSLSSGVHTFPAVLQSDLYTLSSSVTVPSSTWPSETVTCNVAHPASSTKVDKKIVPRD
;
H,J
4 'polypeptide(L)'
;DIVLTQSPASLAVSLGQRATISCRASESVDSYGNSFMHWYQQKPGQPPILLISRASNLESGIPARFSGSGSRTDFTLTIN
PVEADDFATYYCQQTNEDPRTFGGGTKLEIKRADAAPTVSIFPPSSEQLTSGGASVVCFLNNFYPKDINVKWKIDGSERQ
NGVLNSWTDQDSKDSTYSMSSTLTLTKDEYERHNSYTCEATHKTSTSPIVKSFNRNE
;
L,K
#
# COMPACT_ATOMS: atom_id res chain seq x y z
N THR A 6 69.10 -22.63 -12.03
CA THR A 6 67.76 -22.09 -11.83
C THR A 6 67.64 -21.33 -10.50
N SER A 7 66.40 -21.21 -10.01
CA SER A 7 66.10 -20.57 -8.73
C SER A 7 64.69 -20.87 -8.25
N GLU A 8 64.52 -20.97 -6.94
CA GLU A 8 63.20 -21.10 -6.31
C GLU A 8 62.25 -19.95 -6.64
N PHE A 9 62.81 -18.77 -6.89
CA PHE A 9 62.03 -17.55 -6.99
C PHE A 9 61.48 -17.33 -8.38
N HIS A 10 61.95 -18.13 -9.33
CA HIS A 10 61.63 -17.92 -10.73
C HIS A 10 61.26 -19.22 -11.41
N LEU A 11 60.16 -19.21 -12.16
CA LEU A 11 59.73 -20.39 -12.93
C LEU A 11 59.09 -19.89 -14.21
N ARG A 12 59.64 -20.29 -15.35
CA ARG A 12 59.11 -19.87 -16.63
C ARG A 12 57.82 -20.63 -16.93
N GLY A 13 56.93 -19.99 -17.69
CA GLY A 13 55.66 -20.58 -18.02
C GLY A 13 54.93 -19.78 -19.07
N ASP A 14 53.84 -20.32 -19.59
CA ASP A 14 53.02 -19.59 -20.53
C ASP A 14 52.43 -18.31 -19.94
N TYR A 15 52.09 -18.34 -18.66
CA TYR A 15 51.55 -17.17 -17.95
C TYR A 15 52.22 -17.08 -16.60
N LEU A 16 52.48 -15.85 -16.14
CA LEU A 16 53.20 -15.68 -14.89
C LEU A 16 52.33 -15.11 -13.78
N ILE A 17 52.52 -15.64 -12.58
CA ILE A 17 51.93 -15.08 -11.38
C ILE A 17 53.01 -14.41 -10.56
N GLY A 18 52.75 -13.20 -10.08
CA GLY A 18 53.66 -12.57 -9.14
C GLY A 18 53.43 -13.17 -7.77
N GLY A 19 54.51 -13.31 -6.99
CA GLY A 19 54.44 -13.79 -5.62
C GLY A 19 55.15 -12.78 -4.74
N LEU A 20 54.43 -12.18 -3.81
CA LEU A 20 55.03 -11.19 -2.93
C LEU A 20 55.08 -11.74 -1.51
N PHE A 21 56.28 -12.04 -1.05
CA PHE A 21 56.46 -12.61 0.27
C PHE A 21 57.45 -11.75 1.05
N ASN A 22 57.67 -12.07 2.30
CA ASN A 22 58.72 -11.41 3.04
C ASN A 22 59.31 -12.45 3.97
N ILE A 23 60.42 -13.05 3.58
CA ILE A 23 60.89 -14.19 4.34
C ILE A 23 62.10 -13.83 5.17
N HIS A 24 62.53 -12.58 5.08
CA HIS A 24 63.46 -12.02 6.05
C HIS A 24 62.84 -10.83 6.76
N TYR A 25 63.29 -10.57 7.99
CA TYR A 25 62.82 -9.41 8.74
C TYR A 25 63.96 -8.43 9.00
N VAL A 26 63.69 -7.14 8.78
CA VAL A 26 64.59 -6.10 9.27
C VAL A 26 63.82 -4.85 9.70
N ALA A 27 64.23 -4.27 10.82
CA ALA A 27 63.59 -3.06 11.30
C ALA A 27 63.88 -1.92 10.33
N ALA A 28 62.94 -0.98 10.24
CA ALA A 28 63.10 0.18 9.37
C ALA A 28 64.35 0.99 9.73
N ALA A 29 65.04 1.51 8.72
CA ALA A 29 66.25 2.27 8.94
C ALA A 29 66.33 3.36 7.88
N ASN A 30 66.96 4.49 8.19
CA ASN A 30 67.20 5.48 7.15
C ASN A 30 68.13 4.90 6.09
N PHE A 31 68.01 5.40 4.87
CA PHE A 31 68.83 4.95 3.77
C PHE A 31 69.19 6.21 3.01
N GLN A 32 70.28 6.16 2.24
CA GLN A 32 70.76 7.37 1.58
C GLN A 32 70.77 7.23 0.07
N ARG A 33 70.55 6.01 -0.41
CA ARG A 33 70.49 5.74 -1.85
C ARG A 33 69.16 5.13 -2.26
N PRO A 34 68.68 5.47 -3.48
CA PRO A 34 67.42 4.89 -3.96
C PRO A 34 67.69 3.52 -4.60
N GLN A 35 67.64 2.49 -3.77
CA GLN A 35 68.06 1.15 -4.20
C GLN A 35 67.44 0.09 -3.31
N ALA A 36 67.21 -1.09 -3.87
CA ALA A 36 66.76 -2.25 -3.11
C ALA A 36 67.65 -2.54 -1.89
N ILE A 37 67.04 -3.19 -0.90
CA ILE A 37 67.73 -3.68 0.27
C ILE A 37 68.17 -5.13 0.04
N ASP A 38 69.36 -5.48 0.54
CA ASP A 38 69.79 -6.88 0.59
C ASP A 38 69.10 -7.62 1.73
N CYS A 39 67.92 -8.17 1.43
CA CYS A 39 67.14 -8.84 2.47
C CYS A 39 67.78 -10.19 2.87
N SER A 40 68.60 -10.79 2.00
CA SER A 40 69.12 -12.13 2.31
C SER A 40 70.08 -12.21 3.50
N SER A 41 70.64 -11.08 3.93
CA SER A 41 71.51 -11.10 5.10
C SER A 41 70.78 -10.77 6.42
N LYS A 42 69.46 -10.61 6.36
CA LYS A 42 68.69 -10.27 7.55
C LYS A 42 68.11 -11.51 8.22
N LEU A 43 67.28 -11.29 9.24
CA LEU A 43 66.66 -12.37 10.04
C LEU A 43 65.71 -13.22 9.21
N PHE A 44 65.96 -14.53 9.18
CA PHE A 44 65.12 -15.48 8.47
C PHE A 44 63.80 -15.70 9.20
N ILE A 45 62.70 -15.79 8.46
CA ILE A 45 61.41 -16.08 9.06
C ILE A 45 60.89 -17.40 8.53
N LEU A 46 60.96 -18.43 9.38
CA LEU A 46 60.61 -19.78 9.01
C LEU A 46 59.17 -19.94 8.52
N PRO A 47 58.19 -19.43 9.27
CA PRO A 47 56.81 -19.65 8.81
C PRO A 47 56.45 -18.89 7.54
N ASN A 48 57.12 -17.77 7.28
CA ASN A 48 56.84 -17.02 6.07
C ASN A 48 57.40 -17.77 4.85
N TYR A 49 58.53 -18.44 5.05
CA TYR A 49 59.18 -19.21 4.02
C TYR A 49 58.34 -20.44 3.69
N ARG A 50 57.69 -20.97 4.71
CA ARG A 50 56.72 -22.06 4.53
C ARG A 50 55.57 -21.61 3.60
N ARG A 51 55.03 -20.41 3.82
CA ARG A 51 53.97 -19.89 2.96
C ARG A 51 54.51 -19.57 1.57
N PHE A 52 55.76 -19.13 1.53
CA PHE A 52 56.50 -18.99 0.27
C PHE A 52 56.51 -20.32 -0.48
N GLN A 53 56.86 -21.41 0.20
CA GLN A 53 56.82 -22.75 -0.43
C GLN A 53 55.41 -23.21 -0.81
N MET A 54 54.41 -22.87 0.00
CA MET A 54 53.02 -23.23 -0.32
C MET A 54 52.59 -22.71 -1.69
N MET A 55 53.06 -21.52 -2.08
CA MET A 55 52.75 -21.01 -3.40
C MET A 55 53.47 -21.83 -4.49
N ARG A 56 54.75 -22.14 -4.27
CA ARG A 56 55.50 -22.95 -5.22
C ARG A 56 54.86 -24.34 -5.40
N PHE A 57 54.43 -24.94 -4.29
CA PHE A 57 53.69 -26.20 -4.31
C PHE A 57 52.38 -26.14 -5.10
N SER A 58 51.60 -25.09 -4.87
CA SER A 58 50.30 -24.93 -5.51
C SER A 58 50.46 -24.85 -7.02
N VAL A 59 51.41 -24.05 -7.45
CA VAL A 59 51.65 -23.87 -8.87
C VAL A 59 52.07 -25.18 -9.51
N GLU A 60 52.97 -25.91 -8.86
CA GLU A 60 53.48 -27.14 -9.40
C GLU A 60 52.33 -28.15 -9.53
N GLU A 61 51.49 -28.20 -8.50
CA GLU A 61 50.34 -29.10 -8.50
C GLU A 61 49.39 -28.79 -9.66
N ILE A 62 49.20 -27.49 -9.93
CA ILE A 62 48.32 -27.11 -11.02
C ILE A 62 48.98 -27.44 -12.35
N ASN A 63 50.30 -27.30 -12.44
CA ASN A 63 51.01 -27.64 -13.67
C ASN A 63 51.05 -29.16 -13.90
N ASN A 64 50.93 -29.95 -12.83
CA ASN A 64 50.80 -31.40 -12.97
C ASN A 64 49.39 -31.83 -13.44
N SER A 65 48.42 -30.95 -13.29
CA SER A 65 47.04 -31.28 -13.65
C SER A 65 46.79 -31.16 -15.14
N SER A 66 46.21 -32.20 -15.71
CA SER A 66 45.77 -32.14 -17.10
C SER A 66 44.30 -31.71 -17.24
N SER A 67 43.65 -31.35 -16.16
CA SER A 67 42.26 -30.88 -16.29
C SER A 67 42.11 -29.39 -16.04
N LEU A 68 42.86 -28.87 -15.07
CA LEU A 68 42.91 -27.43 -14.81
C LEU A 68 44.09 -26.86 -15.58
N LEU A 69 43.82 -25.89 -16.46
CA LEU A 69 44.82 -25.36 -17.40
C LEU A 69 45.55 -26.46 -18.19
N PRO A 70 44.79 -27.27 -18.95
CA PRO A 70 45.44 -28.34 -19.73
C PRO A 70 46.40 -27.80 -20.77
N ASN A 71 47.65 -28.28 -20.73
CA ASN A 71 48.73 -27.83 -21.61
C ASN A 71 48.98 -26.31 -21.63
N VAL A 72 48.66 -25.63 -20.53
CA VAL A 72 48.99 -24.21 -20.37
C VAL A 72 49.75 -24.07 -19.06
N SER A 73 51.04 -23.73 -19.12
CA SER A 73 51.84 -23.77 -17.91
C SER A 73 51.77 -22.47 -17.14
N LEU A 74 51.81 -22.58 -15.82
CA LEU A 74 51.87 -21.46 -14.90
C LEU A 74 53.29 -21.22 -14.44
N GLY A 75 53.79 -20.00 -14.64
CA GLY A 75 55.09 -19.64 -14.13
C GLY A 75 54.95 -18.63 -13.01
N TYR A 76 56.06 -18.22 -12.41
CA TYR A 76 56.00 -17.15 -11.41
C TYR A 76 57.31 -16.33 -11.31
N GLN A 77 57.16 -15.10 -10.82
CA GLN A 77 58.24 -14.27 -10.30
C GLN A 77 57.90 -14.00 -8.85
N MET A 78 58.75 -14.47 -7.94
CA MET A 78 58.49 -14.25 -6.53
C MET A 78 59.54 -13.36 -5.91
N PHE A 79 59.16 -12.70 -4.81
CA PHE A 79 60.04 -11.76 -4.16
C PHE A 79 60.01 -11.86 -2.65
N ASP A 80 61.15 -11.56 -2.06
CA ASP A 80 61.30 -11.47 -0.62
C ASP A 80 61.47 -10.00 -0.30
N HIS A 81 60.37 -9.31 0.01
CA HIS A 81 60.46 -7.88 0.30
C HIS A 81 60.48 -7.63 1.81
N CYS A 82 61.67 -7.51 2.38
CA CYS A 82 61.77 -7.33 3.83
C CYS A 82 61.41 -5.90 4.18
N SER A 83 61.43 -5.02 3.19
CA SER A 83 61.04 -3.64 3.38
C SER A 83 59.97 -3.23 2.38
N ASP A 84 58.80 -2.83 2.89
CA ASP A 84 57.71 -2.40 2.03
C ASP A 84 58.10 -1.19 1.19
N ILE A 85 58.91 -0.29 1.75
CA ILE A 85 59.30 0.89 1.00
C ILE A 85 60.32 0.58 -0.12
N HIS A 86 61.07 -0.51 0.04
CA HIS A 86 62.05 -0.90 -0.95
C HIS A 86 61.53 -2.02 -1.85
N SER A 87 60.22 -2.19 -1.88
CA SER A 87 59.66 -3.30 -2.65
C SER A 87 59.39 -2.95 -4.11
N PHE A 88 59.50 -1.67 -4.48
CA PHE A 88 59.04 -1.25 -5.81
C PHE A 88 59.79 -1.85 -7.04
N PRO A 89 61.10 -2.12 -6.92
CA PRO A 89 61.70 -2.77 -8.11
C PRO A 89 60.95 -4.05 -8.50
N GLY A 90 60.67 -4.92 -7.54
CA GLY A 90 59.92 -6.13 -7.82
C GLY A 90 58.54 -5.86 -8.38
N ILE A 91 57.85 -4.86 -7.83
CA ILE A 91 56.51 -4.51 -8.26
C ILE A 91 56.52 -4.03 -9.72
N PHE A 92 57.49 -3.17 -10.05
CA PHE A 92 57.67 -2.68 -11.43
C PHE A 92 57.89 -3.82 -12.41
N LYS A 93 58.71 -4.79 -12.00
CA LYS A 93 59.01 -5.98 -12.79
C LYS A 93 57.73 -6.71 -13.19
N LEU A 94 56.83 -6.91 -12.23
CA LEU A 94 55.55 -7.58 -12.45
C LEU A 94 54.65 -6.81 -13.41
N LEU A 95 54.68 -5.48 -13.31
CA LEU A 95 53.79 -4.63 -14.10
C LEU A 95 54.39 -4.12 -15.43
N SER A 96 55.67 -4.37 -15.66
CA SER A 96 56.31 -3.83 -16.85
C SER A 96 55.95 -4.61 -18.11
N VAL A 97 56.01 -3.93 -19.26
CA VAL A 97 55.67 -4.55 -20.54
C VAL A 97 56.91 -4.73 -21.43
N ASN A 98 58.09 -4.44 -20.87
CA ASN A 98 59.32 -4.57 -21.64
C ASN A 98 60.57 -4.44 -20.78
N ASP A 99 60.43 -4.74 -19.49
CA ASP A 99 61.32 -4.21 -18.45
C ASP A 99 61.23 -2.69 -18.49
N LEU A 100 60.08 -2.20 -18.98
CA LEU A 100 59.72 -0.78 -18.98
C LEU A 100 58.34 -0.54 -18.39
N ILE A 101 58.20 0.52 -17.62
CA ILE A 101 56.89 0.99 -17.15
C ILE A 101 56.48 2.20 -17.98
N ARG A 102 55.25 2.19 -18.48
CA ARG A 102 54.70 3.34 -19.18
C ARG A 102 53.49 3.87 -18.43
N PRO A 103 53.66 5.00 -17.74
CA PRO A 103 52.70 5.51 -16.75
C PRO A 103 51.31 5.80 -17.29
N TRP A 104 51.21 6.13 -18.58
CA TRP A 104 49.92 6.49 -19.17
C TRP A 104 49.26 5.33 -19.90
N GLU A 105 49.94 4.19 -19.96
CA GLU A 105 49.46 3.01 -20.67
C GLU A 105 48.05 2.58 -20.25
N ASP A 106 47.24 2.20 -21.23
CA ASP A 106 45.84 1.80 -21.00
C ASP A 106 45.73 0.47 -20.23
N ALA A 107 44.63 0.31 -19.50
CA ALA A 107 44.34 -0.94 -18.79
C ALA A 107 44.01 -2.07 -19.79
N SER A 108 43.21 -1.73 -20.80
CA SER A 108 42.92 -2.66 -21.89
C SER A 108 44.21 -3.00 -22.64
N THR A 109 44.55 -2.20 -23.63
CA THR A 109 45.72 -2.45 -24.48
C THR A 109 47.04 -2.31 -23.70
N GLY A 110 47.83 -3.38 -23.74
CA GLY A 110 49.05 -3.48 -22.95
C GLY A 110 49.08 -4.79 -22.18
N LEU A 111 50.15 -5.55 -22.34
CA LEU A 111 50.25 -6.88 -21.73
C LEU A 111 51.41 -6.96 -20.75
N PRO A 112 51.11 -6.73 -19.46
CA PRO A 112 52.15 -6.77 -18.42
C PRO A 112 52.82 -8.14 -18.35
N ASN A 113 53.99 -8.19 -17.75
CA ASN A 113 54.74 -9.42 -17.51
C ASN A 113 53.90 -10.53 -16.84
N ALA A 114 53.11 -10.15 -15.84
CA ALA A 114 52.34 -11.11 -15.05
C ALA A 114 50.84 -10.86 -15.27
N ILE A 115 50.03 -11.89 -14.99
CA ILE A 115 48.58 -11.77 -15.18
C ILE A 115 47.87 -11.42 -13.89
N GLY A 116 48.59 -11.53 -12.79
CA GLY A 116 48.03 -11.25 -11.47
C GLY A 116 49.10 -11.48 -10.43
N VAL A 117 48.80 -11.21 -9.17
CA VAL A 117 49.81 -11.38 -8.14
C VAL A 117 49.21 -12.00 -6.87
N VAL A 118 49.93 -12.96 -6.29
CA VAL A 118 49.54 -13.51 -5.00
C VAL A 118 50.33 -12.80 -3.92
N GLY A 119 49.63 -12.24 -2.93
CA GLY A 119 50.25 -11.48 -1.86
C GLY A 119 49.93 -9.99 -1.93
N PRO A 120 50.60 -9.18 -1.12
CA PRO A 120 51.63 -9.53 -0.14
C PRO A 120 51.01 -10.06 1.17
N PHE A 121 51.84 -10.27 2.18
CA PHE A 121 51.39 -10.82 3.46
C PHE A 121 50.78 -9.78 4.40
N THR A 122 51.45 -8.64 4.55
CA THR A 122 51.05 -7.67 5.59
C THR A 122 50.37 -6.44 5.00
N SER A 123 49.56 -5.79 5.85
CA SER A 123 48.77 -4.62 5.45
C SER A 123 49.69 -3.48 5.06
N THR A 124 50.77 -3.30 5.80
CA THR A 124 51.76 -2.29 5.45
C THR A 124 52.30 -2.51 4.02
N HIS A 125 52.65 -3.76 3.69
CA HIS A 125 53.18 -4.06 2.35
C HIS A 125 52.15 -3.70 1.28
N ALA A 126 50.88 -4.00 1.56
CA ALA A 126 49.82 -3.82 0.57
C ALA A 126 49.52 -2.33 0.37
N LEU A 127 49.51 -1.57 1.45
CA LEU A 127 49.17 -0.14 1.37
C LEU A 127 50.22 0.64 0.57
N SER A 128 51.48 0.27 0.70
CA SER A 128 52.56 0.91 -0.05
C SER A 128 52.44 0.73 -1.56
N ILE A 129 51.90 -0.40 -2.00
CA ILE A 129 52.01 -0.79 -3.40
C ILE A 129 50.67 -0.90 -4.13
N ALA A 130 49.58 -1.21 -3.41
CA ALA A 130 48.29 -1.52 -4.05
C ALA A 130 47.76 -0.47 -5.04
N PRO A 131 47.86 0.83 -4.70
CA PRO A 131 47.37 1.83 -5.66
C PRO A 131 47.95 1.70 -7.06
N ILE A 132 49.23 1.33 -7.17
CA ILE A 132 49.83 1.17 -8.48
C ILE A 132 49.14 0.02 -9.22
N PHE A 133 48.82 -1.05 -8.50
CA PHE A 133 48.10 -2.17 -9.09
C PHE A 133 46.64 -1.81 -9.40
N MET A 134 45.96 -1.10 -8.51
CA MET A 134 44.53 -0.77 -8.72
C MET A 134 44.28 0.03 -10.00
N THR A 135 45.26 0.86 -10.39
CA THR A 135 45.10 1.79 -11.50
C THR A 135 44.64 1.13 -12.79
N ASN A 136 45.25 0.01 -13.16
CA ASN A 136 44.80 -0.71 -14.35
C ASN A 136 44.04 -2.00 -14.03
N LEU A 137 43.49 -2.05 -12.82
CA LEU A 137 42.72 -3.19 -12.35
C LEU A 137 43.52 -4.49 -12.46
N PHE A 138 44.80 -4.42 -12.12
CA PHE A 138 45.67 -5.59 -12.04
C PHE A 138 45.28 -6.37 -10.78
N PRO A 139 44.87 -7.65 -10.93
CA PRO A 139 44.33 -8.31 -9.74
C PRO A 139 45.38 -8.69 -8.68
N MET A 140 45.11 -8.34 -7.43
CA MET A 140 45.91 -8.81 -6.29
C MET A 140 45.03 -9.70 -5.42
N VAL A 141 45.52 -10.90 -5.14
CA VAL A 141 44.88 -11.79 -4.19
C VAL A 141 45.83 -12.00 -3.04
N SER A 142 45.54 -11.32 -1.93
CA SER A 142 46.38 -11.38 -0.75
C SER A 142 46.05 -12.59 0.14
N TYR A 143 47.08 -13.31 0.55
CA TYR A 143 46.91 -14.46 1.46
C TYR A 143 47.00 -14.03 2.95
N GLY A 144 47.21 -12.75 3.21
CA GLY A 144 47.37 -12.36 4.61
C GLY A 144 46.81 -11.02 5.05
N CYS A 145 46.56 -10.13 4.11
CA CYS A 145 46.18 -8.77 4.46
CA CYS A 145 46.19 -8.75 4.47
C CYS A 145 44.82 -8.68 5.14
N SER A 146 44.79 -8.17 6.36
CA SER A 146 43.52 -8.18 7.09
C SER A 146 43.00 -6.79 7.42
N GLY A 147 43.62 -5.76 6.88
CA GLY A 147 43.17 -4.39 7.15
C GLY A 147 41.76 -4.15 6.63
N SER A 148 40.93 -3.54 7.46
CA SER A 148 39.51 -3.42 7.12
C SER A 148 39.30 -2.48 5.93
N VAL A 149 40.24 -1.56 5.71
CA VAL A 149 40.13 -0.60 4.62
C VAL A 149 40.16 -1.27 3.25
N PHE A 150 40.70 -2.49 3.15
CA PHE A 150 40.75 -3.20 1.88
C PHE A 150 39.38 -3.78 1.48
N SER A 151 38.43 -3.70 2.39
CA SER A 151 37.07 -4.11 2.09
C SER A 151 36.35 -3.00 1.30
N LYS A 152 37.00 -1.85 1.13
CA LYS A 152 36.38 -0.76 0.36
C LYS A 152 36.69 -0.85 -1.14
N GLU A 153 35.74 -1.44 -1.87
CA GLU A 153 35.85 -1.68 -3.30
C GLU A 153 36.31 -0.44 -4.07
N ASN A 154 35.78 0.72 -3.71
CA ASN A 154 36.07 1.94 -4.45
C ASN A 154 37.52 2.39 -4.27
N LEU A 155 38.14 2.08 -3.13
CA LEU A 155 39.57 2.32 -2.94
C LEU A 155 40.45 1.19 -3.49
N TYR A 156 39.95 -0.05 -3.46
CA TYR A 156 40.77 -1.21 -3.88
C TYR A 156 40.06 -2.14 -4.84
N PRO A 157 39.74 -1.64 -6.05
CA PRO A 157 38.83 -2.37 -6.94
C PRO A 157 39.36 -3.70 -7.42
N SER A 158 40.67 -3.88 -7.53
CA SER A 158 41.15 -5.16 -8.02
C SER A 158 41.90 -5.94 -6.95
N PHE A 159 41.62 -5.61 -5.70
CA PHE A 159 42.23 -6.30 -4.56
C PHE A 159 41.24 -7.32 -3.97
N LEU A 160 41.64 -8.59 -3.93
CA LEU A 160 40.86 -9.61 -3.23
C LEU A 160 41.73 -10.28 -2.16
N ARG A 161 41.11 -10.96 -1.22
CA ARG A 161 41.90 -11.67 -0.23
C ARG A 161 41.28 -12.98 0.20
N THR A 162 42.15 -13.89 0.64
CA THR A 162 41.74 -15.24 0.99
C THR A 162 41.80 -15.44 2.51
N VAL A 163 42.05 -14.35 3.23
CA VAL A 163 41.86 -14.32 4.68
C VAL A 163 40.82 -13.29 5.08
N HIS A 164 40.30 -13.50 6.29
CA HIS A 164 39.32 -12.68 6.96
CA HIS A 164 39.28 -12.62 6.83
C HIS A 164 39.84 -11.30 7.29
N SER A 165 38.95 -10.33 7.44
CA SER A 165 39.29 -8.99 7.86
C SER A 165 39.58 -8.94 9.37
N ASN A 166 40.18 -7.84 9.83
CA ASN A 166 40.40 -7.65 11.25
C ASN A 166 39.11 -7.65 12.06
N LYS A 167 38.01 -7.20 11.47
CA LYS A 167 36.73 -7.16 12.17
C LYS A 167 36.33 -8.55 12.68
N ASP A 168 36.54 -9.58 11.87
CA ASP A 168 36.14 -10.92 12.26
C ASP A 168 36.92 -11.45 13.45
N VAL A 169 38.23 -11.25 13.42
CA VAL A 169 39.08 -11.69 14.51
C VAL A 169 38.78 -10.91 15.80
N ILE A 170 38.56 -9.61 15.66
CA ILE A 170 38.26 -8.75 16.80
C ILE A 170 36.90 -9.15 17.43
N ASN A 171 35.91 -9.45 16.61
CA ASN A 171 34.65 -10.02 17.10
C ASN A 171 34.88 -11.32 17.91
N ALA A 172 35.76 -12.20 17.41
CA ALA A 172 36.05 -13.45 18.09
C ALA A 172 36.71 -13.18 19.45
N ILE A 173 37.62 -12.22 19.46
CA ILE A 173 38.34 -11.83 20.66
C ILE A 173 37.39 -11.21 21.68
N VAL A 174 36.46 -10.41 21.21
CA VAL A 174 35.46 -9.84 22.10
C VAL A 174 34.59 -10.96 22.63
N GLY A 175 34.21 -11.88 21.77
CA GLY A 175 33.51 -13.09 22.16
C GLY A 175 34.18 -13.87 23.29
N ILE A 176 35.48 -14.09 23.19
CA ILE A 176 36.24 -14.76 24.24
C ILE A 176 36.10 -14.01 25.57
N ILE A 177 36.27 -12.69 25.54
CA ILE A 177 36.23 -11.90 26.76
C ILE A 177 34.85 -11.96 27.44
N LEU A 178 33.80 -11.78 26.62
CA LEU A 178 32.43 -11.84 27.12
C LEU A 178 32.08 -13.22 27.69
N ASN A 179 32.80 -14.25 27.28
CA ASN A 179 32.49 -15.58 27.80
C ASN A 179 32.97 -15.76 29.23
N PHE A 180 33.92 -14.93 29.68
CA PHE A 180 34.38 -15.03 31.06
C PHE A 180 34.01 -13.78 31.87
N ASN A 181 34.63 -13.59 33.03
CA ASN A 181 34.14 -12.58 33.97
C ASN A 181 34.92 -11.30 34.02
N TRP A 182 36.08 -11.27 33.36
CA TRP A 182 36.93 -10.08 33.48
C TRP A 182 36.48 -9.03 32.49
N ARG A 183 36.42 -7.79 32.94
CA ARG A 183 35.87 -6.72 32.12
C ARG A 183 36.82 -5.52 31.95
N TRP A 184 37.88 -5.44 32.74
CA TRP A 184 38.97 -4.48 32.44
C TRP A 184 39.90 -5.22 31.50
N VAL A 185 40.44 -4.52 30.51
CA VAL A 185 41.21 -5.15 29.46
C VAL A 185 42.35 -4.22 29.06
N ALA A 186 43.54 -4.79 28.86
CA ALA A 186 44.61 -4.07 28.20
C ALA A 186 44.69 -4.51 26.75
N PHE A 187 45.04 -3.59 25.86
CA PHE A 187 45.14 -3.90 24.44
C PHE A 187 46.50 -3.43 23.92
N LEU A 188 47.41 -4.37 23.70
CA LEU A 188 48.74 -4.05 23.17
C LEU A 188 48.74 -4.34 21.66
N TYR A 189 48.94 -3.31 20.85
CA TYR A 189 48.82 -3.48 19.41
C TYR A 189 50.09 -2.98 18.74
N SER A 190 50.47 -3.63 17.65
CA SER A 190 51.64 -3.21 16.90
C SER A 190 51.42 -1.81 16.35
N ASP A 191 52.46 -1.03 16.41
CA ASP A 191 52.45 0.35 15.97
C ASP A 191 52.59 0.43 14.44
N ASP A 192 51.60 -0.11 13.72
CA ASP A 192 51.64 -0.18 12.26
C ASP A 192 50.19 -0.28 11.76
N ASP A 193 49.99 -0.44 10.47
CA ASP A 193 48.64 -0.38 9.96
C ASP A 193 47.76 -1.54 10.48
N PHE A 194 48.31 -2.73 10.53
CA PHE A 194 47.63 -3.90 11.09
C PHE A 194 47.14 -3.66 12.55
N GLY A 195 48.06 -3.27 13.44
CA GLY A 195 47.72 -3.13 14.83
C GLY A 195 46.72 -2.01 15.08
N LYS A 196 46.94 -0.87 14.43
CA LYS A 196 46.07 0.28 14.63
C LYS A 196 44.67 0.03 14.11
N ASP A 197 44.54 -0.71 13.02
CA ASP A 197 43.19 -1.03 12.58
C ASP A 197 42.56 -1.95 13.61
N GLY A 198 43.33 -2.90 14.15
CA GLY A 198 42.86 -3.75 15.23
C GLY A 198 42.31 -2.98 16.42
N LEU A 199 43.02 -1.92 16.81
CA LEU A 199 42.61 -1.15 17.96
C LEU A 199 41.29 -0.42 17.70
N GLU A 200 41.15 0.18 16.51
CA GLU A 200 39.92 0.89 16.18
C GLU A 200 38.74 -0.08 16.17
N GLN A 201 38.92 -1.26 15.55
CA GLN A 201 37.85 -2.24 15.49
C GLN A 201 37.48 -2.69 16.91
N PHE A 202 38.49 -2.88 17.76
CA PHE A 202 38.27 -3.28 19.14
C PHE A 202 37.44 -2.23 19.88
N LYS A 203 37.86 -0.96 19.82
CA LYS A 203 37.16 0.15 20.46
C LYS A 203 35.70 0.22 20.01
N ASN A 204 35.49 0.16 18.70
CA ASN A 204 34.16 0.17 18.13
C ASN A 204 33.32 -0.97 18.66
N LYS A 205 33.89 -2.16 18.71
CA LYS A 205 33.12 -3.32 19.13
C LYS A 205 32.77 -3.30 20.62
N ILE A 206 33.68 -2.86 21.49
CA ILE A 206 33.37 -2.93 22.91
C ILE A 206 32.63 -1.71 23.46
N GLU A 207 32.41 -0.67 22.65
CA GLU A 207 31.98 0.61 23.20
C GLU A 207 30.67 0.49 23.96
N ASP A 208 29.66 -0.07 23.30
CA ASP A 208 28.39 -0.38 23.94
C ASP A 208 28.44 -1.76 24.58
N SER A 209 29.27 -1.91 25.60
CA SER A 209 29.37 -3.17 26.32
C SER A 209 29.93 -2.93 27.71
N GLU A 210 29.86 -3.98 28.53
CA GLU A 210 30.47 -4.03 29.86
C GLU A 210 32.02 -4.04 29.82
N ILE A 211 32.61 -4.32 28.65
CA ILE A 211 34.07 -4.36 28.55
C ILE A 211 34.66 -2.96 28.60
N CYS A 212 35.58 -2.74 29.51
CA CYS A 212 36.24 -1.45 29.64
C CYS A 212 37.70 -1.57 29.18
N LEU A 213 38.07 -0.76 28.21
CA LEU A 213 39.46 -0.66 27.77
C LEU A 213 40.22 0.20 28.76
N ALA A 214 40.86 -0.42 29.72
CA ALA A 214 41.52 0.30 30.79
C ALA A 214 42.93 0.79 30.41
N PHE A 215 43.55 0.19 29.40
CA PHE A 215 44.90 0.55 29.02
C PHE A 215 45.14 0.05 27.62
N TYR A 216 45.72 0.91 26.77
CA TYR A 216 46.22 0.44 25.49
C TYR A 216 47.56 1.10 25.17
N LYS A 217 48.29 0.49 24.23
CA LYS A 217 49.64 0.94 23.95
C LYS A 217 50.13 0.43 22.60
N ALA A 218 50.68 1.34 21.79
CA ALA A 218 51.30 0.97 20.52
C ALA A 218 52.66 0.34 20.81
N ILE A 219 52.84 -0.89 20.33
CA ILE A 219 54.08 -1.64 20.46
C ILE A 219 54.96 -1.41 19.22
N ASN A 220 56.20 -0.96 19.43
CA ASN A 220 57.15 -0.85 18.32
C ASN A 220 58.57 -1.22 18.77
N VAL A 221 59.56 -1.02 17.91
CA VAL A 221 60.94 -1.38 18.23
C VAL A 221 61.46 -0.64 19.48
N ASN A 222 60.95 0.56 19.76
CA ASN A 222 61.44 1.34 20.89
C ASN A 222 60.68 1.13 22.20
N THR A 223 59.86 0.08 22.31
CA THR A 223 58.94 -0.06 23.45
C THR A 223 59.66 -0.38 24.75
N ASP A 224 59.38 0.43 25.77
CA ASP A 224 59.91 0.23 27.10
C ASP A 224 58.97 -0.67 27.88
N TYR A 225 59.26 -1.96 27.87
CA TYR A 225 58.31 -2.95 28.40
C TYR A 225 58.18 -2.92 29.91
N LEU A 226 59.24 -2.51 30.61
CA LEU A 226 59.11 -2.32 32.06
C LEU A 226 57.97 -1.36 32.42
N GLN A 227 57.87 -0.23 31.71
CA GLN A 227 56.84 0.77 32.01
C GLN A 227 55.44 0.34 31.57
N VAL A 228 55.35 -0.38 30.48
CA VAL A 228 54.08 -0.91 30.02
C VAL A 228 53.45 -1.79 31.07
N PHE A 229 54.21 -2.79 31.51
CA PHE A 229 53.69 -3.78 32.44
C PHE A 229 53.50 -3.17 33.82
N LYS A 230 54.31 -2.16 34.14
CA LYS A 230 54.14 -1.43 35.39
C LYS A 230 52.79 -0.67 35.41
N GLN A 231 52.42 -0.06 34.29
CA GLN A 231 51.16 0.66 34.18
C GLN A 231 49.96 -0.31 34.24
N ILE A 232 50.06 -1.40 33.49
CA ILE A 232 49.08 -2.48 33.54
C ILE A 232 48.89 -3.01 34.97
N GLU A 233 49.98 -3.30 35.67
CA GLU A 233 49.87 -3.82 37.02
C GLU A 233 49.23 -2.83 37.98
N GLU A 234 49.53 -1.54 37.80
CA GLU A 234 49.00 -0.51 38.67
C GLU A 234 47.50 -0.37 38.51
N GLN A 235 47.00 -0.63 37.30
CA GLN A 235 45.57 -0.53 37.04
C GLN A 235 44.85 -1.83 37.35
N ASN A 236 45.60 -2.81 37.87
CA ASN A 236 45.06 -4.09 38.30
C ASN A 236 44.36 -4.84 37.19
N ILE A 237 44.92 -4.76 36.00
CA ILE A 237 44.34 -5.41 34.84
C ILE A 237 44.81 -6.85 34.75
N LYS A 238 43.87 -7.77 34.51
CA LYS A 238 44.19 -9.18 34.41
C LYS A 238 44.22 -9.68 32.95
N VAL A 239 43.38 -9.13 32.09
CA VAL A 239 43.31 -9.58 30.70
C VAL A 239 44.16 -8.70 29.74
N ILE A 240 45.04 -9.35 29.00
CA ILE A 240 45.89 -8.59 28.09
C ILE A 240 45.74 -9.16 26.71
N VAL A 241 45.14 -8.37 25.82
CA VAL A 241 45.08 -8.71 24.40
C VAL A 241 46.34 -8.21 23.73
N VAL A 242 46.96 -9.07 22.94
CA VAL A 242 48.13 -8.70 22.19
C VAL A 242 47.82 -8.89 20.71
N PHE A 243 47.67 -7.77 20.00
CA PHE A 243 47.28 -7.77 18.59
C PHE A 243 48.48 -7.29 17.80
N ALA A 244 49.29 -8.23 17.33
CA ALA A 244 50.59 -7.87 16.76
C ALA A 244 51.25 -9.05 16.04
N PRO A 245 52.03 -8.77 14.99
CA PRO A 245 52.73 -9.85 14.26
C PRO A 245 53.80 -10.54 15.12
N LYS A 246 54.39 -11.61 14.57
CA LYS A 246 55.37 -12.46 15.26
C LYS A 246 56.41 -11.67 16.06
N VAL A 247 57.10 -10.73 15.44
CA VAL A 247 58.22 -10.05 16.07
C VAL A 247 57.81 -9.26 17.31
N TYR A 248 56.70 -8.54 17.23
CA TYR A 248 56.22 -7.77 18.37
C TYR A 248 55.54 -8.66 19.43
N ALA A 249 54.83 -9.70 18.99
CA ALA A 249 54.20 -10.58 19.96
C ALA A 249 55.25 -11.32 20.78
N GLU A 250 56.35 -11.71 20.12
CA GLU A 250 57.44 -12.37 20.81
C GLU A 250 58.12 -11.42 21.79
N ALA A 251 58.35 -10.19 21.38
CA ALA A 251 58.96 -9.20 22.26
C ALA A 251 58.11 -8.97 23.54
N VAL A 252 56.78 -8.87 23.36
CA VAL A 252 55.86 -8.70 24.48
C VAL A 252 55.96 -9.84 25.50
N VAL A 253 55.82 -11.05 24.98
CA VAL A 253 55.71 -12.22 25.82
C VAL A 253 57.08 -12.56 26.46
N GLU A 254 58.15 -12.46 25.68
CA GLU A 254 59.50 -12.62 26.22
C GLU A 254 59.80 -11.62 27.35
N SER A 255 59.44 -10.36 27.12
CA SER A 255 59.63 -9.33 28.13
C SER A 255 58.85 -9.62 29.41
N ALA A 256 57.60 -10.06 29.27
CA ALA A 256 56.76 -10.41 30.41
C ALA A 256 57.41 -11.48 31.28
N VAL A 257 57.92 -12.53 30.64
CA VAL A 257 58.68 -13.55 31.37
C VAL A 257 59.84 -12.89 32.13
N GLN A 258 60.63 -12.06 31.45
CA GLN A 258 61.81 -11.44 32.06
C GLN A 258 61.47 -10.43 33.16
N LEU A 259 60.33 -9.76 33.04
CA LEU A 259 59.98 -8.74 34.02
C LEU A 259 59.05 -9.28 35.09
N ASN A 260 58.95 -10.60 35.17
CA ASN A 260 58.17 -11.27 36.21
C ASN A 260 56.69 -10.87 36.20
N VAL A 261 56.15 -10.60 35.02
CA VAL A 261 54.69 -10.48 34.88
C VAL A 261 54.03 -11.81 35.14
N THR A 262 53.05 -11.82 36.04
CA THR A 262 52.47 -13.06 36.47
C THR A 262 50.94 -13.05 36.54
N ASN A 263 50.36 -14.25 36.46
CA ASN A 263 48.93 -14.42 36.71
C ASN A 263 48.03 -13.59 35.78
N LYS A 264 48.38 -13.50 34.50
CA LYS A 264 47.54 -12.78 33.56
C LYS A 264 46.74 -13.74 32.71
N VAL A 265 45.75 -13.21 32.02
CA VAL A 265 45.08 -13.94 30.95
C VAL A 265 45.42 -13.27 29.61
N TRP A 266 46.25 -13.94 28.83
CA TRP A 266 46.71 -13.43 27.55
C TRP A 266 45.77 -13.82 26.42
N ILE A 267 45.49 -12.89 25.51
CA ILE A 267 44.69 -13.26 24.34
C ILE A 267 45.39 -12.86 23.03
N ALA A 268 45.72 -13.88 22.26
CA ALA A 268 46.40 -13.79 20.96
C ALA A 268 45.42 -13.67 19.78
N ASP A 269 45.78 -12.86 18.79
CA ASP A 269 45.09 -12.93 17.50
C ASP A 269 45.71 -14.08 16.70
N ASP A 270 45.13 -14.39 15.54
CA ASP A 270 45.54 -15.62 14.83
C ASP A 270 46.93 -15.51 14.21
N GLY A 271 47.51 -14.32 14.29
CA GLY A 271 48.87 -14.08 13.82
C GLY A 271 49.93 -14.60 14.78
N TRP A 272 49.60 -14.85 16.05
CA TRP A 272 50.58 -15.52 16.93
C TRP A 272 50.04 -16.60 17.88
N SER A 273 48.77 -16.97 17.75
CA SER A 273 48.23 -18.00 18.64
C SER A 273 48.74 -19.39 18.25
N LEU A 274 49.30 -19.52 17.04
CA LEU A 274 49.96 -20.77 16.65
C LEU A 274 51.47 -20.56 16.55
N ASN A 275 51.98 -19.52 17.19
CA ASN A 275 53.40 -19.27 17.31
C ASN A 275 54.08 -20.52 17.88
N LYS A 276 55.25 -20.87 17.35
CA LYS A 276 55.93 -22.13 17.70
C LYS A 276 57.13 -21.94 18.62
N LYS A 277 57.58 -20.70 18.77
CA LYS A 277 58.69 -20.43 19.67
C LYS A 277 58.24 -20.22 21.12
N LEU A 278 57.16 -19.46 21.29
CA LEU A 278 56.72 -19.03 22.62
C LEU A 278 56.17 -20.14 23.55
N PRO A 279 55.37 -21.10 23.03
CA PRO A 279 54.77 -22.06 23.97
C PRO A 279 55.76 -22.98 24.70
N SER A 280 56.99 -23.10 24.22
CA SER A 280 57.97 -23.97 24.87
C SER A 280 59.14 -23.18 25.44
N MET A 281 59.11 -21.86 25.23
CA MET A 281 60.09 -20.95 25.81
C MET A 281 60.15 -21.09 27.34
N ASN A 282 61.37 -21.07 27.88
CA ASN A 282 61.61 -21.12 29.31
C ASN A 282 60.81 -20.05 30.08
N GLY A 283 60.14 -20.48 31.14
CA GLY A 283 59.40 -19.58 32.02
C GLY A 283 58.04 -19.12 31.50
N ILE A 284 57.62 -19.64 30.35
CA ILE A 284 56.35 -19.26 29.73
C ILE A 284 55.18 -19.47 30.70
N GLN A 285 55.30 -20.49 31.55
CA GLN A 285 54.26 -20.91 32.46
C GLN A 285 53.96 -19.84 33.50
N ASN A 286 54.96 -19.02 33.83
CA ASN A 286 54.81 -18.04 34.91
C ASN A 286 53.93 -16.81 34.60
N ILE A 287 53.69 -16.50 33.33
CA ILE A 287 52.99 -15.27 32.99
C ILE A 287 51.46 -15.43 33.09
N GLY A 288 51.00 -16.66 33.23
CA GLY A 288 49.58 -16.94 33.37
C GLY A 288 49.08 -17.94 32.34
N THR A 289 47.85 -17.73 31.87
CA THR A 289 47.22 -18.54 30.84
C THR A 289 47.15 -17.82 29.48
N VAL A 290 47.51 -18.51 28.41
CA VAL A 290 47.40 -17.93 27.07
C VAL A 290 46.23 -18.55 26.29
N LEU A 291 45.27 -17.70 25.92
CA LEU A 291 44.19 -18.10 25.02
C LEU A 291 44.42 -17.48 23.65
N GLY A 292 43.66 -17.88 22.65
CA GLY A 292 43.75 -17.21 21.37
C GLY A 292 42.68 -17.53 20.36
N VAL A 293 42.50 -16.63 19.40
CA VAL A 293 41.82 -16.93 18.15
C VAL A 293 42.85 -17.54 17.19
N ALA A 294 42.49 -18.63 16.53
CA ALA A 294 43.41 -19.32 15.63
C ALA A 294 42.74 -19.77 14.32
N GLN A 295 43.52 -19.82 13.26
CA GLN A 295 43.09 -20.52 12.04
C GLN A 295 43.19 -22.02 12.31
N PRO A 296 42.08 -22.75 12.14
CA PRO A 296 42.18 -24.22 12.23
C PRO A 296 43.23 -24.78 11.27
N VAL A 297 44.00 -25.78 11.71
CA VAL A 297 45.00 -26.41 10.87
C VAL A 297 44.27 -27.11 9.73
N VAL A 298 44.53 -26.66 8.51
CA VAL A 298 43.94 -27.23 7.33
C VAL A 298 44.97 -28.10 6.64
N THR A 299 44.69 -29.38 6.46
CA THR A 299 45.73 -30.25 5.86
C THR A 299 45.83 -30.03 4.36
N ILE A 300 47.06 -29.86 3.88
CA ILE A 300 47.29 -29.68 2.47
C ILE A 300 48.02 -30.91 1.94
N PRO A 301 47.27 -31.88 1.40
CA PRO A 301 47.86 -33.16 0.97
C PRO A 301 48.99 -32.97 -0.04
N GLY A 302 50.09 -33.67 0.18
CA GLY A 302 51.21 -33.59 -0.74
C GLY A 302 52.27 -32.59 -0.32
N PHE A 303 51.92 -31.68 0.58
CA PHE A 303 52.84 -30.60 0.93
C PHE A 303 54.08 -31.12 1.64
N THR A 304 53.90 -32.03 2.61
CA THR A 304 55.02 -32.63 3.32
C THR A 304 56.05 -33.22 2.34
N ASP A 305 55.60 -34.09 1.45
CA ASP A 305 56.45 -34.64 0.39
C ASP A 305 57.12 -33.55 -0.40
N PHE A 306 56.34 -32.55 -0.81
CA PHE A 306 56.91 -31.46 -1.60
C PHE A 306 58.08 -30.80 -0.87
N ILE A 307 57.93 -30.60 0.43
CA ILE A 307 58.95 -29.92 1.23
C ILE A 307 60.25 -30.72 1.35
N TYR A 308 60.15 -32.03 1.61
CA TYR A 308 61.35 -32.89 1.66
C TYR A 308 62.13 -32.75 0.38
N SER A 309 61.41 -32.73 -0.73
CA SER A 309 62.00 -32.65 -2.06
C SER A 309 62.54 -31.27 -2.46
N ALA A 310 62.21 -30.23 -1.70
CA ALA A 310 62.67 -28.88 -2.03
C ALA A 310 64.00 -28.53 -1.33
N ILE A 311 64.06 -28.76 -0.02
CA ILE A 311 65.18 -28.32 0.81
C ILE A 311 66.51 -28.99 0.45
N PHE A 324 68.31 -10.75 -10.09
CA PHE A 324 67.45 -9.62 -9.77
C PHE A 324 67.30 -9.50 -8.26
N CYS A 325 67.18 -8.27 -7.77
CA CYS A 325 67.17 -8.02 -6.32
C CYS A 325 66.01 -8.74 -5.59
N ASN A 326 66.26 -9.07 -4.34
CA ASN A 326 65.27 -9.68 -3.47
C ASN A 326 64.73 -11.02 -3.97
N GLN A 327 65.57 -11.78 -4.67
CA GLN A 327 65.24 -13.16 -5.03
C GLN A 327 66.33 -14.12 -4.57
N LYS A 328 66.72 -13.99 -3.30
CA LYS A 328 67.76 -14.83 -2.75
C LYS A 328 67.36 -15.24 -1.34
N CYS A 329 67.34 -16.54 -1.07
CA CYS A 329 66.95 -17.06 0.23
C CYS A 329 68.07 -17.04 1.29
N ASN A 330 69.28 -17.40 0.88
CA ASN A 330 70.40 -17.60 1.81
C ASN A 330 69.94 -18.38 3.02
N CYS A 331 69.28 -19.51 2.77
CA CYS A 331 68.73 -20.31 3.83
C CYS A 331 69.06 -21.79 3.62
N SER A 332 70.29 -22.08 3.21
CA SER A 332 70.60 -23.41 2.70
C SER A 332 70.72 -24.51 3.76
N ASN A 333 71.11 -24.16 4.98
CA ASN A 333 71.33 -25.22 5.98
C ASN A 333 70.08 -25.47 6.82
N LEU A 334 68.98 -25.75 6.15
CA LEU A 334 67.67 -25.66 6.80
C LEU A 334 67.11 -27.04 7.16
N SER A 335 66.72 -27.19 8.43
CA SER A 335 66.10 -28.42 8.90
C SER A 335 64.70 -28.61 8.34
N VAL A 336 64.52 -29.66 7.54
CA VAL A 336 63.23 -29.99 6.96
C VAL A 336 62.16 -30.09 8.05
N LYS A 337 62.52 -30.66 9.19
CA LYS A 337 61.53 -30.86 10.26
C LYS A 337 61.03 -29.53 10.84
N SER A 338 61.95 -28.60 11.06
CA SER A 338 61.58 -27.30 11.61
C SER A 338 60.61 -26.59 10.66
N LEU A 339 60.89 -26.66 9.36
CA LEU A 339 60.03 -26.03 8.35
C LEU A 339 58.66 -26.70 8.34
N LEU A 340 58.63 -28.02 8.35
CA LEU A 340 57.37 -28.76 8.39
C LEU A 340 56.51 -28.36 9.58
N ASN A 341 57.12 -28.32 10.77
CA ASN A 341 56.39 -28.04 12.00
C ASN A 341 56.12 -26.56 12.27
N ALA A 342 56.54 -25.67 11.37
CA ALA A 342 56.39 -24.25 11.63
C ALA A 342 54.91 -23.84 11.59
N ASP A 343 54.62 -22.67 12.17
CA ASP A 343 53.27 -22.11 12.19
C ASP A 343 52.60 -22.27 10.82
N PRO A 344 51.61 -23.16 10.71
CA PRO A 344 51.03 -23.44 9.40
C PRO A 344 49.85 -22.51 9.05
N SER A 345 49.66 -21.47 9.87
CA SER A 345 48.66 -20.43 9.58
C SER A 345 48.84 -19.84 8.17
N PHE A 346 47.72 -19.42 7.58
CA PHE A 346 47.66 -18.82 6.23
C PHE A 346 47.97 -19.79 5.06
N SER A 347 48.07 -21.10 5.35
CA SER A 347 48.33 -22.12 4.33
C SER A 347 47.26 -22.23 3.28
N PHE A 348 46.02 -22.55 3.69
CA PHE A 348 44.92 -22.57 2.75
C PHE A 348 44.71 -21.20 2.07
N PRO A 349 44.85 -20.09 2.80
CA PRO A 349 44.83 -18.82 2.05
C PRO A 349 45.86 -18.69 0.92
N VAL A 350 47.10 -19.15 1.09
CA VAL A 350 48.05 -19.11 -0.03
C VAL A 350 47.57 -20.03 -1.15
N TYR A 351 47.26 -21.26 -0.77
CA TYR A 351 46.82 -22.32 -1.66
C TYR A 351 45.57 -21.90 -2.47
N ALA A 352 44.57 -21.35 -1.78
CA ALA A 352 43.38 -20.90 -2.48
C ALA A 352 43.67 -19.69 -3.38
N ALA A 353 44.58 -18.80 -2.94
CA ALA A 353 44.89 -17.60 -3.72
C ALA A 353 45.44 -17.96 -5.10
N VAL A 354 46.37 -18.92 -5.11
CA VAL A 354 46.92 -19.44 -6.35
C VAL A 354 45.85 -20.10 -7.21
N TYR A 355 45.05 -20.98 -6.59
CA TYR A 355 44.02 -21.71 -7.33
C TYR A 355 42.96 -20.77 -7.90
N ALA A 356 42.61 -19.72 -7.16
CA ALA A 356 41.66 -18.72 -7.63
C ALA A 356 42.15 -18.04 -8.92
N ILE A 357 43.41 -17.59 -8.92
CA ILE A 357 44.00 -17.04 -10.14
C ILE A 357 44.07 -18.10 -11.25
N ALA A 358 44.43 -19.32 -10.91
CA ALA A 358 44.54 -20.33 -11.93
C ALA A 358 43.20 -20.66 -12.59
N HIS A 359 42.12 -20.74 -11.80
CA HIS A 359 40.77 -20.96 -12.32
C HIS A 359 40.32 -19.76 -13.16
N ALA A 360 40.62 -18.56 -12.69
CA ALA A 360 40.29 -17.34 -13.41
C ALA A 360 40.92 -17.33 -14.80
N LEU A 361 42.19 -17.75 -14.89
CA LEU A 361 42.88 -17.86 -16.18
C LEU A 361 42.24 -18.91 -17.08
N HIS A 362 42.05 -20.10 -16.51
CA HIS A 362 41.37 -21.21 -17.16
C HIS A 362 40.03 -20.78 -17.79
N ASN A 363 39.21 -20.07 -17.03
CA ASN A 363 37.91 -19.64 -17.55
C ASN A 363 38.04 -18.49 -18.55
N THR A 364 38.97 -17.58 -18.29
CA THR A 364 39.25 -16.50 -19.24
C THR A 364 39.74 -17.04 -20.60
N LEU A 365 40.55 -18.10 -20.58
CA LEU A 365 40.98 -18.71 -21.83
C LEU A 365 39.88 -19.57 -22.46
N ARG A 366 38.77 -19.71 -21.74
CA ARG A 366 37.67 -20.58 -22.14
C ARG A 366 38.20 -22.00 -22.40
N CYS A 367 39.10 -22.44 -21.52
CA CYS A 367 39.61 -23.81 -21.50
C CYS A 367 38.48 -24.81 -21.30
N GLY A 368 38.61 -25.98 -21.93
CA GLY A 368 37.64 -27.04 -21.78
C GLY A 368 38.15 -28.11 -20.86
N SER A 369 38.07 -29.35 -21.32
CA SER A 369 38.41 -30.49 -20.47
C SER A 369 39.85 -30.95 -20.68
N ASP A 370 40.29 -30.99 -21.93
CA ASP A 370 41.61 -31.49 -22.24
C ASP A 370 42.40 -30.54 -23.14
N ARG A 371 41.87 -29.35 -23.39
CA ARG A 371 42.63 -28.34 -24.13
C ARG A 371 42.08 -26.92 -23.95
N CYS A 372 42.99 -25.95 -24.03
CA CYS A 372 42.62 -24.53 -24.02
C CYS A 372 42.78 -23.91 -25.40
N PRO A 373 41.84 -23.05 -25.79
CA PRO A 373 41.98 -22.28 -27.03
C PRO A 373 43.25 -21.42 -26.99
N LYS A 374 43.76 -21.03 -28.16
CA LYS A 374 44.96 -20.21 -28.21
C LYS A 374 44.74 -18.94 -29.03
N ASN A 375 43.48 -18.60 -29.29
CA ASN A 375 43.17 -17.38 -30.02
C ASN A 375 42.85 -16.20 -29.09
N ILE A 376 42.85 -16.44 -27.78
CA ILE A 376 42.47 -15.43 -26.80
C ILE A 376 43.66 -14.71 -26.15
N THR A 377 43.64 -13.38 -26.18
CA THR A 377 44.66 -12.56 -25.53
C THR A 377 44.21 -12.21 -24.13
N VAL A 378 45.05 -12.52 -23.14
CA VAL A 378 44.66 -12.34 -21.75
C VAL A 378 45.16 -11.01 -21.17
N HIS A 379 44.23 -10.22 -20.66
CA HIS A 379 44.58 -8.99 -19.95
C HIS A 379 44.29 -9.18 -18.47
N PRO A 380 45.15 -8.60 -17.62
CA PRO A 380 44.97 -8.66 -16.17
C PRO A 380 43.55 -8.34 -15.72
N HIS A 381 42.88 -7.37 -16.33
CA HIS A 381 41.53 -7.01 -15.90
C HIS A 381 40.49 -8.07 -16.31
N MET A 382 40.84 -8.91 -17.28
CA MET A 382 39.98 -10.05 -17.61
C MET A 382 40.08 -11.12 -16.50
N ILE A 383 41.30 -11.31 -16.01
CA ILE A 383 41.56 -12.19 -14.88
C ILE A 383 40.76 -11.68 -13.67
N LEU A 384 40.74 -10.37 -13.48
CA LEU A 384 39.97 -9.78 -12.39
C LEU A 384 38.48 -10.15 -12.46
N GLU A 385 37.86 -10.00 -13.63
CA GLU A 385 36.43 -10.24 -13.77
C GLU A 385 36.06 -11.68 -13.37
N GLU A 386 36.86 -12.65 -13.77
CA GLU A 386 36.62 -14.05 -13.39
C GLU A 386 36.86 -14.27 -11.90
N LEU A 387 37.92 -13.64 -11.38
CA LEU A 387 38.28 -13.79 -9.97
C LEU A 387 37.13 -13.40 -9.08
N LYS A 388 36.48 -12.29 -9.40
CA LYS A 388 35.40 -11.77 -8.57
C LYS A 388 34.22 -12.74 -8.52
N LYS A 389 34.01 -13.51 -9.59
CA LYS A 389 32.92 -14.48 -9.57
C LYS A 389 33.42 -15.92 -9.37
N SER A 390 34.59 -16.06 -8.73
CA SER A 390 35.12 -17.36 -8.34
C SER A 390 34.07 -18.20 -7.66
N ASN A 391 33.97 -19.45 -8.06
CA ASN A 391 33.04 -20.38 -7.45
C ASN A 391 33.49 -21.81 -7.74
N PHE A 392 34.30 -22.37 -6.85
CA PHE A 392 34.84 -23.68 -7.11
C PHE A 392 35.21 -24.36 -5.80
N THR A 393 35.26 -25.69 -5.83
CA THR A 393 35.59 -26.45 -4.64
C THR A 393 37.08 -26.76 -4.63
N LEU A 394 37.62 -26.83 -3.43
CA LEU A 394 39.05 -27.05 -3.22
C LEU A 394 39.25 -27.67 -1.84
N LEU A 395 39.73 -28.91 -1.78
CA LEU A 395 39.84 -29.63 -0.51
C LEU A 395 38.55 -29.51 0.31
N ASN A 396 37.42 -29.63 -0.37
CA ASN A 396 36.10 -29.65 0.23
C ASN A 396 35.72 -28.34 0.91
N GLN A 397 36.37 -27.26 0.49
CA GLN A 397 35.87 -25.94 0.84
C GLN A 397 35.39 -25.30 -0.46
N THR A 398 34.56 -24.27 -0.32
CA THR A 398 34.01 -23.60 -1.49
C THR A 398 34.61 -22.21 -1.59
N VAL A 399 35.39 -21.97 -2.65
CA VAL A 399 36.10 -20.71 -2.79
C VAL A 399 35.24 -19.68 -3.49
N GLN A 400 34.94 -18.59 -2.80
CA GLN A 400 34.13 -17.49 -3.32
C GLN A 400 34.52 -16.22 -2.59
N PHE A 401 34.24 -15.07 -3.20
CA PHE A 401 34.48 -13.78 -2.58
C PHE A 401 33.20 -12.92 -2.58
N ASP A 402 32.93 -12.18 -1.51
CA ASP A 402 31.79 -11.29 -1.56
C ASP A 402 32.14 -10.07 -2.40
N GLU A 403 31.18 -9.15 -2.50
CA GLU A 403 31.28 -7.91 -3.27
C GLU A 403 32.54 -7.09 -2.99
N ASN A 404 33.04 -7.19 -1.77
CA ASN A 404 34.17 -6.41 -1.33
C ASN A 404 35.51 -7.11 -1.56
N GLY A 405 35.45 -8.33 -2.09
CA GLY A 405 36.64 -9.13 -2.31
C GLY A 405 37.12 -9.87 -1.05
N ASP A 406 36.29 -9.92 -0.02
CA ASP A 406 36.59 -10.69 1.17
C ASP A 406 36.17 -12.15 0.95
N PRO A 407 36.88 -13.11 1.58
CA PRO A 407 36.59 -14.54 1.37
C PRO A 407 35.28 -15.00 2.04
N LYS A 408 34.57 -15.93 1.44
CA LYS A 408 33.37 -16.48 2.07
C LYS A 408 33.63 -17.89 2.58
N PHE A 409 34.91 -18.17 2.80
CA PHE A 409 35.36 -19.43 3.38
C PHE A 409 36.38 -19.14 4.47
N GLY A 410 36.59 -20.12 5.34
CA GLY A 410 37.58 -20.00 6.39
C GLY A 410 36.88 -19.83 7.73
N SER A 411 37.35 -20.51 8.74
CA SER A 411 36.74 -20.30 10.05
C SER A 411 37.81 -19.94 11.07
N LEU A 412 37.36 -19.64 12.27
CA LEU A 412 38.26 -19.30 13.35
C LEU A 412 37.92 -20.20 14.52
N SER A 413 38.95 -20.57 15.27
CA SER A 413 38.73 -21.39 16.43
C SER A 413 39.37 -20.70 17.66
N VAL A 414 38.98 -21.16 18.85
CA VAL A 414 39.60 -20.68 20.07
C VAL A 414 40.62 -21.71 20.57
N VAL A 415 41.81 -21.24 20.93
CA VAL A 415 42.84 -22.13 21.43
C VAL A 415 43.32 -21.75 22.82
N PHE A 416 43.84 -22.76 23.51
CA PHE A 416 44.39 -22.58 24.84
C PHE A 416 45.75 -23.23 24.83
N TRP A 417 46.79 -22.52 25.26
CA TRP A 417 48.13 -23.12 25.25
C TRP A 417 48.26 -24.09 26.41
N ASN A 418 48.22 -25.39 26.13
CA ASN A 418 48.17 -26.36 27.23
C ASN A 418 49.55 -26.81 27.67
N SER A 419 49.58 -27.73 28.62
CA SER A 419 50.81 -28.07 29.35
C SER A 419 51.88 -28.82 28.52
N SER A 420 51.44 -29.50 27.46
CA SER A 420 52.38 -30.18 26.58
C SER A 420 52.84 -29.30 25.41
N GLY A 421 52.62 -27.99 25.54
CA GLY A 421 53.12 -27.02 24.57
C GLY A 421 52.30 -26.87 23.30
N ASN A 422 51.10 -27.41 23.27
CA ASN A 422 50.26 -27.32 22.09
C ASN A 422 49.14 -26.29 22.21
N ALA A 423 48.69 -25.80 21.06
CA ALA A 423 47.57 -24.88 20.98
C ALA A 423 46.28 -25.67 20.85
N GLU A 424 45.76 -26.10 21.98
CA GLU A 424 44.59 -26.97 21.99
C GLU A 424 43.31 -26.21 21.62
N GLU A 425 42.53 -26.80 20.74
CA GLU A 425 41.25 -26.25 20.32
C GLU A 425 40.18 -26.43 21.41
N VAL A 426 39.62 -25.32 21.88
CA VAL A 426 38.66 -25.38 22.98
C VAL A 426 37.36 -24.71 22.61
N GLY A 427 37.23 -24.29 21.36
CA GLY A 427 36.03 -23.56 20.95
C GLY A 427 36.10 -23.09 19.51
N SER A 428 35.03 -22.47 19.03
CA SER A 428 35.02 -21.99 17.66
C SER A 428 34.18 -20.72 17.52
N TYR A 429 34.43 -19.97 16.46
CA TYR A 429 33.73 -18.71 16.27
C TYR A 429 32.67 -18.86 15.21
N HIS A 430 31.41 -18.60 15.58
CA HIS A 430 30.30 -18.75 14.65
C HIS A 430 29.91 -17.44 14.00
N PHE A 431 30.37 -17.24 12.77
CA PHE A 431 30.11 -16.01 12.01
C PHE A 431 28.62 -15.62 12.02
N GLN A 432 27.77 -16.64 11.86
CA GLN A 432 26.32 -16.44 11.83
C GLN A 432 25.60 -17.40 12.77
N SER A 433 25.48 -17.02 14.04
CA SER A 433 24.59 -17.73 14.99
C SER A 433 24.29 -16.85 16.21
N SER A 434 23.36 -17.30 17.05
CA SER A 434 22.89 -16.50 18.19
C SER A 434 23.98 -16.30 19.25
N ILE A 435 24.59 -17.39 19.71
CA ILE A 435 25.82 -17.29 20.50
C ILE A 435 27.02 -17.34 19.56
N HIS A 436 27.60 -16.17 19.29
CA HIS A 436 28.65 -16.06 18.27
C HIS A 436 29.93 -16.86 18.57
N LEU A 437 30.20 -17.10 19.85
CA LEU A 437 31.41 -17.82 20.24
C LEU A 437 31.15 -18.80 21.36
N SER A 438 31.50 -20.06 21.11
CA SER A 438 31.34 -21.13 22.09
C SER A 438 32.70 -21.63 22.58
N ILE A 439 32.78 -21.98 23.87
CA ILE A 439 34.02 -22.49 24.46
C ILE A 439 33.75 -23.63 25.44
N ASN A 440 34.34 -24.80 25.20
CA ASN A 440 34.33 -25.82 26.23
C ASN A 440 35.30 -25.41 27.32
N LYS A 441 34.79 -24.73 28.34
CA LYS A 441 35.63 -24.13 29.37
C LYS A 441 36.40 -25.14 30.21
N THR A 442 35.94 -26.40 30.22
CA THR A 442 36.60 -27.47 30.95
C THR A 442 38.03 -27.73 30.47
N LYS A 443 38.25 -27.56 29.17
CA LYS A 443 39.57 -27.84 28.59
C LYS A 443 40.64 -26.84 29.03
N ILE A 444 40.20 -25.68 29.48
CA ILE A 444 41.16 -24.65 29.89
C ILE A 444 41.61 -24.88 31.31
N LYS A 445 42.91 -25.15 31.50
CA LYS A 445 43.47 -25.31 32.84
C LYS A 445 44.12 -24.01 33.26
N TRP A 446 43.46 -23.28 34.16
CA TRP A 446 43.86 -21.90 34.47
C TRP A 446 45.14 -21.82 35.28
N PRO B 2 55.27 45.31 -12.06
CA PRO B 2 56.63 45.07 -12.53
C PRO B 2 56.68 44.67 -14.01
N ASN B 3 57.88 44.75 -14.59
CA ASN B 3 58.04 44.63 -16.03
C ASN B 3 58.04 43.19 -16.52
N TRP B 4 58.69 42.29 -15.76
CA TRP B 4 58.85 40.92 -16.21
C TRP B 4 57.51 40.22 -16.39
N PHE B 5 56.44 40.83 -15.87
CA PHE B 5 55.07 40.37 -16.15
C PHE B 5 54.81 40.32 -17.65
N ASN B 6 55.49 41.18 -18.41
CA ASN B 6 55.25 41.28 -19.85
C ASN B 6 55.75 40.06 -20.65
N ASN B 7 56.84 39.42 -20.19
CA ASN B 7 57.37 38.25 -20.88
C ASN B 7 56.99 36.88 -20.25
N ILE B 8 55.81 36.77 -19.63
CA ILE B 8 55.38 35.48 -19.07
C ILE B 8 54.70 34.63 -20.14
N SER B 9 54.87 33.32 -20.02
CA SER B 9 54.31 32.40 -20.99
C SER B 9 52.87 32.09 -20.62
N THR B 10 52.04 31.81 -21.62
CA THR B 10 50.64 31.49 -21.38
C THR B 10 50.40 30.03 -20.96
N ASP B 11 51.47 29.26 -20.86
CA ASP B 11 51.35 27.86 -20.44
C ASP B 11 51.10 27.74 -18.94
N LEU B 12 49.93 27.24 -18.57
CA LEU B 12 49.58 27.04 -17.16
C LEU B 12 50.25 25.82 -16.54
N PHE B 13 50.06 24.67 -17.16
CA PHE B 13 50.35 23.40 -16.50
C PHE B 13 51.63 22.73 -16.99
N SER B 14 52.29 23.35 -17.96
CA SER B 14 53.54 22.80 -18.51
C SER B 14 54.48 23.91 -18.97
N MET B 15 55.63 24.06 -18.30
CA MET B 15 56.67 25.02 -18.71
C MET B 15 57.99 24.32 -19.00
N PRO B 16 58.58 24.59 -20.18
CA PRO B 16 59.89 24.00 -20.51
C PRO B 16 60.97 24.48 -19.54
N GLY B 17 61.98 23.67 -19.31
CA GLY B 17 63.08 24.06 -18.45
C GLY B 17 64.23 23.07 -18.47
N ASP B 18 65.39 23.51 -18.00
CA ASP B 18 66.56 22.66 -17.86
C ASP B 18 66.40 21.73 -16.68
N ILE B 19 65.80 22.24 -15.61
CA ILE B 19 65.48 21.46 -14.42
C ILE B 19 63.99 21.60 -14.13
N LYS B 20 63.30 20.48 -13.90
CA LYS B 20 61.85 20.51 -13.78
C LYS B 20 61.28 19.95 -12.48
N LEU B 21 60.16 20.54 -12.06
CA LEU B 21 59.47 20.12 -10.87
C LEU B 21 58.17 19.44 -11.27
N GLY B 22 57.74 18.46 -10.48
CA GLY B 22 56.40 17.91 -10.64
C GLY B 22 55.43 18.62 -9.73
N GLY B 23 54.21 18.85 -10.22
CA GLY B 23 53.18 19.51 -9.44
C GLY B 23 51.94 18.65 -9.42
N LEU B 24 51.34 18.52 -8.24
CA LEU B 24 50.13 17.73 -8.07
C LEU B 24 49.11 18.58 -7.32
N PHE B 25 48.02 18.91 -8.01
CA PHE B 25 47.01 19.79 -7.47
C PHE B 25 45.63 19.20 -7.69
N PRO B 26 44.75 19.31 -6.71
CA PRO B 26 43.36 18.86 -6.89
C PRO B 26 42.57 19.84 -7.77
N ILE B 27 42.77 19.79 -9.09
CA ILE B 27 42.20 20.80 -9.98
C ILE B 27 40.77 20.49 -10.41
N LYS B 28 40.49 19.24 -10.72
CA LYS B 28 39.13 18.84 -11.07
C LYS B 28 38.79 17.54 -10.33
N GLU B 29 37.60 17.50 -9.72
CA GLU B 29 37.23 16.40 -8.84
C GLU B 29 35.93 15.74 -9.28
N GLN B 30 35.60 14.61 -8.65
CA GLN B 30 34.29 14.00 -8.85
C GLN B 30 33.20 14.87 -8.23
N SER B 31 32.03 14.90 -8.85
CA SER B 31 30.91 15.68 -8.33
C SER B 31 30.51 15.26 -6.91
N ASN B 32 30.48 13.96 -6.66
CA ASN B 32 30.13 13.43 -5.34
C ASN B 32 30.76 12.06 -5.09
N VAL B 44 36.10 6.57 -13.85
CA VAL B 44 36.42 7.70 -12.97
C VAL B 44 36.25 9.04 -13.70
N SER B 45 35.20 9.79 -13.37
CA SER B 45 34.94 11.06 -14.04
C SER B 45 35.20 12.30 -13.17
N CYS B 46 36.28 13.00 -13.47
CA CYS B 46 36.66 14.18 -12.70
C CYS B 46 36.22 15.44 -13.44
N ASP B 47 34.97 15.85 -13.24
CA ASP B 47 34.42 16.93 -14.04
C ASP B 47 34.12 18.22 -13.28
N SER B 48 34.19 18.20 -11.95
CA SER B 48 33.90 19.40 -11.15
C SER B 48 35.15 20.19 -10.83
N LEU B 49 35.18 21.41 -11.34
CA LEU B 49 36.28 22.33 -11.11
C LEU B 49 36.42 22.64 -9.62
N ASN B 50 37.62 22.48 -9.11
CA ASN B 50 37.95 22.89 -7.75
C ASN B 50 38.71 24.20 -7.83
N LYS B 51 38.01 25.31 -7.56
CA LYS B 51 38.60 26.64 -7.76
C LYS B 51 39.78 26.95 -6.84
N ASP B 52 39.73 26.48 -5.59
CA ASP B 52 40.85 26.59 -4.69
C ASP B 52 42.07 25.89 -5.25
N GLY B 53 41.87 24.67 -5.74
CA GLY B 53 42.96 23.89 -6.30
C GLY B 53 43.58 24.53 -7.53
N LEU B 54 42.73 24.93 -8.48
CA LEU B 54 43.19 25.62 -9.69
C LEU B 54 43.89 26.91 -9.29
N GLY B 55 43.40 27.56 -8.25
CA GLY B 55 44.00 28.78 -7.77
C GLY B 55 45.38 28.56 -7.21
N ARG B 56 45.55 27.46 -6.48
CA ARG B 56 46.85 27.10 -5.91
C ARG B 56 47.85 26.75 -7.01
N ALA B 57 47.36 26.07 -8.05
CA ALA B 57 48.22 25.72 -9.18
C ALA B 57 48.80 26.99 -9.82
N LEU B 58 48.01 28.06 -9.85
CA LEU B 58 48.40 29.32 -10.45
C LEU B 58 49.50 29.99 -9.65
N VAL B 59 49.50 29.79 -8.34
CA VAL B 59 50.55 30.29 -7.47
C VAL B 59 51.90 29.70 -7.87
N MET B 60 51.89 28.41 -8.21
CA MET B 60 53.13 27.75 -8.61
C MET B 60 53.67 28.33 -9.93
N LYS B 61 52.75 28.56 -10.86
CA LYS B 61 53.04 29.25 -12.10
C LYS B 61 53.69 30.60 -11.81
N TYR B 62 53.08 31.36 -10.91
CA TYR B 62 53.63 32.66 -10.50
C TYR B 62 55.03 32.50 -9.90
N ALA B 63 55.20 31.56 -8.99
CA ALA B 63 56.50 31.40 -8.34
C ALA B 63 57.59 31.06 -9.36
N VAL B 64 57.27 30.22 -10.34
CA VAL B 64 58.27 29.76 -11.29
C VAL B 64 58.62 30.82 -12.35
N GLU B 65 57.60 31.46 -12.92
CA GLU B 65 57.85 32.63 -13.76
C GLU B 65 58.70 33.68 -13.04
N GLU B 66 58.49 33.86 -11.73
CA GLU B 66 59.21 34.87 -10.97
C GLU B 66 60.65 34.45 -10.73
N ILE B 67 60.86 33.16 -10.50
CA ILE B 67 62.19 32.64 -10.25
C ILE B 67 63.06 32.77 -11.51
N ASN B 68 62.43 32.57 -12.66
CA ASN B 68 63.12 32.67 -13.94
C ASN B 68 63.45 34.12 -14.28
N ALA B 69 62.53 35.03 -13.94
CA ALA B 69 62.76 36.47 -14.06
C ALA B 69 63.91 36.94 -13.16
N ASN B 70 63.97 36.43 -11.94
CA ASN B 70 65.07 36.77 -11.03
C ASN B 70 66.42 36.36 -11.62
N SER B 71 67.22 37.36 -11.99
CA SER B 71 68.48 37.11 -12.71
C SER B 71 69.56 36.49 -11.85
N GLN B 72 69.40 36.53 -10.53
CA GLN B 72 70.45 36.08 -9.61
C GLN B 72 70.13 34.80 -8.82
N LEU B 73 68.95 34.22 -9.02
CA LEU B 73 68.56 33.07 -8.18
C LEU B 73 69.03 31.75 -8.79
N LEU B 74 68.61 31.43 -10.00
CA LEU B 74 69.28 30.29 -10.66
C LEU B 74 69.82 30.85 -11.95
N PRO B 75 70.91 31.62 -11.86
CA PRO B 75 71.38 32.50 -12.95
C PRO B 75 71.41 31.85 -14.33
N GLY B 76 72.14 30.75 -14.51
CA GLY B 76 72.22 30.16 -15.84
C GLY B 76 71.13 29.14 -16.16
N VAL B 77 70.35 28.79 -15.14
CA VAL B 77 69.46 27.64 -15.20
C VAL B 77 67.98 28.00 -15.27
N LYS B 78 67.29 27.48 -16.27
CA LYS B 78 65.84 27.69 -16.38
C LYS B 78 65.02 26.58 -15.68
N LEU B 79 64.17 26.99 -14.74
CA LEU B 79 63.25 26.10 -14.03
C LEU B 79 61.94 25.99 -14.78
N GLY B 80 61.46 24.77 -14.98
CA GLY B 80 60.17 24.51 -15.60
C GLY B 80 59.45 23.41 -14.82
N TYR B 81 58.31 22.96 -15.30
CA TYR B 81 57.55 22.02 -14.53
C TYR B 81 56.50 21.30 -15.35
N LYS B 82 55.95 20.23 -14.79
CA LYS B 82 54.69 19.71 -15.30
C LYS B 82 53.72 19.56 -14.12
N ILE B 83 52.53 20.13 -14.29
CA ILE B 83 51.49 20.08 -13.28
C ILE B 83 50.38 19.15 -13.71
N TYR B 84 50.00 18.22 -12.85
CA TYR B 84 48.87 17.35 -13.16
C TYR B 84 47.77 17.43 -12.12
N ASN B 85 46.54 17.19 -12.57
CA ASN B 85 45.39 17.03 -11.69
C ASN B 85 45.45 15.73 -10.87
N THR B 86 45.09 15.79 -9.59
CA THR B 86 45.03 14.56 -8.77
C THR B 86 43.64 13.96 -8.69
N CYS B 87 42.64 14.80 -8.92
CA CYS B 87 41.25 14.42 -8.69
C CYS B 87 41.01 13.95 -7.25
N ARG B 88 41.93 14.23 -6.33
CA ARG B 88 41.93 13.61 -5.00
C ARG B 88 41.48 12.14 -5.08
N HIS B 89 42.05 11.43 -6.05
CA HIS B 89 41.69 10.03 -6.30
C HIS B 89 42.92 9.19 -6.61
N SER B 90 43.05 8.06 -5.92
CA SER B 90 44.29 7.30 -5.93
C SER B 90 44.65 6.77 -7.32
N ALA B 91 43.64 6.34 -8.08
CA ALA B 91 43.88 5.87 -9.43
C ALA B 91 44.34 7.00 -10.34
N VAL B 92 43.88 8.22 -10.07
CA VAL B 92 44.22 9.31 -10.95
C VAL B 92 45.63 9.80 -10.68
N ILE B 93 46.00 9.85 -9.40
CA ILE B 93 47.26 10.48 -9.03
C ILE B 93 48.47 9.58 -9.29
N VAL B 94 48.25 8.27 -9.36
CA VAL B 94 49.38 7.36 -9.51
C VAL B 94 50.14 7.61 -10.81
N ARG B 95 49.42 7.90 -11.89
CA ARG B 95 50.06 8.03 -13.21
C ARG B 95 51.01 9.25 -13.31
N PRO B 96 50.55 10.46 -12.94
CA PRO B 96 51.56 11.52 -12.92
C PRO B 96 52.73 11.25 -11.97
N ALA B 97 52.50 10.62 -10.82
CA ALA B 97 53.59 10.37 -9.87
C ALA B 97 54.66 9.49 -10.54
N LEU B 98 54.23 8.48 -11.28
CA LEU B 98 55.17 7.66 -12.05
C LEU B 98 55.80 8.44 -13.21
N SER B 99 55.03 9.30 -13.88
CA SER B 99 55.57 10.12 -14.97
C SER B 99 56.75 10.96 -14.51
N PHE B 100 56.69 11.45 -13.27
CA PHE B 100 57.80 12.22 -12.70
C PHE B 100 59.08 11.40 -12.60
N LEU B 101 58.94 10.07 -12.59
CA LEU B 101 60.08 9.19 -12.38
C LEU B 101 60.64 8.59 -13.67
N THR B 102 60.10 8.98 -14.82
CA THR B 102 60.59 8.43 -16.07
C THR B 102 61.99 8.97 -16.34
N GLU B 103 62.78 8.18 -17.04
CA GLU B 103 64.11 8.58 -17.47
C GLU B 103 63.99 9.89 -18.26
N LYS B 104 64.79 10.89 -17.90
CA LYS B 104 64.71 12.21 -18.54
C LYS B 104 64.84 12.17 -20.07
N SER B 105 65.74 11.33 -20.57
CA SER B 105 66.00 11.19 -22.01
C SER B 105 65.01 10.29 -22.76
N ASN B 106 64.27 9.46 -22.02
CA ASN B 106 63.51 8.36 -22.60
C ASN B 106 61.99 8.51 -22.60
N GLY B 107 61.43 9.06 -21.53
CA GLY B 107 59.99 9.11 -21.35
C GLY B 107 59.39 7.83 -20.77
N THR B 108 60.27 6.94 -20.32
CA THR B 108 59.87 5.64 -19.77
C THR B 108 60.57 5.34 -18.47
N LEU B 109 59.94 4.54 -17.62
CA LEU B 109 60.51 4.18 -16.33
C LEU B 109 61.16 2.80 -16.39
N SER B 110 62.48 2.77 -16.22
CA SER B 110 63.24 1.53 -16.23
C SER B 110 62.94 0.70 -14.98
N VAL B 111 63.00 -0.62 -15.13
CA VAL B 111 62.93 -1.52 -14.00
C VAL B 111 64.36 -1.83 -13.55
N GLU B 112 64.72 -1.36 -12.36
CA GLU B 112 66.06 -1.52 -11.81
C GLU B 112 66.02 -1.84 -10.34
N CYS B 113 67.11 -2.39 -9.83
CA CYS B 113 67.26 -2.61 -8.41
C CYS B 113 67.99 -1.44 -7.74
N ASN B 114 68.66 -0.65 -8.57
CA ASN B 114 69.50 0.46 -8.10
C ASN B 114 69.26 1.70 -8.97
N TYR B 115 68.78 2.76 -8.37
CA TYR B 115 68.48 3.98 -9.14
C TYR B 115 69.44 5.13 -8.80
N THR B 116 70.56 4.80 -8.16
CA THR B 116 71.53 5.81 -7.74
C THR B 116 72.01 6.69 -8.90
N ASP B 117 72.22 6.08 -10.07
CA ASP B 117 72.70 6.80 -11.25
C ASP B 117 71.60 7.07 -12.26
N TYR B 118 70.36 7.20 -11.78
CA TYR B 118 69.22 7.27 -12.69
C TYR B 118 68.61 8.69 -12.72
N GLU B 119 68.62 9.32 -13.90
CA GLU B 119 68.23 10.73 -13.98
C GLU B 119 66.76 10.86 -14.28
N THR B 120 65.95 11.12 -13.25
CA THR B 120 64.50 11.26 -13.44
C THR B 120 64.17 12.52 -14.19
N ASP B 121 62.99 12.54 -14.79
CA ASP B 121 62.56 13.72 -15.51
C ASP B 121 62.32 14.93 -14.59
N MET B 122 61.84 14.70 -13.38
CA MET B 122 61.72 15.80 -12.41
C MET B 122 62.68 15.54 -11.28
N VAL B 123 63.06 16.62 -10.59
CA VAL B 123 64.05 16.53 -9.54
C VAL B 123 63.38 16.63 -8.17
N ALA B 124 62.10 17.03 -8.17
CA ALA B 124 61.34 17.20 -6.93
C ALA B 124 59.85 17.42 -7.23
N VAL B 125 58.99 17.15 -6.23
CA VAL B 125 57.56 17.21 -6.40
C VAL B 125 56.90 18.28 -5.50
N ILE B 126 56.00 19.09 -6.09
CA ILE B 126 55.25 20.07 -5.33
C ILE B 126 53.80 19.60 -5.18
N GLY B 127 53.36 19.39 -3.93
CA GLY B 127 52.08 18.75 -3.66
C GLY B 127 52.28 17.30 -3.22
N PRO B 128 51.19 16.50 -3.16
CA PRO B 128 49.82 16.92 -3.45
C PRO B 128 49.26 17.70 -2.28
N GLN B 129 48.02 18.18 -2.41
CA GLN B 129 47.40 18.96 -1.35
C GLN B 129 46.91 18.10 -0.18
N SER B 130 46.32 16.94 -0.47
CA SER B 130 45.63 16.19 0.59
C SER B 130 46.43 15.02 1.18
N SER B 131 46.23 14.76 2.47
CA SER B 131 46.94 13.69 3.17
C SER B 131 46.63 12.31 2.61
N GLU B 132 45.36 12.05 2.27
CA GLU B 132 45.00 10.79 1.63
C GLU B 132 45.87 10.59 0.38
N MET B 133 46.14 11.67 -0.35
CA MET B 133 46.88 11.54 -1.60
C MET B 133 48.36 11.31 -1.32
N VAL B 134 48.87 11.90 -0.23
CA VAL B 134 50.23 11.64 0.19
C VAL B 134 50.37 10.15 0.54
N THR B 135 49.36 9.52 1.13
CA THR B 135 49.51 8.12 1.50
C THR B 135 49.53 7.23 0.26
N VAL B 136 49.05 7.76 -0.87
CA VAL B 136 49.08 6.99 -2.11
C VAL B 136 50.47 6.94 -2.76
N ILE B 137 51.22 8.04 -2.71
CA ILE B 137 52.45 8.13 -3.50
C ILE B 137 53.72 8.35 -2.67
N GLY B 138 53.54 8.58 -1.37
CA GLY B 138 54.63 9.01 -0.50
C GLY B 138 55.74 7.98 -0.39
N LYS B 139 55.37 6.71 -0.37
CA LYS B 139 56.39 5.70 -0.21
C LYS B 139 57.06 5.39 -1.54
N LEU B 140 56.33 5.55 -2.63
CA LEU B 140 56.87 5.42 -3.97
C LEU B 140 57.92 6.50 -4.19
N LEU B 141 57.59 7.75 -3.87
CA LEU B 141 58.57 8.81 -4.02
C LEU B 141 59.70 8.69 -3.00
N GLY B 142 59.37 8.21 -1.80
CA GLY B 142 60.35 7.97 -0.76
C GLY B 142 61.40 6.92 -1.14
N PHE B 143 60.99 5.88 -1.86
CA PHE B 143 61.96 4.90 -2.37
C PHE B 143 62.98 5.57 -3.29
N PHE B 144 62.51 6.52 -4.10
CA PHE B 144 63.40 7.16 -5.06
C PHE B 144 64.17 8.27 -4.39
N LEU B 145 63.85 8.48 -3.10
CA LEU B 145 64.38 9.59 -2.35
C LEU B 145 64.17 10.88 -3.13
N MET B 146 63.00 11.02 -3.73
CA MET B 146 62.66 12.26 -4.41
C MET B 146 61.97 13.23 -3.47
N PRO B 147 62.54 14.44 -3.33
CA PRO B 147 61.98 15.44 -2.41
C PRO B 147 60.53 15.72 -2.78
N GLN B 148 59.69 15.70 -1.76
CA GLN B 148 58.30 15.98 -1.93
C GLN B 148 57.92 17.06 -0.92
N ILE B 149 57.49 18.21 -1.40
CA ILE B 149 57.08 19.28 -0.51
C ILE B 149 55.61 19.61 -0.71
N SER B 150 54.79 19.24 0.26
CA SER B 150 53.37 19.49 0.19
C SER B 150 53.06 20.87 0.75
N PHE B 151 52.15 21.56 0.11
CA PHE B 151 51.71 22.88 0.53
C PHE B 151 50.42 22.76 1.33
N GLY B 152 49.95 21.54 1.55
CA GLY B 152 48.64 21.38 2.16
C GLY B 152 48.36 20.19 3.05
N ALA B 153 49.14 19.11 2.92
CA ALA B 153 48.84 17.89 3.66
C ALA B 153 49.40 17.92 5.08
N THR B 154 48.50 17.93 6.05
CA THR B 154 48.86 18.27 7.42
C THR B 154 48.90 17.07 8.39
N SER B 155 48.60 15.87 7.90
CA SER B 155 48.52 14.71 8.81
C SER B 155 49.85 14.43 9.51
N ASP B 156 49.79 14.09 10.80
CA ASP B 156 51.03 13.87 11.53
C ASP B 156 51.71 12.54 11.16
N LYS B 157 50.99 11.66 10.47
CA LYS B 157 51.57 10.43 9.95
C LYS B 157 52.87 10.69 9.16
N PHE B 158 52.91 11.79 8.43
CA PHE B 158 54.03 12.08 7.54
C PHE B 158 55.25 12.63 8.26
N SER B 159 55.12 12.81 9.58
CA SER B 159 56.18 13.34 10.42
C SER B 159 57.28 12.32 10.76
N ASP B 160 57.16 11.09 10.27
CA ASP B 160 58.16 10.06 10.54
C ASP B 160 59.01 9.76 9.30
N SER B 161 60.27 10.17 9.33
CA SER B 161 61.14 9.99 8.18
C SER B 161 61.49 8.51 7.90
N LEU B 162 61.35 7.64 8.89
CA LEU B 162 61.51 6.18 8.64
C LEU B 162 60.36 5.62 7.81
N VAL B 163 59.24 6.35 7.78
CA VAL B 163 58.06 5.92 7.04
C VAL B 163 57.90 6.75 5.76
N TYR B 164 58.16 8.05 5.86
CA TYR B 164 58.04 8.96 4.72
C TYR B 164 59.38 9.66 4.52
N PRO B 165 60.31 8.96 3.86
CA PRO B 165 61.74 9.35 3.85
C PRO B 165 62.07 10.67 3.16
N SER B 166 61.24 11.17 2.23
CA SER B 166 61.59 12.38 1.48
C SER B 166 60.48 13.46 1.55
N PHE B 167 59.68 13.42 2.59
CA PHE B 167 58.51 14.31 2.68
C PHE B 167 58.77 15.56 3.50
N PHE B 168 58.47 16.71 2.89
CA PHE B 168 58.50 18.01 3.55
C PHE B 168 57.14 18.68 3.38
N ARG B 169 56.88 19.70 4.18
CA ARG B 169 55.68 20.51 3.96
C ARG B 169 55.87 21.93 4.48
N THR B 170 55.21 22.86 3.82
CA THR B 170 55.27 24.24 4.23
C THR B 170 54.10 24.60 5.14
N VAL B 171 53.30 23.61 5.56
CA VAL B 171 52.29 23.84 6.58
C VAL B 171 52.57 22.90 7.73
N PRO B 172 52.27 23.35 8.97
CA PRO B 172 52.54 22.59 10.20
C PRO B 172 51.72 21.32 10.30
N SER B 173 52.21 20.35 11.06
CA SER B 173 51.45 19.14 11.34
C SER B 173 50.23 19.43 12.20
N ASP B 174 49.18 18.66 12.01
CA ASP B 174 47.95 18.78 12.78
C ASP B 174 48.12 18.43 14.25
N ILE B 175 49.26 17.84 14.62
CA ILE B 175 49.52 17.55 16.02
C ILE B 175 49.68 18.89 16.74
N ARG B 176 50.11 19.91 16.01
CA ARG B 176 50.20 21.24 16.60
C ARG B 176 48.85 21.98 16.56
N GLN B 177 48.07 21.80 15.50
CA GLN B 177 46.77 22.45 15.45
C GLN B 177 45.85 21.96 16.57
N VAL B 178 45.81 20.66 16.82
CA VAL B 178 44.94 20.19 17.90
C VAL B 178 45.46 20.70 19.26
N ASP B 179 46.77 20.89 19.39
CA ASP B 179 47.29 21.45 20.61
C ASP B 179 46.85 22.92 20.75
N ALA B 180 46.79 23.64 19.64
CA ALA B 180 46.25 25.01 19.66
C ALA B 180 44.79 24.99 20.10
N MET B 181 44.02 24.06 19.53
CA MET B 181 42.60 23.95 19.83
C MET B 181 42.31 23.61 21.30
N VAL B 182 43.08 22.67 21.86
CA VAL B 182 42.91 22.29 23.25
C VAL B 182 43.29 23.44 24.18
N GLN B 183 44.33 24.18 23.84
CA GLN B 183 44.71 25.35 24.62
C GLN B 183 43.65 26.47 24.60
N LEU B 184 42.96 26.65 23.47
CA LEU B 184 41.90 27.64 23.41
C LEU B 184 40.74 27.23 24.29
N ILE B 185 40.42 25.94 24.23
CA ILE B 185 39.30 25.35 24.97
C ILE B 185 39.53 25.44 26.50
N LYS B 186 40.78 25.24 26.91
CA LYS B 186 41.16 25.40 28.32
C LYS B 186 41.07 26.86 28.74
N LYS B 187 41.56 27.76 27.89
CA LYS B 187 41.53 29.20 28.19
C LYS B 187 40.10 29.71 28.45
N PHE B 188 39.13 29.19 27.69
CA PHE B 188 37.74 29.60 27.85
C PHE B 188 37.00 28.75 28.87
N ASN B 189 37.73 27.86 29.53
CA ASN B 189 37.18 27.07 30.62
C ASN B 189 36.05 26.13 30.18
N TRP B 190 36.09 25.66 28.93
CA TRP B 190 35.18 24.62 28.47
C TRP B 190 35.80 23.26 28.79
N ASN B 191 35.02 22.32 29.32
CA ASN B 191 35.62 21.06 29.78
C ASN B 191 34.88 19.84 29.30
N TRP B 192 33.83 20.09 28.52
CA TRP B 192 32.93 19.05 28.05
C TRP B 192 32.67 19.28 26.56
N VAL B 193 33.40 18.57 25.69
CA VAL B 193 33.33 18.86 24.25
C VAL B 193 33.06 17.61 23.41
N ALA B 194 32.58 17.82 22.19
CA ALA B 194 32.50 16.76 21.21
C ALA B 194 33.44 17.09 20.07
N VAL B 195 33.83 16.06 19.31
CA VAL B 195 34.74 16.24 18.20
C VAL B 195 34.26 15.39 17.03
N VAL B 196 34.18 16.04 15.87
CA VAL B 196 33.66 15.43 14.65
C VAL B 196 34.70 15.52 13.55
N GLY B 197 34.94 14.40 12.87
CA GLY B 197 35.92 14.39 11.79
C GLY B 197 35.36 13.75 10.52
N SER B 198 35.98 14.07 9.39
CA SER B 198 35.66 13.38 8.15
C SER B 198 36.35 12.02 8.15
N GLU B 199 35.67 11.00 7.61
CA GLU B 199 36.17 9.64 7.70
C GLU B 199 37.24 9.38 6.65
N GLU B 200 38.40 9.99 6.84
CA GLU B 200 39.57 9.76 5.98
C GLU B 200 40.81 10.29 6.70
N GLU B 201 41.98 10.08 6.12
CA GLU B 201 43.28 10.34 6.78
C GLU B 201 43.35 11.62 7.62
N TYR B 202 42.97 12.74 7.01
CA TYR B 202 43.02 14.04 7.68
C TYR B 202 42.12 14.09 8.92
N GLY B 203 40.83 13.81 8.72
CA GLY B 203 39.84 13.89 9.78
C GLY B 203 40.08 12.84 10.86
N GLN B 204 40.35 11.61 10.43
CA GLN B 204 40.64 10.48 11.32
C GLN B 204 41.81 10.77 12.25
N GLN B 205 42.93 11.22 11.68
CA GLN B 205 44.09 11.52 12.49
C GLN B 205 43.82 12.72 13.39
N GLY B 206 43.13 13.73 12.86
CA GLY B 206 42.79 14.93 13.61
C GLY B 206 41.95 14.61 14.84
N VAL B 207 40.96 13.73 14.68
CA VAL B 207 40.11 13.33 15.80
C VAL B 207 40.93 12.59 16.87
N GLN B 208 41.69 11.59 16.43
CA GLN B 208 42.57 10.84 17.33
C GLN B 208 43.58 11.75 18.05
N GLN B 209 44.30 12.61 17.32
CA GLN B 209 45.24 13.55 17.95
C GLN B 209 44.54 14.43 18.98
N PHE B 210 43.38 14.96 18.61
CA PHE B 210 42.64 15.84 19.49
C PHE B 210 42.22 15.10 20.75
N SER B 211 41.66 13.91 20.59
CA SER B 211 41.20 13.16 21.76
C SER B 211 42.33 12.87 22.75
N LYS B 212 43.50 12.50 22.23
CA LYS B 212 44.64 12.26 23.10
C LYS B 212 45.11 13.53 23.84
N LYS B 213 45.26 14.64 23.13
CA LYS B 213 45.69 15.87 23.79
C LYS B 213 44.64 16.40 24.77
N ALA B 214 43.36 16.34 24.40
CA ALA B 214 42.30 16.84 25.28
C ALA B 214 42.38 16.13 26.64
N GLU B 215 42.53 14.80 26.60
CA GLU B 215 42.69 13.99 27.80
C GLU B 215 43.93 14.38 28.61
N ASP B 216 45.06 14.59 27.93
CA ASP B 216 46.29 15.02 28.59
C ASP B 216 46.08 16.32 29.38
N MET B 217 45.21 17.18 28.88
CA MET B 217 44.98 18.48 29.50
C MET B 217 43.69 18.51 30.32
N GLY B 218 43.16 17.33 30.64
CA GLY B 218 41.96 17.21 31.43
C GLY B 218 40.72 17.80 30.78
N VAL B 219 40.55 17.57 29.48
CA VAL B 219 39.31 17.89 28.82
C VAL B 219 38.57 16.61 28.50
N CYS B 220 37.35 16.48 28.99
CA CYS B 220 36.56 15.28 28.77
C CYS B 220 35.89 15.34 27.41
N VAL B 221 36.30 14.47 26.50
CA VAL B 221 35.65 14.36 25.21
C VAL B 221 34.37 13.53 25.34
N ALA B 222 33.23 14.21 25.32
CA ALA B 222 31.92 13.58 25.50
C ALA B 222 31.58 12.57 24.43
N TYR B 223 31.80 12.96 23.18
CA TYR B 223 31.46 12.15 22.03
C TYR B 223 32.45 12.42 20.91
N GLN B 224 32.57 11.44 20.01
CA GLN B 224 33.56 11.41 18.99
C GLN B 224 32.99 10.61 17.82
N GLY B 225 32.90 11.22 16.64
CA GLY B 225 32.34 10.54 15.48
C GLY B 225 32.87 10.98 14.14
N LEU B 226 32.72 10.14 13.13
CA LEU B 226 33.29 10.39 11.81
C LEU B 226 32.24 10.53 10.71
N ILE B 227 32.42 11.51 9.83
CA ILE B 227 31.56 11.73 8.67
C ILE B 227 32.05 10.97 7.44
N PRO B 228 31.26 9.98 6.96
CA PRO B 228 31.57 9.22 5.74
C PRO B 228 31.84 10.13 4.55
N ILE B 229 32.76 9.76 3.69
CA ILE B 229 33.03 10.55 2.49
C ILE B 229 32.66 9.80 1.22
N TYR B 230 32.35 8.52 1.35
CA TYR B 230 32.04 7.69 0.19
C TYR B 230 30.57 7.34 0.16
N ASP B 231 30.12 6.58 1.14
CA ASP B 231 28.70 6.27 1.26
C ASP B 231 27.95 7.54 1.62
N ASP B 232 26.66 7.56 1.31
CA ASP B 232 25.78 8.67 1.66
C ASP B 232 26.00 9.03 3.12
N PRO B 233 26.36 10.29 3.39
CA PRO B 233 26.77 10.60 4.77
C PRO B 233 25.61 10.97 5.74
N LYS B 234 24.39 11.17 5.25
CA LYS B 234 23.32 11.70 6.09
C LYS B 234 22.92 10.80 7.27
N PRO B 235 22.79 9.48 7.06
CA PRO B 235 22.50 8.65 8.25
C PRO B 235 23.50 8.87 9.40
N ALA B 236 24.80 8.77 9.12
CA ALA B 236 25.78 8.94 10.19
C ALA B 236 25.75 10.37 10.74
N ILE B 237 25.56 11.35 9.87
CA ILE B 237 25.43 12.72 10.36
C ILE B 237 24.28 12.87 11.35
N GLN B 238 23.18 12.16 11.13
CA GLN B 238 22.05 12.19 12.06
C GLN B 238 22.47 11.54 13.38
N THR B 239 23.14 10.40 13.29
CA THR B 239 23.62 9.75 14.50
C THR B 239 24.53 10.72 15.26
N ILE B 240 25.48 11.32 14.55
CA ILE B 240 26.41 12.26 15.16
C ILE B 240 25.67 13.38 15.87
N ILE B 241 24.76 14.04 15.18
CA ILE B 241 24.03 15.16 15.80
C ILE B 241 23.18 14.72 16.98
N ASN B 242 22.59 13.53 16.89
CA ASN B 242 21.82 13.02 18.01
C ASN B 242 22.67 12.91 19.28
N ASN B 243 23.88 12.39 19.14
CA ASN B 243 24.78 12.29 20.29
C ASN B 243 25.18 13.65 20.85
N ILE B 244 25.44 14.61 19.96
CA ILE B 244 25.78 15.94 20.38
C ILE B 244 24.67 16.52 21.25
N GLN B 245 23.42 16.29 20.83
CA GLN B 245 22.28 16.80 21.57
C GLN B 245 22.12 16.12 22.93
N THR B 246 22.24 14.80 22.98
CA THR B 246 22.07 14.08 24.24
C THR B 246 23.21 14.32 25.23
N THR B 247 24.44 14.50 24.74
CA THR B 247 25.55 14.80 25.66
C THR B 247 25.43 16.23 26.17
N GLU B 248 24.69 17.06 25.45
CA GLU B 248 24.48 18.47 25.75
C GLU B 248 25.80 19.26 25.77
N VAL B 249 26.74 18.92 24.90
CA VAL B 249 27.95 19.75 24.72
C VAL B 249 27.56 21.05 24.04
N LYS B 250 28.22 22.14 24.41
CA LYS B 250 28.02 23.44 23.75
C LYS B 250 29.24 23.84 22.91
N VAL B 251 30.22 22.95 22.83
CA VAL B 251 31.44 23.18 22.05
C VAL B 251 31.77 21.94 21.22
N VAL B 252 31.84 22.10 19.91
CA VAL B 252 32.15 20.98 19.03
C VAL B 252 33.32 21.37 18.11
N VAL B 253 34.33 20.51 18.08
CA VAL B 253 35.45 20.68 17.19
C VAL B 253 35.11 19.93 15.92
N VAL B 254 35.22 20.58 14.76
CA VAL B 254 34.95 19.87 13.52
C VAL B 254 36.24 19.87 12.72
N PHE B 255 36.85 18.70 12.69
CA PHE B 255 38.12 18.50 12.06
C PHE B 255 37.85 17.78 10.75
N SER B 256 37.49 18.55 9.72
CA SER B 256 36.89 17.96 8.54
C SER B 256 37.28 18.60 7.23
N LEU B 257 37.35 17.77 6.18
CA LEU B 257 37.42 18.29 4.83
C LEU B 257 36.09 19.01 4.49
N VAL B 258 36.12 19.88 3.48
CA VAL B 258 35.02 20.79 3.18
C VAL B 258 33.70 20.08 2.87
N SER B 259 33.72 19.14 1.92
CA SER B 259 32.47 18.55 1.49
C SER B 259 31.71 17.82 2.62
N PRO B 260 32.39 17.00 3.44
CA PRO B 260 31.70 16.45 4.61
C PRO B 260 31.23 17.51 5.61
N ALA B 261 32.02 18.57 5.76
CA ALA B 261 31.66 19.69 6.62
C ALA B 261 30.38 20.34 6.13
N VAL B 262 30.33 20.68 4.84
CA VAL B 262 29.11 21.17 4.22
C VAL B 262 27.91 20.26 4.56
N SER B 263 28.02 18.95 4.29
CA SER B 263 26.93 18.03 4.57
C SER B 263 26.52 18.05 6.03
N PHE B 264 27.51 18.15 6.90
CA PHE B 264 27.25 18.14 8.34
C PHE B 264 26.48 19.37 8.75
N PHE B 265 26.94 20.52 8.31
CA PHE B 265 26.38 21.78 8.76
C PHE B 265 25.02 22.04 8.12
N GLU B 266 24.75 21.40 6.98
CA GLU B 266 23.41 21.44 6.38
C GLU B 266 22.41 20.87 7.36
N GLU B 267 22.78 19.74 7.96
CA GLU B 267 21.93 19.09 8.94
C GLU B 267 21.92 19.85 10.27
N VAL B 268 23.03 20.49 10.62
CA VAL B 268 23.08 21.26 11.86
C VAL B 268 22.01 22.35 11.82
N ILE B 269 21.93 23.01 10.67
CA ILE B 269 20.97 24.09 10.43
C ILE B 269 19.52 23.57 10.45
N LYS B 270 19.25 22.50 9.70
CA LYS B 270 17.93 21.87 9.69
C LYS B 270 17.39 21.57 11.10
N LYS B 271 18.26 21.08 11.98
CA LYS B 271 17.84 20.80 13.35
C LYS B 271 17.98 22.02 14.27
N ASN B 272 18.25 23.17 13.67
CA ASN B 272 18.38 24.44 14.38
C ASN B 272 19.24 24.36 15.65
N LEU B 273 20.36 23.65 15.57
CA LEU B 273 21.34 23.62 16.64
C LEU B 273 22.14 24.93 16.76
N THR B 274 22.56 25.24 17.97
CA THR B 274 23.35 26.41 18.26
C THR B 274 24.45 26.03 19.23
N GLY B 275 25.62 26.64 19.06
CA GLY B 275 26.73 26.41 19.96
C GLY B 275 27.99 27.07 19.47
N VAL B 276 29.11 26.71 20.10
CA VAL B 276 30.42 27.08 19.60
C VAL B 276 31.00 25.97 18.71
N TRP B 277 31.46 26.36 17.53
CA TRP B 277 32.07 25.42 16.61
C TRP B 277 33.52 25.80 16.42
N ILE B 278 34.42 24.83 16.56
CA ILE B 278 35.85 25.07 16.34
C ILE B 278 36.29 24.45 15.01
N ALA B 279 36.73 25.30 14.10
CA ALA B 279 37.02 24.86 12.74
C ALA B 279 38.48 24.49 12.58
N SER B 280 38.73 23.33 11.97
CA SER B 280 40.08 23.00 11.50
C SER B 280 40.38 23.77 10.21
N SER B 281 41.64 23.82 9.79
CA SER B 281 42.06 24.75 8.75
C SER B 281 41.41 24.44 7.40
N SER B 282 40.95 23.21 7.24
CA SER B 282 40.31 22.79 5.99
C SER B 282 38.95 23.40 5.71
N TRP B 283 38.17 23.78 6.72
CA TRP B 283 36.91 24.46 6.37
C TRP B 283 36.76 25.84 6.98
N ALA B 284 37.74 26.26 7.78
CA ALA B 284 37.66 27.48 8.56
C ALA B 284 37.50 28.78 7.74
N ILE B 285 37.98 28.77 6.50
CA ILE B 285 37.80 29.91 5.63
C ILE B 285 37.13 29.49 4.34
N SER B 286 36.37 28.40 4.40
CA SER B 286 35.67 27.88 3.24
C SER B 286 34.36 28.61 2.90
N ASP B 287 34.32 29.23 1.74
CA ASP B 287 33.10 29.88 1.27
C ASP B 287 31.95 28.89 1.10
N LYS B 288 32.27 27.61 0.89
CA LYS B 288 31.24 26.59 0.70
C LYS B 288 30.39 26.40 1.95
N VAL B 289 31.03 26.49 3.11
CA VAL B 289 30.30 26.39 4.37
C VAL B 289 29.61 27.72 4.68
N TYR B 290 30.33 28.81 4.48
CA TYR B 290 29.86 30.11 4.93
C TYR B 290 28.75 30.67 4.04
N SER B 291 28.53 30.08 2.87
CA SER B 291 27.46 30.57 2.02
C SER B 291 26.18 29.71 2.09
N LEU B 292 26.19 28.68 2.95
CA LEU B 292 25.00 27.88 3.18
C LEU B 292 23.88 28.74 3.79
N PRO B 293 22.64 28.62 3.27
CA PRO B 293 21.54 29.40 3.82
C PRO B 293 21.34 29.14 5.31
N ASN B 294 21.25 30.21 6.09
CA ASN B 294 21.06 30.15 7.54
C ASN B 294 22.24 29.61 8.33
N ILE B 295 23.45 29.61 7.75
CA ILE B 295 24.64 29.18 8.49
C ILE B 295 24.87 30.13 9.67
N ASP B 296 24.43 31.38 9.53
CA ASP B 296 24.69 32.40 10.54
C ASP B 296 23.93 32.14 11.83
N SER B 297 23.08 31.13 11.83
CA SER B 297 22.26 30.78 12.97
C SER B 297 22.86 29.70 13.87
N ILE B 298 23.99 29.13 13.47
CA ILE B 298 24.56 28.01 14.23
C ILE B 298 25.39 28.50 15.40
N GLY B 299 25.62 29.81 15.46
CA GLY B 299 26.30 30.39 16.60
C GLY B 299 27.67 30.96 16.33
N THR B 300 28.64 30.52 17.12
CA THR B 300 29.99 31.08 17.09
C THR B 300 30.98 30.10 16.45
N VAL B 301 31.75 30.59 15.48
CA VAL B 301 32.71 29.75 14.77
C VAL B 301 34.10 30.30 14.98
N ILE B 302 34.95 29.53 15.66
CA ILE B 302 36.34 29.91 15.91
C ILE B 302 37.24 29.00 15.07
N GLY B 303 38.09 29.57 14.24
CA GLY B 303 38.86 28.73 13.33
C GLY B 303 40.35 28.87 13.51
N PHE B 304 41.07 27.87 13.02
CA PHE B 304 42.53 27.87 12.97
C PHE B 304 43.03 27.70 11.52
N ILE B 305 43.80 28.65 11.03
CA ILE B 305 44.38 28.51 9.70
C ILE B 305 45.86 28.75 9.76
N ASP B 306 46.58 28.28 8.75
CA ASP B 306 48.02 28.51 8.67
C ASP B 306 48.31 30.01 8.67
N GLU B 307 49.29 30.41 9.48
CA GLU B 307 49.78 31.79 9.52
C GLU B 307 50.69 32.09 8.33
N THR B 308 50.18 32.88 7.39
CA THR B 308 50.85 33.10 6.10
C THR B 308 51.06 34.59 5.76
N GLU B 309 52.07 34.88 4.94
CA GLU B 309 52.15 36.18 4.29
C GLU B 309 51.14 36.26 3.16
N THR B 310 50.75 37.47 2.81
CA THR B 310 50.00 37.71 1.59
C THR B 310 50.98 37.97 0.45
N LEU B 311 50.71 37.41 -0.73
CA LEU B 311 51.51 37.65 -1.93
C LEU B 311 50.86 38.77 -2.73
N GLU B 312 51.29 40.01 -2.56
CA GLU B 312 50.57 41.10 -3.21
C GLU B 312 50.79 41.11 -4.71
N LEU B 313 51.78 40.36 -5.20
CA LEU B 313 52.03 40.26 -6.64
C LEU B 313 51.21 39.20 -7.34
N LEU B 314 50.50 38.36 -6.58
CA LEU B 314 49.77 37.24 -7.18
C LEU B 314 48.58 37.71 -8.02
N SER B 315 47.78 38.60 -7.45
CA SER B 315 46.65 39.14 -8.20
C SER B 315 47.09 39.95 -9.43
N PRO B 316 48.05 40.89 -9.27
CA PRO B 316 48.49 41.62 -10.46
C PRO B 316 49.06 40.70 -11.54
N PHE B 317 49.89 39.73 -11.14
CA PHE B 317 50.45 38.75 -12.07
C PHE B 317 49.36 37.97 -12.80
N THR B 318 48.30 37.62 -12.08
CA THR B 318 47.25 36.80 -12.66
C THR B 318 46.37 37.58 -13.66
N GLU B 319 46.22 38.89 -13.46
CA GLU B 319 45.49 39.74 -14.41
C GLU B 319 46.19 39.73 -15.76
N VAL B 320 47.51 39.95 -15.71
CA VAL B 320 48.36 39.97 -16.89
C VAL B 320 48.33 38.62 -17.61
N LEU B 321 48.48 37.53 -16.85
CA LEU B 321 48.43 36.18 -17.41
C LEU B 321 47.09 35.88 -18.07
N PHE B 322 45.99 36.24 -17.42
CA PHE B 322 44.70 35.94 -17.98
C PHE B 322 44.41 36.82 -19.20
N LYS B 323 45.11 37.95 -19.31
CA LYS B 323 45.05 38.77 -20.52
C LYS B 323 45.70 38.02 -21.67
N LYS B 324 46.95 37.62 -21.44
CA LYS B 324 47.73 36.89 -22.43
C LYS B 324 47.07 35.59 -22.89
N ILE B 325 46.32 34.95 -21.99
CA ILE B 325 45.61 33.73 -22.34
C ILE B 325 44.41 34.03 -23.23
N HIS B 326 43.73 35.15 -22.96
CA HIS B 326 42.65 35.59 -23.84
C HIS B 326 43.16 35.86 -25.26
N GLU B 327 44.31 36.53 -25.35
CA GLU B 327 44.96 36.82 -26.63
C GLU B 327 45.28 35.57 -27.45
N ALA B 328 45.84 34.56 -26.79
CA ALA B 328 46.31 33.36 -27.48
C ALA B 328 45.21 32.32 -27.66
N SER B 329 44.04 32.61 -27.09
CA SER B 329 42.94 31.65 -27.07
C SER B 329 42.43 31.18 -28.45
N PRO B 330 42.70 31.94 -29.54
CA PRO B 330 42.32 31.28 -30.81
C PRO B 330 43.24 30.11 -31.18
N THR B 331 44.43 30.03 -30.61
CA THR B 331 45.32 28.92 -30.93
C THR B 331 44.78 27.62 -30.35
N GLU B 332 45.10 26.50 -30.99
CA GLU B 332 44.67 25.19 -30.49
C GLU B 332 45.88 24.31 -30.18
N LYS B 333 45.77 23.51 -29.13
CA LYS B 333 46.84 22.61 -28.74
C LYS B 333 46.32 21.44 -27.91
N PRO B 334 45.79 20.40 -28.58
CA PRO B 334 45.31 19.21 -27.87
C PRO B 334 46.44 18.29 -27.45
N ASP B 336 44.47 16.23 -25.26
CA ASP B 336 45.12 15.61 -24.11
C ASP B 336 44.10 14.95 -23.18
N PRO B 337 44.15 13.62 -23.06
CA PRO B 337 43.23 12.91 -22.17
C PRO B 337 43.45 13.30 -20.70
N TYR B 338 44.67 13.77 -20.40
CA TYR B 338 45.04 14.09 -19.02
C TYR B 338 45.28 15.59 -18.86
N ASN B 339 44.50 16.40 -19.59
CA ASN B 339 44.49 17.84 -19.42
C ASN B 339 44.02 18.18 -18.02
N PRO B 340 44.86 18.86 -17.23
CA PRO B 340 44.47 19.19 -15.85
C PRO B 340 43.19 20.01 -15.80
N CYS B 341 42.95 20.82 -16.82
CA CYS B 341 41.82 21.74 -16.83
C CYS B 341 41.44 22.16 -18.25
N PRO B 342 40.61 21.35 -18.93
CA PRO B 342 40.20 21.65 -20.31
C PRO B 342 39.57 23.04 -20.47
N GLU B 343 38.66 23.42 -19.58
CA GLU B 343 37.94 24.69 -19.74
C GLU B 343 38.77 25.94 -19.44
N CYS B 344 40.02 25.75 -19.00
CA CYS B 344 40.87 26.89 -18.66
C CYS B 344 41.36 27.67 -19.89
N TRP B 345 40.99 27.22 -21.08
CA TRP B 345 41.42 27.91 -22.29
C TRP B 345 40.67 29.24 -22.45
N SER B 346 39.55 29.35 -21.75
CA SER B 346 38.66 30.50 -21.85
C SER B 346 38.85 31.48 -20.71
N LEU B 347 39.98 31.39 -20.02
CA LEU B 347 40.29 32.33 -18.95
C LEU B 347 40.49 33.74 -19.50
N SER B 348 39.67 34.68 -19.00
CA SER B 348 39.83 36.10 -19.32
C SER B 348 40.21 36.81 -18.03
N PRO B 349 40.46 38.14 -18.08
CA PRO B 349 40.65 38.81 -16.80
C PRO B 349 39.43 38.75 -15.87
N ALA B 350 38.28 38.29 -16.37
CA ALA B 350 37.10 38.10 -15.54
C ALA B 350 37.23 36.91 -14.56
N ASN B 351 38.36 36.20 -14.60
CA ASN B 351 38.57 35.02 -13.75
C ASN B 351 39.65 35.21 -12.71
N VAL B 352 40.18 36.42 -12.59
CA VAL B 352 41.17 36.74 -11.55
C VAL B 352 40.57 36.48 -10.17
N SER B 353 39.24 36.43 -10.11
CA SER B 353 38.51 36.09 -8.89
C SER B 353 39.04 34.80 -8.25
N LEU B 354 39.57 33.92 -9.10
CA LEU B 354 40.20 32.68 -8.67
C LEU B 354 41.32 32.89 -7.67
N VAL B 355 42.11 33.95 -7.83
CA VAL B 355 43.19 34.14 -6.88
C VAL B 355 42.89 35.24 -5.87
N LYS B 356 41.79 35.98 -6.08
CA LYS B 356 41.37 36.99 -5.11
C LYS B 356 40.59 36.32 -3.97
N GLU B 357 40.08 35.12 -4.23
CA GLU B 357 39.35 34.32 -3.26
C GLU B 357 40.13 34.20 -1.94
N GLU B 358 39.44 34.44 -0.83
CA GLU B 358 40.07 34.43 0.49
C GLU B 358 40.78 33.13 0.81
N SER B 359 40.17 32.01 0.46
CA SER B 359 40.76 30.72 0.78
C SER B 359 42.07 30.54 0.00
N VAL B 360 42.18 31.19 -1.17
CA VAL B 360 43.43 31.08 -1.94
C VAL B 360 44.48 32.08 -1.49
N GLN B 361 44.06 33.34 -1.31
CA GLN B 361 44.95 34.40 -0.83
C GLN B 361 45.66 34.00 0.46
N ARG B 362 44.91 33.43 1.40
CA ARG B 362 45.48 33.13 2.71
C ARG B 362 46.30 31.83 2.76
N THR B 363 46.20 31.00 1.73
CA THR B 363 47.06 29.80 1.64
C THR B 363 48.09 29.85 0.51
N ALA B 364 48.06 30.90 -0.31
CA ALA B 364 48.94 30.97 -1.48
C ALA B 364 50.41 30.87 -1.12
N PHE B 365 50.79 31.51 -0.03
CA PHE B 365 52.18 31.54 0.39
C PHE B 365 52.73 30.13 0.66
N SER B 366 51.85 29.19 1.00
CA SER B 366 52.31 27.83 1.25
C SER B 366 52.85 27.18 -0.04
N VAL B 367 52.15 27.39 -1.16
CA VAL B 367 52.58 26.90 -2.46
C VAL B 367 53.86 27.61 -2.92
N TYR B 368 53.84 28.94 -2.80
CA TYR B 368 54.98 29.79 -3.13
C TYR B 368 56.23 29.42 -2.32
N ALA B 369 56.06 29.12 -1.05
CA ALA B 369 57.21 28.73 -0.22
C ALA B 369 57.76 27.34 -0.60
N ALA B 370 56.90 26.45 -1.10
CA ALA B 370 57.36 25.13 -1.49
C ALA B 370 58.20 25.22 -2.75
N VAL B 371 57.73 26.00 -3.71
CA VAL B 371 58.48 26.18 -4.94
C VAL B 371 59.83 26.84 -4.62
N TYR B 372 59.84 27.89 -3.80
CA TYR B 372 61.08 28.63 -3.54
C TYR B 372 62.07 27.82 -2.70
N THR B 373 61.56 27.01 -1.79
CA THR B 373 62.43 26.13 -1.04
C THR B 373 63.27 25.26 -1.98
N VAL B 374 62.61 24.69 -2.99
CA VAL B 374 63.28 23.82 -3.94
C VAL B 374 64.31 24.62 -4.77
N ALA B 375 63.90 25.78 -5.27
CA ALA B 375 64.77 26.65 -6.07
C ALA B 375 66.06 27.03 -5.30
N HIS B 376 65.92 27.46 -4.05
CA HIS B 376 67.08 27.79 -3.24
C HIS B 376 67.90 26.55 -2.92
N ALA B 377 67.23 25.42 -2.73
CA ALA B 377 67.98 24.19 -2.47
C ALA B 377 68.81 23.81 -3.72
N LEU B 378 68.22 23.99 -4.90
CA LEU B 378 68.94 23.72 -6.15
C LEU B 378 70.11 24.70 -6.30
N HIS B 379 69.84 26.00 -6.17
CA HIS B 379 70.87 27.04 -6.17
C HIS B 379 72.06 26.63 -5.29
N LYS B 380 71.79 26.11 -4.11
CA LYS B 380 72.88 25.63 -3.26
C LYS B 380 73.55 24.35 -3.81
N LEU B 381 72.76 23.45 -4.38
CA LEU B 381 73.29 22.16 -4.85
C LEU B 381 74.25 22.38 -6.00
N LEU B 382 73.85 23.23 -6.94
CA LEU B 382 74.65 23.56 -8.11
C LEU B 382 75.81 24.53 -7.79
N GLU B 383 76.14 24.68 -6.51
CA GLU B 383 77.20 25.58 -6.07
C GLU B 383 77.11 26.94 -6.76
N CYS B 384 75.92 27.53 -6.76
CA CYS B 384 75.69 28.81 -7.42
C CYS B 384 76.08 30.02 -6.56
N ASN B 385 76.48 31.08 -7.25
CA ASN B 385 76.52 32.42 -6.68
C ASN B 385 75.58 33.25 -7.52
N SER B 386 75.67 34.57 -7.42
CA SER B 386 74.70 35.44 -8.10
C SER B 386 74.94 35.57 -9.59
N ALA B 387 76.08 35.05 -10.05
CA ALA B 387 76.50 35.27 -11.43
C ALA B 387 76.31 34.04 -12.31
N ALA B 388 76.78 32.91 -11.81
CA ALA B 388 76.67 31.66 -12.56
C ALA B 388 76.44 30.46 -11.65
N CYS B 389 75.93 29.38 -12.23
CA CYS B 389 75.79 28.11 -11.51
C CYS B 389 76.78 27.09 -12.09
N LYS B 390 77.29 26.19 -11.27
CA LYS B 390 78.08 25.07 -11.80
C LYS B 390 77.15 24.12 -12.52
N TRP B 391 76.61 24.58 -13.65
CA TRP B 391 75.67 23.77 -14.41
C TRP B 391 75.86 23.92 -15.92
N SER B 392 75.62 22.83 -16.65
CA SER B 392 75.59 22.89 -18.10
C SER B 392 74.62 21.83 -18.61
N SER B 393 74.44 21.79 -19.92
CA SER B 393 73.52 20.86 -20.53
C SER B 393 73.94 19.38 -20.40
N SER B 394 75.05 19.11 -19.72
CA SER B 394 75.52 17.74 -19.51
C SER B 394 75.47 17.34 -18.05
N THR B 395 75.07 18.30 -17.20
CA THR B 395 74.96 18.08 -15.77
C THR B 395 73.84 17.08 -15.50
N ARG B 396 74.08 16.16 -14.57
CA ARG B 396 73.09 15.14 -14.25
C ARG B 396 72.57 15.32 -12.83
N LEU B 397 71.26 15.55 -12.73
CA LEU B 397 70.60 15.81 -11.44
C LEU B 397 69.84 14.62 -10.91
N TYR B 398 70.29 14.10 -9.79
CA TYR B 398 69.63 12.99 -9.14
C TYR B 398 68.88 13.51 -7.92
N PRO B 399 67.59 13.17 -7.83
CA PRO B 399 66.77 13.66 -6.70
C PRO B 399 67.39 13.36 -5.36
N TRP B 400 68.00 12.19 -5.16
CA TRP B 400 68.59 11.88 -3.86
C TRP B 400 69.69 12.88 -3.42
N LYS B 401 70.39 13.49 -4.37
CA LYS B 401 71.40 14.50 -4.04
C LYS B 401 70.73 15.80 -3.56
N LEU B 402 69.69 16.22 -4.28
CA LEU B 402 68.92 17.37 -3.83
C LEU B 402 68.33 17.10 -2.43
N LEU B 403 67.82 15.89 -2.19
CA LEU B 403 67.26 15.57 -0.89
C LEU B 403 68.27 15.84 0.21
N GLU B 404 69.52 15.44 -0.04
CA GLU B 404 70.61 15.61 0.94
C GLU B 404 70.75 17.06 1.39
N VAL B 405 70.40 17.97 0.49
CA VAL B 405 70.48 19.41 0.72
C VAL B 405 69.26 19.93 1.46
N LEU B 406 68.10 19.35 1.16
CA LEU B 406 66.88 19.81 1.81
C LEU B 406 66.79 19.41 3.27
N LYS B 407 67.47 18.33 3.66
CA LYS B 407 67.43 17.89 5.06
C LYS B 407 67.79 19.06 5.99
N GLU B 408 66.88 19.37 6.92
CA GLU B 408 67.02 20.48 7.89
C GLU B 408 67.31 21.83 7.24
N PHE B 409 66.69 22.09 6.10
CA PHE B 409 66.94 23.31 5.33
C PHE B 409 66.46 24.58 6.02
N SER B 410 67.29 25.62 5.94
CA SER B 410 66.91 26.97 6.37
C SER B 410 66.95 27.91 5.17
N VAL B 411 65.94 28.74 5.04
CA VAL B 411 65.89 29.67 3.93
C VAL B 411 64.94 30.82 4.26
N ASN B 412 65.31 32.03 3.85
CA ASN B 412 64.42 33.18 3.98
C ASN B 412 63.62 33.32 2.72
N ILE B 413 62.29 33.40 2.86
CA ILE B 413 61.43 33.61 1.70
C ILE B 413 60.49 34.79 1.99
N SER B 414 60.62 35.83 1.17
CA SER B 414 60.00 37.13 1.40
C SER B 414 60.35 37.61 2.82
N ASN B 415 59.35 37.66 3.71
CA ASN B 415 59.57 38.09 5.09
C ASN B 415 59.56 36.93 6.09
N THR B 416 59.63 35.71 5.58
CA THR B 416 59.52 34.52 6.42
C THR B 416 60.85 33.79 6.49
N SER B 417 61.26 33.42 7.69
CA SER B 417 62.47 32.63 7.89
C SER B 417 62.12 31.17 8.11
N LEU B 418 62.07 30.43 7.03
CA LEU B 418 61.60 29.05 7.04
C LEU B 418 62.68 28.09 7.45
N LYS B 419 62.36 27.25 8.43
CA LYS B 419 63.24 26.19 8.88
C LYS B 419 62.49 24.85 8.93
N PHE B 420 63.07 23.84 8.29
CA PHE B 420 62.54 22.50 8.33
C PHE B 420 63.24 21.71 9.41
N ASP B 421 62.48 21.02 10.26
CA ASP B 421 63.08 20.12 11.26
C ASP B 421 63.33 18.73 10.68
N GLN B 422 63.83 17.82 11.51
CA GLN B 422 64.18 16.47 11.09
C GLN B 422 62.99 15.67 10.59
N ASN B 423 61.79 16.14 10.84
CA ASN B 423 60.60 15.39 10.47
C ASN B 423 60.05 15.90 9.13
N GLY B 424 60.65 16.97 8.62
CA GLY B 424 60.13 17.66 7.44
C GLY B 424 59.08 18.71 7.80
N ASN B 425 58.94 18.98 9.09
CA ASN B 425 57.94 19.95 9.53
C ASN B 425 58.50 21.37 9.58
N PRO B 426 57.67 22.35 9.18
CA PRO B 426 58.09 23.75 9.14
C PRO B 426 57.85 24.47 10.47
N ASN B 427 58.62 25.52 10.72
CA ASN B 427 58.42 26.38 11.89
C ASN B 427 57.34 27.44 11.60
N ILE B 428 56.18 26.97 11.19
CA ILE B 428 55.06 27.81 10.77
C ILE B 428 53.92 27.59 11.77
N GLY B 429 53.32 28.67 12.25
CA GLY B 429 52.23 28.57 13.21
C GLY B 429 50.86 28.86 12.63
N TYR B 430 49.93 29.24 13.50
CA TYR B 430 48.54 29.47 13.09
C TYR B 430 48.02 30.86 13.40
N SER B 431 47.06 31.31 12.62
CA SER B 431 46.23 32.43 13.03
C SER B 431 44.92 31.88 13.53
N VAL B 432 44.40 32.50 14.59
CA VAL B 432 43.08 32.19 15.12
C VAL B 432 42.13 33.26 14.61
N ILE B 433 41.00 32.81 14.10
CA ILE B 433 40.04 33.72 13.49
C ILE B 433 38.66 33.39 13.98
N GLN B 434 37.73 34.29 13.70
CA GLN B 434 36.36 34.04 14.04
C GLN B 434 35.49 34.51 12.88
N ARG B 435 34.42 33.78 12.58
CA ARG B 435 33.54 34.20 11.52
C ARG B 435 32.61 35.31 12.04
N ILE B 436 32.67 36.49 11.43
CA ILE B 436 31.75 37.56 11.80
C ILE B 436 30.58 37.57 10.81
N TRP B 437 29.41 37.16 11.27
CA TRP B 437 28.29 36.94 10.36
C TRP B 437 27.80 38.21 9.65
N GLU B 438 27.78 39.34 10.37
CA GLU B 438 27.16 40.58 9.85
C GLU B 438 27.74 41.09 8.55
N ASN B 439 29.06 41.10 8.41
CA ASN B 439 29.64 41.55 7.14
C ASN B 439 30.47 40.47 6.44
N GLN B 440 30.01 39.22 6.56
CA GLN B 440 30.62 38.07 5.89
C GLN B 440 32.13 38.10 5.94
N SER B 441 32.70 38.17 7.14
CA SER B 441 34.13 38.39 7.27
C SER B 441 34.83 37.49 8.31
N LEU B 442 36.14 37.63 8.35
CA LEU B 442 37.02 36.92 9.26
C LEU B 442 37.83 37.93 10.06
N SER B 443 37.72 37.88 11.39
CA SER B 443 38.55 38.76 12.21
C SER B 443 39.63 37.96 12.93
N SER B 444 40.75 38.62 13.21
CA SER B 444 41.90 37.99 13.86
C SER B 444 41.82 38.11 15.36
N VAL B 445 41.69 36.99 16.05
CA VAL B 445 41.53 37.03 17.49
C VAL B 445 42.78 36.53 18.20
N GLY B 446 43.78 36.07 17.46
CA GLY B 446 45.03 35.66 18.07
C GLY B 446 45.94 34.81 17.21
N SER B 447 46.97 34.22 17.82
CA SER B 447 47.92 33.40 17.08
C SER B 447 48.40 32.20 17.90
N TYR B 448 49.05 31.27 17.20
CA TYR B 448 49.70 30.13 17.82
C TYR B 448 51.08 29.96 17.18
N ARG B 449 52.12 30.05 18.00
CA ARG B 449 53.50 30.08 17.53
C ARG B 449 54.32 29.26 18.48
N SER B 450 55.16 28.39 17.94
CA SER B 450 55.81 27.33 18.70
C SER B 450 54.74 26.46 19.37
N ALA B 451 54.73 26.45 20.69
CA ALA B 451 53.68 25.76 21.44
C ALA B 451 52.88 26.75 22.28
N ASN B 452 52.81 27.99 21.82
CA ASN B 452 52.20 29.06 22.60
C ASN B 452 50.97 29.65 21.92
N LEU B 453 49.81 29.40 22.51
CA LEU B 453 48.58 30.04 22.07
C LEU B 453 48.48 31.44 22.66
N SER B 454 48.20 32.42 21.82
CA SER B 454 48.08 33.78 22.30
C SER B 454 46.83 34.43 21.72
N ILE B 455 45.76 34.44 22.51
CA ILE B 455 44.50 35.01 22.07
C ILE B 455 44.08 36.21 22.93
N ASN B 456 43.32 37.12 22.32
CA ASN B 456 42.72 38.20 23.08
C ASN B 456 41.23 37.99 23.26
N GLU B 457 40.89 37.41 24.41
CA GLU B 457 39.53 37.13 24.82
C GLU B 457 38.54 38.27 24.59
N THR B 458 39.00 39.50 24.86
CA THR B 458 38.21 40.71 24.65
C THR B 458 37.78 40.88 23.20
N LEU B 459 38.61 40.41 22.25
CA LEU B 459 38.29 40.56 20.83
C LEU B 459 37.24 39.60 20.31
N PHE B 460 36.82 38.62 21.11
CA PHE B 460 35.87 37.60 20.65
C PHE B 460 34.43 38.12 20.71
N LYS B 461 33.62 37.77 19.71
CA LYS B 461 32.19 38.10 19.73
C LYS B 461 31.38 36.82 19.92
N TRP B 462 30.41 36.84 20.83
CA TRP B 462 29.64 35.64 21.11
C TRP B 462 28.21 35.72 20.56
N TYR B 463 27.95 34.90 19.56
CA TYR B 463 26.64 34.87 18.93
C TYR B 463 25.72 34.04 19.78
N THR B 464 25.37 34.62 20.93
CA THR B 464 24.47 34.03 21.90
C THR B 464 23.30 35.00 22.17
N ASN B 465 22.29 34.54 22.91
CA ASN B 465 21.10 35.35 23.20
C ASN B 465 21.42 36.74 23.75
N ASN B 466 22.34 36.84 24.71
CA ASN B 466 22.70 38.12 25.31
C ASN B 466 24.10 38.60 24.93
N SER B 467 24.68 37.95 23.92
CA SER B 467 26.04 38.22 23.46
C SER B 467 27.12 37.96 24.50
N GLU B 468 26.81 37.20 25.55
CA GLU B 468 27.83 36.76 26.50
C GLU B 468 28.45 35.42 26.10
N LYS B 469 29.67 35.17 26.58
CA LYS B 469 30.36 33.91 26.29
C LYS B 469 29.58 32.76 26.89
N PRO B 470 29.32 31.72 26.08
CA PRO B 470 28.48 30.59 26.49
C PRO B 470 29.06 29.71 27.59
N GLU B 471 28.16 29.27 28.47
CA GLU B 471 28.36 28.15 29.41
C GLU B 471 29.56 28.23 30.33
N SER B 472 30.06 27.05 30.69
CA SER B 472 31.12 26.90 31.67
C SER B 472 31.78 25.52 31.53
N THR C 6 10.67 22.85 -11.54
CA THR C 6 9.31 23.07 -11.08
C THR C 6 8.31 22.43 -12.05
N SER C 7 8.04 21.14 -11.87
CA SER C 7 7.10 20.43 -12.72
C SER C 7 5.65 20.71 -12.37
N GLU C 8 4.81 20.81 -13.39
CA GLU C 8 3.36 20.95 -13.23
C GLU C 8 2.73 19.78 -12.48
N PHE C 9 3.43 18.65 -12.48
CA PHE C 9 2.86 17.38 -12.04
C PHE C 9 3.13 17.06 -10.57
N HIS C 10 4.06 17.79 -9.97
CA HIS C 10 4.41 17.56 -8.58
C HIS C 10 4.50 18.86 -7.82
N LEU C 11 3.96 18.84 -6.62
CA LEU C 11 4.04 19.95 -5.68
C LEU C 11 4.21 19.33 -4.32
N ARG C 12 5.25 19.75 -3.60
CA ARG C 12 5.47 19.25 -2.26
C ARG C 12 4.50 19.96 -1.33
N GLY C 13 4.15 19.33 -0.21
CA GLY C 13 3.32 19.97 0.79
C GLY C 13 3.22 19.11 2.03
N ASP C 14 2.56 19.62 3.05
CA ASP C 14 2.38 18.85 4.28
C ASP C 14 1.55 17.59 4.02
N TYR C 15 0.60 17.66 3.09
CA TYR C 15 -0.20 16.51 2.71
C TYR C 15 -0.37 16.45 1.20
N LEU C 16 -0.27 15.26 0.63
CA LEU C 16 -0.38 15.13 -0.82
C LEU C 16 -1.72 14.55 -1.25
N ILE C 17 -2.21 15.05 -2.37
CA ILE C 17 -3.38 14.54 -3.04
C ILE C 17 -2.98 13.95 -4.39
N GLY C 18 -3.33 12.70 -4.66
CA GLY C 18 -3.12 12.18 -6.00
C GLY C 18 -4.05 12.83 -7.02
N GLY C 19 -3.57 13.02 -8.25
CA GLY C 19 -4.42 13.46 -9.34
C GLY C 19 -4.28 12.54 -10.54
N LEU C 20 -5.36 11.84 -10.90
CA LEU C 20 -5.36 10.90 -12.02
C LEU C 20 -6.06 11.50 -13.24
N PHE C 21 -5.28 11.79 -14.27
CA PHE C 21 -5.79 12.41 -15.48
C PHE C 21 -5.33 11.61 -16.69
N ASN C 22 -5.81 12.00 -17.85
CA ASN C 22 -5.36 11.45 -19.10
C ASN C 22 -5.36 12.60 -20.10
N ILE C 23 -4.20 13.23 -20.27
CA ILE C 23 -4.14 14.42 -21.11
C ILE C 23 -3.64 14.08 -22.51
N HIS C 24 -3.27 12.82 -22.72
CA HIS C 24 -3.00 12.32 -24.06
C HIS C 24 -3.88 11.12 -24.37
N TYR C 25 -4.25 10.96 -25.63
CA TYR C 25 -5.02 9.79 -26.07
C TYR C 25 -4.17 8.84 -26.89
N VAL C 26 -4.32 7.54 -26.66
CA VAL C 26 -3.78 6.55 -27.59
C VAL C 26 -4.64 5.28 -27.58
N ALA C 27 -4.88 4.72 -28.77
CA ALA C 27 -5.56 3.44 -28.86
C ALA C 27 -4.72 2.36 -28.20
N ALA C 28 -5.39 1.36 -27.65
CA ALA C 28 -4.71 0.25 -27.00
C ALA C 28 -3.91 -0.54 -28.04
N ALA C 29 -2.80 -1.12 -27.59
CA ALA C 29 -1.93 -1.86 -28.48
C ALA C 29 -1.20 -2.95 -27.70
N ASN C 30 -0.80 -4.01 -28.40
CA ASN C 30 -0.05 -5.07 -27.75
C ASN C 30 1.29 -4.52 -27.24
N PHE C 31 1.78 -5.11 -26.16
CA PHE C 31 3.07 -4.74 -25.57
C PHE C 31 3.73 -6.01 -25.03
N GLN C 32 5.06 -6.04 -25.00
CA GLN C 32 5.78 -7.25 -24.62
C GLN C 32 6.74 -7.01 -23.46
N ARG C 33 6.73 -5.80 -22.92
CA ARG C 33 7.49 -5.48 -21.72
C ARG C 33 6.59 -4.89 -20.64
N PRO C 34 6.83 -5.25 -19.37
CA PRO C 34 6.08 -4.75 -18.21
C PRO C 34 6.57 -3.37 -17.77
N GLN C 35 6.18 -2.34 -18.50
CA GLN C 35 6.68 -1.00 -18.26
C GLN C 35 5.63 0.04 -18.64
N ALA C 36 5.70 1.18 -17.95
CA ALA C 36 4.94 2.36 -18.29
C ALA C 36 5.14 2.68 -19.76
N ILE C 37 4.14 3.26 -20.39
CA ILE C 37 4.36 3.75 -21.74
C ILE C 37 4.51 5.27 -21.73
N ASP C 38 5.11 5.75 -22.82
CA ASP C 38 5.35 7.17 -23.03
C ASP C 38 4.11 7.85 -23.59
N CYS C 39 3.35 8.52 -22.75
CA CYS C 39 2.12 9.16 -23.20
C CYS C 39 2.41 10.49 -23.87
N SER C 40 3.56 11.08 -23.54
CA SER C 40 3.84 12.44 -23.98
C SER C 40 4.04 12.56 -25.51
N SER C 41 4.20 11.43 -26.19
CA SER C 41 4.33 11.45 -27.65
C SER C 41 3.01 11.19 -28.38
N LYS C 42 1.93 10.98 -27.63
CA LYS C 42 0.67 10.62 -28.28
C LYS C 42 -0.23 11.85 -28.47
N LEU C 43 -1.50 11.62 -28.85
CA LEU C 43 -2.41 12.70 -29.19
C LEU C 43 -2.85 13.55 -28.00
N PHE C 44 -2.46 14.83 -28.00
CA PHE C 44 -2.80 15.78 -26.96
C PHE C 44 -4.33 16.05 -26.91
N ILE C 45 -4.89 16.11 -25.70
CA ILE C 45 -6.33 16.34 -25.51
C ILE C 45 -6.57 17.61 -24.71
N LEU C 46 -6.98 18.66 -25.41
CA LEU C 46 -7.13 19.98 -24.84
C LEU C 46 -8.13 20.04 -23.66
N PRO C 47 -9.38 19.54 -23.85
CA PRO C 47 -10.30 19.66 -22.70
C PRO C 47 -9.85 18.85 -21.48
N ASN C 48 -9.13 17.74 -21.68
CA ASN C 48 -8.66 16.97 -20.54
C ASN C 48 -7.54 17.69 -19.82
N TYR C 49 -6.71 18.41 -20.60
CA TYR C 49 -5.63 19.17 -20.03
C TYR C 49 -6.19 20.31 -19.21
N ARG C 50 -7.30 20.88 -19.68
CA ARG C 50 -7.93 21.99 -18.98
C ARG C 50 -8.37 21.50 -17.59
N ARG C 51 -8.92 20.29 -17.53
CA ARG C 51 -9.31 19.69 -16.25
C ARG C 51 -8.14 19.47 -15.31
N PHE C 52 -7.05 18.95 -15.85
CA PHE C 52 -5.77 18.83 -15.17
C PHE C 52 -5.38 20.17 -14.52
N GLN C 53 -5.47 21.25 -15.30
CA GLN C 53 -5.16 22.59 -14.78
C GLN C 53 -6.17 23.05 -13.72
N MET C 54 -7.43 22.61 -13.85
CA MET C 54 -8.44 22.97 -12.88
C MET C 54 -8.08 22.41 -11.49
N MET C 55 -7.51 21.21 -11.46
CA MET C 55 -7.03 20.64 -10.20
C MET C 55 -5.87 21.47 -9.64
N ARG C 56 -4.90 21.83 -10.49
CA ARG C 56 -3.77 22.68 -10.07
C ARG C 56 -4.24 24.06 -9.55
N PHE C 57 -5.14 24.69 -10.30
CA PHE C 57 -5.79 25.92 -9.84
C PHE C 57 -6.45 25.78 -8.45
N SER C 58 -7.24 24.73 -8.27
CA SER C 58 -7.94 24.48 -7.03
C SER C 58 -6.98 24.42 -5.84
N VAL C 59 -5.97 23.55 -5.95
CA VAL C 59 -4.96 23.37 -4.91
C VAL C 59 -4.28 24.70 -4.55
N GLU C 60 -3.89 25.45 -5.57
CA GLU C 60 -3.22 26.73 -5.33
C GLU C 60 -4.14 27.73 -4.62
N GLU C 61 -5.42 27.72 -4.99
CA GLU C 61 -6.38 28.63 -4.37
C GLU C 61 -6.53 28.30 -2.89
N ILE C 62 -6.59 27.01 -2.57
CA ILE C 62 -6.68 26.60 -1.18
C ILE C 62 -5.36 26.94 -0.43
N ASN C 63 -4.22 26.74 -1.08
CA ASN C 63 -2.97 27.12 -0.43
C ASN C 63 -2.87 28.62 -0.22
N ASN C 64 -3.51 29.42 -1.06
CA ASN C 64 -3.51 30.88 -0.85
C ASN C 64 -4.45 31.30 0.28
N SER C 65 -5.34 30.39 0.68
CA SER C 65 -6.33 30.70 1.70
C SER C 65 -5.75 30.62 3.11
N SER C 66 -6.05 31.62 3.93
CA SER C 66 -5.70 31.55 5.35
C SER C 66 -6.84 31.04 6.26
N SER C 67 -8.00 30.70 5.71
CA SER C 67 -9.04 30.15 6.57
C SER C 67 -9.27 28.65 6.33
N LEU C 68 -9.17 28.20 5.08
CA LEU C 68 -9.21 26.76 4.81
C LEU C 68 -7.79 26.18 4.85
N LEU C 69 -7.56 25.20 5.73
CA LEU C 69 -6.24 24.63 5.98
C LEU C 69 -5.18 25.71 6.27
N PRO C 70 -5.41 26.54 7.31
CA PRO C 70 -4.46 27.61 7.63
C PRO C 70 -3.08 27.06 8.02
N ASN C 71 -2.04 27.48 7.28
CA ASN C 71 -0.68 27.02 7.55
C ASN C 71 -0.52 25.49 7.45
N VAL C 72 -1.35 24.86 6.63
CA VAL C 72 -1.16 23.48 6.22
C VAL C 72 -1.23 23.42 4.69
N SER C 73 -0.10 23.21 4.05
CA SER C 73 -0.05 23.25 2.58
C SER C 73 -0.52 21.92 1.96
N LEU C 74 -1.17 22.03 0.81
CA LEU C 74 -1.59 20.88 0.03
C LEU C 74 -0.62 20.65 -1.11
N GLY C 75 -0.13 19.43 -1.24
CA GLY C 75 0.66 19.10 -2.40
C GLY C 75 -0.07 18.08 -3.24
N TYR C 76 0.58 17.64 -4.31
CA TYR C 76 0.04 16.60 -5.16
C TYR C 76 1.11 15.84 -5.99
N GLN C 77 0.76 14.59 -6.33
CA GLN C 77 1.40 13.82 -7.38
C GLN C 77 0.33 13.56 -8.43
N MET C 78 0.52 14.15 -9.62
CA MET C 78 -0.45 14.03 -10.69
C MET C 78 0.12 13.16 -11.81
N PHE C 79 -0.77 12.55 -12.59
CA PHE C 79 -0.33 11.64 -13.65
C PHE C 79 -1.17 11.77 -14.89
N ASP C 80 -0.51 11.52 -16.01
CA ASP C 80 -1.11 11.44 -17.32
C ASP C 80 -1.12 9.98 -17.75
N HIS C 81 -2.23 9.28 -17.51
CA HIS C 81 -2.31 7.89 -17.94
C HIS C 81 -3.13 7.73 -19.22
N CYS C 82 -2.43 7.67 -20.35
CA CYS C 82 -3.09 7.47 -21.64
C CYS C 82 -3.62 6.04 -21.73
N SER C 83 -3.07 5.15 -20.90
CA SER C 83 -3.45 3.74 -20.89
C SER C 83 -3.77 3.24 -19.47
N ASP C 84 -4.99 2.78 -19.26
CA ASP C 84 -5.38 2.28 -17.94
C ASP C 84 -4.55 1.06 -17.49
N ILE C 85 -4.28 0.13 -18.39
CA ILE C 85 -3.50 -1.06 -18.02
C ILE C 85 -2.05 -0.71 -17.63
N HIS C 86 -1.57 0.46 -18.05
CA HIS C 86 -0.21 0.89 -17.73
C HIS C 86 -0.14 1.95 -16.62
N SER C 87 -1.25 2.12 -15.89
CA SER C 87 -1.37 3.23 -14.95
C SER C 87 -0.83 2.85 -13.57
N PHE C 88 -0.60 1.55 -13.35
CA PHE C 88 -0.27 1.07 -12.01
C PHE C 88 0.96 1.66 -11.30
N PRO C 89 2.05 2.00 -12.03
CA PRO C 89 3.18 2.64 -11.35
C PRO C 89 2.81 3.92 -10.57
N GLY C 90 2.06 4.81 -11.21
CA GLY C 90 1.53 5.99 -10.54
C GLY C 90 0.64 5.63 -9.36
N ILE C 91 -0.26 4.68 -9.57
CA ILE C 91 -1.15 4.23 -8.51
C ILE C 91 -0.36 3.65 -7.31
N PHE C 92 0.64 2.82 -7.59
CA PHE C 92 1.53 2.32 -6.56
C PHE C 92 2.24 3.45 -5.80
N LYS C 93 2.66 4.50 -6.50
CA LYS C 93 3.32 5.62 -5.82
C LYS C 93 2.41 6.30 -4.79
N LEU C 94 1.17 6.60 -5.19
CA LEU C 94 0.20 7.20 -4.29
C LEU C 94 0.00 6.36 -3.04
N LEU C 95 -0.04 5.04 -3.20
CA LEU C 95 -0.32 4.17 -2.08
C LEU C 95 0.92 3.71 -1.29
N SER C 96 2.12 4.02 -1.76
CA SER C 96 3.33 3.45 -1.15
C SER C 96 3.85 4.20 0.08
N VAL C 97 4.70 3.50 0.83
CA VAL C 97 5.47 4.11 1.91
C VAL C 97 6.95 3.93 1.62
N ASN C 98 7.66 5.04 1.43
CA ASN C 98 9.07 5.02 1.06
C ASN C 98 9.29 4.20 -0.21
N ASP C 99 8.44 4.42 -1.21
CA ASP C 99 8.51 3.72 -2.49
C ASP C 99 8.27 2.19 -2.39
N LEU C 100 7.72 1.74 -1.27
CA LEU C 100 7.42 0.31 -1.11
C LEU C 100 5.95 0.07 -0.83
N ILE C 101 5.43 -1.02 -1.37
CA ILE C 101 4.07 -1.41 -1.03
C ILE C 101 4.14 -2.75 -0.31
N ARG C 102 3.47 -2.82 0.83
CA ARG C 102 3.39 -4.06 1.58
C ARG C 102 1.95 -4.55 1.56
N PRO C 103 1.66 -5.51 0.66
CA PRO C 103 0.36 -6.04 0.26
C PRO C 103 -0.58 -6.39 1.41
N TRP C 104 -0.04 -6.81 2.54
CA TRP C 104 -0.88 -7.33 3.62
C TRP C 104 -1.19 -6.32 4.72
N GLU C 105 -0.58 -5.13 4.69
CA GLU C 105 -0.81 -4.16 5.74
C GLU C 105 -2.19 -3.52 5.63
N ASP C 106 -2.94 -3.57 6.73
CA ASP C 106 -4.29 -3.02 6.76
C ASP C 106 -4.27 -1.49 6.71
N SER C 108 -5.64 0.96 10.34
CA SER C 108 -4.60 0.94 9.32
C SER C 108 -3.25 1.31 9.93
N THR C 109 -2.26 0.44 9.70
CA THR C 109 -0.93 0.61 10.26
C THR C 109 -0.09 1.58 9.42
N GLY C 110 -0.43 1.70 8.15
CA GLY C 110 0.36 2.48 7.21
C GLY C 110 -0.07 3.92 6.99
N LEU C 111 0.91 4.76 6.69
CA LEU C 111 0.69 6.14 6.30
C LEU C 111 1.21 6.35 4.87
N PRO C 112 0.32 6.17 3.88
CA PRO C 112 0.64 6.25 2.45
C PRO C 112 1.16 7.63 2.04
N ASN C 113 1.73 7.68 0.85
CA ASN C 113 2.28 8.90 0.30
C ASN C 113 1.22 10.00 0.16
N ALA C 114 0.04 9.62 -0.28
CA ALA C 114 -1.06 10.57 -0.41
C ALA C 114 -2.17 10.27 0.58
N ILE C 115 -3.01 11.26 0.87
CA ILE C 115 -4.16 11.07 1.77
C ILE C 115 -5.45 10.76 1.03
N GLY C 116 -5.46 10.94 -0.28
CA GLY C 116 -6.65 10.69 -1.09
C GLY C 116 -6.32 10.94 -2.53
N VAL C 117 -7.22 10.58 -3.44
CA VAL C 117 -6.93 10.77 -4.86
C VAL C 117 -8.13 11.42 -5.58
N VAL C 118 -7.82 12.38 -6.46
CA VAL C 118 -8.81 12.99 -7.34
C VAL C 118 -8.77 12.31 -8.71
N GLY C 119 -9.88 11.74 -9.14
CA GLY C 119 -9.92 11.04 -10.41
C GLY C 119 -10.15 9.56 -10.23
N PRO C 120 -10.06 8.78 -11.30
CA PRO C 120 -9.71 9.28 -12.65
C PRO C 120 -10.93 9.78 -13.43
N PHE C 121 -10.75 9.97 -14.73
CA PHE C 121 -11.79 10.55 -15.57
C PHE C 121 -12.76 9.49 -16.07
N THR C 122 -12.23 8.40 -16.60
CA THR C 122 -13.08 7.48 -17.31
C THR C 122 -13.44 6.25 -16.45
N SER C 123 -14.61 5.71 -16.72
CA SER C 123 -15.05 4.50 -16.04
C SER C 123 -14.04 3.36 -16.25
N THR C 124 -13.43 3.26 -17.43
CA THR C 124 -12.41 2.24 -17.68
C THR C 124 -11.16 2.44 -16.81
N HIS C 125 -10.74 3.68 -16.63
CA HIS C 125 -9.61 3.94 -15.75
C HIS C 125 -9.92 3.51 -14.31
N ALA C 126 -11.11 3.85 -13.83
CA ALA C 126 -11.55 3.51 -12.47
C ALA C 126 -11.65 2.00 -12.23
N LEU C 127 -12.25 1.27 -13.17
CA LEU C 127 -12.45 -0.16 -12.99
C LEU C 127 -11.12 -0.92 -12.87
N SER C 128 -10.09 -0.45 -13.59
CA SER C 128 -8.82 -1.15 -13.62
C SER C 128 -8.05 -1.05 -12.32
N ILE C 129 -8.27 0.05 -11.60
CA ILE C 129 -7.46 0.39 -10.44
C ILE C 129 -8.24 0.46 -9.12
N ALA C 130 -9.55 0.68 -9.19
CA ALA C 130 -10.33 0.96 -7.97
C ALA C 130 -10.19 -0.11 -6.87
N PRO C 131 -10.23 -1.41 -7.23
CA PRO C 131 -10.08 -2.43 -6.18
C PRO C 131 -8.84 -2.27 -5.31
N ILE C 132 -7.73 -1.81 -5.88
CA ILE C 132 -6.51 -1.65 -5.10
C ILE C 132 -6.71 -0.56 -4.06
N PHE C 133 -7.44 0.48 -4.44
CA PHE C 133 -7.75 1.55 -3.51
C PHE C 133 -8.79 1.12 -2.47
N MET C 134 -9.81 0.37 -2.91
CA MET C 134 -10.92 -0.02 -2.04
C MET C 134 -10.51 -0.87 -0.84
N THR C 135 -9.51 -1.75 -1.01
CA THR C 135 -9.19 -2.74 0.02
C THR C 135 -8.59 -2.10 1.27
N ASN C 136 -7.89 -0.99 1.09
CA ASN C 136 -7.39 -0.21 2.24
C ASN C 136 -8.33 0.94 2.60
N LEU C 137 -9.47 1.01 1.91
CA LEU C 137 -10.43 2.11 2.07
C LEU C 137 -9.78 3.46 1.78
N PHE C 138 -8.91 3.50 0.78
CA PHE C 138 -8.24 4.73 0.41
C PHE C 138 -9.23 5.59 -0.39
N PRO C 139 -9.45 6.85 0.01
CA PRO C 139 -10.54 7.57 -0.67
C PRO C 139 -10.23 8.01 -2.09
N MET C 140 -11.12 7.69 -3.03
CA MET C 140 -11.07 8.21 -4.40
C MET C 140 -12.27 9.12 -4.63
N VAL C 141 -12.02 10.32 -5.15
CA VAL C 141 -13.09 11.21 -5.52
C VAL C 141 -12.94 11.51 -7.00
N SER C 142 -13.66 10.74 -7.81
CA SER C 142 -13.62 10.89 -9.25
C SER C 142 -14.45 12.07 -9.73
N TYR C 143 -13.86 12.87 -10.62
CA TYR C 143 -14.53 13.99 -11.26
C TYR C 143 -15.18 13.63 -12.60
N GLY C 144 -15.24 12.35 -12.99
CA GLY C 144 -15.78 12.05 -14.30
C GLY C 144 -16.44 10.69 -14.51
N CYS C 145 -16.08 9.73 -13.67
CA CYS C 145 -16.55 8.36 -13.82
CA CYS C 145 -16.53 8.37 -13.82
C CYS C 145 -18.04 8.23 -13.57
N SER C 146 -18.80 7.93 -14.60
CA SER C 146 -20.25 7.88 -14.46
C SER C 146 -20.87 6.47 -14.42
N GLY C 147 -20.04 5.43 -14.43
CA GLY C 147 -20.51 4.05 -14.40
C GLY C 147 -21.52 3.80 -13.27
N SER C 148 -22.64 3.15 -13.61
CA SER C 148 -23.66 2.76 -12.64
C SER C 148 -23.11 2.01 -11.43
N VAL C 149 -22.19 1.08 -11.68
CA VAL C 149 -21.74 0.13 -10.68
C VAL C 149 -20.96 0.78 -9.53
N PHE C 150 -20.57 2.05 -9.69
CA PHE C 150 -19.81 2.72 -8.65
C PHE C 150 -20.74 3.28 -7.57
N SER C 151 -22.04 3.21 -7.84
CA SER C 151 -23.06 3.53 -6.84
C SER C 151 -23.22 2.39 -5.82
N LYS C 152 -22.59 1.27 -6.11
CA LYS C 152 -22.67 0.11 -5.23
C LYS C 152 -21.59 0.17 -4.15
N GLU C 153 -21.98 0.67 -2.98
CA GLU C 153 -21.11 0.83 -1.83
C GLU C 153 -20.38 -0.44 -1.41
N ASN C 154 -21.00 -1.60 -1.61
CA ASN C 154 -20.39 -2.85 -1.16
C ASN C 154 -19.25 -3.28 -2.08
N LEU C 155 -19.29 -2.84 -3.33
CA LEU C 155 -18.18 -3.08 -4.25
C LEU C 155 -17.14 -1.94 -4.18
N TYR C 156 -17.58 -0.70 -3.95
CA TYR C 156 -16.67 0.45 -3.94
C TYR C 156 -16.83 1.29 -2.68
N PRO C 157 -16.39 0.74 -1.53
CA PRO C 157 -16.68 1.42 -0.26
C PRO C 157 -15.99 2.78 -0.10
N SER C 158 -14.87 3.02 -0.75
CA SER C 158 -14.21 4.31 -0.56
C SER C 158 -14.21 5.15 -1.83
N PHE C 159 -15.17 4.90 -2.70
CA PHE C 159 -15.27 5.63 -3.95
C PHE C 159 -16.39 6.68 -3.91
N LEU C 160 -16.06 7.94 -4.13
CA LEU C 160 -17.09 8.96 -4.29
C LEU C 160 -16.89 9.62 -5.63
N ARG C 161 -17.87 10.41 -6.05
CA ARG C 161 -17.73 11.13 -7.29
C ARG C 161 -18.51 12.45 -7.28
N THR C 162 -18.01 13.42 -8.04
CA THR C 162 -18.59 14.75 -8.02
C THR C 162 -19.38 14.97 -9.29
N VAL C 163 -19.58 13.89 -10.03
CA VAL C 163 -20.41 13.94 -11.22
C VAL C 163 -21.53 12.86 -11.14
N HIS C 164 -22.59 13.08 -11.90
CA HIS C 164 -23.71 12.15 -11.88
CA HIS C 164 -23.76 12.22 -12.01
C HIS C 164 -23.40 10.87 -12.65
N SER C 165 -24.16 9.82 -12.33
CA SER C 165 -23.97 8.53 -12.99
C SER C 165 -24.72 8.46 -14.33
N ASN C 166 -24.42 7.45 -15.14
CA ASN C 166 -25.11 7.26 -16.40
C ASN C 166 -26.62 7.16 -16.27
N LYS C 167 -27.08 6.63 -15.14
CA LYS C 167 -28.50 6.52 -14.85
C LYS C 167 -29.21 7.85 -15.09
N ASP C 168 -28.63 8.93 -14.56
CA ASP C 168 -29.19 10.28 -14.68
C ASP C 168 -29.23 10.82 -16.11
N VAL C 169 -28.10 10.75 -16.81
CA VAL C 169 -28.06 11.30 -18.16
C VAL C 169 -28.98 10.49 -19.09
N ILE C 170 -29.11 9.19 -18.85
CA ILE C 170 -29.97 8.36 -19.69
C ILE C 170 -31.41 8.81 -19.47
N ASN C 171 -31.80 9.01 -18.21
CA ASN C 171 -33.11 9.56 -17.89
C ASN C 171 -33.38 10.85 -18.64
N ALA C 172 -32.39 11.75 -18.70
CA ALA C 172 -32.61 13.03 -19.39
C ALA C 172 -32.69 12.83 -20.91
N ILE C 173 -31.91 11.89 -21.42
CA ILE C 173 -31.96 11.58 -22.86
C ILE C 173 -33.34 11.02 -23.24
N VAL C 174 -33.84 10.12 -22.39
CA VAL C 174 -35.17 9.53 -22.58
C VAL C 174 -36.22 10.64 -22.54
N GLY C 175 -36.05 11.61 -21.65
CA GLY C 175 -36.93 12.76 -21.56
C GLY C 175 -36.97 13.64 -22.82
N ILE C 176 -35.81 13.81 -23.45
CA ILE C 176 -35.75 14.53 -24.73
C ILE C 176 -36.56 13.79 -25.81
N ILE C 177 -36.35 12.47 -25.88
CA ILE C 177 -37.08 11.66 -26.86
C ILE C 177 -38.61 11.70 -26.63
N LEU C 178 -39.05 11.61 -25.38
CA LEU C 178 -40.48 11.58 -25.11
C LEU C 178 -41.15 12.93 -25.43
N ASN C 179 -40.38 14.01 -25.28
CA ASN C 179 -40.87 15.33 -25.64
C ASN C 179 -41.14 15.50 -27.12
N PHE C 180 -40.67 14.58 -27.95
CA PHE C 180 -40.96 14.66 -29.38
C PHE C 180 -41.79 13.45 -29.81
N ASN C 181 -41.97 13.24 -31.12
CA ASN C 181 -42.88 12.19 -31.59
C ASN C 181 -42.26 10.93 -32.21
N TRP C 182 -40.93 10.87 -32.37
CA TRP C 182 -40.33 9.67 -32.96
C TRP C 182 -40.16 8.64 -31.87
N ARG C 183 -40.45 7.39 -32.19
CA ARG C 183 -40.41 6.33 -31.20
C ARG C 183 -39.50 5.16 -31.57
N TRP C 184 -39.04 5.09 -32.81
CA TRP C 184 -37.92 4.19 -33.14
C TRP C 184 -36.61 4.92 -32.96
N VAL C 185 -35.68 4.37 -32.17
CA VAL C 185 -34.39 5.03 -32.05
C VAL C 185 -33.22 4.08 -32.29
N ALA C 186 -32.12 4.65 -32.75
CA ALA C 186 -30.84 3.96 -32.77
C ALA C 186 -30.00 4.48 -31.62
N PHE C 187 -29.18 3.60 -31.06
CA PHE C 187 -28.31 3.90 -29.94
C PHE C 187 -26.90 3.42 -30.25
N LEU C 188 -26.03 4.35 -30.63
CA LEU C 188 -24.65 4.03 -30.94
C LEU C 188 -23.79 4.36 -29.73
N TYR C 189 -23.06 3.37 -29.24
CA TYR C 189 -22.34 3.55 -27.99
C TYR C 189 -20.88 3.09 -28.12
N SER C 190 -19.99 3.79 -27.46
CA SER C 190 -18.59 3.39 -27.51
C SER C 190 -18.41 1.97 -26.96
N ASP C 191 -17.52 1.22 -27.62
CA ASP C 191 -17.21 -0.16 -27.27
C ASP C 191 -16.27 -0.26 -26.07
N ASP C 192 -16.77 0.17 -24.91
CA ASP C 192 -15.99 0.22 -23.69
C ASP C 192 -16.97 0.25 -22.52
N ASP C 193 -16.45 0.31 -21.30
CA ASP C 193 -17.30 0.19 -20.11
C ASP C 193 -18.32 1.33 -20.02
N PHE C 194 -17.88 2.54 -20.36
CA PHE C 194 -18.77 3.70 -20.37
C PHE C 194 -19.97 3.44 -21.29
N GLY C 195 -19.68 3.08 -22.53
CA GLY C 195 -20.70 2.86 -23.54
C GLY C 195 -21.67 1.74 -23.19
N LYS C 196 -21.13 0.62 -22.74
CA LYS C 196 -21.93 -0.57 -22.47
C LYS C 196 -22.85 -0.35 -21.26
N ASP C 197 -22.38 0.39 -20.27
CA ASP C 197 -23.25 0.73 -19.13
C ASP C 197 -24.35 1.67 -19.63
N GLY C 198 -23.99 2.54 -20.57
CA GLY C 198 -24.95 3.46 -21.18
C GLY C 198 -26.08 2.70 -21.87
N LEU C 199 -25.71 1.74 -22.70
CA LEU C 199 -26.68 0.91 -23.41
C LEU C 199 -27.57 0.16 -22.44
N GLU C 200 -26.98 -0.40 -21.39
CA GLU C 200 -27.77 -1.17 -20.45
C GLU C 200 -28.80 -0.26 -19.71
N GLN C 201 -28.36 0.91 -19.26
CA GLN C 201 -29.27 1.83 -18.58
C GLN C 201 -30.39 2.24 -19.55
N PHE C 202 -30.04 2.37 -20.82
CA PHE C 202 -31.00 2.81 -21.81
C PHE C 202 -32.10 1.77 -22.00
N LYS C 203 -31.71 0.50 -22.21
CA LYS C 203 -32.70 -0.56 -22.38
C LYS C 203 -33.59 -0.68 -21.15
N ASN C 204 -32.99 -0.55 -19.96
CA ASN C 204 -33.73 -0.66 -18.71
C ASN C 204 -34.79 0.44 -18.54
N LYS C 205 -34.46 1.62 -19.05
CA LYS C 205 -35.33 2.76 -18.85
C LYS C 205 -36.42 2.82 -19.92
N ILE C 206 -36.14 2.38 -21.15
CA ILE C 206 -37.17 2.42 -22.19
C ILE C 206 -38.07 1.19 -22.23
N GLU C 207 -37.73 0.12 -21.50
CA GLU C 207 -38.46 -1.15 -21.64
C GLU C 207 -39.97 -0.97 -21.49
N ASP C 208 -40.41 -0.42 -20.35
CA ASP C 208 -41.82 -0.09 -20.18
C ASP C 208 -42.14 1.33 -20.64
N SER C 209 -42.07 1.55 -21.94
CA SER C 209 -42.31 2.86 -22.55
C SER C 209 -42.61 2.65 -24.02
N GLU C 210 -43.04 3.72 -24.68
CA GLU C 210 -43.39 3.70 -26.09
C GLU C 210 -42.14 3.65 -26.98
N ILE C 211 -40.99 4.00 -26.40
CA ILE C 211 -39.76 4.04 -27.17
C ILE C 211 -39.28 2.63 -27.50
N CYS C 212 -38.99 2.44 -28.78
CA CYS C 212 -38.47 1.18 -29.27
C CYS C 212 -37.02 1.34 -29.72
N LEU C 213 -36.13 0.55 -29.13
CA LEU C 213 -34.74 0.50 -29.61
C LEU C 213 -34.65 -0.31 -30.93
N ALA C 214 -34.77 0.37 -32.07
CA ALA C 214 -34.80 -0.34 -33.36
C ALA C 214 -33.42 -0.74 -33.88
N PHE C 215 -32.36 -0.18 -33.31
CA PHE C 215 -30.98 -0.49 -33.74
C PHE C 215 -29.95 0.00 -32.73
N TYR C 216 -28.95 -0.83 -32.47
CA TYR C 216 -27.83 -0.39 -31.67
C TYR C 216 -26.54 -1.08 -32.09
N LYS C 217 -25.43 -0.40 -31.87
CA LYS C 217 -24.12 -0.95 -32.20
C LYS C 217 -22.98 -0.33 -31.39
N ALA C 218 -22.12 -1.18 -30.85
CA ALA C 218 -20.88 -0.77 -30.22
C ALA C 218 -19.94 -0.24 -31.30
N ILE C 219 -19.54 1.01 -31.19
CA ILE C 219 -18.74 1.64 -32.23
C ILE C 219 -17.29 1.87 -31.78
N ASN C 220 -16.40 1.94 -32.78
CA ASN C 220 -14.96 2.21 -32.60
C ASN C 220 -14.51 3.24 -33.62
N VAL C 221 -13.24 3.64 -33.55
CA VAL C 221 -12.72 4.62 -34.50
C VAL C 221 -12.71 4.02 -35.90
N ASN C 222 -12.48 2.71 -36.00
CA ASN C 222 -12.39 2.05 -37.29
C ASN C 222 -13.63 1.24 -37.68
N THR C 223 -14.74 1.46 -36.98
CA THR C 223 -16.05 0.94 -37.37
C THR C 223 -16.34 1.26 -38.83
N ASP C 224 -16.97 0.34 -39.56
CA ASP C 224 -17.47 0.63 -40.90
C ASP C 224 -18.79 1.39 -40.75
N TYR C 225 -18.72 2.71 -40.82
CA TYR C 225 -19.86 3.56 -40.53
C TYR C 225 -20.86 3.59 -41.68
N LEU C 226 -20.35 3.53 -42.91
CA LEU C 226 -21.17 3.43 -44.10
C LEU C 226 -22.20 2.31 -43.95
N GLN C 227 -21.77 1.19 -43.38
CA GLN C 227 -22.67 0.09 -43.06
C GLN C 227 -23.69 0.48 -41.99
N VAL C 228 -23.22 1.15 -40.94
CA VAL C 228 -24.07 1.52 -39.80
C VAL C 228 -25.20 2.39 -40.29
N PHE C 229 -24.86 3.43 -41.03
CA PHE C 229 -25.85 4.39 -41.50
C PHE C 229 -26.78 3.78 -42.54
N LYS C 230 -26.26 2.84 -43.33
CA LYS C 230 -27.09 2.11 -44.28
C LYS C 230 -28.13 1.31 -43.51
N GLN C 231 -27.70 0.62 -42.44
CA GLN C 231 -28.61 -0.17 -41.65
C GLN C 231 -29.66 0.72 -40.98
N ILE C 232 -29.22 1.85 -40.43
CA ILE C 232 -30.10 2.80 -39.79
C ILE C 232 -31.07 3.37 -40.82
N GLU C 233 -30.57 3.63 -42.02
CA GLU C 233 -31.41 4.13 -43.10
C GLU C 233 -32.50 3.13 -43.48
N GLU C 234 -32.12 1.85 -43.53
CA GLU C 234 -33.02 0.85 -44.07
C GLU C 234 -34.12 0.52 -43.07
N GLN C 235 -33.92 0.89 -41.82
CA GLN C 235 -34.95 0.69 -40.81
C GLN C 235 -35.78 1.94 -40.59
N ASN C 236 -35.55 2.95 -41.43
CA ASN C 236 -36.23 4.24 -41.34
C ASN C 236 -36.18 4.86 -39.95
N ILE C 237 -35.01 4.78 -39.31
CA ILE C 237 -34.83 5.39 -38.00
C ILE C 237 -34.49 6.86 -38.20
N LYS C 238 -35.08 7.76 -37.42
CA LYS C 238 -34.77 9.17 -37.58
C LYS C 238 -33.90 9.69 -36.43
N VAL C 239 -34.05 9.09 -35.26
CA VAL C 239 -33.35 9.56 -34.07
C VAL C 239 -32.14 8.68 -33.75
N ILE C 240 -30.97 9.29 -33.64
CA ILE C 240 -29.75 8.56 -33.38
C ILE C 240 -29.11 9.08 -32.11
N VAL C 241 -29.13 8.26 -31.06
CA VAL C 241 -28.49 8.61 -29.83
C VAL C 241 -27.06 8.17 -29.94
N VAL C 242 -26.13 9.07 -29.65
CA VAL C 242 -24.70 8.73 -29.61
C VAL C 242 -24.17 8.90 -28.19
N PHE C 243 -23.90 7.79 -27.54
CA PHE C 243 -23.44 7.77 -26.16
C PHE C 243 -21.96 7.35 -26.17
N ALA C 244 -21.06 8.31 -26.15
CA ALA C 244 -19.67 8.06 -26.49
C ALA C 244 -18.75 9.23 -26.12
N PRO C 245 -17.51 8.93 -25.70
CA PRO C 245 -16.52 9.97 -25.41
C PRO C 245 -16.05 10.68 -26.69
N LYS C 246 -15.32 11.76 -26.50
CA LYS C 246 -14.83 12.66 -27.57
C LYS C 246 -14.35 11.97 -28.85
N VAL C 247 -13.46 11.00 -28.73
CA VAL C 247 -12.83 10.47 -29.94
C VAL C 247 -13.82 9.59 -30.72
N TYR C 248 -14.67 8.85 -30.02
CA TYR C 248 -15.65 8.02 -30.71
C TYR C 248 -16.79 8.85 -31.31
N ALA C 249 -17.25 9.85 -30.56
CA ALA C 249 -18.30 10.72 -31.03
C ALA C 249 -17.88 11.51 -32.28
N GLU C 250 -16.64 11.98 -32.28
CA GLU C 250 -16.10 12.67 -33.45
C GLU C 250 -16.00 11.71 -34.64
N ALA C 251 -15.61 10.47 -34.39
CA ALA C 251 -15.58 9.46 -35.45
C ALA C 251 -16.95 9.27 -36.10
N VAL C 252 -18.00 9.25 -35.27
CA VAL C 252 -19.37 9.06 -35.75
C VAL C 252 -19.87 10.24 -36.58
N VAL C 253 -19.73 11.44 -36.02
CA VAL C 253 -20.32 12.64 -36.61
C VAL C 253 -19.53 13.07 -37.86
N GLU C 254 -18.22 12.88 -37.83
CA GLU C 254 -17.38 13.16 -38.99
C GLU C 254 -17.74 12.22 -40.14
N SER C 255 -17.86 10.93 -39.87
CA SER C 255 -18.33 9.97 -40.87
C SER C 255 -19.69 10.37 -41.43
N ALA C 256 -20.58 10.83 -40.55
CA ALA C 256 -21.91 11.24 -40.98
C ALA C 256 -21.79 12.34 -42.03
N VAL C 257 -20.95 13.33 -41.76
CA VAL C 257 -20.72 14.41 -42.70
C VAL C 257 -20.09 13.88 -44.00
N GLN C 258 -19.10 13.00 -43.88
CA GLN C 258 -18.41 12.47 -45.04
C GLN C 258 -19.31 11.59 -45.91
N LEU C 259 -20.24 10.89 -45.26
CA LEU C 259 -21.05 9.89 -45.96
C LEU C 259 -22.44 10.42 -46.32
N ASN C 260 -22.62 11.73 -46.20
CA ASN C 260 -23.84 12.43 -46.63
C ASN C 260 -25.11 11.95 -45.95
N VAL C 261 -25.01 11.63 -44.67
CA VAL C 261 -26.20 11.30 -43.88
C VAL C 261 -27.01 12.58 -43.66
N THR C 262 -28.32 12.52 -43.88
CA THR C 262 -29.18 13.70 -43.79
C THR C 262 -30.45 13.45 -42.97
N ASN C 263 -31.12 14.53 -42.58
CA ASN C 263 -32.45 14.47 -41.97
C ASN C 263 -32.53 13.58 -40.74
N LYS C 264 -31.51 13.66 -39.90
CA LYS C 264 -31.49 12.89 -38.68
C LYS C 264 -31.62 13.81 -37.48
N VAL C 265 -32.12 13.25 -36.38
CA VAL C 265 -32.04 13.95 -35.10
C VAL C 265 -31.03 13.25 -34.21
N TRP C 266 -29.94 13.94 -33.88
CA TRP C 266 -28.86 13.34 -33.09
C TRP C 266 -28.99 13.75 -31.63
N ILE C 267 -28.81 12.81 -30.70
CA ILE C 267 -28.84 13.21 -29.31
C ILE C 267 -27.52 12.92 -28.61
N ALA C 268 -26.92 13.96 -28.04
CA ALA C 268 -25.60 13.84 -27.41
C ALA C 268 -25.71 13.71 -25.90
N ASP C 269 -24.92 12.80 -25.32
CA ASP C 269 -24.72 12.80 -23.85
C ASP C 269 -23.81 13.97 -23.50
N ASP C 270 -23.56 14.20 -22.22
CA ASP C 270 -22.86 15.43 -21.84
C ASP C 270 -21.35 15.39 -22.07
N GLY C 271 -20.83 14.24 -22.50
CA GLY C 271 -19.42 14.13 -22.82
C GLY C 271 -19.06 14.63 -24.22
N TRP C 272 -20.05 14.92 -25.06
CA TRP C 272 -19.74 15.58 -26.34
C TRP C 272 -20.78 16.59 -26.82
N SER C 273 -21.85 16.82 -26.04
CA SER C 273 -22.80 17.86 -26.39
C SER C 273 -22.12 19.25 -26.42
N LEU C 274 -21.03 19.40 -25.67
CA LEU C 274 -20.26 20.64 -25.69
C LEU C 274 -18.93 20.47 -26.40
N ASN C 275 -18.83 19.45 -27.24
CA ASN C 275 -17.71 19.31 -28.18
C ASN C 275 -17.50 20.64 -28.92
N LYS C 276 -16.23 21.02 -29.08
CA LYS C 276 -15.89 22.33 -29.65
C LYS C 276 -15.43 22.23 -31.10
N LYS C 277 -14.98 21.05 -31.53
CA LYS C 277 -14.55 20.84 -32.91
C LYS C 277 -15.71 20.63 -33.88
N LEU C 278 -16.65 19.76 -33.52
CA LEU C 278 -17.74 19.37 -34.40
C LEU C 278 -18.73 20.47 -34.83
N PRO C 279 -19.16 21.36 -33.91
CA PRO C 279 -20.15 22.36 -34.36
C PRO C 279 -19.64 23.30 -35.46
N SER C 280 -18.32 23.39 -35.62
CA SER C 280 -17.77 24.37 -36.55
C SER C 280 -17.24 23.74 -37.83
N MET C 281 -17.32 22.42 -37.94
CA MET C 281 -16.78 21.76 -39.12
C MET C 281 -17.69 21.95 -40.32
N ASN C 282 -17.09 22.02 -41.51
CA ASN C 282 -17.80 22.22 -42.76
C ASN C 282 -18.81 21.11 -43.03
N GLY C 283 -20.03 21.49 -43.36
CA GLY C 283 -21.07 20.53 -43.69
C GLY C 283 -21.79 19.92 -42.50
N ILE C 284 -21.50 20.38 -41.29
CA ILE C 284 -22.14 19.83 -40.09
C ILE C 284 -23.66 20.06 -40.09
N GLN C 285 -24.11 21.13 -40.73
CA GLN C 285 -25.53 21.48 -40.70
C GLN C 285 -26.38 20.53 -41.54
N ASN C 286 -25.73 19.71 -42.35
CA ASN C 286 -26.42 18.86 -43.30
C ASN C 286 -26.81 17.47 -42.80
N ILE C 287 -26.33 17.08 -41.62
CA ILE C 287 -26.72 15.79 -41.09
C ILE C 287 -28.02 15.86 -40.28
N GLY C 288 -28.58 17.05 -40.15
CA GLY C 288 -29.84 17.23 -39.46
C GLY C 288 -29.75 18.14 -38.27
N THR C 289 -30.37 17.73 -37.18
CA THR C 289 -30.45 18.54 -35.96
C THR C 289 -29.71 17.85 -34.83
N VAL C 290 -28.83 18.58 -34.16
CA VAL C 290 -28.13 18.02 -33.01
C VAL C 290 -28.70 18.57 -31.71
N LEU C 291 -29.19 17.67 -30.86
CA LEU C 291 -29.65 18.04 -29.51
C LEU C 291 -28.77 17.32 -28.53
N GLY C 292 -28.83 17.71 -27.27
CA GLY C 292 -28.04 17.02 -26.29
C GLY C 292 -28.32 17.38 -24.85
N VAL C 293 -27.84 16.52 -23.98
CA VAL C 293 -27.77 16.76 -22.56
C VAL C 293 -26.40 17.38 -22.27
N ALA C 294 -26.38 18.50 -21.54
CA ALA C 294 -25.10 19.12 -21.24
C ALA C 294 -25.00 19.52 -19.79
N GLN C 295 -23.79 19.56 -19.28
CA GLN C 295 -23.51 20.24 -18.02
C GLN C 295 -23.54 21.74 -18.28
N PRO C 296 -24.33 22.47 -17.48
CA PRO C 296 -24.35 23.93 -17.57
C PRO C 296 -22.93 24.47 -17.35
N VAL C 297 -22.59 25.55 -18.04
CA VAL C 297 -21.29 26.18 -17.85
C VAL C 297 -21.22 26.80 -16.48
N VAL C 298 -20.30 26.30 -15.65
CA VAL C 298 -20.09 26.85 -14.33
C VAL C 298 -18.84 27.71 -14.33
N THR C 299 -19.00 29.00 -14.10
CA THR C 299 -17.85 29.89 -14.08
C THR C 299 -17.05 29.68 -12.82
N ILE C 300 -15.74 29.48 -13.00
CA ILE C 300 -14.81 29.36 -11.89
C ILE C 300 -13.96 30.62 -11.83
N PRO C 301 -14.31 31.57 -10.96
CA PRO C 301 -13.60 32.85 -10.87
C PRO C 301 -12.10 32.68 -10.62
N GLY C 302 -11.28 33.35 -11.44
CA GLY C 302 -9.82 33.28 -11.32
C GLY C 302 -9.15 32.29 -12.25
N PHE C 303 -9.89 31.34 -12.81
CA PHE C 303 -9.24 30.28 -13.59
C PHE C 303 -8.62 30.82 -14.87
N THR C 304 -9.33 31.73 -15.53
CA THR C 304 -8.83 32.40 -16.73
C THR C 304 -7.46 33.01 -16.48
N ASP C 305 -7.32 33.81 -15.43
CA ASP C 305 -6.02 34.35 -15.04
C ASP C 305 -4.98 33.25 -14.79
N PHE C 306 -5.39 32.17 -14.13
CA PHE C 306 -4.47 31.09 -13.82
C PHE C 306 -3.96 30.42 -15.10
N ILE C 307 -4.83 30.27 -16.10
CA ILE C 307 -4.44 29.63 -17.34
C ILE C 307 -3.39 30.46 -18.11
N TYR C 308 -3.59 31.78 -18.19
CA TYR C 308 -2.62 32.66 -18.85
C TYR C 308 -1.24 32.53 -18.21
N SER C 309 -1.21 32.42 -16.88
CA SER C 309 0.04 32.33 -16.14
C SER C 309 0.66 30.93 -16.15
N ALA C 310 -0.14 29.90 -16.44
CA ALA C 310 0.37 28.53 -16.47
C ALA C 310 0.93 28.12 -17.84
N ILE C 311 0.36 28.65 -18.91
CA ILE C 311 0.80 28.26 -20.26
C ILE C 311 2.26 28.64 -20.50
N SER C 312 2.68 29.80 -19.98
CA SER C 312 4.05 30.26 -20.16
C SER C 312 5.03 29.41 -19.36
N GLN C 313 5.84 28.63 -20.06
CA GLN C 313 6.78 27.73 -19.40
C GLN C 313 8.02 27.47 -20.25
N GLN C 321 13.97 17.45 -14.68
CA GLN C 321 13.99 16.69 -15.92
C GLN C 321 13.68 15.22 -15.66
N LYS C 322 14.73 14.43 -15.37
CA LYS C 322 14.55 13.04 -15.04
C LYS C 322 13.75 12.91 -13.74
N MET C 323 12.54 12.38 -13.86
CA MET C 323 11.65 12.22 -12.71
C MET C 323 11.01 10.83 -12.67
N PHE C 324 9.73 10.80 -13.03
CA PHE C 324 8.91 9.62 -12.90
C PHE C 324 7.99 9.55 -14.14
N CYS C 325 7.52 8.35 -14.47
CA CYS C 325 6.76 8.16 -15.69
C CYS C 325 5.39 8.85 -15.67
N ASN C 326 4.92 9.20 -16.87
CA ASN C 326 3.61 9.77 -17.06
C ASN C 326 3.44 11.08 -16.32
N GLN C 327 4.53 11.83 -16.19
CA GLN C 327 4.45 13.17 -15.64
C GLN C 327 5.14 14.16 -16.58
N LYS C 328 4.77 14.10 -17.85
CA LYS C 328 5.36 14.95 -18.86
C LYS C 328 4.29 15.41 -19.82
N CYS C 329 4.19 16.70 -20.06
CA CYS C 329 3.11 17.20 -20.91
C CYS C 329 3.47 17.24 -22.40
N ASN C 330 4.70 17.67 -22.71
CA ASN C 330 5.16 17.85 -24.08
C ASN C 330 4.14 18.67 -24.88
N CYS C 331 3.71 19.77 -24.29
CA CYS C 331 2.63 20.58 -24.87
C CYS C 331 3.00 22.06 -24.77
N SER C 332 4.26 22.36 -25.04
CA SER C 332 4.87 23.65 -24.70
C SER C 332 4.38 24.86 -25.50
N ASN C 333 4.12 24.70 -26.79
CA ASN C 333 3.61 25.81 -27.57
C ASN C 333 2.10 25.72 -27.77
N LEU C 334 1.37 26.34 -26.85
CA LEU C 334 -0.06 26.08 -26.74
C LEU C 334 -0.89 27.36 -26.79
N SER C 335 -1.91 27.35 -27.65
CA SER C 335 -2.83 28.47 -27.74
C SER C 335 -3.62 28.61 -26.44
N VAL C 336 -3.34 29.66 -25.69
CA VAL C 336 -4.03 29.94 -24.44
C VAL C 336 -5.52 30.19 -24.71
N LYS C 337 -5.82 30.77 -25.86
CA LYS C 337 -7.19 31.02 -26.25
C LYS C 337 -7.91 29.70 -26.41
N SER C 338 -7.28 28.80 -27.16
CA SER C 338 -7.90 27.51 -27.47
C SER C 338 -8.10 26.68 -26.20
N LEU C 339 -7.22 26.88 -25.22
CA LEU C 339 -7.33 26.17 -23.95
C LEU C 339 -8.50 26.73 -23.13
N LEU C 340 -8.59 28.05 -23.08
CA LEU C 340 -9.67 28.72 -22.37
C LEU C 340 -11.05 28.40 -22.95
N ASN C 341 -11.12 28.29 -24.28
CA ASN C 341 -12.37 28.07 -24.98
C ASN C 341 -12.71 26.59 -25.18
N ALA C 342 -11.84 25.70 -24.72
CA ALA C 342 -12.07 24.25 -24.80
C ALA C 342 -13.29 23.83 -23.98
N ASP C 343 -13.88 22.69 -24.34
CA ASP C 343 -15.00 22.12 -23.58
C ASP C 343 -14.77 22.23 -22.07
N PRO C 344 -15.55 23.08 -21.39
CA PRO C 344 -15.39 23.32 -19.95
C PRO C 344 -16.20 22.35 -19.07
N SER C 345 -16.80 21.33 -19.69
CA SER C 345 -17.48 20.31 -18.90
C SER C 345 -16.56 19.68 -17.85
N PHE C 346 -17.17 19.30 -16.72
CA PHE C 346 -16.48 18.65 -15.60
C PHE C 346 -15.58 19.61 -14.81
N SER C 347 -15.65 20.90 -15.09
CA SER C 347 -14.85 21.89 -14.36
C SER C 347 -15.22 21.95 -12.88
N PHE C 348 -16.48 22.22 -12.57
CA PHE C 348 -16.89 22.24 -11.16
C PHE C 348 -16.72 20.86 -10.49
N PRO C 349 -16.98 19.75 -11.21
CA PRO C 349 -16.65 18.45 -10.61
C PRO C 349 -15.18 18.27 -10.16
N VAL C 350 -14.20 18.73 -10.96
CA VAL C 350 -12.81 18.69 -10.52
C VAL C 350 -12.60 19.59 -9.31
N TYR C 351 -13.06 20.83 -9.43
CA TYR C 351 -12.93 21.85 -8.39
C TYR C 351 -13.52 21.40 -7.04
N ALA C 352 -14.74 20.87 -7.11
CA ALA C 352 -15.44 20.34 -5.95
C ALA C 352 -14.73 19.11 -5.33
N ALA C 353 -14.13 18.28 -6.17
CA ALA C 353 -13.41 17.11 -5.67
C ALA C 353 -12.18 17.50 -4.83
N VAL C 354 -11.37 18.42 -5.34
CA VAL C 354 -10.23 18.94 -4.57
C VAL C 354 -10.71 19.58 -3.25
N TYR C 355 -11.72 20.44 -3.33
CA TYR C 355 -12.24 21.08 -2.12
C TYR C 355 -12.82 20.08 -1.10
N ALA C 356 -13.50 19.04 -1.59
CA ALA C 356 -14.03 18.04 -0.70
C ALA C 356 -12.89 17.41 0.10
N ILE C 357 -11.80 17.05 -0.58
CA ILE C 357 -10.69 16.39 0.12
C ILE C 357 -10.04 17.38 1.11
N ALA C 358 -9.91 18.64 0.71
CA ALA C 358 -9.32 19.68 1.57
C ALA C 358 -10.17 19.94 2.82
N HIS C 359 -11.48 20.05 2.66
CA HIS C 359 -12.38 20.19 3.80
C HIS C 359 -12.26 18.96 4.68
N ALA C 360 -12.19 17.79 4.04
CA ALA C 360 -12.08 16.53 4.78
C ALA C 360 -10.81 16.54 5.67
N LEU C 361 -9.69 16.92 5.07
CA LEU C 361 -8.43 17.14 5.82
C LEU C 361 -8.56 18.18 6.96
N HIS C 362 -9.13 19.34 6.63
CA HIS C 362 -9.29 20.43 7.59
C HIS C 362 -10.07 19.95 8.82
N ASN C 363 -11.15 19.21 8.58
CA ASN C 363 -11.99 18.71 9.66
C ASN C 363 -11.33 17.54 10.41
N THR C 364 -10.64 16.67 9.68
CA THR C 364 -9.88 15.60 10.30
C THR C 364 -8.80 16.13 11.23
N LEU C 365 -8.11 17.17 10.80
CA LEU C 365 -7.09 17.78 11.66
C LEU C 365 -7.69 18.58 12.80
N ARG C 366 -9.00 18.84 12.74
CA ARG C 366 -9.70 19.67 13.71
C ARG C 366 -9.17 21.11 13.68
N CYS C 367 -8.94 21.62 12.47
CA CYS C 367 -8.51 23.00 12.23
C CYS C 367 -9.56 24.03 12.68
N GLY C 368 -9.09 25.18 13.12
CA GLY C 368 -9.93 26.34 13.31
C GLY C 368 -9.78 27.27 12.11
N SER C 369 -10.36 28.46 12.18
CA SER C 369 -10.25 29.39 11.06
C SER C 369 -8.88 30.07 11.02
N ASP C 370 -8.10 29.93 12.09
CA ASP C 370 -6.80 30.57 12.17
C ASP C 370 -5.61 29.62 12.28
N ARG C 371 -5.84 28.40 12.76
CA ARG C 371 -4.75 27.41 12.86
C ARG C 371 -5.23 25.97 12.96
N CYS C 372 -4.30 25.05 12.69
CA CYS C 372 -4.55 23.61 12.81
C CYS C 372 -3.64 23.01 13.86
N PRO C 373 -4.24 22.23 14.78
CA PRO C 373 -3.47 21.48 15.78
C PRO C 373 -2.45 20.60 15.08
N LYS C 374 -1.17 20.79 15.35
CA LYS C 374 -0.15 19.93 14.78
C LYS C 374 -0.12 18.63 15.57
N ASN C 375 0.51 17.61 14.99
CA ASN C 375 0.61 16.28 15.60
C ASN C 375 -0.76 15.65 15.88
N ILE C 376 -1.63 15.69 14.86
CA ILE C 376 -2.80 14.82 14.78
C ILE C 376 -2.60 13.96 13.53
N THR C 377 -2.51 12.65 13.73
CA THR C 377 -2.09 11.74 12.66
C THR C 377 -3.20 11.46 11.67
N VAL C 378 -2.95 11.78 10.40
CA VAL C 378 -3.97 11.58 9.36
C VAL C 378 -3.83 10.27 8.62
N HIS C 379 -4.82 9.39 8.77
CA HIS C 379 -4.87 8.18 7.98
C HIS C 379 -5.94 8.32 6.89
N PRO C 380 -5.70 7.77 5.69
CA PRO C 380 -6.64 7.88 4.57
C PRO C 380 -8.09 7.54 4.92
N HIS C 381 -8.33 6.58 5.79
CA HIS C 381 -9.70 6.21 6.15
C HIS C 381 -10.37 7.30 7.01
N MET C 382 -9.58 8.09 7.72
CA MET C 382 -10.13 9.24 8.44
C MET C 382 -10.66 10.26 7.46
N ILE C 383 -9.92 10.48 6.38
CA ILE C 383 -10.36 11.38 5.33
C ILE C 383 -11.64 10.86 4.69
N LEU C 384 -11.73 9.54 4.53
CA LEU C 384 -12.95 8.92 4.01
C LEU C 384 -14.19 9.23 4.89
N GLU C 385 -14.03 9.13 6.20
CA GLU C 385 -15.16 9.37 7.10
C GLU C 385 -15.71 10.82 6.93
N GLU C 386 -14.82 11.80 6.86
CA GLU C 386 -15.24 13.19 6.63
C GLU C 386 -15.78 13.44 5.23
N LEU C 387 -15.17 12.85 4.21
CA LEU C 387 -15.64 13.03 2.83
C LEU C 387 -17.11 12.67 2.73
N LYS C 388 -17.49 11.54 3.33
CA LYS C 388 -18.88 11.10 3.27
C LYS C 388 -19.83 12.06 4.01
N LYS C 389 -19.30 12.77 5.01
CA LYS C 389 -20.07 13.75 5.79
C LYS C 389 -19.99 15.15 5.19
N SER C 390 -19.33 15.28 4.04
CA SER C 390 -19.15 16.59 3.39
C SER C 390 -20.44 17.42 3.47
N ASN C 391 -20.29 18.67 3.85
CA ASN C 391 -21.40 19.60 3.97
C ASN C 391 -20.88 21.03 4.00
N PHE C 392 -20.57 21.56 2.82
CA PHE C 392 -20.00 22.91 2.74
C PHE C 392 -20.44 23.57 1.45
N THR C 393 -20.46 24.89 1.45
CA THR C 393 -20.83 25.64 0.28
C THR C 393 -19.60 26.00 -0.55
N LEU C 394 -19.78 26.09 -1.85
CA LEU C 394 -18.72 26.41 -2.78
C LEU C 394 -19.38 27.02 -4.00
N LEU C 395 -19.03 28.27 -4.30
CA LEU C 395 -19.62 29.03 -5.40
C LEU C 395 -21.16 28.91 -5.40
N ASN C 396 -21.77 29.08 -4.24
CA ASN C 396 -23.23 29.04 -4.09
C ASN C 396 -23.83 27.67 -4.48
N GLN C 397 -23.03 26.62 -4.40
CA GLN C 397 -23.60 25.28 -4.49
C GLN C 397 -23.31 24.59 -3.18
N THR C 398 -24.08 23.58 -2.86
CA THR C 398 -23.85 22.87 -1.62
C THR C 398 -23.25 21.54 -1.95
N VAL C 399 -22.08 21.27 -1.38
CA VAL C 399 -21.33 20.04 -1.68
C VAL C 399 -21.63 18.98 -0.65
N GLN C 400 -22.22 17.89 -1.12
CA GLN C 400 -22.71 16.81 -0.28
C GLN C 400 -22.77 15.55 -1.13
N PHE C 401 -22.57 14.39 -0.52
CA PHE C 401 -22.70 13.10 -1.20
C PHE C 401 -23.72 12.24 -0.48
N ASP C 402 -24.43 11.38 -1.21
CA ASP C 402 -25.44 10.51 -0.57
C ASP C 402 -24.75 9.27 -0.02
N GLU C 403 -25.56 8.28 0.37
CA GLU C 403 -25.03 7.07 1.00
C GLU C 403 -24.27 6.19 0.01
N ASN C 404 -24.48 6.46 -1.28
CA ASN C 404 -23.81 5.77 -2.36
C ASN C 404 -22.53 6.49 -2.80
N GLY C 405 -22.28 7.67 -2.24
CA GLY C 405 -21.09 8.43 -2.59
C GLY C 405 -21.28 9.16 -3.89
N ASP C 406 -22.52 9.17 -4.38
CA ASP C 406 -22.89 9.99 -5.54
C ASP C 406 -23.14 11.42 -5.07
N PRO C 407 -22.98 12.40 -5.96
CA PRO C 407 -23.18 13.81 -5.57
C PRO C 407 -24.65 14.23 -5.47
N LYS C 408 -24.95 15.20 -4.60
CA LYS C 408 -26.31 15.73 -4.46
C LYS C 408 -26.42 17.14 -5.04
N PHE C 409 -25.41 17.50 -5.81
CA PHE C 409 -25.36 18.81 -6.40
C PHE C 409 -25.19 18.68 -7.92
N GLY C 410 -25.36 19.78 -8.63
CA GLY C 410 -25.14 19.79 -10.07
C GLY C 410 -26.42 19.48 -10.82
N SER C 411 -26.56 20.07 -12.00
CA SER C 411 -27.74 19.80 -12.80
C SER C 411 -27.35 19.61 -14.26
N LEU C 412 -28.36 19.41 -15.07
CA LEU C 412 -28.19 19.18 -16.49
C LEU C 412 -29.08 20.12 -17.28
N SER C 413 -28.59 20.54 -18.45
CA SER C 413 -29.39 21.29 -19.38
C SER C 413 -29.56 20.53 -20.69
N VAL C 414 -30.54 20.95 -21.46
CA VAL C 414 -30.72 20.49 -22.83
C VAL C 414 -30.22 21.58 -23.79
N VAL C 415 -29.46 21.19 -24.80
CA VAL C 415 -28.92 22.14 -25.75
C VAL C 415 -29.27 21.78 -27.19
N PHE C 416 -29.20 22.77 -28.06
CA PHE C 416 -29.42 22.60 -29.48
C PHE C 416 -28.23 23.27 -30.15
N TRP C 417 -27.56 22.54 -31.04
CA TRP C 417 -26.46 23.12 -31.80
C TRP C 417 -27.04 24.10 -32.82
N ASN C 418 -26.87 25.40 -32.60
CA ASN C 418 -27.53 26.38 -33.44
C ASN C 418 -26.63 26.89 -34.56
N SER C 419 -27.20 27.63 -35.51
CA SER C 419 -26.50 27.97 -36.74
C SER C 419 -25.27 28.84 -36.50
N SER C 420 -25.15 29.40 -35.31
CA SER C 420 -23.99 30.20 -34.94
C SER C 420 -22.82 29.32 -34.48
N GLY C 421 -23.10 28.04 -34.24
CA GLY C 421 -22.08 27.13 -33.75
C GLY C 421 -22.02 27.01 -32.24
N ASN C 422 -23.05 27.50 -31.54
CA ASN C 422 -23.10 27.35 -30.09
C ASN C 422 -24.09 26.26 -29.66
N ALA C 423 -23.81 25.68 -28.49
CA ALA C 423 -24.75 24.76 -27.88
C ALA C 423 -25.72 25.58 -27.04
N GLU C 424 -26.85 25.94 -27.64
CA GLU C 424 -27.79 26.88 -27.04
C GLU C 424 -28.70 26.17 -26.05
N GLU C 425 -28.73 26.65 -24.80
CA GLU C 425 -29.59 26.01 -23.83
C GLU C 425 -31.06 26.25 -24.17
N VAL C 426 -31.80 25.16 -24.22
CA VAL C 426 -33.20 25.20 -24.64
C VAL C 426 -34.08 24.44 -23.66
N GLY C 427 -33.50 24.01 -22.54
CA GLY C 427 -34.25 23.23 -21.59
C GLY C 427 -33.41 22.86 -20.37
N SER C 428 -34.06 22.21 -19.40
CA SER C 428 -33.45 21.91 -18.12
C SER C 428 -33.92 20.57 -17.62
N TYR C 429 -33.02 19.85 -16.98
CA TYR C 429 -33.37 18.60 -16.33
C TYR C 429 -33.04 18.71 -14.85
N HIS C 430 -34.04 18.50 -14.02
CA HIS C 430 -33.80 18.36 -12.58
C HIS C 430 -34.32 16.97 -12.19
N PHE C 431 -33.95 16.52 -10.99
CA PHE C 431 -34.25 15.15 -10.59
C PHE C 431 -35.44 15.08 -9.63
N GLN C 432 -36.36 16.04 -9.73
CA GLN C 432 -37.50 16.13 -8.82
C GLN C 432 -38.85 16.32 -9.51
N SER C 433 -38.94 17.34 -10.36
CA SER C 433 -40.21 17.80 -10.93
C SER C 433 -41.06 16.73 -11.61
N SER C 434 -42.35 17.02 -11.79
CA SER C 434 -43.28 16.12 -12.46
C SER C 434 -42.90 15.95 -13.94
N ILE C 435 -43.00 17.03 -14.71
CA ILE C 435 -42.40 17.07 -16.05
C ILE C 435 -40.90 17.14 -15.87
N HIS C 436 -40.30 15.98 -15.55
CA HIS C 436 -38.88 15.88 -15.22
C HIS C 436 -38.01 16.73 -16.14
N LEU C 437 -38.28 16.61 -17.44
CA LEU C 437 -37.57 17.44 -18.40
C LEU C 437 -38.51 18.40 -19.14
N SER C 438 -38.21 19.69 -19.05
CA SER C 438 -38.92 20.69 -19.83
C SER C 438 -38.02 21.33 -20.91
N ILE C 439 -38.53 21.41 -22.14
CA ILE C 439 -37.82 21.95 -23.28
C ILE C 439 -38.59 23.11 -23.90
N ASN C 440 -37.86 24.13 -24.34
CA ASN C 440 -38.38 25.17 -25.21
C ASN C 440 -38.22 24.71 -26.67
N LYS C 441 -39.31 24.28 -27.30
CA LYS C 441 -39.19 23.72 -28.65
C LYS C 441 -39.05 24.76 -29.76
N THR C 442 -39.58 25.95 -29.54
CA THR C 442 -39.51 26.98 -30.57
C THR C 442 -38.07 27.49 -30.77
N LYS C 443 -37.21 27.30 -29.78
CA LYS C 443 -35.80 27.67 -29.92
C LYS C 443 -35.05 26.72 -30.85
N ILE C 444 -35.58 25.51 -31.00
CA ILE C 444 -34.95 24.51 -31.84
C ILE C 444 -35.40 24.73 -33.28
N LYS C 445 -34.43 25.04 -34.16
CA LYS C 445 -34.68 25.21 -35.59
C LYS C 445 -34.34 23.91 -36.31
N TRP C 446 -35.24 23.46 -37.20
CA TRP C 446 -35.13 22.12 -37.76
C TRP C 446 -34.61 22.08 -39.20
N PRO D 2 0.91 -45.90 -6.63
CA PRO D 2 2.20 -45.26 -6.96
C PRO D 2 3.07 -45.04 -5.72
N ASN D 3 4.38 -45.16 -5.92
CA ASN D 3 5.33 -45.14 -4.81
C ASN D 3 5.62 -43.74 -4.30
N TRP D 4 5.48 -42.73 -5.16
CA TRP D 4 5.82 -41.36 -4.77
C TRP D 4 4.81 -40.73 -3.81
N PHE D 5 3.62 -41.34 -3.68
CA PHE D 5 2.64 -40.93 -2.69
C PHE D 5 3.22 -40.86 -1.28
N ASN D 6 4.25 -41.68 -1.03
CA ASN D 6 4.83 -41.79 0.31
C ASN D 6 5.74 -40.64 0.70
N ASN D 7 6.26 -39.92 -0.29
CA ASN D 7 7.15 -38.80 -0.01
C ASN D 7 6.48 -37.45 -0.29
N ILE D 8 5.15 -37.44 -0.31
CA ILE D 8 4.42 -36.17 -0.45
C ILE D 8 4.35 -35.47 0.90
N SER D 9 4.29 -34.14 0.85
CA SER D 9 4.25 -33.35 2.07
C SER D 9 2.80 -33.01 2.47
N THR D 10 2.61 -32.73 3.76
CA THR D 10 1.31 -32.36 4.27
C THR D 10 1.05 -30.86 4.16
N ASP D 11 1.83 -30.17 3.33
CA ASP D 11 1.63 -28.74 3.07
C ASP D 11 0.52 -28.54 2.06
N LEU D 12 -0.58 -27.90 2.51
CA LEU D 12 -1.74 -27.72 1.64
C LEU D 12 -1.64 -26.50 0.71
N PHE D 13 -1.40 -25.33 1.28
CA PHE D 13 -1.56 -24.11 0.52
C PHE D 13 -0.25 -23.36 0.39
N SER D 14 0.82 -23.99 0.83
CA SER D 14 2.12 -23.33 0.78
C SER D 14 3.26 -24.35 0.68
N MET D 15 3.62 -24.71 -0.55
CA MET D 15 4.80 -25.56 -0.78
C MET D 15 5.96 -24.72 -1.29
N PRO D 16 7.09 -24.77 -0.58
CA PRO D 16 8.37 -24.20 -1.03
C PRO D 16 8.82 -24.83 -2.35
N GLY D 17 9.75 -24.19 -3.04
CA GLY D 17 10.22 -24.65 -4.32
C GLY D 17 11.13 -23.61 -4.96
N ASP D 18 11.85 -24.01 -5.99
CA ASP D 18 12.77 -23.09 -6.67
C ASP D 18 12.00 -22.03 -7.46
N ILE D 19 11.04 -22.48 -8.26
CA ILE D 19 10.12 -21.61 -8.95
C ILE D 19 8.72 -21.75 -8.30
N LYS D 20 8.05 -20.64 -8.05
CA LYS D 20 6.77 -20.71 -7.34
C LYS D 20 5.58 -20.20 -8.15
N LEU D 21 4.43 -20.84 -7.99
CA LEU D 21 3.22 -20.40 -8.64
C LEU D 21 2.27 -19.77 -7.66
N GLY D 22 1.50 -18.80 -8.12
CA GLY D 22 0.40 -18.30 -7.33
C GLY D 22 -0.86 -19.11 -7.60
N GLY D 23 -1.59 -19.43 -6.53
CA GLY D 23 -2.89 -20.06 -6.67
C GLY D 23 -3.98 -19.19 -6.06
N LEU D 24 -5.10 -19.04 -6.77
CA LEU D 24 -6.27 -18.32 -6.25
C LEU D 24 -7.54 -19.17 -6.35
N PHE D 25 -8.07 -19.61 -5.22
CA PHE D 25 -9.26 -20.46 -5.24
C PHE D 25 -10.35 -19.88 -4.32
N PRO D 26 -11.63 -20.12 -4.64
CA PRO D 26 -12.71 -19.73 -3.74
C PRO D 26 -12.93 -20.79 -2.67
N ILE D 27 -12.09 -20.77 -1.65
CA ILE D 27 -12.07 -21.80 -0.63
C ILE D 27 -13.09 -21.49 0.48
N LYS D 28 -13.24 -20.20 0.81
CA LYS D 28 -14.22 -19.82 1.81
C LYS D 28 -14.91 -18.49 1.41
N GLU D 29 -16.24 -18.53 1.38
CA GLU D 29 -17.06 -17.41 0.93
C GLU D 29 -17.91 -16.84 2.07
N GLN D 30 -18.69 -15.81 1.75
CA GLN D 30 -19.69 -15.26 2.68
C GLN D 30 -20.96 -16.11 2.64
N SER D 31 -21.65 -16.19 3.77
CA SER D 31 -22.88 -16.96 3.87
C SER D 31 -23.96 -16.42 2.92
N ASN D 32 -23.90 -15.12 2.65
CA ASN D 32 -24.90 -14.39 1.84
C ASN D 32 -26.30 -14.43 2.47
N ASN D 42 -11.86 -2.78 7.79
CA ASN D 42 -12.90 -3.44 7.01
C ASN D 42 -13.09 -4.91 7.39
N SER D 43 -14.36 -5.32 7.50
CA SER D 43 -14.71 -6.68 7.94
C SER D 43 -14.81 -7.66 6.77
N VAL D 44 -14.04 -8.74 6.86
CA VAL D 44 -13.98 -9.74 5.80
C VAL D 44 -15.28 -10.56 5.74
N SER D 45 -15.47 -11.44 6.74
CA SER D 45 -16.65 -12.32 6.89
C SER D 45 -16.70 -13.51 5.91
N CYS D 46 -15.56 -14.12 5.65
CA CYS D 46 -15.52 -15.25 4.72
C CYS D 46 -15.53 -16.56 5.49
N ASP D 47 -16.71 -16.95 5.98
CA ASP D 47 -16.82 -18.06 6.93
C ASP D 47 -17.52 -19.31 6.38
N SER D 48 -17.87 -19.28 5.10
CA SER D 48 -18.64 -20.36 4.52
C SER D 48 -17.77 -21.26 3.63
N LEU D 49 -17.41 -22.44 4.14
CA LEU D 49 -16.58 -23.38 3.39
C LEU D 49 -17.21 -23.73 2.05
N ASN D 50 -16.44 -23.57 0.99
CA ASN D 50 -16.85 -23.94 -0.36
C ASN D 50 -16.07 -25.18 -0.78
N LYS D 51 -16.73 -26.34 -0.71
CA LYS D 51 -16.05 -27.63 -0.83
C LYS D 51 -15.53 -27.92 -2.24
N ASP D 52 -16.26 -27.44 -3.25
CA ASP D 52 -15.76 -27.51 -4.60
C ASP D 52 -14.48 -26.66 -4.77
N GLY D 53 -14.42 -25.50 -4.11
CA GLY D 53 -13.24 -24.66 -4.20
C GLY D 53 -12.03 -25.29 -3.56
N LEU D 54 -12.26 -25.90 -2.39
CA LEU D 54 -11.24 -26.63 -1.66
C LEU D 54 -10.83 -27.90 -2.41
N GLY D 55 -11.81 -28.54 -3.04
CA GLY D 55 -11.55 -29.69 -3.88
C GLY D 55 -10.61 -29.36 -5.02
N ARG D 56 -10.86 -28.22 -5.66
CA ARG D 56 -10.05 -27.82 -6.80
C ARG D 56 -8.64 -27.42 -6.38
N ALA D 57 -8.53 -26.80 -5.20
CA ALA D 57 -7.21 -26.50 -4.64
C ALA D 57 -6.43 -27.78 -4.37
N LEU D 58 -7.11 -28.85 -3.96
CA LEU D 58 -6.43 -30.13 -3.75
C LEU D 58 -5.86 -30.67 -5.06
N VAL D 59 -6.54 -30.41 -6.18
CA VAL D 59 -6.06 -30.87 -7.47
C VAL D 59 -4.73 -30.22 -7.83
N MET D 60 -4.60 -28.93 -7.53
CA MET D 60 -3.33 -28.21 -7.76
C MET D 60 -2.23 -28.78 -6.89
N LYS D 61 -2.59 -29.09 -5.64
CA LYS D 61 -1.69 -29.75 -4.71
C LYS D 61 -1.22 -31.11 -5.28
N TYR D 62 -2.17 -31.91 -5.77
CA TYR D 62 -1.85 -33.17 -6.43
C TYR D 62 -0.94 -32.97 -7.66
N ALA D 63 -1.23 -32.00 -8.51
CA ALA D 63 -0.46 -31.82 -9.76
C ALA D 63 1.01 -31.47 -9.52
N VAL D 64 1.25 -30.62 -8.51
CA VAL D 64 2.58 -30.13 -8.23
C VAL D 64 3.45 -31.21 -7.59
N GLU D 65 2.86 -31.96 -6.65
CA GLU D 65 3.54 -33.10 -6.07
C GLU D 65 3.92 -34.13 -7.12
N GLU D 66 3.08 -34.24 -8.14
CA GLU D 66 3.30 -35.21 -9.21
C GLU D 66 4.33 -34.68 -10.20
N ILE D 67 4.37 -33.36 -10.35
CA ILE D 67 5.33 -32.75 -11.26
C ILE D 67 6.72 -32.92 -10.67
N ASN D 68 6.81 -32.73 -9.36
CA ASN D 68 8.06 -32.88 -8.64
C ASN D 68 8.50 -34.33 -8.56
N ALA D 69 7.55 -35.26 -8.50
CA ALA D 69 7.85 -36.68 -8.52
C ALA D 69 8.51 -37.07 -9.84
N ASN D 70 8.08 -36.42 -10.91
CA ASN D 70 8.52 -36.72 -12.26
C ASN D 70 9.92 -36.18 -12.55
N SER D 71 10.91 -37.08 -12.53
CA SER D 71 12.31 -36.72 -12.77
C SER D 71 12.56 -36.23 -14.19
N GLN D 72 11.68 -36.56 -15.12
CA GLN D 72 11.83 -36.14 -16.51
C GLN D 72 11.32 -34.72 -16.76
N LEU D 73 10.52 -34.21 -15.82
CA LEU D 73 9.88 -32.89 -15.96
C LEU D 73 10.45 -31.90 -14.96
N LEU D 74 10.91 -30.75 -15.48
CA LEU D 74 11.68 -29.77 -14.72
C LEU D 74 12.72 -30.44 -13.82
N PRO D 75 13.61 -31.27 -14.42
CA PRO D 75 14.58 -32.02 -13.61
C PRO D 75 15.55 -31.09 -12.85
N GLY D 76 15.66 -31.30 -11.55
CA GLY D 76 16.52 -30.47 -10.73
C GLY D 76 15.81 -29.29 -10.08
N VAL D 77 14.76 -28.79 -10.73
CA VAL D 77 14.02 -27.62 -10.24
C VAL D 77 12.76 -27.98 -9.47
N LYS D 78 12.75 -27.67 -8.18
CA LYS D 78 11.59 -27.93 -7.34
C LYS D 78 10.53 -26.85 -7.58
N LEU D 79 9.35 -27.30 -8.02
CA LEU D 79 8.23 -26.39 -8.25
C LEU D 79 7.36 -26.29 -7.00
N GLY D 80 7.12 -25.08 -6.52
CA GLY D 80 6.29 -24.83 -5.33
C GLY D 80 5.14 -23.87 -5.60
N TYR D 81 4.51 -23.35 -4.55
CA TYR D 81 3.41 -22.40 -4.71
C TYR D 81 2.89 -21.75 -3.43
N LYS D 82 2.05 -20.73 -3.58
CA LYS D 82 1.25 -20.22 -2.47
C LYS D 82 -0.18 -20.06 -2.94
N ILE D 83 -1.09 -20.73 -2.25
CA ILE D 83 -2.50 -20.67 -2.61
C ILE D 83 -3.23 -19.79 -1.62
N TYR D 84 -4.04 -18.87 -2.13
CA TYR D 84 -4.84 -18.03 -1.26
C TYR D 84 -6.31 -18.13 -1.59
N ASN D 85 -7.13 -17.99 -0.56
CA ASN D 85 -8.55 -17.83 -0.74
C ASN D 85 -8.86 -16.51 -1.41
N THR D 86 -9.73 -16.53 -2.41
CA THR D 86 -10.24 -15.31 -3.03
C THR D 86 -11.53 -14.79 -2.40
N CYS D 87 -12.23 -15.67 -1.69
CA CYS D 87 -13.54 -15.39 -1.11
C CYS D 87 -14.58 -14.92 -2.15
N ARG D 88 -14.26 -15.04 -3.43
CA ARG D 88 -15.07 -14.46 -4.50
C ARG D 88 -15.40 -12.99 -4.17
N HIS D 89 -14.44 -12.30 -3.57
CA HIS D 89 -14.65 -10.91 -3.15
C HIS D 89 -13.50 -10.03 -3.61
N SER D 90 -13.82 -8.90 -4.24
CA SER D 90 -12.79 -8.07 -4.83
C SER D 90 -11.82 -7.55 -3.77
N ALA D 91 -12.31 -7.27 -2.57
CA ALA D 91 -11.42 -6.77 -1.53
C ALA D 91 -10.45 -7.85 -1.05
N VAL D 92 -10.92 -9.09 -1.01
CA VAL D 92 -10.09 -10.17 -0.50
C VAL D 92 -9.02 -10.57 -1.51
N ILE D 93 -9.37 -10.56 -2.80
CA ILE D 93 -8.48 -11.14 -3.81
C ILE D 93 -7.28 -10.24 -4.11
N VAL D 94 -7.43 -8.93 -3.88
CA VAL D 94 -6.42 -7.96 -4.28
C VAL D 94 -5.08 -8.17 -3.58
N ARG D 95 -5.12 -8.46 -2.27
CA ARG D 95 -3.87 -8.60 -1.52
C ARG D 95 -3.01 -9.79 -1.99
N PRO D 96 -3.61 -10.99 -2.16
CA PRO D 96 -2.72 -12.07 -2.60
C PRO D 96 -2.22 -11.89 -4.02
N ALA D 97 -2.98 -11.21 -4.85
CA ALA D 97 -2.52 -10.85 -6.19
C ALA D 97 -1.29 -9.93 -6.11
N LEU D 98 -1.32 -8.96 -5.21
CA LEU D 98 -0.17 -8.06 -5.09
C LEU D 98 1.02 -8.82 -4.49
N SER D 99 0.74 -9.77 -3.59
CA SER D 99 1.81 -10.51 -2.95
C SER D 99 2.56 -11.36 -3.98
N PHE D 100 1.90 -11.72 -5.07
CA PHE D 100 2.54 -12.45 -6.17
C PHE D 100 3.59 -11.61 -6.87
N LEU D 101 3.45 -10.29 -6.72
CA LEU D 101 4.27 -9.33 -7.43
C LEU D 101 5.39 -8.73 -6.59
N THR D 102 5.46 -9.12 -5.31
CA THR D 102 6.53 -8.65 -4.45
C THR D 102 7.87 -9.21 -4.94
N GLU D 103 8.93 -8.43 -4.75
CA GLU D 103 10.27 -8.79 -5.19
C GLU D 103 10.71 -10.10 -4.51
N LYS D 104 11.16 -11.05 -5.33
CA LYS D 104 11.53 -12.38 -4.87
C LYS D 104 12.35 -12.40 -3.56
N SER D 105 13.42 -11.61 -3.49
CA SER D 105 14.29 -11.67 -2.32
C SER D 105 13.84 -10.81 -1.11
N ASN D 106 12.98 -9.81 -1.33
CA ASN D 106 12.61 -8.86 -0.27
C ASN D 106 11.22 -9.05 0.36
N GLY D 107 10.24 -9.47 -0.42
CA GLY D 107 8.88 -9.58 0.09
C GLY D 107 8.07 -8.30 0.06
N THR D 108 8.61 -7.26 -0.59
CA THR D 108 7.92 -5.99 -0.76
C THR D 108 7.72 -5.72 -2.24
N LEU D 109 6.65 -5.00 -2.59
CA LEU D 109 6.44 -4.61 -3.96
C LEU D 109 7.08 -3.24 -4.19
N SER D 110 7.99 -3.15 -5.16
CA SER D 110 8.71 -1.92 -5.45
C SER D 110 7.91 -0.99 -6.35
N VAL D 111 8.05 0.32 -6.13
CA VAL D 111 7.47 1.31 -7.02
C VAL D 111 8.43 1.68 -8.13
N GLU D 112 8.05 1.35 -9.37
CA GLU D 112 8.95 1.51 -10.49
C GLU D 112 8.16 1.74 -11.76
N CYS D 113 8.77 2.41 -12.74
CA CYS D 113 8.14 2.59 -14.05
C CYS D 113 8.46 1.46 -15.03
N ASN D 114 9.53 0.71 -14.76
CA ASN D 114 10.00 -0.37 -15.64
C ASN D 114 10.27 -1.63 -14.82
N TYR D 115 9.46 -2.66 -15.05
CA TYR D 115 9.61 -3.89 -14.26
C TYR D 115 10.31 -5.03 -15.03
N THR D 116 11.03 -4.67 -16.09
CA THR D 116 11.66 -5.70 -16.94
C THR D 116 12.78 -6.44 -16.21
N ASP D 117 13.51 -5.78 -15.31
CA ASP D 117 14.55 -6.46 -14.54
C ASP D 117 14.09 -6.80 -13.13
N TYR D 118 12.78 -6.93 -12.97
CA TYR D 118 12.19 -7.16 -11.66
C TYR D 118 11.79 -8.63 -11.48
N GLU D 119 12.35 -9.31 -10.48
CA GLU D 119 11.97 -10.70 -10.23
C GLU D 119 10.85 -10.79 -9.22
N THR D 120 9.64 -11.02 -9.72
CA THR D 120 8.49 -11.24 -8.85
C THR D 120 8.67 -12.56 -8.11
N ASP D 121 8.02 -12.67 -6.97
CA ASP D 121 8.10 -13.86 -6.15
C ASP D 121 7.50 -15.08 -6.87
N MET D 122 6.45 -14.84 -7.63
CA MET D 122 5.77 -15.89 -8.36
C MET D 122 6.04 -15.67 -9.83
N VAL D 123 5.98 -16.74 -10.61
CA VAL D 123 6.22 -16.60 -12.04
C VAL D 123 4.90 -16.71 -12.81
N ALA D 124 3.87 -17.27 -12.19
CA ALA D 124 2.57 -17.41 -12.84
C ALA D 124 1.45 -17.62 -11.83
N VAL D 125 0.21 -17.49 -12.30
CA VAL D 125 -0.92 -17.60 -11.41
C VAL D 125 -1.89 -18.66 -11.94
N ILE D 126 -2.35 -19.51 -11.04
CA ILE D 126 -3.38 -20.49 -11.35
C ILE D 126 -4.70 -20.00 -10.71
N GLY D 127 -5.71 -19.77 -11.53
CA GLY D 127 -6.96 -19.19 -11.04
C GLY D 127 -7.01 -17.72 -11.41
N PRO D 128 -7.99 -16.96 -10.88
CA PRO D 128 -9.08 -17.40 -10.03
C PRO D 128 -10.12 -18.20 -10.80
N GLN D 129 -11.16 -18.64 -10.10
CA GLN D 129 -12.18 -19.46 -10.72
C GLN D 129 -13.22 -18.60 -11.45
N SER D 130 -13.57 -17.49 -10.83
CA SER D 130 -14.69 -16.67 -11.28
C SER D 130 -14.30 -15.62 -12.32
N SER D 131 -15.21 -15.35 -13.26
CA SER D 131 -14.99 -14.27 -14.21
C SER D 131 -14.98 -12.89 -13.53
N GLU D 132 -15.82 -12.74 -12.52
CA GLU D 132 -15.87 -11.50 -11.75
C GLU D 132 -14.54 -11.25 -11.05
N MET D 133 -13.87 -12.32 -10.64
CA MET D 133 -12.59 -12.17 -9.96
C MET D 133 -11.50 -11.81 -10.96
N VAL D 134 -11.57 -12.37 -12.17
CA VAL D 134 -10.60 -12.03 -13.19
C VAL D 134 -10.65 -10.54 -13.54
N THR D 135 -11.84 -9.93 -13.51
CA THR D 135 -11.91 -8.52 -13.90
C THR D 135 -11.34 -7.61 -12.82
N VAL D 136 -11.19 -8.16 -11.61
CA VAL D 136 -10.57 -7.42 -10.52
C VAL D 136 -9.05 -7.31 -10.70
N ILE D 137 -8.40 -8.40 -11.10
CA ILE D 137 -6.93 -8.51 -11.12
C ILE D 137 -6.31 -8.71 -12.51
N GLY D 138 -7.14 -8.83 -13.55
CA GLY D 138 -6.66 -9.10 -14.88
C GLY D 138 -5.75 -8.01 -15.46
N LYS D 139 -6.16 -6.75 -15.31
CA LYS D 139 -5.39 -5.61 -15.77
C LYS D 139 -4.09 -5.48 -14.98
N LEU D 140 -4.17 -5.65 -13.65
CA LEU D 140 -2.99 -5.61 -12.78
C LEU D 140 -1.94 -6.63 -13.20
N LEU D 141 -2.34 -7.89 -13.21
CA LEU D 141 -1.44 -8.97 -13.61
C LEU D 141 -0.99 -8.80 -15.07
N GLY D 142 -1.89 -8.29 -15.90
CA GLY D 142 -1.61 -8.06 -17.31
C GLY D 142 -0.49 -7.07 -17.52
N PHE D 143 -0.47 -6.00 -16.70
CA PHE D 143 0.59 -4.98 -16.76
C PHE D 143 1.96 -5.61 -16.52
N PHE D 144 2.04 -6.49 -15.52
CA PHE D 144 3.27 -7.22 -15.23
C PHE D 144 3.55 -8.34 -16.24
N LEU D 145 2.60 -8.55 -17.15
CA LEU D 145 2.68 -9.62 -18.14
C LEU D 145 2.93 -10.94 -17.42
N MET D 146 2.27 -11.10 -16.29
CA MET D 146 2.37 -12.35 -15.56
C MET D 146 1.32 -13.32 -16.05
N PRO D 147 1.77 -14.50 -16.46
CA PRO D 147 0.80 -15.48 -16.97
C PRO D 147 -0.20 -15.85 -15.90
N GLN D 148 -1.45 -15.82 -16.32
CA GLN D 148 -2.55 -16.15 -15.45
C GLN D 148 -3.39 -17.17 -16.18
N ILE D 149 -3.42 -18.40 -15.66
CA ILE D 149 -4.24 -19.43 -16.27
C ILE D 149 -5.45 -19.78 -15.41
N SER D 150 -6.63 -19.35 -15.86
CA SER D 150 -7.86 -19.64 -15.13
C SER D 150 -8.35 -21.05 -15.43
N PHE D 151 -8.71 -21.77 -14.38
CA PHE D 151 -9.22 -23.12 -14.49
C PHE D 151 -10.75 -23.12 -14.53
N GLY D 152 -11.35 -21.92 -14.59
CA GLY D 152 -12.80 -21.82 -14.53
C GLY D 152 -13.51 -20.63 -15.19
N ALA D 153 -12.81 -19.51 -15.36
CA ALA D 153 -13.45 -18.26 -15.79
C ALA D 153 -13.70 -18.19 -17.29
N THR D 154 -14.99 -18.17 -17.67
CA THR D 154 -15.35 -18.42 -19.06
C THR D 154 -15.88 -17.23 -19.86
N SER D 155 -15.94 -16.05 -19.25
CA SER D 155 -16.41 -14.88 -20.00
C SER D 155 -15.57 -14.63 -21.26
N ASP D 156 -16.25 -14.30 -22.35
CA ASP D 156 -15.58 -14.01 -23.61
C ASP D 156 -14.87 -12.65 -23.59
N LYS D 157 -15.16 -11.86 -22.56
CA LYS D 157 -14.47 -10.59 -22.31
C LYS D 157 -12.96 -10.75 -22.28
N PHE D 158 -12.51 -11.91 -21.80
CA PHE D 158 -11.10 -12.17 -21.59
C PHE D 158 -10.42 -12.67 -22.89
N SER D 159 -11.18 -12.72 -23.97
CA SER D 159 -10.65 -13.19 -25.26
C SER D 159 -9.93 -12.09 -26.05
N ASP D 160 -9.76 -10.93 -25.45
CA ASP D 160 -9.07 -9.84 -26.12
C ASP D 160 -7.75 -9.59 -25.42
N SER D 161 -6.65 -9.94 -26.09
CA SER D 161 -5.33 -9.77 -25.49
C SER D 161 -4.95 -8.29 -25.36
N LEU D 162 -5.71 -7.38 -25.98
CA LEU D 162 -5.53 -5.95 -25.78
C LEU D 162 -6.19 -5.43 -24.50
N VAL D 163 -7.11 -6.20 -23.94
CA VAL D 163 -7.76 -5.86 -22.69
C VAL D 163 -7.17 -6.70 -21.57
N TYR D 164 -6.92 -7.98 -21.87
CA TYR D 164 -6.36 -8.91 -20.90
C TYR D 164 -5.11 -9.60 -21.46
N PRO D 165 -3.97 -8.88 -21.41
CA PRO D 165 -2.69 -9.15 -22.10
C PRO D 165 -2.00 -10.44 -21.76
N SER D 166 -2.36 -11.07 -20.66
CA SER D 166 -1.59 -12.22 -20.22
C SER D 166 -2.51 -13.33 -19.74
N PHE D 167 -3.72 -13.34 -20.28
CA PHE D 167 -4.74 -14.25 -19.80
C PHE D 167 -4.88 -15.53 -20.64
N PHE D 168 -4.83 -16.67 -19.96
CA PHE D 168 -5.14 -17.95 -20.58
C PHE D 168 -6.20 -18.67 -19.76
N ARG D 169 -6.86 -19.66 -20.36
CA ARG D 169 -7.80 -20.51 -19.62
C ARG D 169 -7.86 -21.92 -20.19
N THR D 170 -8.04 -22.91 -19.31
CA THR D 170 -8.11 -24.31 -19.73
C THR D 170 -9.56 -24.80 -19.86
N VAL D 171 -10.48 -23.85 -19.79
CA VAL D 171 -11.88 -24.09 -20.12
C VAL D 171 -12.25 -23.17 -21.29
N PRO D 172 -13.16 -23.62 -22.15
CA PRO D 172 -13.46 -22.80 -23.33
C PRO D 172 -14.26 -21.54 -22.95
N SER D 173 -14.34 -20.60 -23.88
CA SER D 173 -15.09 -19.37 -23.68
C SER D 173 -16.57 -19.52 -24.01
N ASP D 174 -17.42 -18.93 -23.18
CA ASP D 174 -18.87 -19.05 -23.34
C ASP D 174 -19.42 -18.61 -24.72
N ILE D 175 -18.60 -17.99 -25.56
CA ILE D 175 -19.05 -17.66 -26.91
C ILE D 175 -19.16 -18.93 -27.76
N ARG D 176 -18.55 -20.01 -27.31
CA ARG D 176 -18.65 -21.29 -27.99
C ARG D 176 -19.81 -22.08 -27.42
N GLN D 177 -20.02 -21.97 -26.11
CA GLN D 177 -21.10 -22.66 -25.44
C GLN D 177 -22.44 -22.27 -26.04
N VAL D 178 -22.69 -20.97 -26.13
CA VAL D 178 -23.94 -20.48 -26.71
C VAL D 178 -24.03 -20.84 -28.19
N ASP D 179 -22.89 -20.91 -28.86
CA ASP D 179 -22.85 -21.31 -30.27
C ASP D 179 -23.36 -22.73 -30.37
N ALA D 180 -22.95 -23.56 -29.42
CA ALA D 180 -23.41 -24.93 -29.33
C ALA D 180 -24.89 -24.97 -28.98
N MET D 181 -25.31 -24.11 -28.06
CA MET D 181 -26.71 -24.04 -27.66
C MET D 181 -27.60 -23.62 -28.82
N VAL D 182 -27.23 -22.53 -29.50
CA VAL D 182 -28.05 -22.04 -30.61
C VAL D 182 -28.05 -23.01 -31.79
N GLN D 183 -26.96 -23.78 -31.94
CA GLN D 183 -26.88 -24.79 -32.98
C GLN D 183 -27.78 -25.98 -32.63
N LEU D 184 -27.99 -26.18 -31.34
CA LEU D 184 -28.81 -27.28 -30.86
C LEU D 184 -30.28 -26.91 -30.92
N ILE D 185 -30.59 -25.69 -30.51
CA ILE D 185 -31.98 -25.22 -30.47
C ILE D 185 -32.63 -25.27 -31.84
N LYS D 186 -31.88 -24.87 -32.87
CA LYS D 186 -32.43 -24.78 -34.22
C LYS D 186 -32.32 -26.12 -34.95
N LYS D 187 -31.72 -27.10 -34.30
CA LYS D 187 -31.61 -28.45 -34.87
C LYS D 187 -32.74 -29.34 -34.34
N PHE D 188 -33.26 -28.98 -33.17
CA PHE D 188 -34.52 -29.52 -32.67
C PHE D 188 -35.68 -28.63 -33.12
N ASN D 189 -35.37 -27.69 -34.02
CA ASN D 189 -36.34 -26.78 -34.63
C ASN D 189 -37.24 -26.08 -33.60
N TRP D 190 -36.69 -25.08 -32.91
CA TRP D 190 -37.44 -24.35 -31.90
C TRP D 190 -37.41 -22.84 -32.14
N ASN D 191 -38.31 -22.12 -31.46
CA ASN D 191 -38.43 -20.67 -31.64
C ASN D 191 -38.97 -19.94 -30.42
N TRP D 192 -39.64 -20.66 -29.52
CA TRP D 192 -40.16 -20.05 -28.31
C TRP D 192 -39.08 -19.99 -27.24
N VAL D 193 -38.06 -19.16 -27.48
CA VAL D 193 -36.88 -19.12 -26.62
C VAL D 193 -36.79 -17.84 -25.80
N ALA D 194 -36.55 -18.00 -24.50
CA ALA D 194 -36.19 -16.90 -23.61
C ALA D 194 -34.90 -17.24 -22.88
N VAL D 195 -34.07 -16.23 -22.59
CA VAL D 195 -32.78 -16.47 -21.93
C VAL D 195 -32.69 -15.75 -20.58
N VAL D 196 -32.22 -16.46 -19.55
CA VAL D 196 -32.15 -15.92 -18.19
C VAL D 196 -30.77 -16.14 -17.55
N GLY D 197 -30.17 -15.08 -17.02
CA GLY D 197 -28.84 -15.17 -16.44
C GLY D 197 -28.61 -14.38 -15.18
N SER D 198 -27.64 -14.82 -14.38
CA SER D 198 -27.27 -14.12 -13.16
C SER D 198 -26.74 -12.71 -13.46
N GLU D 199 -27.08 -11.76 -12.57
CA GLU D 199 -26.67 -10.36 -12.73
C GLU D 199 -25.24 -10.15 -12.23
N GLU D 200 -24.30 -10.56 -13.05
CA GLU D 200 -22.86 -10.38 -12.82
C GLU D 200 -22.14 -10.83 -14.09
N GLU D 201 -20.82 -10.69 -14.13
CA GLU D 201 -20.01 -11.01 -15.31
C GLU D 201 -20.47 -12.25 -16.09
N TYR D 202 -20.33 -13.43 -15.48
CA TYR D 202 -20.67 -14.70 -16.13
C TYR D 202 -22.08 -14.73 -16.73
N GLY D 203 -23.09 -14.51 -15.90
CA GLY D 203 -24.48 -14.53 -16.34
C GLY D 203 -24.81 -13.45 -17.36
N GLN D 204 -24.50 -12.19 -17.03
CA GLN D 204 -24.78 -11.05 -17.90
C GLN D 204 -24.11 -11.20 -19.26
N GLN D 205 -22.82 -11.53 -19.25
CA GLN D 205 -22.09 -11.69 -20.49
C GLN D 205 -22.58 -12.94 -21.22
N GLY D 206 -23.07 -13.92 -20.47
CA GLY D 206 -23.64 -15.11 -21.07
C GLY D 206 -24.90 -14.82 -21.86
N VAL D 207 -25.84 -14.15 -21.21
CA VAL D 207 -27.12 -13.78 -21.83
C VAL D 207 -26.94 -12.96 -23.11
N GLN D 208 -26.13 -11.92 -23.03
CA GLN D 208 -26.00 -10.98 -24.15
C GLN D 208 -25.35 -11.62 -25.38
N GLN D 209 -24.54 -12.65 -25.15
CA GLN D 209 -23.85 -13.32 -26.26
C GLN D 209 -24.71 -14.39 -26.92
N PHE D 210 -25.63 -14.95 -26.15
CA PHE D 210 -26.56 -15.93 -26.69
C PHE D 210 -27.50 -15.27 -27.68
N SER D 211 -27.79 -13.99 -27.44
CA SER D 211 -28.84 -13.31 -28.19
C SER D 211 -28.33 -12.71 -29.49
N LYS D 212 -27.06 -12.31 -29.52
CA LYS D 212 -26.47 -11.79 -30.76
C LYS D 212 -26.12 -12.92 -31.74
N LYS D 213 -26.37 -14.15 -31.31
CA LYS D 213 -26.14 -15.32 -32.15
C LYS D 213 -27.45 -15.95 -32.57
N ALA D 214 -28.44 -15.90 -31.68
CA ALA D 214 -29.78 -16.39 -31.99
C ALA D 214 -30.37 -15.57 -33.15
N GLU D 215 -30.32 -14.25 -33.00
CA GLU D 215 -30.83 -13.32 -34.01
C GLU D 215 -30.16 -13.53 -35.37
N ASP D 216 -28.84 -13.73 -35.37
CA ASP D 216 -28.09 -13.95 -36.61
C ASP D 216 -28.54 -15.21 -37.36
N MET D 217 -28.88 -16.25 -36.61
CA MET D 217 -29.18 -17.56 -37.20
C MET D 217 -30.67 -17.77 -37.47
N GLY D 218 -31.48 -16.74 -37.24
CA GLY D 218 -32.90 -16.82 -37.52
C GLY D 218 -33.73 -17.26 -36.33
N VAL D 219 -33.07 -17.55 -35.22
CA VAL D 219 -33.78 -17.91 -33.99
C VAL D 219 -34.26 -16.64 -33.29
N CYS D 220 -35.55 -16.61 -32.95
CA CYS D 220 -36.14 -15.47 -32.28
C CYS D 220 -36.05 -15.59 -30.76
N VAL D 221 -35.32 -14.66 -30.13
CA VAL D 221 -35.28 -14.58 -28.68
C VAL D 221 -36.44 -13.69 -28.19
N ALA D 222 -37.30 -14.26 -27.35
CA ALA D 222 -38.53 -13.58 -26.94
C ALA D 222 -38.34 -12.72 -25.69
N TYR D 223 -37.52 -13.21 -24.77
CA TYR D 223 -37.28 -12.46 -23.53
C TYR D 223 -35.83 -12.59 -23.05
N GLN D 224 -35.39 -11.59 -22.28
CA GLN D 224 -34.07 -11.59 -21.65
C GLN D 224 -34.19 -11.12 -20.20
N GLY D 225 -33.87 -11.98 -19.24
CA GLY D 225 -34.02 -11.64 -17.83
C GLY D 225 -32.75 -11.81 -17.01
N LEU D 226 -32.64 -11.10 -15.89
CA LEU D 226 -31.44 -11.15 -15.06
C LEU D 226 -31.74 -11.23 -13.57
N ILE D 227 -30.96 -12.05 -12.86
CA ILE D 227 -31.19 -12.37 -11.46
C ILE D 227 -30.11 -11.76 -10.54
N PRO D 228 -30.48 -10.77 -9.72
CA PRO D 228 -29.58 -10.10 -8.77
C PRO D 228 -28.74 -11.04 -7.89
N ILE D 229 -27.53 -10.57 -7.54
CA ILE D 229 -26.57 -11.34 -6.74
C ILE D 229 -26.39 -10.72 -5.37
N TYR D 230 -26.58 -9.41 -5.30
CA TYR D 230 -26.26 -8.65 -4.09
C TYR D 230 -27.50 -8.34 -3.25
N ASP D 231 -28.63 -8.08 -3.90
CA ASP D 231 -29.88 -7.86 -3.19
C ASP D 231 -30.91 -8.93 -3.53
N ASP D 232 -32.01 -8.93 -2.78
CA ASP D 232 -33.05 -9.95 -2.89
C ASP D 232 -33.53 -10.13 -4.33
N PRO D 233 -33.24 -11.29 -4.92
CA PRO D 233 -33.49 -11.63 -6.33
C PRO D 233 -34.96 -11.89 -6.62
N LYS D 234 -35.70 -12.28 -5.60
CA LYS D 234 -37.08 -12.73 -5.73
C LYS D 234 -37.99 -11.78 -6.54
N PRO D 235 -37.99 -10.47 -6.22
CA PRO D 235 -38.92 -9.59 -6.95
C PRO D 235 -38.71 -9.54 -8.46
N ALA D 236 -37.47 -9.73 -8.91
CA ALA D 236 -37.14 -9.59 -10.31
C ALA D 236 -37.43 -10.86 -11.12
N ILE D 237 -37.27 -12.02 -10.48
CA ILE D 237 -37.49 -13.28 -11.17
C ILE D 237 -38.98 -13.55 -11.39
N GLN D 238 -39.82 -12.91 -10.59
CA GLN D 238 -41.27 -12.99 -10.81
C GLN D 238 -41.57 -12.32 -12.13
N THR D 239 -40.95 -11.16 -12.34
CA THR D 239 -41.14 -10.37 -13.56
C THR D 239 -40.74 -11.17 -14.79
N ILE D 240 -39.48 -11.64 -14.77
CA ILE D 240 -38.94 -12.54 -15.78
C ILE D 240 -39.84 -13.73 -16.07
N ILE D 241 -40.27 -14.39 -14.99
CA ILE D 241 -41.10 -15.60 -15.10
C ILE D 241 -42.40 -15.32 -15.84
N ASN D 242 -43.02 -14.18 -15.54
CA ASN D 242 -44.29 -13.83 -16.17
C ASN D 242 -44.18 -13.64 -17.68
N ASN D 243 -42.96 -13.48 -18.18
CA ASN D 243 -42.73 -13.25 -19.60
C ASN D 243 -42.52 -14.52 -20.43
N ILE D 244 -42.22 -15.65 -19.78
CA ILE D 244 -42.21 -16.92 -20.51
C ILE D 244 -43.66 -17.37 -20.65
N GLN D 245 -44.52 -16.82 -19.79
CA GLN D 245 -45.96 -16.97 -19.94
C GLN D 245 -46.45 -16.20 -21.16
N THR D 246 -46.31 -14.88 -21.12
CA THR D 246 -46.79 -14.01 -22.20
C THR D 246 -46.03 -14.24 -23.51
N VAL D 251 -38.94 -23.97 -23.79
CA VAL D 251 -37.55 -23.84 -24.20
C VAL D 251 -36.93 -22.55 -23.64
N VAL D 252 -36.23 -22.67 -22.51
CA VAL D 252 -35.63 -21.50 -21.86
C VAL D 252 -34.16 -21.69 -21.52
N VAL D 253 -33.29 -20.95 -22.22
CA VAL D 253 -31.85 -20.99 -21.94
C VAL D 253 -31.52 -20.25 -20.63
N VAL D 254 -30.88 -20.94 -19.70
CA VAL D 254 -30.52 -20.33 -18.44
C VAL D 254 -29.01 -20.30 -18.25
N PHE D 255 -28.45 -19.11 -18.16
CA PHE D 255 -27.00 -18.93 -18.15
C PHE D 255 -26.56 -18.27 -16.85
N SER D 256 -26.38 -19.06 -15.80
CA SER D 256 -26.22 -18.47 -14.48
C SER D 256 -25.27 -19.22 -13.54
N LEU D 257 -24.72 -18.50 -12.58
CA LEU D 257 -24.04 -19.10 -11.44
C LEU D 257 -25.02 -19.92 -10.62
N VAL D 258 -24.50 -20.76 -9.72
CA VAL D 258 -25.30 -21.73 -8.98
C VAL D 258 -26.34 -21.10 -8.05
N SER D 259 -26.00 -19.96 -7.44
CA SER D 259 -26.83 -19.36 -6.42
C SER D 259 -28.03 -18.57 -6.98
N PRO D 260 -27.81 -17.79 -8.05
CA PRO D 260 -29.02 -17.25 -8.69
C PRO D 260 -29.85 -18.34 -9.35
N ALA D 261 -29.20 -19.44 -9.72
CA ALA D 261 -29.87 -20.56 -10.37
C ALA D 261 -30.90 -21.21 -9.45
N VAL D 262 -30.53 -21.42 -8.19
CA VAL D 262 -31.43 -22.06 -7.24
C VAL D 262 -32.67 -21.19 -6.95
N SER D 263 -32.47 -19.88 -6.79
CA SER D 263 -33.58 -18.98 -6.51
C SER D 263 -34.50 -18.86 -7.70
N PHE D 264 -33.93 -18.92 -8.91
CA PHE D 264 -34.74 -18.90 -10.12
C PHE D 264 -35.64 -20.12 -10.21
N PHE D 265 -35.09 -21.30 -9.91
CA PHE D 265 -35.84 -22.54 -10.09
C PHE D 265 -36.81 -22.80 -8.96
N GLU D 266 -36.50 -22.30 -7.76
CA GLU D 266 -37.43 -22.38 -6.64
C GLU D 266 -38.78 -21.73 -6.98
N GLU D 267 -38.75 -20.72 -7.85
CA GLU D 267 -39.95 -20.00 -8.26
C GLU D 267 -40.60 -20.63 -9.48
N VAL D 268 -39.81 -21.34 -10.28
CA VAL D 268 -40.36 -22.12 -11.38
C VAL D 268 -41.24 -23.23 -10.80
N ILE D 269 -40.74 -23.85 -9.72
CA ILE D 269 -41.45 -24.93 -9.03
C ILE D 269 -42.75 -24.44 -8.41
N LYS D 270 -42.68 -23.34 -7.66
CA LYS D 270 -43.85 -22.72 -7.04
C LYS D 270 -44.97 -22.52 -8.07
N LYS D 271 -44.64 -21.84 -9.17
CA LYS D 271 -45.61 -21.57 -10.24
C LYS D 271 -45.79 -22.75 -11.20
N ASN D 272 -45.22 -23.91 -10.84
CA ASN D 272 -45.45 -25.16 -11.57
C ASN D 272 -45.15 -25.13 -13.06
N LEU D 273 -44.19 -24.32 -13.49
CA LEU D 273 -43.85 -24.26 -14.91
C LEU D 273 -43.19 -25.56 -15.38
N THR D 274 -43.29 -25.81 -16.68
CA THR D 274 -42.72 -27.00 -17.29
C THR D 274 -42.26 -26.70 -18.71
N GLY D 275 -41.19 -27.36 -19.15
CA GLY D 275 -40.70 -27.15 -20.50
C GLY D 275 -39.30 -27.68 -20.79
N VAL D 276 -38.58 -26.96 -21.67
CA VAL D 276 -37.23 -27.34 -22.07
C VAL D 276 -36.22 -26.33 -21.53
N TRP D 277 -35.15 -26.83 -20.92
CA TRP D 277 -34.20 -25.97 -20.20
C TRP D 277 -32.76 -26.26 -20.60
N ILE D 278 -32.03 -25.19 -20.88
CA ILE D 278 -30.66 -25.29 -21.35
C ILE D 278 -29.70 -24.84 -20.27
N ALA D 279 -28.97 -25.79 -19.70
CA ALA D 279 -28.03 -25.51 -18.62
C ALA D 279 -26.69 -25.00 -19.11
N SER D 280 -26.17 -23.97 -18.43
CA SER D 280 -24.79 -23.56 -18.59
C SER D 280 -23.92 -24.32 -17.58
N SER D 281 -22.61 -24.36 -17.81
CA SER D 281 -21.67 -25.14 -16.99
C SER D 281 -21.78 -24.94 -15.48
N SER D 282 -22.01 -23.70 -15.06
CA SER D 282 -21.95 -23.38 -13.64
C SER D 282 -22.98 -24.13 -12.79
N TRP D 283 -24.09 -24.55 -13.39
CA TRP D 283 -25.11 -25.25 -12.62
C TRP D 283 -25.47 -26.61 -13.21
N ALA D 284 -25.10 -26.85 -14.47
CA ALA D 284 -25.47 -28.06 -15.19
C ALA D 284 -25.19 -29.36 -14.43
N ILE D 285 -24.27 -29.32 -13.46
CA ILE D 285 -24.00 -30.47 -12.61
C ILE D 285 -23.93 -30.12 -11.12
N SER D 286 -24.62 -29.05 -10.73
CA SER D 286 -24.72 -28.73 -9.31
C SER D 286 -25.80 -29.57 -8.61
N ASP D 287 -25.44 -30.12 -7.45
CA ASP D 287 -26.41 -30.84 -6.63
C ASP D 287 -27.41 -29.84 -6.07
N LYS D 288 -26.95 -28.62 -5.83
CA LYS D 288 -27.75 -27.59 -5.20
C LYS D 288 -28.99 -27.26 -6.04
N VAL D 289 -28.83 -27.24 -7.36
CA VAL D 289 -29.96 -27.08 -8.26
C VAL D 289 -30.82 -28.34 -8.25
N TYR D 290 -30.14 -29.49 -8.30
CA TYR D 290 -30.78 -30.78 -8.51
C TYR D 290 -31.30 -31.43 -7.24
N SER D 291 -31.07 -30.79 -6.09
CA SER D 291 -31.61 -31.29 -4.84
C SER D 291 -32.78 -30.41 -4.37
N LEU D 292 -33.16 -29.42 -5.17
CA LEU D 292 -34.37 -28.66 -4.88
C LEU D 292 -35.57 -29.60 -5.00
N PRO D 293 -36.42 -29.65 -3.96
CA PRO D 293 -37.59 -30.55 -3.96
C PRO D 293 -38.48 -30.34 -5.18
N ASN D 294 -38.87 -31.44 -5.83
CA ASN D 294 -39.69 -31.41 -7.05
C ASN D 294 -39.02 -30.70 -8.21
N ILE D 295 -37.69 -30.77 -8.28
CA ILE D 295 -36.96 -30.16 -9.38
C ILE D 295 -37.24 -30.91 -10.69
N ASP D 296 -37.63 -32.17 -10.57
CA ASP D 296 -37.95 -32.98 -11.74
C ASP D 296 -39.13 -32.41 -12.54
N SER D 297 -40.09 -31.80 -11.84
CA SER D 297 -41.30 -31.26 -12.46
C SER D 297 -41.00 -30.07 -13.39
N ILE D 298 -39.75 -29.62 -13.38
CA ILE D 298 -39.26 -28.59 -14.29
C ILE D 298 -39.41 -29.06 -15.76
N GLY D 299 -39.07 -30.31 -16.00
CA GLY D 299 -39.19 -30.89 -17.32
C GLY D 299 -37.89 -31.45 -17.88
N THR D 300 -37.53 -30.98 -19.07
CA THR D 300 -36.36 -31.48 -19.79
C THR D 300 -35.16 -30.53 -19.65
N VAL D 301 -34.11 -30.99 -18.97
CA VAL D 301 -32.91 -30.18 -18.77
C VAL D 301 -31.73 -30.74 -19.54
N ILE D 302 -31.36 -30.07 -20.62
CA ILE D 302 -30.19 -30.47 -21.39
C ILE D 302 -29.02 -29.55 -21.05
N GLY D 303 -27.96 -30.15 -20.53
CA GLY D 303 -26.84 -29.39 -19.99
C GLY D 303 -25.58 -29.40 -20.83
N PHE D 304 -24.71 -28.44 -20.54
CA PHE D 304 -23.41 -28.36 -21.20
C PHE D 304 -22.32 -28.19 -20.16
N ILE D 305 -21.37 -29.13 -20.14
CA ILE D 305 -20.23 -29.05 -19.24
C ILE D 305 -18.95 -29.18 -20.05
N ASP D 306 -17.84 -28.74 -19.47
CA ASP D 306 -16.55 -28.84 -20.13
C ASP D 306 -16.18 -30.30 -20.38
N GLU D 307 -15.84 -30.62 -21.62
CA GLU D 307 -15.37 -31.97 -21.92
C GLU D 307 -13.97 -32.15 -21.34
N THR D 308 -13.86 -33.00 -20.33
CA THR D 308 -12.60 -33.21 -19.64
C THR D 308 -12.26 -34.69 -19.46
N GLU D 309 -11.02 -34.96 -19.05
CA GLU D 309 -10.64 -36.32 -18.69
C GLU D 309 -11.09 -36.63 -17.27
N THR D 310 -10.50 -37.68 -16.72
CA THR D 310 -10.75 -38.11 -15.35
C THR D 310 -9.41 -38.43 -14.71
N LEU D 311 -9.16 -37.85 -13.55
CA LEU D 311 -7.90 -38.10 -12.84
C LEU D 311 -8.09 -39.26 -11.86
N GLU D 312 -7.62 -40.44 -12.25
CA GLU D 312 -7.77 -41.61 -11.41
C GLU D 312 -6.88 -41.52 -10.19
N LEU D 313 -5.78 -40.79 -10.33
CA LEU D 313 -4.84 -40.68 -9.23
C LEU D 313 -5.32 -39.73 -8.13
N LEU D 314 -6.30 -38.88 -8.43
CA LEU D 314 -6.74 -37.83 -7.50
C LEU D 314 -7.22 -38.35 -6.13
N SER D 315 -8.12 -39.34 -6.13
CA SER D 315 -8.67 -39.83 -4.86
C SER D 315 -7.64 -40.67 -4.07
N PRO D 316 -6.98 -41.65 -4.72
CA PRO D 316 -5.85 -42.31 -4.05
C PRO D 316 -4.82 -41.33 -3.47
N PHE D 317 -4.45 -40.30 -4.23
CA PHE D 317 -3.49 -39.29 -3.75
C PHE D 317 -4.03 -38.66 -2.47
N THR D 318 -5.29 -38.23 -2.50
CA THR D 318 -5.85 -37.49 -1.37
C THR D 318 -5.99 -38.36 -0.13
N GLU D 319 -6.41 -39.61 -0.31
CA GLU D 319 -6.50 -40.58 0.77
C GLU D 319 -5.19 -40.69 1.53
N VAL D 320 -4.08 -40.71 0.80
CA VAL D 320 -2.75 -40.74 1.42
C VAL D 320 -2.42 -39.39 2.07
N LEU D 321 -2.67 -38.30 1.35
CA LEU D 321 -2.41 -36.96 1.89
C LEU D 321 -3.19 -36.71 3.19
N PHE D 322 -4.47 -37.08 3.20
CA PHE D 322 -5.29 -36.86 4.38
C PHE D 322 -4.88 -37.82 5.51
N LYS D 323 -4.45 -39.02 5.16
CA LYS D 323 -3.90 -39.90 6.18
C LYS D 323 -2.67 -39.27 6.78
N LYS D 324 -1.74 -38.82 5.93
CA LYS D 324 -0.52 -38.20 6.40
C LYS D 324 -0.79 -36.97 7.26
N ILE D 325 -1.73 -36.12 6.86
CA ILE D 325 -2.06 -34.94 7.66
C ILE D 325 -2.59 -35.34 9.03
N HIS D 326 -3.54 -36.27 9.05
CA HIS D 326 -4.16 -36.68 10.30
C HIS D 326 -3.17 -37.32 11.28
N GLU D 327 -2.13 -37.96 10.75
CA GLU D 327 -1.14 -38.63 11.59
C GLU D 327 -0.03 -37.68 12.05
N ALA D 328 -0.29 -36.38 11.99
CA ALA D 328 0.70 -35.38 12.34
C ALA D 328 0.17 -34.41 13.40
N ASP D 336 -2.22 -16.42 11.70
CA ASP D 336 -2.33 -15.88 10.35
C ASP D 336 -3.78 -15.64 9.96
N PRO D 337 -4.16 -14.37 9.75
CA PRO D 337 -5.53 -14.01 9.34
C PRO D 337 -5.73 -14.11 7.83
N TYR D 338 -4.81 -14.80 7.16
CA TYR D 338 -4.90 -15.05 5.72
C TYR D 338 -4.63 -16.52 5.41
N ASN D 339 -4.94 -17.37 6.39
CA ASN D 339 -4.96 -18.82 6.21
C ASN D 339 -6.24 -19.20 5.47
N PRO D 340 -6.09 -19.76 4.25
CA PRO D 340 -7.20 -20.03 3.33
C PRO D 340 -8.27 -20.94 3.91
N CYS D 341 -7.88 -21.83 4.82
CA CYS D 341 -8.85 -22.77 5.40
C CYS D 341 -8.41 -23.20 6.79
N PRO D 342 -8.80 -22.43 7.82
CA PRO D 342 -8.50 -22.74 9.22
C PRO D 342 -8.96 -24.14 9.66
N GLU D 343 -10.08 -24.61 9.11
CA GLU D 343 -10.62 -25.93 9.46
C GLU D 343 -9.76 -27.10 8.95
N CYS D 344 -8.95 -26.83 7.94
CA CYS D 344 -8.26 -27.91 7.24
C CYS D 344 -7.11 -28.53 8.05
N TRP D 345 -6.85 -28.01 9.25
CA TRP D 345 -5.85 -28.60 10.12
C TRP D 345 -6.28 -29.99 10.51
N SER D 346 -7.58 -30.18 10.72
CA SER D 346 -8.11 -31.42 11.22
C SER D 346 -8.63 -32.31 10.09
N LEU D 347 -8.20 -32.04 8.87
CA LEU D 347 -8.53 -32.95 7.77
C LEU D 347 -8.01 -34.34 8.09
N SER D 348 -8.77 -35.34 7.65
CA SER D 348 -8.51 -36.73 7.98
C SER D 348 -9.00 -37.58 6.81
N PRO D 349 -8.74 -38.91 6.83
CA PRO D 349 -9.22 -39.71 5.69
C PRO D 349 -10.74 -39.64 5.48
N ALA D 350 -11.46 -39.32 6.55
CA ALA D 350 -12.92 -39.21 6.49
C ALA D 350 -13.41 -38.05 5.61
N ASN D 351 -12.48 -37.25 5.09
CA ASN D 351 -12.83 -36.13 4.22
C ASN D 351 -12.59 -36.38 2.74
N VAL D 352 -12.21 -37.60 2.38
CA VAL D 352 -11.84 -37.88 1.00
C VAL D 352 -12.99 -37.61 0.02
N SER D 353 -14.23 -37.64 0.53
CA SER D 353 -15.41 -37.19 -0.22
C SER D 353 -15.24 -35.80 -0.87
N LEU D 354 -14.39 -34.95 -0.31
CA LEU D 354 -14.09 -33.66 -0.91
C LEU D 354 -13.70 -33.78 -2.40
N VAL D 355 -12.94 -34.81 -2.75
CA VAL D 355 -12.52 -34.96 -4.13
C VAL D 355 -13.29 -36.05 -4.86
N LYS D 356 -13.93 -36.96 -4.12
CA LYS D 356 -14.75 -37.98 -4.76
C LYS D 356 -16.06 -37.38 -5.30
N GLU D 357 -16.37 -36.16 -4.87
CA GLU D 357 -17.56 -35.44 -5.33
C GLU D 357 -17.56 -35.25 -6.85
N GLU D 358 -18.72 -35.42 -7.46
CA GLU D 358 -18.83 -35.42 -8.92
C GLU D 358 -18.46 -34.09 -9.57
N SER D 359 -18.86 -32.99 -8.96
CA SER D 359 -18.60 -31.69 -9.57
C SER D 359 -17.09 -31.46 -9.61
N VAL D 360 -16.37 -31.95 -8.61
CA VAL D 360 -14.92 -31.87 -8.61
C VAL D 360 -14.33 -32.82 -9.66
N GLN D 361 -14.71 -34.10 -9.60
CA GLN D 361 -14.15 -35.10 -10.51
C GLN D 361 -14.29 -34.71 -11.99
N ARG D 362 -15.41 -34.09 -12.36
CA ARG D 362 -15.66 -33.70 -13.76
C ARG D 362 -15.04 -32.36 -14.19
N THR D 363 -14.44 -31.63 -13.25
CA THR D 363 -13.76 -30.37 -13.56
C THR D 363 -12.30 -30.35 -13.10
N ALA D 364 -11.86 -31.43 -12.47
CA ALA D 364 -10.54 -31.49 -11.86
C ALA D 364 -9.42 -31.31 -12.89
N PHE D 365 -9.69 -31.71 -14.13
CA PHE D 365 -8.69 -31.66 -15.19
C PHE D 365 -8.30 -30.22 -15.54
N SER D 366 -9.24 -29.29 -15.38
CA SER D 366 -8.98 -27.90 -15.73
C SER D 366 -7.93 -27.26 -14.84
N VAL D 367 -7.89 -27.66 -13.57
CA VAL D 367 -6.87 -27.22 -12.64
C VAL D 367 -5.53 -27.90 -12.99
N TYR D 368 -5.63 -29.21 -13.14
CA TYR D 368 -4.54 -30.09 -13.50
C TYR D 368 -3.82 -29.59 -14.75
N ALA D 369 -4.60 -29.28 -15.77
CA ALA D 369 -4.07 -28.81 -17.05
C ALA D 369 -3.44 -27.43 -16.93
N ALA D 370 -4.06 -26.55 -16.13
CA ALA D 370 -3.50 -25.20 -15.89
C ALA D 370 -2.11 -25.30 -15.31
N VAL D 371 -1.96 -26.07 -14.24
CA VAL D 371 -0.66 -26.23 -13.59
C VAL D 371 0.39 -26.87 -14.54
N TYR D 372 0.01 -27.96 -15.21
CA TYR D 372 0.96 -28.66 -16.06
C TYR D 372 1.37 -27.82 -17.27
N THR D 373 0.46 -26.97 -17.73
CA THR D 373 0.74 -26.06 -18.85
C THR D 373 1.85 -25.10 -18.46
N VAL D 374 1.72 -24.49 -17.28
CA VAL D 374 2.82 -23.70 -16.75
C VAL D 374 4.09 -24.55 -16.63
N ALA D 375 3.95 -25.78 -16.12
CA ALA D 375 5.10 -26.63 -15.86
C ALA D 375 5.85 -26.95 -17.16
N HIS D 376 5.10 -27.25 -18.21
CA HIS D 376 5.70 -27.55 -19.51
C HIS D 376 6.27 -26.33 -20.22
N ALA D 377 5.71 -25.15 -19.95
CA ALA D 377 6.27 -23.92 -20.53
C ALA D 377 7.58 -23.59 -19.83
N LEU D 378 7.59 -23.68 -18.50
CA LEU D 378 8.81 -23.52 -17.74
C LEU D 378 9.90 -24.46 -18.24
N HIS D 379 9.52 -25.70 -18.55
CA HIS D 379 10.44 -26.68 -19.12
C HIS D 379 11.08 -26.13 -20.38
N LYS D 380 10.23 -25.68 -21.31
CA LYS D 380 10.67 -25.10 -22.57
C LYS D 380 11.49 -23.83 -22.39
N LEU D 381 11.09 -23.00 -21.42
CA LEU D 381 11.78 -21.74 -21.13
C LEU D 381 13.21 -21.94 -20.61
N LEU D 382 13.35 -22.90 -19.70
CA LEU D 382 14.66 -23.19 -19.12
C LEU D 382 15.44 -24.19 -19.99
N GLU D 383 14.94 -24.46 -21.19
CA GLU D 383 15.66 -25.32 -22.14
C GLU D 383 16.10 -26.62 -21.48
N CYS D 384 15.15 -27.35 -20.91
CA CYS D 384 15.47 -28.61 -20.26
C CYS D 384 15.36 -29.79 -21.21
N ASN D 385 16.10 -30.85 -20.90
CA ASN D 385 15.81 -32.16 -21.46
C ASN D 385 15.37 -33.04 -20.29
N SER D 386 15.23 -34.35 -20.52
CA SER D 386 14.74 -35.24 -19.48
C SER D 386 15.81 -35.48 -18.41
N ALA D 387 16.93 -34.79 -18.54
CA ALA D 387 18.06 -35.01 -17.64
C ALA D 387 18.43 -33.76 -16.86
N ALA D 388 18.43 -32.61 -17.53
CA ALA D 388 18.88 -31.38 -16.89
C ALA D 388 18.16 -30.13 -17.41
N CYS D 389 18.22 -29.07 -16.61
CA CYS D 389 17.66 -27.75 -16.96
C CYS D 389 18.72 -26.66 -16.94
N LYS D 390 18.56 -25.64 -17.78
CA LYS D 390 19.45 -24.48 -17.74
C LYS D 390 19.01 -23.54 -16.62
N TRP D 391 19.19 -23.99 -15.38
CA TRP D 391 18.71 -23.24 -14.23
C TRP D 391 19.67 -23.39 -13.05
N SER D 392 19.80 -22.34 -12.24
CA SER D 392 20.56 -22.44 -11.00
C SER D 392 19.94 -21.52 -9.95
N SER D 393 20.31 -21.75 -8.69
CA SER D 393 19.78 -20.97 -7.58
C SER D 393 20.14 -19.48 -7.62
N SER D 394 20.62 -19.01 -8.77
CA SER D 394 20.94 -17.60 -8.96
C SER D 394 20.29 -17.05 -10.23
N THR D 395 19.73 -17.94 -11.06
CA THR D 395 19.00 -17.51 -12.25
C THR D 395 17.76 -16.70 -11.90
N ARG D 396 17.39 -15.78 -12.78
CA ARG D 396 16.25 -14.91 -12.56
C ARG D 396 15.11 -15.15 -13.58
N LEU D 397 13.98 -15.60 -13.08
CA LEU D 397 12.82 -15.82 -13.93
C LEU D 397 11.89 -14.60 -13.93
N TYR D 398 11.73 -13.99 -15.09
CA TYR D 398 10.84 -12.86 -15.27
C TYR D 398 9.56 -13.33 -15.94
N PRO D 399 8.41 -13.09 -15.29
CA PRO D 399 7.14 -13.59 -15.79
C PRO D 399 6.88 -13.26 -17.27
N TRP D 400 7.30 -12.08 -17.75
CA TRP D 400 7.11 -11.74 -19.16
C TRP D 400 7.88 -12.66 -20.15
N LYS D 401 8.99 -13.24 -19.69
CA LYS D 401 9.75 -14.18 -20.52
C LYS D 401 9.00 -15.50 -20.60
N LEU D 402 8.39 -15.89 -19.49
CA LEU D 402 7.51 -17.04 -19.47
C LEU D 402 6.34 -16.77 -20.40
N LEU D 403 5.88 -15.52 -20.47
CA LEU D 403 4.71 -15.25 -21.30
C LEU D 403 4.98 -15.50 -22.78
N GLU D 404 6.19 -15.19 -23.24
CA GLU D 404 6.53 -15.35 -24.65
C GLU D 404 6.38 -16.80 -25.09
N VAL D 405 6.75 -17.72 -24.20
CA VAL D 405 6.61 -19.14 -24.46
C VAL D 405 5.16 -19.55 -24.57
N LEU D 406 4.35 -19.08 -23.64
CA LEU D 406 2.97 -19.50 -23.52
C LEU D 406 2.11 -19.01 -24.67
N LYS D 407 2.54 -17.93 -25.31
CA LYS D 407 1.80 -17.35 -26.43
C LYS D 407 1.50 -18.42 -27.49
N GLU D 408 0.26 -18.89 -27.50
CA GLU D 408 -0.20 -19.92 -28.43
C GLU D 408 0.64 -21.19 -28.27
N PHE D 409 0.66 -21.69 -27.04
CA PHE D 409 1.42 -22.86 -26.63
C PHE D 409 0.67 -24.15 -26.94
N SER D 410 1.43 -25.21 -27.21
CA SER D 410 0.84 -26.51 -27.46
C SER D 410 1.50 -27.54 -26.56
N VAL D 411 0.68 -28.37 -25.94
CA VAL D 411 1.17 -29.35 -24.99
C VAL D 411 0.19 -30.50 -24.86
N ASN D 412 0.72 -31.71 -24.78
CA ASN D 412 -0.08 -32.88 -24.52
C ASN D 412 -0.04 -33.21 -23.04
N ILE D 413 -1.22 -33.28 -22.44
CA ILE D 413 -1.36 -33.56 -21.03
C ILE D 413 -2.30 -34.75 -20.90
N SER D 414 -1.77 -35.85 -20.37
CA SER D 414 -2.46 -37.12 -20.40
C SER D 414 -2.83 -37.41 -21.85
N ASN D 415 -4.11 -37.70 -22.09
CA ASN D 415 -4.57 -38.01 -23.43
C ASN D 415 -5.14 -36.81 -24.17
N THR D 416 -4.67 -35.61 -23.83
CA THR D 416 -5.24 -34.37 -24.36
C THR D 416 -4.22 -33.48 -25.06
N SER D 417 -4.44 -33.22 -26.34
CA SER D 417 -3.59 -32.34 -27.11
C SER D 417 -4.01 -30.88 -26.91
N LEU D 418 -3.53 -30.28 -25.82
CA LEU D 418 -4.00 -28.95 -25.44
C LEU D 418 -3.33 -27.86 -26.27
N LYS D 419 -4.15 -27.01 -26.88
CA LYS D 419 -3.65 -25.96 -27.75
C LYS D 419 -4.30 -24.62 -27.40
N PHE D 420 -3.49 -23.58 -27.28
CA PHE D 420 -4.04 -22.23 -27.06
C PHE D 420 -4.01 -21.40 -28.35
N ASP D 421 -5.10 -20.68 -28.64
CA ASP D 421 -5.09 -19.75 -29.77
C ASP D 421 -4.41 -18.42 -29.39
N GLN D 422 -4.65 -17.38 -30.18
CA GLN D 422 -4.01 -16.09 -29.97
C GLN D 422 -4.80 -15.20 -29.02
N ASN D 423 -5.94 -15.71 -28.60
CA ASN D 423 -6.79 -15.01 -27.64
C ASN D 423 -6.64 -15.62 -26.25
N GLY D 424 -5.79 -16.64 -26.16
CA GLY D 424 -5.57 -17.37 -24.93
C GLY D 424 -6.57 -18.49 -24.66
N ASN D 425 -7.49 -18.72 -25.60
CA ASN D 425 -8.54 -19.73 -25.43
C ASN D 425 -8.03 -21.14 -25.79
N PRO D 426 -8.53 -22.18 -25.10
CA PRO D 426 -8.06 -23.55 -25.32
C PRO D 426 -8.92 -24.29 -26.35
N ASN D 427 -8.37 -25.35 -26.94
CA ASN D 427 -9.13 -26.17 -27.88
C ASN D 427 -9.88 -27.32 -27.17
N ILE D 428 -10.63 -26.94 -26.14
CA ILE D 428 -11.47 -27.86 -25.38
C ILE D 428 -12.94 -27.64 -25.71
N GLY D 429 -13.73 -28.70 -25.76
CA GLY D 429 -15.13 -28.60 -26.11
C GLY D 429 -16.09 -28.94 -24.97
N TYR D 430 -17.36 -29.17 -25.29
CA TYR D 430 -18.34 -29.49 -24.27
C TYR D 430 -18.95 -30.89 -24.40
N SER D 431 -19.19 -31.52 -23.26
CA SER D 431 -20.06 -32.69 -23.22
C SER D 431 -21.49 -32.22 -23.12
N VAL D 432 -22.30 -32.60 -24.11
CA VAL D 432 -23.74 -32.34 -24.03
C VAL D 432 -24.42 -33.40 -23.19
N ILE D 433 -25.03 -33.00 -22.09
CA ILE D 433 -25.70 -33.97 -21.23
C ILE D 433 -27.15 -33.60 -20.98
N GLN D 434 -27.90 -34.59 -20.49
CA GLN D 434 -29.25 -34.38 -20.00
C GLN D 434 -29.32 -34.92 -18.58
N ARG D 435 -30.25 -34.38 -17.79
CA ARG D 435 -30.47 -34.86 -16.45
C ARG D 435 -31.58 -35.89 -16.44
N ILE D 436 -31.33 -37.04 -15.80
CA ILE D 436 -32.32 -38.09 -15.64
C ILE D 436 -32.78 -38.12 -14.19
N TRP D 437 -34.03 -37.73 -13.97
CA TRP D 437 -34.54 -37.45 -12.63
C TRP D 437 -34.71 -38.69 -11.76
N GLU D 438 -35.21 -39.77 -12.37
CA GLU D 438 -35.61 -40.96 -11.62
C GLU D 438 -34.50 -41.52 -10.72
N ASN D 439 -33.28 -41.58 -11.23
CA ASN D 439 -32.15 -42.13 -10.47
C ASN D 439 -31.04 -41.11 -10.13
N GLN D 440 -31.33 -39.82 -10.29
CA GLN D 440 -30.36 -38.75 -10.00
C GLN D 440 -29.03 -38.94 -10.71
N SER D 441 -29.07 -38.94 -12.05
CA SER D 441 -27.88 -39.23 -12.85
C SER D 441 -27.75 -38.26 -14.03
N LEU D 442 -26.63 -38.36 -14.73
CA LEU D 442 -26.37 -37.52 -15.90
C LEU D 442 -26.10 -38.39 -17.13
N SER D 443 -26.88 -38.18 -18.18
CA SER D 443 -26.75 -38.98 -19.39
C SER D 443 -26.00 -38.26 -20.50
N SER D 444 -25.12 -38.98 -21.19
CA SER D 444 -24.45 -38.44 -22.37
C SER D 444 -25.36 -38.50 -23.60
N VAL D 445 -25.59 -37.35 -24.24
CA VAL D 445 -26.40 -37.34 -25.46
C VAL D 445 -25.68 -36.70 -26.64
N GLY D 446 -24.39 -36.37 -26.45
CA GLY D 446 -23.61 -35.79 -27.52
C GLY D 446 -22.43 -34.92 -27.09
N SER D 447 -21.85 -34.21 -28.05
CA SER D 447 -20.63 -33.44 -27.81
C SER D 447 -20.43 -32.32 -28.84
N TYR D 448 -19.50 -31.42 -28.54
CA TYR D 448 -19.23 -30.25 -29.36
C TYR D 448 -17.74 -29.99 -29.45
N ARG D 449 -17.18 -30.12 -30.65
CA ARG D 449 -15.75 -29.94 -30.88
C ARG D 449 -15.49 -29.17 -32.17
N SER D 450 -14.53 -28.25 -32.14
CA SER D 450 -14.14 -27.47 -33.32
C SER D 450 -15.35 -26.87 -34.04
N ALA D 451 -16.22 -26.20 -33.28
CA ALA D 451 -17.43 -25.56 -33.79
C ALA D 451 -18.45 -26.53 -34.39
N ASN D 452 -18.20 -27.83 -34.24
CA ASN D 452 -19.12 -28.85 -34.74
C ASN D 452 -19.95 -29.51 -33.64
N LEU D 453 -21.26 -29.42 -33.73
CA LEU D 453 -22.14 -30.05 -32.76
C LEU D 453 -22.56 -31.45 -33.20
N SER D 454 -22.22 -32.44 -32.39
CA SER D 454 -22.56 -33.84 -32.68
C SER D 454 -23.57 -34.38 -31.67
N ILE D 455 -24.83 -34.39 -32.06
CA ILE D 455 -25.89 -34.88 -31.18
C ILE D 455 -26.57 -36.11 -31.79
N ASN D 456 -27.10 -36.98 -30.92
CA ASN D 456 -27.96 -38.08 -31.35
C ASN D 456 -29.38 -37.82 -30.86
N GLU D 457 -30.24 -37.42 -31.80
CA GLU D 457 -31.64 -37.11 -31.52
C GLU D 457 -32.30 -38.17 -30.65
N THR D 458 -32.15 -39.43 -31.07
CA THR D 458 -32.82 -40.59 -30.48
C THR D 458 -32.58 -40.74 -28.97
N LEU D 459 -31.43 -40.27 -28.52
CA LEU D 459 -31.00 -40.51 -27.14
C LEU D 459 -31.62 -39.54 -26.13
N PHE D 460 -32.29 -38.51 -26.61
CA PHE D 460 -32.93 -37.55 -25.71
C PHE D 460 -34.19 -38.12 -25.07
N LYS D 461 -34.22 -38.12 -23.75
CA LYS D 461 -35.45 -38.43 -23.04
C LYS D 461 -36.30 -37.16 -22.93
N TRP D 462 -37.45 -37.17 -23.59
CA TRP D 462 -38.32 -36.00 -23.60
C TRP D 462 -39.46 -36.19 -22.61
N TYR D 463 -39.42 -35.42 -21.52
CA TYR D 463 -40.51 -35.46 -20.54
C TYR D 463 -41.70 -34.68 -21.08
N THR D 464 -42.64 -35.45 -21.64
CA THR D 464 -43.75 -35.00 -22.49
C THR D 464 -43.23 -34.63 -23.89
N ASN D 465 -42.94 -35.67 -24.69
CA ASN D 465 -42.66 -35.57 -26.13
C ASN D 465 -41.54 -34.60 -26.55
N ASN D 466 -41.13 -34.71 -27.81
CA ASN D 466 -40.06 -33.86 -28.34
C ASN D 466 -40.27 -32.37 -28.07
N SER D 467 -41.52 -31.93 -28.11
CA SER D 467 -41.91 -30.55 -27.82
C SER D 467 -41.25 -29.55 -28.79
N GLU E 1 17.37 6.24 24.19
CA GLU E 1 18.05 5.90 25.43
C GLU E 1 17.63 4.51 25.89
N VAL E 2 18.28 4.04 26.95
CA VAL E 2 18.04 2.71 27.47
C VAL E 2 16.67 2.59 28.16
N GLN E 3 15.88 1.59 27.75
CA GLN E 3 14.66 1.27 28.46
C GLN E 3 14.58 -0.23 28.74
N LEU E 4 14.20 -0.55 29.97
CA LEU E 4 13.86 -1.90 30.38
C LEU E 4 12.37 -1.94 30.73
N GLN E 5 11.59 -2.69 29.95
CA GLN E 5 10.15 -2.72 30.10
C GLN E 5 9.69 -4.08 30.59
N GLN E 6 9.23 -4.12 31.83
CA GLN E 6 8.82 -5.36 32.43
C GLN E 6 7.33 -5.60 32.14
N SER E 7 6.91 -6.85 32.21
CA SER E 7 5.51 -7.21 32.03
C SER E 7 4.67 -6.80 33.25
N GLY E 8 3.35 -6.73 33.08
CA GLY E 8 2.46 -6.13 34.07
C GLY E 8 2.27 -6.96 35.32
N PRO E 9 1.51 -6.42 36.29
CA PRO E 9 1.21 -7.13 37.54
C PRO E 9 0.56 -8.47 37.25
N GLU E 10 0.79 -9.46 38.11
CA GLU E 10 0.20 -10.76 37.92
C GLU E 10 -0.27 -11.36 39.23
N LEU E 11 -1.47 -11.91 39.17
CA LEU E 11 -2.01 -12.69 40.25
C LEU E 11 -1.76 -14.12 39.86
N VAL E 12 -1.26 -14.93 40.78
CA VAL E 12 -1.00 -16.31 40.46
C VAL E 12 -1.31 -17.20 41.63
N LYS E 13 -1.82 -18.39 41.33
CA LYS E 13 -2.27 -19.33 42.35
C LYS E 13 -1.07 -19.96 43.02
N PRO E 14 -1.20 -20.27 44.31
CA PRO E 14 -0.14 -21.02 45.00
C PRO E 14 0.11 -22.37 44.35
N GLY E 15 1.37 -22.64 44.01
CA GLY E 15 1.73 -23.91 43.43
C GLY E 15 2.03 -23.76 41.97
N ALA E 16 1.41 -22.76 41.34
CA ALA E 16 1.66 -22.54 39.93
C ALA E 16 3.09 -22.05 39.66
N SER E 17 3.35 -21.76 38.39
CA SER E 17 4.58 -21.11 37.98
C SER E 17 4.20 -19.90 37.16
N MET E 18 5.16 -19.00 36.96
CA MET E 18 4.96 -17.85 36.11
C MET E 18 6.27 -17.27 35.60
N LYS E 19 6.20 -16.65 34.42
CA LYS E 19 7.39 -16.12 33.80
C LYS E 19 7.22 -14.62 33.60
N ILE E 20 8.12 -13.85 34.20
CA ILE E 20 8.19 -12.39 34.05
C ILE E 20 9.11 -12.03 32.90
N SER E 21 8.78 -10.99 32.13
CA SER E 21 9.65 -10.57 31.04
C SER E 21 10.23 -9.15 31.27
N CYS E 22 11.32 -8.85 30.57
CA CYS E 22 12.00 -7.56 30.69
C CYS E 22 12.59 -7.27 29.32
N LYS E 23 11.95 -6.40 28.57
CA LYS E 23 12.39 -6.14 27.21
C LYS E 23 13.34 -4.96 27.18
N ALA E 24 14.53 -5.19 26.65
CA ALA E 24 15.57 -4.18 26.64
C ALA E 24 15.59 -3.48 25.32
N SER E 25 15.76 -2.17 25.35
CA SER E 25 15.84 -1.46 24.10
C SER E 25 16.82 -0.33 24.27
N GLY E 26 17.47 0.04 23.17
CA GLY E 26 18.31 1.22 23.14
C GLY E 26 19.78 0.98 23.43
N TYR E 27 20.21 -0.27 23.41
CA TYR E 27 21.63 -0.60 23.61
C TYR E 27 21.87 -1.99 23.08
N SER E 28 23.13 -2.35 22.94
CA SER E 28 23.47 -3.70 22.52
C SER E 28 23.22 -4.73 23.64
N PHE E 29 22.16 -5.52 23.46
CA PHE E 29 21.62 -6.41 24.50
C PHE E 29 22.61 -7.46 25.03
N THR E 30 23.40 -8.08 24.16
CA THR E 30 24.35 -9.10 24.63
C THR E 30 25.59 -8.51 25.31
N GLY E 31 25.71 -7.20 25.36
CA GLY E 31 26.88 -6.56 25.98
C GLY E 31 26.92 -6.46 27.50
N TYR E 32 25.77 -6.64 28.18
CA TYR E 32 25.68 -6.41 29.63
C TYR E 32 24.86 -7.48 30.34
N SER E 33 25.33 -7.93 31.50
CA SER E 33 24.52 -8.75 32.38
C SER E 33 23.15 -8.11 32.64
N MET E 34 22.13 -8.96 32.72
CA MET E 34 20.83 -8.56 33.22
C MET E 34 20.67 -9.19 34.59
N ASN E 35 20.46 -8.34 35.60
CA ASN E 35 20.23 -8.79 36.97
C ASN E 35 18.74 -8.81 37.31
N TRP E 36 18.39 -9.62 38.31
CA TRP E 36 17.04 -9.63 38.85
C TRP E 36 17.08 -9.42 40.36
N VAL E 37 16.15 -8.61 40.85
CA VAL E 37 16.12 -8.17 42.25
C VAL E 37 14.72 -8.40 42.81
N LYS E 38 14.65 -8.94 44.01
CA LYS E 38 13.35 -9.11 44.69
C LYS E 38 13.18 -8.07 45.81
N GLN E 39 11.98 -7.50 45.92
CA GLN E 39 11.67 -6.66 47.06
C GLN E 39 10.32 -7.05 47.68
N SER E 40 10.33 -7.64 48.88
CA SER E 40 9.08 -8.02 49.55
C SER E 40 8.40 -6.79 50.17
N HIS E 41 7.20 -6.96 50.68
CA HIS E 41 6.47 -5.84 51.31
C HIS E 41 7.30 -5.08 52.37
N GLY E 42 8.16 -5.80 53.08
CA GLY E 42 9.03 -5.20 54.09
C GLY E 42 10.10 -4.28 53.52
N LYS E 43 10.19 -4.27 52.19
CA LYS E 43 11.09 -3.42 51.41
C LYS E 43 12.59 -3.79 51.43
N ASN E 44 13.01 -4.91 52.01
CA ASN E 44 14.40 -5.37 51.80
C ASN E 44 14.66 -5.69 50.31
N LEU E 45 15.75 -5.17 49.77
CA LEU E 45 16.21 -5.54 48.42
C LEU E 45 17.11 -6.80 48.45
N GLU E 46 16.92 -7.65 47.44
CA GLU E 46 17.52 -8.98 47.43
C GLU E 46 17.91 -9.39 46.00
N TRP E 47 19.19 -9.61 45.77
CA TRP E 47 19.68 -10.03 44.46
C TRP E 47 19.33 -11.49 44.19
N ILE E 48 18.63 -11.74 43.10
CA ILE E 48 18.23 -13.10 42.74
C ILE E 48 19.32 -13.78 41.91
N GLY E 49 19.87 -13.04 40.97
CA GLY E 49 20.91 -13.56 40.11
C GLY E 49 21.06 -12.72 38.87
N LEU E 50 21.93 -13.15 37.97
CA LEU E 50 22.12 -12.48 36.69
C LEU E 50 22.34 -13.49 35.56
N ILE E 51 22.14 -13.04 34.33
CA ILE E 51 22.38 -13.83 33.15
C ILE E 51 23.27 -13.04 32.19
N ASN E 52 24.24 -13.72 31.60
CA ASN E 52 25.01 -13.16 30.50
C ASN E 52 24.27 -13.42 29.19
N PRO E 53 23.63 -12.38 28.62
CA PRO E 53 22.76 -12.68 27.48
C PRO E 53 23.57 -13.07 26.23
N TYR E 54 24.88 -12.81 26.24
CA TYR E 54 25.74 -13.23 25.13
C TYR E 54 25.72 -14.73 24.95
N ASN E 55 25.75 -15.48 26.05
CA ASN E 55 25.88 -16.94 25.97
C ASN E 55 24.90 -17.69 26.84
N GLY E 56 24.15 -16.95 27.66
CA GLY E 56 23.21 -17.58 28.57
C GLY E 56 23.77 -18.10 29.88
N ASP E 57 25.04 -17.85 30.18
CA ASP E 57 25.55 -18.23 31.51
C ASP E 57 24.75 -17.55 32.60
N THR E 58 24.48 -18.27 33.68
CA THR E 58 23.76 -17.69 34.80
C THR E 58 24.55 -17.82 36.08
N THR E 59 24.28 -16.91 37.01
CA THR E 59 24.82 -16.94 38.35
C THR E 59 23.66 -16.61 39.30
N TYR E 60 23.43 -17.46 40.30
CA TYR E 60 22.30 -17.31 41.23
C TYR E 60 22.76 -17.10 42.66
N LYS E 61 22.00 -16.34 43.43
CA LYS E 61 22.15 -16.38 44.88
C LYS E 61 21.56 -17.71 45.35
N GLN E 62 22.19 -18.33 46.34
CA GLN E 62 21.92 -19.75 46.63
C GLN E 62 20.45 -20.08 46.90
N LYS E 63 19.77 -19.22 47.66
CA LYS E 63 18.37 -19.49 48.05
C LYS E 63 17.41 -19.46 46.87
N PHE E 64 17.81 -18.84 45.76
CA PHE E 64 16.96 -18.82 44.58
C PHE E 64 17.27 -19.92 43.55
N LYS E 65 18.33 -20.70 43.76
CA LYS E 65 18.57 -21.86 42.89
C LYS E 65 17.38 -22.81 42.98
N GLY E 66 16.79 -23.16 41.83
CA GLY E 66 15.63 -24.04 41.80
C GLY E 66 14.30 -23.37 42.11
N LYS E 67 14.36 -22.08 42.45
CA LYS E 67 13.16 -21.28 42.65
C LYS E 67 13.01 -20.32 41.47
N ALA E 68 14.13 -19.80 40.96
CA ALA E 68 14.07 -18.89 39.82
C ALA E 68 14.92 -19.39 38.65
N THR E 69 14.46 -19.14 37.43
CA THR E 69 15.20 -19.56 36.24
C THR E 69 15.34 -18.41 35.25
N LEU E 70 16.56 -17.97 35.01
CA LEU E 70 16.81 -16.84 34.10
C LEU E 70 17.12 -17.34 32.70
N THR E 71 16.53 -16.71 31.70
CA THR E 71 16.82 -17.05 30.32
C THR E 71 16.84 -15.75 29.55
N VAL E 72 17.33 -15.79 28.33
CA VAL E 72 17.20 -14.66 27.41
C VAL E 72 16.71 -15.17 26.08
N ASP E 73 16.12 -14.27 25.30
CA ASP E 73 15.82 -14.52 23.89
C ASP E 73 16.51 -13.41 23.13
N ARG E 74 17.69 -13.72 22.59
CA ARG E 74 18.49 -12.73 21.86
C ARG E 74 17.76 -12.18 20.65
N SER E 75 16.86 -12.97 20.06
CA SER E 75 16.14 -12.54 18.86
C SER E 75 15.10 -11.45 19.15
N SER E 76 14.78 -11.23 20.41
CA SER E 76 13.82 -10.18 20.77
C SER E 76 14.35 -9.22 21.85
N SER E 77 15.63 -9.35 22.19
CA SER E 77 16.25 -8.50 23.21
C SER E 77 15.47 -8.49 24.52
N THR E 78 15.10 -9.68 24.98
CA THR E 78 14.26 -9.81 26.15
C THR E 78 14.84 -10.81 27.13
N ALA E 79 14.98 -10.41 28.39
CA ALA E 79 15.34 -11.32 29.46
C ALA E 79 14.09 -11.84 30.15
N TYR E 80 14.13 -13.09 30.63
CA TYR E 80 13.00 -13.67 31.36
C TYR E 80 13.40 -14.22 32.72
N MET E 81 12.52 -14.08 33.70
CA MET E 81 12.67 -14.84 34.93
C MET E 81 11.44 -15.71 35.18
N GLU E 82 11.64 -17.02 35.26
CA GLU E 82 10.53 -17.90 35.61
C GLU E 82 10.60 -18.26 37.09
N LEU E 83 9.51 -17.98 37.80
CA LEU E 83 9.41 -18.35 39.21
C LEU E 83 8.61 -19.65 39.35
N LEU E 84 9.15 -20.60 40.11
CA LEU E 84 8.54 -21.93 40.19
C LEU E 84 7.85 -22.16 41.52
N ARG E 85 6.75 -22.90 41.47
CA ARG E 85 6.08 -23.40 42.67
C ARG E 85 5.88 -22.30 43.70
N LEU E 86 5.07 -21.32 43.33
CA LEU E 86 4.94 -20.10 44.14
C LEU E 86 4.24 -20.33 45.47
N THR E 87 4.83 -19.75 46.51
CA THR E 87 4.23 -19.61 47.82
C THR E 87 3.87 -18.12 48.03
N SER E 88 3.05 -17.82 49.02
CA SER E 88 2.74 -16.44 49.39
C SER E 88 4.02 -15.67 49.76
N GLU E 89 5.10 -16.40 50.09
CA GLU E 89 6.41 -15.82 50.34
C GLU E 89 7.08 -15.24 49.09
N ASP E 90 6.58 -15.62 47.92
CA ASP E 90 7.11 -15.13 46.65
C ASP E 90 6.35 -13.90 46.20
N SER E 91 5.32 -13.52 46.94
CA SER E 91 4.61 -12.26 46.67
C SER E 91 5.55 -11.10 46.95
N ALA E 92 5.76 -10.26 45.94
CA ALA E 92 6.81 -9.23 45.95
C ALA E 92 6.84 -8.43 44.66
N VAL E 93 7.60 -7.33 44.67
CA VAL E 93 7.93 -6.67 43.42
C VAL E 93 9.26 -7.26 42.94
N TYR E 94 9.31 -7.64 41.67
CA TYR E 94 10.55 -8.15 41.07
C TYR E 94 11.05 -7.15 40.05
N TYR E 95 12.34 -6.81 40.12
CA TYR E 95 12.95 -5.88 39.15
C TYR E 95 13.94 -6.57 38.23
N CYS E 96 14.07 -6.13 36.99
CA CYS E 96 15.28 -6.41 36.24
C CYS E 96 16.15 -5.14 36.24
N ALA E 97 17.46 -5.32 36.20
CA ALA E 97 18.41 -4.21 36.25
C ALA E 97 19.65 -4.53 35.44
N ARG E 98 20.02 -3.64 34.53
CA ARG E 98 21.21 -3.86 33.72
C ARG E 98 22.49 -3.50 34.47
N SER E 99 23.52 -4.34 34.37
CA SER E 99 24.84 -3.97 34.86
C SER E 99 25.34 -2.71 34.11
N GLY E 100 26.12 -1.88 34.77
CA GLY E 100 26.72 -0.74 34.10
C GLY E 100 28.03 -1.13 33.43
N ARG E 101 28.82 -0.09 33.14
CA ARG E 101 30.12 -0.19 32.52
C ARG E 101 31.15 0.47 33.44
N GLY E 102 32.27 -0.20 33.72
CA GLY E 102 33.31 0.39 34.54
C GLY E 102 33.87 -0.53 35.61
N ALA E 103 33.10 -1.54 36.01
CA ALA E 103 33.58 -2.49 37.00
C ALA E 103 34.63 -3.42 36.37
N PRO E 104 35.59 -3.88 37.18
CA PRO E 104 36.64 -4.82 36.75
C PRO E 104 36.11 -6.19 36.33
N THR E 105 34.97 -6.60 36.85
CA THR E 105 34.45 -7.93 36.61
C THR E 105 32.90 -7.93 36.49
N THR E 106 32.33 -9.00 35.98
CA THR E 106 30.88 -9.09 35.94
C THR E 106 30.29 -9.14 37.37
N THR E 107 31.08 -9.64 38.32
CA THR E 107 30.70 -9.69 39.72
C THR E 107 30.53 -8.30 40.32
N THR E 108 31.43 -7.39 39.99
CA THR E 108 31.46 -6.10 40.67
C THR E 108 30.59 -5.02 40.03
N ALA E 109 30.02 -5.29 38.86
CA ALA E 109 29.16 -4.29 38.22
C ALA E 109 28.01 -3.80 39.13
N TRP E 110 27.73 -2.51 39.06
CA TRP E 110 26.60 -1.91 39.77
C TRP E 110 25.41 -1.78 38.80
N PHE E 111 24.26 -1.34 39.30
CA PHE E 111 23.04 -1.34 38.49
C PHE E 111 22.63 0.06 38.04
N THR E 112 22.79 0.33 36.76
CA THR E 112 22.58 1.67 36.23
C THR E 112 21.19 1.86 35.62
N TYR E 113 20.58 0.78 35.12
CA TYR E 113 19.25 0.86 34.53
C TYR E 113 18.33 -0.21 35.13
N TRP E 114 17.08 0.18 35.44
CA TRP E 114 16.10 -0.67 36.12
C TRP E 114 14.80 -0.75 35.33
N GLY E 115 14.19 -1.92 35.28
CA GLY E 115 12.81 -2.00 34.82
C GLY E 115 11.90 -1.31 35.82
N GLN E 116 10.63 -1.13 35.47
CA GLN E 116 9.74 -0.40 36.35
C GLN E 116 9.25 -1.31 37.49
N GLY E 117 9.49 -2.61 37.37
CA GLY E 117 9.10 -3.54 38.42
C GLY E 117 7.79 -4.27 38.13
N THR E 118 7.70 -5.51 38.57
CA THR E 118 6.51 -6.33 38.32
C THR E 118 5.94 -6.81 39.65
N LEU E 119 4.72 -6.43 39.97
CA LEU E 119 4.09 -6.85 41.21
C LEU E 119 3.51 -8.24 41.04
N VAL E 120 3.92 -9.16 41.90
CA VAL E 120 3.41 -10.53 41.84
C VAL E 120 2.60 -10.81 43.09
N THR E 121 1.30 -11.05 42.92
CA THR E 121 0.44 -11.47 44.03
C THR E 121 0.22 -12.98 43.96
N VAL E 122 0.65 -13.70 44.98
CA VAL E 122 0.40 -15.14 45.05
C VAL E 122 -0.75 -15.37 46.02
N SER E 123 -1.95 -15.52 45.47
CA SER E 123 -3.14 -15.75 46.30
C SER E 123 -4.09 -16.78 45.69
N ALA E 124 -4.79 -17.51 46.55
CA ALA E 124 -5.82 -18.44 46.07
C ALA E 124 -7.12 -17.70 45.77
N ALA E 125 -7.20 -16.46 46.23
CA ALA E 125 -8.45 -15.70 46.16
C ALA E 125 -8.72 -15.20 44.74
N LYS E 126 -9.92 -14.69 44.51
CA LYS E 126 -10.39 -14.44 43.16
C LYS E 126 -10.51 -12.97 42.80
N THR E 127 -10.29 -12.68 41.53
CA THR E 127 -10.38 -11.34 41.01
C THR E 127 -11.80 -10.82 41.24
N THR E 128 -11.88 -9.56 41.68
CA THR E 128 -13.14 -8.94 42.07
C THR E 128 -13.10 -7.44 41.81
N PRO E 129 -14.02 -6.93 40.98
CA PRO E 129 -14.02 -5.51 40.62
C PRO E 129 -14.36 -4.63 41.83
N PRO E 130 -14.12 -3.31 41.70
CA PRO E 130 -14.40 -2.43 42.84
C PRO E 130 -15.80 -1.82 42.82
N SER E 131 -16.35 -1.56 43.99
CA SER E 131 -17.49 -0.65 44.06
C SER E 131 -16.96 0.77 44.33
N VAL E 132 -17.61 1.77 43.73
CA VAL E 132 -17.12 3.14 43.83
C VAL E 132 -18.21 4.10 44.29
N TYR E 133 -18.09 4.58 45.52
CA TYR E 133 -19.08 5.49 46.08
C TYR E 133 -18.54 6.90 46.23
N PRO E 134 -19.38 7.91 45.96
CA PRO E 134 -18.94 9.30 46.08
C PRO E 134 -18.86 9.71 47.54
N LEU E 135 -17.99 10.66 47.85
CA LEU E 135 -17.96 11.21 49.21
C LEU E 135 -18.30 12.69 49.15
N ALA E 136 -19.55 13.01 49.45
CA ALA E 136 -20.05 14.38 49.34
C ALA E 136 -20.19 14.99 50.73
N PRO E 137 -19.75 16.24 50.89
CA PRO E 137 -19.78 16.92 52.19
C PRO E 137 -21.20 17.01 52.72
N GLY E 138 -21.47 16.25 53.78
CA GLY E 138 -22.82 16.03 54.27
C GLY E 138 -23.52 17.18 54.98
N SER E 139 -24.10 18.09 54.19
CA SER E 139 -24.97 19.16 54.68
C SER E 139 -24.34 20.02 55.76
N ALA E 140 -23.08 20.40 55.56
CA ALA E 140 -22.37 21.28 56.48
C ALA E 140 -22.26 22.69 55.89
N THR E 143 -19.29 25.96 52.62
CA THR E 143 -19.10 26.59 53.92
C THR E 143 -17.88 27.52 53.90
N ASN E 144 -16.73 26.98 54.29
CA ASN E 144 -15.47 27.73 54.23
C ASN E 144 -15.00 27.95 52.80
N SER E 145 -13.79 28.47 52.63
CA SER E 145 -13.30 28.86 51.31
C SER E 145 -12.97 27.68 50.41
N MET E 146 -12.53 26.56 50.98
CA MET E 146 -12.26 25.38 50.17
C MET E 146 -12.92 24.13 50.76
N VAL E 147 -13.39 23.26 49.87
CA VAL E 147 -14.21 22.11 50.24
C VAL E 147 -13.52 20.81 49.85
N THR E 148 -13.71 19.77 50.65
CA THR E 148 -13.05 18.49 50.40
C THR E 148 -14.06 17.42 50.03
N LEU E 149 -13.77 16.74 48.92
CA LEU E 149 -14.62 15.69 48.38
C LEU E 149 -13.82 14.40 48.30
N GLY E 150 -14.48 13.31 47.92
CA GLY E 150 -13.78 12.06 47.76
C GLY E 150 -14.60 10.98 47.09
N CYS E 151 -13.96 9.85 46.84
CA CYS E 151 -14.70 8.65 46.51
C CYS E 151 -14.05 7.45 47.17
N LEU E 152 -14.88 6.47 47.53
CA LEU E 152 -14.46 5.30 48.26
C LEU E 152 -14.41 4.08 47.32
N VAL E 153 -13.24 3.47 47.20
CA VAL E 153 -13.05 2.37 46.26
C VAL E 153 -12.96 1.06 47.04
N LYS E 154 -14.06 0.31 47.07
CA LYS E 154 -14.21 -0.77 48.04
C LYS E 154 -14.36 -2.15 47.41
N GLY E 155 -13.73 -3.13 48.07
CA GLY E 155 -13.94 -4.54 47.80
C GLY E 155 -13.33 -5.12 46.53
N TYR E 156 -12.15 -4.65 46.15
CA TYR E 156 -11.54 -5.15 44.91
C TYR E 156 -10.37 -6.09 45.21
N PHE E 157 -10.00 -6.88 44.21
CA PHE E 157 -8.86 -7.80 44.28
C PHE E 157 -8.44 -8.24 42.87
N PRO E 158 -7.13 -8.24 42.58
CA PRO E 158 -5.98 -7.85 43.40
C PRO E 158 -5.63 -6.38 43.13
N GLU E 159 -4.43 -5.95 43.54
CA GLU E 159 -3.86 -4.65 43.13
C GLU E 159 -3.46 -4.74 41.67
N PRO E 160 -3.43 -3.60 40.94
CA PRO E 160 -3.68 -2.25 41.46
C PRO E 160 -4.94 -1.57 40.93
N VAL E 161 -5.24 -0.44 41.56
CA VAL E 161 -6.26 0.48 41.11
C VAL E 161 -5.63 1.85 40.86
N THR E 162 -6.01 2.52 39.79
CA THR E 162 -5.61 3.91 39.62
C THR E 162 -6.79 4.84 39.85
N VAL E 163 -6.52 6.01 40.43
CA VAL E 163 -7.57 6.99 40.66
C VAL E 163 -7.17 8.36 40.15
N THR E 164 -8.04 8.96 39.34
CA THR E 164 -7.84 10.35 38.93
C THR E 164 -9.09 11.18 39.18
N TRP E 165 -8.92 12.49 39.12
CA TRP E 165 -10.02 13.42 39.33
C TRP E 165 -10.23 14.30 38.11
N ASN E 166 -11.42 14.23 37.51
CA ASN E 166 -11.72 14.90 36.24
C ASN E 166 -10.79 14.42 35.12
N SER E 167 -10.56 13.10 35.10
CA SER E 167 -9.65 12.45 34.15
C SER E 167 -8.28 13.13 34.00
N GLY E 168 -7.72 13.62 35.11
CA GLY E 168 -6.39 14.19 35.09
C GLY E 168 -6.27 15.67 35.40
N SER E 169 -7.27 16.46 35.01
CA SER E 169 -7.19 17.91 35.16
C SER E 169 -7.03 18.36 36.62
N LEU E 170 -7.63 17.60 37.54
CA LEU E 170 -7.44 17.85 38.97
C LEU E 170 -6.22 17.11 39.51
N SER E 171 -5.17 17.85 39.78
CA SER E 171 -3.91 17.24 40.20
C SER E 171 -3.57 17.60 41.63
N SER E 172 -3.51 18.90 41.89
CA SER E 172 -3.14 19.39 43.21
C SER E 172 -4.24 19.15 44.23
N GLY E 173 -3.86 19.12 45.51
CA GLY E 173 -4.81 18.90 46.57
C GLY E 173 -5.48 17.54 46.50
N VAL E 174 -4.85 16.62 45.78
CA VAL E 174 -5.33 15.26 45.71
C VAL E 174 -4.55 14.34 46.65
N HIS E 175 -5.28 13.58 47.46
CA HIS E 175 -4.70 12.56 48.31
C HIS E 175 -5.33 11.20 48.01
N THR E 176 -4.53 10.27 47.49
CA THR E 176 -5.03 8.92 47.24
C THR E 176 -4.34 7.93 48.16
N PHE E 177 -5.11 7.32 49.05
CA PHE E 177 -4.51 6.56 50.13
C PHE E 177 -4.21 5.11 49.71
N PRO E 178 -3.12 4.54 50.25
CA PRO E 178 -2.77 3.14 49.96
C PRO E 178 -3.89 2.21 50.44
N ALA E 179 -4.18 1.17 49.66
CA ALA E 179 -5.27 0.27 50.00
C ALA E 179 -4.98 -0.46 51.29
N VAL E 180 -6.05 -0.95 51.93
CA VAL E 180 -5.94 -1.85 53.07
C VAL E 180 -6.59 -3.18 52.70
N LEU E 181 -5.94 -4.28 53.04
CA LEU E 181 -6.44 -5.61 52.69
C LEU E 181 -7.26 -6.18 53.84
N GLN E 182 -8.47 -6.65 53.54
CA GLN E 182 -9.34 -7.15 54.61
C GLN E 182 -9.65 -8.65 54.51
N SER E 183 -10.61 -9.00 53.68
CA SER E 183 -11.02 -10.41 53.56
C SER E 183 -10.71 -10.83 52.15
N ASP E 184 -9.42 -10.86 51.84
CA ASP E 184 -8.95 -11.03 50.47
C ASP E 184 -9.59 -9.98 49.57
N LEU E 185 -9.88 -8.81 50.15
CA LEU E 185 -10.39 -7.66 49.37
C LEU E 185 -9.71 -6.36 49.79
N TYR E 186 -9.48 -5.50 48.82
CA TYR E 186 -8.82 -4.23 49.05
C TYR E 186 -9.82 -3.07 49.14
N THR E 187 -9.55 -2.12 50.03
CA THR E 187 -10.32 -0.89 50.05
C THR E 187 -9.39 0.33 50.14
N LEU E 188 -9.66 1.33 49.30
CA LEU E 188 -8.96 2.60 49.44
C LEU E 188 -9.94 3.74 49.26
N SER E 189 -9.47 4.93 49.54
CA SER E 189 -10.23 6.13 49.26
C SER E 189 -9.30 7.19 48.72
N SER E 190 -9.87 8.13 47.98
CA SER E 190 -9.15 9.28 47.50
C SER E 190 -9.90 10.54 47.91
N SER E 191 -9.19 11.58 48.33
CA SER E 191 -9.85 12.86 48.57
C SER E 191 -9.35 13.90 47.58
N VAL E 192 -10.12 14.96 47.39
CA VAL E 192 -9.67 16.08 46.59
C VAL E 192 -10.24 17.35 47.22
N THR E 193 -9.38 18.36 47.36
CA THR E 193 -9.77 19.62 47.96
C THR E 193 -9.84 20.65 46.84
N VAL E 194 -11.03 21.24 46.65
CA VAL E 194 -11.24 22.25 45.62
C VAL E 194 -11.88 23.50 46.21
N PRO E 195 -11.65 24.67 45.59
CA PRO E 195 -12.30 25.92 46.02
C PRO E 195 -13.82 25.81 46.14
N SER E 196 -14.35 26.42 47.20
CA SER E 196 -15.78 26.36 47.49
C SER E 196 -16.62 26.90 46.33
N SER E 197 -16.08 27.88 45.61
CA SER E 197 -16.78 28.52 44.51
C SER E 197 -16.83 27.65 43.25
N THR E 198 -16.01 26.61 43.22
CA THR E 198 -15.93 25.76 42.04
C THR E 198 -16.66 24.43 42.23
N TRP E 199 -17.51 24.36 43.25
CA TRP E 199 -18.36 23.19 43.46
C TRP E 199 -19.51 23.56 44.40
N PRO E 200 -20.73 23.06 44.12
CA PRO E 200 -21.11 22.14 43.04
C PRO E 200 -21.28 22.80 41.67
N SER E 201 -20.74 24.01 41.51
CA SER E 201 -20.76 24.72 40.24
C SER E 201 -20.20 23.85 39.11
N GLU E 202 -18.89 23.94 38.89
CA GLU E 202 -18.25 23.10 37.88
C GLU E 202 -18.02 21.71 38.44
N THR E 203 -18.31 20.69 37.63
CA THR E 203 -18.28 19.29 38.03
C THR E 203 -16.92 18.80 38.57
N VAL E 204 -16.98 17.75 39.38
CA VAL E 204 -15.80 17.06 39.88
C VAL E 204 -16.11 15.57 39.92
N THR E 205 -15.52 14.82 39.02
CA THR E 205 -15.71 13.37 39.00
C THR E 205 -14.41 12.63 39.25
N CYS E 206 -14.49 11.45 39.87
CA CYS E 206 -13.31 10.64 40.05
C CYS E 206 -13.40 9.42 39.14
N ASN E 207 -12.32 9.15 38.43
CA ASN E 207 -12.28 8.03 37.49
C ASN E 207 -11.38 6.92 38.02
N VAL E 208 -12.00 5.80 38.39
CA VAL E 208 -11.32 4.64 38.91
C VAL E 208 -11.04 3.66 37.77
N ALA E 209 -9.90 2.97 37.84
CA ALA E 209 -9.63 1.93 36.86
C ALA E 209 -9.07 0.71 37.57
N HIS E 210 -9.72 -0.43 37.33
CA HIS E 210 -9.18 -1.69 37.81
C HIS E 210 -8.87 -2.60 36.61
N PRO E 211 -7.61 -2.58 36.15
CA PRO E 211 -7.17 -3.30 34.94
C PRO E 211 -7.44 -4.80 35.02
N ALA E 212 -7.25 -5.39 36.19
CA ALA E 212 -7.48 -6.81 36.42
C ALA E 212 -8.91 -7.32 36.12
N SER E 213 -9.85 -6.41 35.92
CA SER E 213 -11.19 -6.79 35.50
C SER E 213 -11.67 -5.81 34.44
N SER E 214 -10.71 -5.06 33.89
CA SER E 214 -10.92 -4.04 32.86
C SER E 214 -12.08 -3.09 33.15
N THR E 215 -12.49 -3.03 34.42
CA THR E 215 -13.57 -2.15 34.83
C THR E 215 -13.05 -0.73 34.97
N LYS E 216 -13.72 0.21 34.31
CA LYS E 216 -13.41 1.63 34.39
C LYS E 216 -14.69 2.40 34.66
N VAL E 217 -14.69 3.18 35.74
CA VAL E 217 -15.91 3.80 36.22
C VAL E 217 -15.71 5.26 36.64
N ASP E 218 -16.77 6.04 36.50
CA ASP E 218 -16.75 7.41 36.96
C ASP E 218 -17.77 7.58 38.08
N LYS E 219 -17.58 8.62 38.89
CA LYS E 219 -18.58 9.05 39.84
C LYS E 219 -18.46 10.55 39.98
N LYS E 220 -19.42 11.29 39.45
CA LYS E 220 -19.43 12.73 39.66
C LYS E 220 -19.93 12.95 41.09
N ILE E 221 -19.33 13.91 41.79
CA ILE E 221 -19.70 14.07 43.20
C ILE E 221 -20.79 15.14 43.35
N VAL E 222 -21.97 14.68 43.76
CA VAL E 222 -23.15 15.52 43.86
C VAL E 222 -23.54 15.78 45.32
N PRO E 223 -23.79 17.05 45.67
CA PRO E 223 -24.28 17.48 47.00
C PRO E 223 -25.42 16.62 47.54
N ARG E 224 -25.63 16.70 48.84
CA ARG E 224 -26.60 15.84 49.49
C ARG E 224 -27.90 16.56 49.88
N ASP E 225 -29.02 16.05 49.39
CA ASP E 225 -30.35 16.39 49.89
C ASP E 225 -31.40 15.44 49.35
N ASP F 1 28.62 -14.52 52.73
CA ASP F 1 27.78 -13.40 52.35
C ASP F 1 28.11 -12.18 53.21
N ILE F 2 28.30 -11.04 52.56
CA ILE F 2 28.59 -9.80 53.26
C ILE F 2 27.31 -9.22 53.85
N VAL F 3 27.32 -8.95 55.15
CA VAL F 3 26.16 -8.31 55.78
C VAL F 3 26.40 -6.81 55.84
N LEU F 4 25.44 -6.03 55.37
CA LEU F 4 25.52 -4.55 55.42
C LEU F 4 24.53 -4.02 56.46
N THR F 5 25.01 -3.27 57.44
CA THR F 5 24.15 -2.67 58.45
C THR F 5 24.14 -1.15 58.27
N GLN F 6 22.96 -0.55 58.06
CA GLN F 6 22.88 0.90 57.92
C GLN F 6 22.45 1.51 59.24
N SER F 7 22.79 2.78 59.41
CA SER F 7 22.38 3.54 60.58
C SER F 7 22.39 5.03 60.19
N PRO F 8 21.41 5.79 60.66
CA PRO F 8 20.32 5.26 61.48
C PRO F 8 19.31 4.54 60.59
N ALA F 9 18.36 3.84 61.20
CA ALA F 9 17.33 3.15 60.45
C ALA F 9 16.43 4.19 59.79
N SER F 10 16.29 5.33 60.46
CA SER F 10 15.53 6.46 59.92
C SER F 10 15.97 7.78 60.54
N LEU F 11 15.78 8.87 59.81
CA LEU F 11 16.10 10.19 60.34
C LEU F 11 15.21 11.23 59.67
N ALA F 12 14.98 12.33 60.39
CA ALA F 12 14.26 13.47 59.85
C ALA F 12 15.20 14.66 59.83
N VAL F 13 15.28 15.35 58.70
CA VAL F 13 16.22 16.45 58.48
C VAL F 13 15.48 17.63 57.84
N SER F 14 15.60 18.83 58.42
CA SER F 14 14.90 20.01 57.89
C SER F 14 15.40 20.38 56.50
N LEU F 15 14.55 21.05 55.74
CA LEU F 15 14.95 21.61 54.45
C LEU F 15 16.21 22.47 54.63
N GLY F 16 17.20 22.27 53.75
CA GLY F 16 18.40 23.08 53.82
C GLY F 16 19.50 22.51 54.71
N GLN F 17 19.18 21.52 55.54
CA GLN F 17 20.18 20.95 56.44
C GLN F 17 20.83 19.68 55.91
N ARG F 18 21.75 19.13 56.69
CA ARG F 18 22.62 18.05 56.25
C ARG F 18 22.09 16.68 56.68
N ALA F 19 22.01 15.76 55.74
CA ALA F 19 21.65 14.38 56.07
C ALA F 19 22.89 13.51 55.97
N THR F 20 23.23 12.83 57.06
CA THR F 20 24.33 11.90 57.05
C THR F 20 23.84 10.47 57.30
N ILE F 21 24.22 9.56 56.41
CA ILE F 21 23.74 8.17 56.47
C ILE F 21 24.94 7.25 56.34
N SER F 22 25.09 6.27 57.22
CA SER F 22 26.26 5.44 57.08
C SER F 22 25.92 3.96 56.86
N CYS F 23 26.91 3.24 56.32
CA CYS F 23 26.79 1.83 55.96
C CYS F 23 28.03 1.07 56.41
N ARG F 24 27.84 0.00 57.18
CA ARG F 24 28.96 -0.81 57.65
C ARG F 24 28.89 -2.25 57.14
N ALA F 25 29.96 -2.67 56.47
CA ALA F 25 30.06 -4.03 55.93
C ALA F 25 30.73 -4.96 56.94
N SER F 26 30.26 -6.21 56.99
CA SER F 26 30.82 -7.23 57.87
C SER F 26 32.25 -7.63 57.47
N GLU F 27 32.58 -7.47 56.20
CA GLU F 27 33.95 -7.67 55.71
C GLU F 27 34.27 -6.58 54.70
N SER F 28 35.56 -6.37 54.44
CA SER F 28 35.98 -5.37 53.47
C SER F 28 35.36 -5.60 52.08
N VAL F 29 34.96 -4.52 51.43
CA VAL F 29 34.41 -4.64 50.09
C VAL F 29 35.36 -3.99 49.09
N ASP F 30 36.65 -4.03 49.41
CA ASP F 30 37.69 -3.51 48.52
C ASP F 30 38.30 -4.60 47.63
N SER F 31 38.58 -4.24 46.38
CA SER F 31 39.44 -5.02 45.51
C SER F 31 39.72 -4.17 44.28
N TYR F 32 40.70 -4.58 43.48
CA TYR F 32 41.06 -3.86 42.26
C TYR F 32 41.33 -2.36 42.53
N GLY F 33 41.82 -2.04 43.72
CA GLY F 33 42.12 -0.66 44.09
C GLY F 33 40.88 0.21 44.26
N ASN F 34 39.72 -0.43 44.40
CA ASN F 34 38.46 0.27 44.51
C ASN F 34 37.67 -0.23 45.71
N SER F 35 36.68 0.56 46.11
CA SER F 35 35.72 0.14 47.12
C SER F 35 34.37 -0.07 46.45
N PHE F 36 33.88 -1.30 46.46
CA PHE F 36 32.65 -1.63 45.74
C PHE F 36 31.41 -1.55 46.62
N MET F 37 31.16 -0.34 47.10
CA MET F 37 29.92 0.02 47.78
C MET F 37 29.24 1.10 46.96
N HIS F 38 27.94 0.92 46.76
CA HIS F 38 27.17 1.85 45.94
C HIS F 38 25.97 2.36 46.72
N TRP F 39 25.48 3.55 46.37
CA TRP F 39 24.27 4.05 47.02
C TRP F 39 23.13 4.28 46.03
N TYR F 40 21.93 3.86 46.46
CA TYR F 40 20.71 3.94 45.67
C TYR F 40 19.61 4.71 46.42
N GLN F 41 18.83 5.48 45.68
CA GLN F 41 17.66 6.15 46.23
C GLN F 41 16.36 5.49 45.72
N GLN F 42 15.42 5.23 46.62
CA GLN F 42 14.14 4.72 46.16
C GLN F 42 12.94 5.40 46.78
N LYS F 43 12.09 5.93 45.92
CA LYS F 43 10.78 6.43 46.28
C LYS F 43 9.73 5.32 46.24
N PRO F 44 8.76 5.33 47.17
CA PRO F 44 7.69 4.31 47.19
C PRO F 44 7.06 4.06 45.81
N GLY F 45 6.84 2.79 45.47
CA GLY F 45 6.32 2.41 44.17
C GLY F 45 7.22 2.59 42.96
N GLN F 46 8.48 2.98 43.15
CA GLN F 46 9.42 3.18 42.03
C GLN F 46 10.64 2.26 42.12
N PRO F 47 11.26 1.96 40.97
CA PRO F 47 12.56 1.29 41.06
C PRO F 47 13.58 2.18 41.76
N PRO F 48 14.52 1.57 42.49
CA PRO F 48 15.70 2.29 43.01
C PRO F 48 16.45 3.02 41.89
N ILE F 49 17.06 4.14 42.24
CA ILE F 49 17.89 4.90 41.33
C ILE F 49 19.29 4.94 41.93
N LEU F 50 20.30 4.62 41.12
CA LEU F 50 21.71 4.73 41.52
C LEU F 50 22.21 6.18 41.72
N LEU F 51 22.66 6.50 42.92
CA LEU F 51 23.24 7.83 43.16
C LEU F 51 24.77 7.88 42.96
N ILE F 52 25.44 6.90 43.56
CA ILE F 52 26.88 6.91 43.76
C ILE F 52 27.38 5.50 43.56
N SER F 53 28.39 5.34 42.70
CA SER F 53 29.05 4.03 42.60
C SER F 53 30.47 4.13 43.13
N ARG F 54 30.98 2.98 43.55
CA ARG F 54 32.36 2.83 44.01
C ARG F 54 32.69 3.84 45.11
N ALA F 55 31.78 3.92 46.08
CA ALA F 55 31.91 4.71 47.30
C ALA F 55 31.70 6.22 47.11
N SER F 56 32.20 6.77 46.02
CA SER F 56 32.24 8.23 45.93
C SER F 56 32.06 8.81 44.55
N ASN F 57 31.85 7.96 43.55
CA ASN F 57 31.65 8.51 42.21
C ASN F 57 30.18 8.83 41.89
N LEU F 58 29.91 10.12 41.76
CA LEU F 58 28.57 10.60 41.45
C LEU F 58 28.14 10.26 40.03
N GLU F 59 27.04 9.55 39.89
CA GLU F 59 26.48 9.22 38.58
C GLU F 59 26.00 10.48 37.85
N SER F 60 26.08 10.47 36.52
CA SER F 60 25.66 11.67 35.80
C SER F 60 24.14 11.77 35.88
N GLY F 61 23.64 13.00 35.98
CA GLY F 61 22.24 13.25 36.22
C GLY F 61 21.95 13.53 37.69
N ILE F 62 22.75 12.94 38.58
CA ILE F 62 22.51 13.09 40.01
C ILE F 62 23.10 14.38 40.54
N PRO F 63 22.29 15.17 41.27
CA PRO F 63 22.69 16.44 41.87
C PRO F 63 23.94 16.37 42.75
N ALA F 64 24.70 17.46 42.79
CA ALA F 64 25.94 17.53 43.55
C ALA F 64 25.69 17.52 45.04
N ARG F 65 24.44 17.77 45.40
CA ARG F 65 23.96 17.65 46.77
C ARG F 65 24.32 16.28 47.39
N PHE F 66 24.37 15.23 46.57
CA PHE F 66 24.73 13.88 47.05
C PHE F 66 26.23 13.64 46.86
N SER F 67 26.85 12.99 47.85
CA SER F 67 28.24 12.57 47.79
C SER F 67 28.50 11.42 48.78
N GLY F 68 29.48 10.58 48.48
CA GLY F 68 29.79 9.47 49.35
C GLY F 68 31.27 9.43 49.66
N SER F 69 31.64 8.71 50.71
CA SER F 69 33.04 8.46 51.02
C SER F 69 33.14 7.21 51.86
N GLY F 70 34.37 6.72 52.02
CA GLY F 70 34.66 5.57 52.86
C GLY F 70 35.45 4.53 52.08
N SER F 71 35.88 3.49 52.77
CA SER F 71 36.59 2.38 52.14
C SER F 71 36.50 1.20 53.09
N ARG F 72 36.98 0.04 52.64
CA ARG F 72 37.02 -1.18 53.43
C ARG F 72 35.64 -1.60 53.92
N THR F 73 35.32 -1.26 55.17
CA THR F 73 34.02 -1.62 55.73
C THR F 73 33.12 -0.44 56.15
N ASP F 74 33.62 0.80 56.09
CA ASP F 74 32.81 1.93 56.59
C ASP F 74 32.57 3.01 55.55
N PHE F 75 31.29 3.29 55.29
CA PHE F 75 30.88 4.18 54.19
C PHE F 75 29.76 5.13 54.62
N THR F 76 29.76 6.31 54.01
CA THR F 76 28.83 7.37 54.40
C THR F 76 28.22 8.04 53.18
N LEU F 77 26.91 8.26 53.21
CA LEU F 77 26.25 9.09 52.21
C LEU F 77 25.85 10.41 52.83
N THR F 78 26.17 11.51 52.16
CA THR F 78 25.83 12.83 52.66
C THR F 78 24.89 13.50 51.68
N ILE F 79 23.78 14.00 52.19
CA ILE F 79 22.85 14.80 51.38
C ILE F 79 22.90 16.21 51.94
N ASN F 80 23.41 17.14 51.16
CA ASN F 80 23.55 18.50 51.65
C ASN F 80 23.62 19.52 50.54
N PRO F 81 22.66 20.44 50.49
CA PRO F 81 21.51 20.52 51.41
C PRO F 81 20.34 19.60 51.01
N VAL F 82 19.62 19.11 52.02
CA VAL F 82 18.42 18.32 51.78
C VAL F 82 17.31 19.17 51.13
N GLU F 83 16.71 18.66 50.06
CA GLU F 83 15.56 19.31 49.44
C GLU F 83 14.28 18.47 49.66
N ALA F 84 13.14 19.08 49.38
CA ALA F 84 11.85 18.51 49.75
C ALA F 84 11.61 17.16 49.08
N ASP F 85 12.11 16.99 47.86
CA ASP F 85 11.85 15.76 47.14
C ASP F 85 12.89 14.68 47.46
N ASP F 86 13.69 14.89 48.50
CA ASP F 86 14.69 13.88 48.88
C ASP F 86 14.16 12.81 49.85
N PHE F 87 12.91 12.98 50.31
CA PHE F 87 12.22 11.93 51.08
C PHE F 87 12.29 10.62 50.29
N ALA F 88 12.87 9.59 50.90
CA ALA F 88 13.06 8.29 50.25
C ALA F 88 13.69 7.31 51.22
N THR F 89 13.82 6.07 50.77
CA THR F 89 14.68 5.12 51.45
C THR F 89 15.98 5.01 50.68
N TYR F 90 17.10 5.07 51.41
CA TYR F 90 18.41 4.97 50.82
C TYR F 90 19.04 3.61 51.17
N TYR F 91 19.57 2.93 50.16
CA TYR F 91 20.17 1.61 50.31
C TYR F 91 21.65 1.61 49.91
N CYS F 92 22.51 1.02 50.72
CA CYS F 92 23.84 0.69 50.23
C CYS F 92 23.75 -0.67 49.54
N GLN F 93 24.74 -0.97 48.70
CA GLN F 93 24.85 -2.28 48.08
C GLN F 93 26.32 -2.58 47.87
N GLN F 94 26.75 -3.78 48.24
CA GLN F 94 28.12 -4.21 47.97
C GLN F 94 28.13 -5.16 46.77
N THR F 95 29.08 -4.94 45.87
CA THR F 95 29.26 -5.82 44.74
C THR F 95 30.71 -6.40 44.69
N ASN F 96 31.37 -6.45 45.84
CA ASN F 96 32.73 -6.94 45.86
C ASN F 96 32.82 -8.47 45.74
N GLU F 97 31.82 -9.17 46.26
CA GLU F 97 31.75 -10.61 46.09
C GLU F 97 30.30 -11.12 45.98
N ASP F 98 30.10 -12.16 45.16
CA ASP F 98 28.84 -12.91 45.08
C ASP F 98 28.51 -13.55 46.40
N PRO F 99 27.24 -13.48 46.83
CA PRO F 99 26.14 -12.76 46.19
C PRO F 99 26.14 -11.24 46.53
N ARG F 100 25.73 -10.41 45.60
CA ARG F 100 25.55 -9.00 45.90
C ARG F 100 24.54 -8.90 47.04
N THR F 101 24.79 -8.00 47.99
CA THR F 101 23.85 -7.77 49.08
C THR F 101 23.54 -6.27 49.26
N PHE F 102 22.38 -5.98 49.81
CA PHE F 102 21.97 -4.62 50.16
C PHE F 102 21.78 -4.45 51.68
N GLY F 103 22.03 -3.25 52.19
CA GLY F 103 21.60 -2.91 53.54
C GLY F 103 20.08 -2.83 53.62
N GLY F 104 19.55 -2.84 54.84
CA GLY F 104 18.11 -2.81 55.05
C GLY F 104 17.51 -1.44 54.76
N GLY F 105 18.37 -0.47 54.42
CA GLY F 105 17.90 0.85 54.04
C GLY F 105 17.75 1.84 55.19
N THR F 106 17.83 3.13 54.84
CA THR F 106 17.62 4.20 55.79
C THR F 106 16.53 5.08 55.23
N LYS F 107 15.51 5.35 56.04
CA LYS F 107 14.36 6.10 55.59
C LYS F 107 14.53 7.57 55.96
N LEU F 108 14.67 8.40 54.93
CA LEU F 108 14.84 9.83 55.18
C LEU F 108 13.48 10.54 55.09
N GLU F 109 13.09 11.18 56.19
CA GLU F 109 11.89 12.02 56.23
C GLU F 109 12.31 13.49 56.19
N ILE F 110 11.58 14.33 55.45
CA ILE F 110 11.84 15.76 55.50
C ILE F 110 11.18 16.35 56.76
N LYS F 111 11.97 17.05 57.57
CA LYS F 111 11.45 17.74 58.76
C LYS F 111 10.94 19.13 58.41
N ARG F 112 9.81 19.52 58.98
CA ARG F 112 9.18 20.83 58.74
C ARG F 112 8.44 21.30 59.99
N ALA F 113 7.78 22.45 59.87
CA ALA F 113 7.02 22.96 60.99
C ALA F 113 5.78 22.11 61.25
N ASP F 114 5.47 21.92 62.53
CA ASP F 114 4.27 21.23 62.92
C ASP F 114 3.05 21.87 62.26
N ALA F 115 2.19 21.03 61.71
CA ALA F 115 1.00 21.52 61.05
C ALA F 115 -0.21 20.68 61.51
N ALA F 116 -1.31 21.34 61.88
CA ALA F 116 -2.53 20.65 62.30
C ALA F 116 -3.23 20.01 61.12
N PRO F 117 -3.91 18.89 61.34
CA PRO F 117 -4.66 18.24 60.25
C PRO F 117 -5.91 18.99 59.89
N THR F 118 -6.35 18.90 58.63
CA THR F 118 -7.67 19.38 58.21
C THR F 118 -8.59 18.18 58.16
N VAL F 119 -9.62 18.18 59.00
CA VAL F 119 -10.49 17.02 59.17
C VAL F 119 -11.82 17.17 58.44
N SER F 120 -12.18 16.17 57.63
CA SER F 120 -13.49 16.10 57.00
C SER F 120 -14.09 14.75 57.27
N ILE F 121 -15.39 14.73 57.53
CA ILE F 121 -16.13 13.50 57.76
C ILE F 121 -17.23 13.35 56.71
N PHE F 122 -17.48 12.12 56.27
CA PHE F 122 -18.47 11.85 55.25
C PHE F 122 -19.39 10.71 55.67
N PRO F 123 -20.70 10.94 55.61
CA PRO F 123 -21.66 9.84 55.78
C PRO F 123 -21.50 8.78 54.69
N PRO F 124 -21.96 7.55 54.94
CA PRO F 124 -22.16 6.55 53.87
C PRO F 124 -22.97 7.13 52.72
N SER F 125 -22.59 6.84 51.48
CA SER F 125 -23.44 7.21 50.35
C SER F 125 -24.72 6.39 50.35
N SER F 126 -25.77 6.90 49.72
CA SER F 126 -27.01 6.11 49.62
C SER F 126 -26.76 4.86 48.79
N GLU F 127 -25.94 4.99 47.75
CA GLU F 127 -25.60 3.86 46.88
C GLU F 127 -25.04 2.64 47.64
N GLN F 128 -24.31 2.90 48.71
CA GLN F 128 -23.73 1.81 49.50
C GLN F 128 -24.70 1.36 50.56
N LEU F 129 -25.53 2.28 51.03
CA LEU F 129 -26.58 1.92 51.99
C LEU F 129 -27.47 0.80 51.46
N THR F 130 -27.78 0.86 50.17
CA THR F 130 -28.58 -0.19 49.52
C THR F 130 -28.02 -1.58 49.71
N SER F 131 -26.72 -1.73 49.46
CA SER F 131 -26.06 -3.04 49.47
C SER F 131 -25.88 -3.57 50.87
N GLY F 132 -26.35 -2.83 51.86
CA GLY F 132 -26.32 -3.28 53.24
C GLY F 132 -25.06 -2.92 53.99
N GLY F 133 -24.22 -2.10 53.38
CA GLY F 133 -22.96 -1.71 54.00
C GLY F 133 -22.92 -0.23 54.28
N ALA F 134 -22.30 0.16 55.38
CA ALA F 134 -22.20 1.59 55.69
C ALA F 134 -20.79 2.00 56.08
N SER F 135 -20.05 2.61 55.17
CA SER F 135 -18.71 3.11 55.52
C SER F 135 -18.72 4.60 55.83
N VAL F 136 -18.29 4.97 57.04
CA VAL F 136 -18.09 6.37 57.40
C VAL F 136 -16.61 6.76 57.29
N VAL F 137 -16.34 7.77 56.46
CA VAL F 137 -14.97 8.14 56.14
C VAL F 137 -14.58 9.48 56.76
N CYS F 138 -13.39 9.48 57.35
CA CYS F 138 -12.79 10.67 57.90
C CYS F 138 -11.39 10.91 57.29
N PHE F 139 -11.20 12.09 56.69
CA PHE F 139 -9.91 12.47 56.13
C PHE F 139 -9.24 13.40 57.13
N LEU F 140 -7.99 13.09 57.42
CA LEU F 140 -7.18 13.93 58.27
C LEU F 140 -6.00 14.35 57.40
N ASN F 141 -6.08 15.53 56.79
CA ASN F 141 -5.16 15.88 55.72
C ASN F 141 -4.11 16.95 56.03
N ASN F 142 -2.92 16.75 55.47
CA ASN F 142 -1.83 17.72 55.49
C ASN F 142 -1.39 18.16 56.89
N PHE F 143 -0.98 17.19 57.70
CA PHE F 143 -0.52 17.48 59.04
C PHE F 143 0.96 17.09 59.19
N TYR F 144 1.60 17.55 60.26
CA TYR F 144 2.97 17.15 60.56
C TYR F 144 3.23 17.36 62.04
N PRO F 145 3.93 16.42 62.70
CA PRO F 145 4.45 15.15 62.18
C PRO F 145 3.37 14.07 62.07
N LYS F 146 3.76 12.89 61.59
CA LYS F 146 2.82 11.84 61.18
C LYS F 146 2.05 11.22 62.34
N ASP F 147 2.60 11.31 63.55
CA ASP F 147 2.00 10.71 64.73
C ASP F 147 0.67 11.37 65.08
N ILE F 148 -0.40 10.58 65.10
CA ILE F 148 -1.74 11.13 65.31
C ILE F 148 -2.66 10.06 65.89
N ASN F 149 -3.69 10.50 66.60
CA ASN F 149 -4.68 9.61 67.19
C ASN F 149 -6.08 10.05 66.70
N VAL F 150 -6.81 9.11 66.11
CA VAL F 150 -8.20 9.35 65.76
C VAL F 150 -9.11 8.42 66.56
N LYS F 151 -10.13 8.98 67.21
CA LYS F 151 -11.17 8.18 67.82
C LYS F 151 -12.50 8.37 67.10
N TRP F 152 -13.26 7.31 66.98
CA TRP F 152 -14.64 7.42 66.50
C TRP F 152 -15.62 7.47 67.67
N LYS F 153 -16.59 8.36 67.61
CA LYS F 153 -17.62 8.40 68.65
C LYS F 153 -19.02 8.39 68.04
N ILE F 154 -19.82 7.44 68.50
CA ILE F 154 -21.19 7.25 68.05
C ILE F 154 -22.14 7.49 69.21
N ASP F 155 -23.07 8.43 69.03
CA ASP F 155 -23.99 8.87 70.08
C ASP F 155 -23.24 9.25 71.37
N GLY F 156 -22.07 9.85 71.21
CA GLY F 156 -21.24 10.23 72.35
C GLY F 156 -20.40 9.10 72.92
N SER F 157 -20.58 7.91 72.38
CA SER F 157 -19.89 6.73 72.89
C SER F 157 -18.77 6.26 71.95
N GLU F 158 -17.62 5.87 72.52
CA GLU F 158 -16.46 5.50 71.72
C GLU F 158 -16.63 4.15 71.05
N ARG F 159 -16.03 4.00 69.86
CA ARG F 159 -16.04 2.73 69.13
C ARG F 159 -14.67 2.44 68.51
N GLN F 160 -14.18 1.21 68.67
CA GLN F 160 -12.87 0.84 68.13
C GLN F 160 -12.98 -0.25 67.07
N ASN F 161 -14.10 -0.98 67.08
CA ASN F 161 -14.30 -2.12 66.19
C ASN F 161 -14.76 -1.73 64.79
N GLY F 162 -14.04 -2.19 63.77
CA GLY F 162 -14.38 -1.85 62.39
C GLY F 162 -13.62 -0.69 61.75
N VAL F 163 -12.67 -0.10 62.48
CA VAL F 163 -11.90 1.04 61.96
C VAL F 163 -10.63 0.60 61.22
N LEU F 164 -10.51 1.03 59.96
CA LEU F 164 -9.29 0.83 59.19
C LEU F 164 -8.61 2.18 58.84
N ASN F 165 -7.32 2.29 59.18
CA ASN F 165 -6.56 3.52 59.02
C ASN F 165 -5.47 3.42 57.97
N SER F 166 -5.33 4.45 57.15
CA SER F 166 -4.32 4.43 56.11
C SER F 166 -3.62 5.80 55.96
N TRP F 167 -2.30 5.77 55.79
CA TRP F 167 -1.46 6.98 55.73
C TRP F 167 -0.82 7.11 54.35
N THR F 168 -0.78 8.31 53.80
CA THR F 168 -0.04 8.53 52.57
C THR F 168 1.45 8.59 52.86
N ASP F 169 2.24 8.63 51.82
CA ASP F 169 3.67 8.94 51.99
C ASP F 169 3.78 10.46 52.13
N GLN F 170 4.95 10.95 52.57
CA GLN F 170 5.14 12.39 52.75
C GLN F 170 4.87 13.16 51.45
N ASP F 171 4.18 14.29 51.51
CA ASP F 171 3.96 15.10 50.30
C ASP F 171 5.32 15.64 49.81
N SER F 172 5.54 15.66 48.50
CA SER F 172 6.87 16.04 48.02
C SER F 172 6.98 17.56 47.90
N LYS F 173 5.85 18.25 47.91
CA LYS F 173 5.87 19.69 47.93
C LYS F 173 5.89 20.26 49.36
N ASP F 174 4.88 19.93 50.19
CA ASP F 174 4.80 20.59 51.49
C ASP F 174 5.26 19.71 52.67
N SER F 175 5.75 18.51 52.38
CA SER F 175 6.28 17.58 53.38
C SER F 175 5.31 17.22 54.53
N THR F 176 4.00 17.33 54.28
CA THR F 176 3.04 16.86 55.28
C THR F 176 2.58 15.42 54.99
N TYR F 177 1.95 14.82 55.98
CA TYR F 177 1.22 13.55 55.79
C TYR F 177 -0.29 13.75 55.80
N SER F 178 -0.99 12.81 55.18
CA SER F 178 -2.43 12.72 55.29
C SER F 178 -2.85 11.31 55.72
N MET F 179 -4.07 11.19 56.22
CA MET F 179 -4.53 9.92 56.76
C MET F 179 -6.03 9.79 56.56
N SER F 180 -6.47 8.59 56.19
CA SER F 180 -7.90 8.32 56.18
C SER F 180 -8.23 7.30 57.24
N SER F 181 -9.40 7.50 57.83
CA SER F 181 -9.95 6.59 58.79
C SER F 181 -11.34 6.20 58.36
N THR F 182 -11.54 4.90 58.17
CA THR F 182 -12.78 4.38 57.64
C THR F 182 -13.49 3.48 58.66
N LEU F 183 -14.69 3.90 59.07
CA LEU F 183 -15.54 3.09 59.94
C LEU F 183 -16.55 2.37 59.07
N THR F 184 -16.38 1.05 58.94
CA THR F 184 -17.31 0.27 58.14
C THR F 184 -18.34 -0.47 59.02
N LEU F 185 -19.61 -0.13 58.87
CA LEU F 185 -20.69 -0.84 59.58
C LEU F 185 -21.55 -1.63 58.63
N THR F 186 -22.52 -2.34 59.20
CA THR F 186 -23.68 -2.82 58.45
C THR F 186 -24.62 -1.64 58.29
N LYS F 187 -25.40 -1.62 57.21
CA LYS F 187 -26.50 -0.65 57.08
C LYS F 187 -27.36 -0.62 58.34
N ASP F 188 -27.71 -1.79 58.86
CA ASP F 188 -28.54 -1.91 60.06
C ASP F 188 -27.96 -1.20 61.28
N GLU F 189 -26.72 -1.52 61.64
CA GLU F 189 -26.11 -0.93 62.84
C GLU F 189 -25.98 0.57 62.64
N TYR F 190 -25.76 0.99 61.39
CA TYR F 190 -25.65 2.41 61.06
C TYR F 190 -26.96 3.14 61.37
N GLU F 191 -28.07 2.51 61.03
CA GLU F 191 -29.37 3.13 61.26
C GLU F 191 -29.78 3.02 62.73
N ARG F 192 -29.01 2.29 63.53
CA ARG F 192 -29.29 2.21 64.97
C ARG F 192 -28.77 3.41 65.74
N HIS F 193 -28.18 4.40 65.08
CA HIS F 193 -27.64 5.56 65.78
C HIS F 193 -27.77 6.87 65.02
N ASN F 194 -27.57 7.99 65.72
CA ASN F 194 -27.75 9.31 65.13
C ASN F 194 -26.47 10.11 64.88
N SER F 195 -25.67 10.31 65.92
CA SER F 195 -24.47 11.12 65.79
C SER F 195 -23.23 10.28 65.50
N TYR F 196 -22.47 10.73 64.52
CA TYR F 196 -21.21 10.07 64.16
C TYR F 196 -20.12 11.10 64.22
N THR F 197 -19.07 10.80 64.97
CA THR F 197 -18.04 11.75 65.26
C THR F 197 -16.66 11.19 64.99
N CYS F 198 -15.85 11.98 64.28
CA CYS F 198 -14.47 11.66 64.04
C CYS F 198 -13.60 12.62 64.85
N GLU F 199 -12.71 12.09 65.68
CA GLU F 199 -11.99 12.94 66.63
C GLU F 199 -10.46 12.84 66.51
N ALA F 200 -9.81 13.91 66.05
CA ALA F 200 -8.38 13.90 65.80
C ALA F 200 -7.58 14.55 66.94
N THR F 201 -6.65 13.82 67.52
CA THR F 201 -5.71 14.42 68.46
C THR F 201 -4.31 14.43 67.90
N HIS F 202 -3.72 15.61 67.87
CA HIS F 202 -2.40 15.80 67.26
C HIS F 202 -1.60 16.76 68.15
N LYS F 203 -0.28 16.65 68.14
CA LYS F 203 0.57 17.42 69.05
C LYS F 203 0.48 18.96 68.83
N THR F 204 -0.01 19.39 67.68
CA THR F 204 -0.22 20.83 67.43
C THR F 204 -1.30 21.47 68.35
N SER F 205 -2.09 20.67 69.05
CA SER F 205 -3.08 21.23 69.98
C SER F 205 -3.52 20.24 71.08
N THR F 206 -3.83 20.77 72.26
CA THR F 206 -4.28 19.93 73.36
C THR F 206 -5.78 19.68 73.27
N SER F 207 -6.48 20.47 72.45
CA SER F 207 -7.89 20.20 72.14
C SER F 207 -8.00 19.34 70.87
N PRO F 208 -8.75 18.24 70.94
CA PRO F 208 -9.03 17.39 69.78
C PRO F 208 -9.72 18.17 68.67
N ILE F 209 -9.47 17.82 67.41
CA ILE F 209 -10.26 18.40 66.32
C ILE F 209 -11.42 17.46 66.06
N VAL F 210 -12.64 18.01 66.04
CA VAL F 210 -13.87 17.20 66.04
C VAL F 210 -14.78 17.50 64.84
N LYS F 211 -15.16 16.46 64.10
CA LYS F 211 -16.12 16.62 63.03
C LYS F 211 -17.24 15.59 63.19
N SER F 212 -18.48 16.06 63.12
CA SER F 212 -19.68 15.23 63.31
C SER F 212 -20.70 15.44 62.22
N PHE F 213 -21.52 14.41 62.00
CA PHE F 213 -22.78 14.61 61.33
C PHE F 213 -23.86 13.85 62.08
N ASN F 214 -25.11 14.25 61.87
CA ASN F 214 -26.25 13.47 62.32
C ASN F 214 -26.83 12.73 61.14
N ARG F 215 -27.20 11.47 61.34
CA ARG F 215 -27.68 10.65 60.22
C ARG F 215 -29.00 11.21 59.63
N ASN F 216 -29.83 11.80 60.48
CA ASN F 216 -31.07 12.41 59.99
C ASN F 216 -30.85 13.77 59.34
N GLU G 1 -52.28 -7.23 -15.68
CA GLU G 1 -51.80 -6.34 -14.63
C GLU G 1 -51.82 -4.87 -15.03
N VAL G 2 -51.80 -4.59 -16.33
CA VAL G 2 -52.14 -3.22 -16.78
C VAL G 2 -53.65 -3.02 -16.62
N GLN G 3 -54.07 -2.01 -15.87
CA GLN G 3 -55.50 -1.74 -15.75
C GLN G 3 -55.81 -0.26 -15.93
N LEU G 4 -56.82 0.02 -16.75
CA LEU G 4 -57.36 1.35 -16.92
C LEU G 4 -58.75 1.41 -16.28
N GLN G 5 -58.89 2.21 -15.23
CA GLN G 5 -60.13 2.26 -14.47
C GLN G 5 -60.76 3.65 -14.62
N GLN G 6 -61.84 3.70 -15.38
CA GLN G 6 -62.58 4.93 -15.64
C GLN G 6 -63.66 5.20 -14.60
N SER G 7 -63.96 6.48 -14.41
CA SER G 7 -65.08 6.94 -13.58
C SER G 7 -66.43 6.40 -14.04
N GLY G 8 -67.42 6.49 -13.16
CA GLY G 8 -68.72 5.91 -13.40
C GLY G 8 -69.64 6.74 -14.28
N PRO G 9 -70.80 6.18 -14.63
CA PRO G 9 -71.83 6.79 -15.48
C PRO G 9 -72.21 8.20 -15.01
N GLU G 10 -72.58 9.05 -15.95
CA GLU G 10 -72.76 10.46 -15.65
C GLU G 10 -74.02 11.03 -16.26
N LEU G 11 -74.86 11.62 -15.43
CA LEU G 11 -75.99 12.42 -15.91
C LEU G 11 -75.60 13.89 -15.83
N VAL G 12 -75.72 14.61 -16.95
CA VAL G 12 -75.27 15.99 -16.99
C VAL G 12 -76.25 16.93 -17.71
N LYS G 13 -76.59 18.03 -17.05
CA LYS G 13 -77.49 19.00 -17.65
C LYS G 13 -76.85 19.63 -18.89
N PRO G 14 -77.64 19.88 -19.94
CA PRO G 14 -77.20 20.61 -21.11
C PRO G 14 -76.49 21.91 -20.73
N GLY G 15 -75.54 22.33 -21.57
CA GLY G 15 -74.85 23.59 -21.34
C GLY G 15 -73.70 23.51 -20.36
N ALA G 16 -73.81 22.66 -19.35
CA ALA G 16 -72.74 22.53 -18.36
C ALA G 16 -71.50 21.78 -18.90
N SER G 17 -70.57 21.50 -18.00
CA SER G 17 -69.37 20.77 -18.36
C SER G 17 -69.22 19.59 -17.41
N MET G 18 -68.33 18.67 -17.75
CA MET G 18 -68.07 17.50 -16.91
C MET G 18 -66.67 16.95 -17.18
N LYS G 19 -66.09 16.31 -16.18
CA LYS G 19 -64.73 15.78 -16.32
C LYS G 19 -64.63 14.31 -15.91
N ILE G 20 -64.34 13.44 -16.87
CA ILE G 20 -64.17 12.02 -16.51
C ILE G 20 -62.71 11.66 -16.34
N SER G 21 -62.46 10.63 -15.53
CA SER G 21 -61.10 10.23 -15.20
C SER G 21 -60.79 8.82 -15.68
N CYS G 22 -59.51 8.58 -15.95
CA CYS G 22 -58.99 7.27 -16.35
C CYS G 22 -57.77 6.93 -15.51
N LYS G 23 -57.94 6.03 -14.54
CA LYS G 23 -56.86 5.67 -13.62
C LYS G 23 -56.02 4.51 -14.12
N ALA G 24 -54.79 4.81 -14.54
CA ALA G 24 -53.88 3.79 -15.06
C ALA G 24 -53.06 3.15 -13.97
N SER G 25 -53.11 1.82 -13.87
CA SER G 25 -52.27 1.12 -12.93
C SER G 25 -51.49 -0.01 -13.61
N GLY G 26 -50.36 -0.41 -13.03
CA GLY G 26 -49.67 -1.61 -13.47
C GLY G 26 -48.62 -1.46 -14.57
N TYR G 27 -48.29 -0.21 -14.90
CA TYR G 27 -47.20 0.06 -15.84
C TYR G 27 -46.69 1.46 -15.57
N SER G 28 -45.69 1.88 -16.33
CA SER G 28 -45.11 3.21 -16.15
C SER G 28 -45.92 4.30 -16.86
N PHE G 29 -46.74 5.02 -16.10
CA PHE G 29 -47.76 5.93 -16.63
C PHE G 29 -47.29 6.94 -17.69
N THR G 30 -46.13 7.57 -17.46
CA THR G 30 -45.58 8.58 -18.37
C THR G 30 -44.92 7.96 -19.63
N GLY G 31 -44.85 6.63 -19.67
CA GLY G 31 -44.26 5.95 -20.82
C GLY G 31 -45.02 5.95 -22.14
N TYR G 32 -46.34 6.18 -22.07
CA TYR G 32 -47.24 5.93 -23.20
C TYR G 32 -48.38 6.92 -23.33
N SER G 33 -48.70 7.33 -24.55
CA SER G 33 -49.89 8.16 -24.79
C SER G 33 -51.19 7.56 -24.21
N MET G 34 -52.03 8.42 -23.65
CA MET G 34 -53.38 8.02 -23.33
C MET G 34 -54.31 8.61 -24.38
N ASN G 35 -55.10 7.75 -25.00
CA ASN G 35 -56.01 8.16 -26.05
C ASN G 35 -57.44 8.22 -25.50
N TRP G 36 -58.26 9.08 -26.10
CA TRP G 36 -59.69 9.09 -25.79
C TRP G 36 -60.52 8.85 -27.05
N VAL G 37 -61.61 8.10 -26.87
CA VAL G 37 -62.42 7.64 -27.98
C VAL G 37 -63.89 7.81 -27.65
N LYS G 38 -64.67 8.28 -28.63
CA LYS G 38 -66.11 8.43 -28.48
C LYS G 38 -66.88 7.39 -29.27
N GLN G 39 -67.93 6.83 -28.66
CA GLN G 39 -68.86 5.98 -29.38
C GLN G 39 -70.30 6.37 -29.02
N SER G 40 -71.07 6.81 -30.01
CA SER G 40 -72.50 7.10 -29.76
C SER G 40 -73.31 5.84 -29.96
N HIS G 41 -74.41 5.74 -29.24
CA HIS G 41 -75.25 4.53 -29.15
C HIS G 41 -75.33 3.76 -30.46
N GLY G 42 -75.48 4.48 -31.57
CA GLY G 42 -75.44 3.87 -32.89
C GLY G 42 -74.17 3.11 -33.25
N LYS G 43 -73.23 3.05 -32.31
CA LYS G 43 -72.03 2.21 -32.37
C LYS G 43 -71.11 2.50 -33.56
N ASN G 44 -70.36 3.59 -33.46
CA ASN G 44 -69.19 3.84 -34.30
C ASN G 44 -68.10 4.53 -33.46
N LEU G 45 -66.84 4.17 -33.67
CA LEU G 45 -65.78 4.68 -32.81
C LEU G 45 -65.14 5.92 -33.42
N GLU G 46 -64.97 6.94 -32.59
CA GLU G 46 -64.36 8.17 -33.06
C GLU G 46 -63.22 8.61 -32.13
N TRP G 47 -62.05 8.84 -32.72
CA TRP G 47 -60.88 9.27 -31.96
C TRP G 47 -61.02 10.76 -31.59
N ILE G 48 -60.99 11.06 -30.31
CA ILE G 48 -61.08 12.44 -29.85
C ILE G 48 -59.69 13.11 -29.83
N GLY G 49 -58.70 12.40 -29.32
CA GLY G 49 -57.34 12.92 -29.21
C GLY G 49 -56.48 12.10 -28.29
N LEU G 50 -55.25 12.56 -28.06
CA LEU G 50 -54.39 11.92 -27.07
C LEU G 50 -53.57 12.93 -26.32
N ILE G 51 -53.12 12.50 -25.16
CA ILE G 51 -52.22 13.31 -24.37
C ILE G 51 -50.96 12.52 -24.02
N ASN G 52 -49.83 13.21 -24.11
CA ASN G 52 -48.54 12.69 -23.67
C ASN G 52 -48.39 12.87 -22.16
N PRO G 53 -48.55 11.79 -21.38
CA PRO G 53 -48.57 11.99 -19.93
C PRO G 53 -47.23 12.45 -19.33
N TYR G 54 -46.15 12.33 -20.10
CA TYR G 54 -44.83 12.76 -19.66
C TYR G 54 -44.76 14.27 -19.54
N ASN G 55 -45.23 15.00 -20.55
CA ASN G 55 -45.14 16.46 -20.49
C ASN G 55 -46.45 17.21 -20.74
N GLY G 56 -47.56 16.46 -20.78
CA GLY G 56 -48.89 17.04 -21.00
C GLY G 56 -49.18 17.60 -22.38
N ASP G 57 -48.29 17.35 -23.35
CA ASP G 57 -48.57 17.70 -24.74
C ASP G 57 -49.82 17.00 -25.26
N THR G 58 -50.60 17.70 -26.08
CA THR G 58 -51.88 17.17 -26.55
C THR G 58 -51.95 17.19 -28.08
N THR G 59 -52.73 16.27 -28.64
CA THR G 59 -53.10 16.29 -30.05
C THR G 59 -54.59 15.93 -30.19
N TYR G 60 -55.37 16.82 -30.84
CA TYR G 60 -56.83 16.65 -30.95
C TYR G 60 -57.28 16.37 -32.38
N LYS G 61 -58.39 15.65 -32.54
CA LYS G 61 -59.11 15.64 -33.80
C LYS G 61 -59.78 17.02 -33.92
N GLN G 62 -59.79 17.60 -35.11
CA GLN G 62 -60.27 18.97 -35.32
C GLN G 62 -61.57 19.31 -34.58
N LYS G 63 -62.62 18.51 -34.83
CA LYS G 63 -63.95 18.80 -34.30
C LYS G 63 -64.04 18.78 -32.77
N PHE G 64 -63.00 18.30 -32.08
CA PHE G 64 -63.06 18.27 -30.62
C PHE G 64 -62.24 19.35 -29.94
N LYS G 65 -61.49 20.13 -30.72
CA LYS G 65 -60.77 21.27 -30.17
C LYS G 65 -61.75 22.26 -29.52
N GLY G 66 -61.53 22.58 -28.25
CA GLY G 66 -62.44 23.48 -27.55
C GLY G 66 -63.71 22.80 -27.10
N LYS G 67 -63.84 21.52 -27.43
CA LYS G 67 -64.97 20.70 -27.02
C LYS G 67 -64.53 19.72 -25.93
N ALA G 68 -63.34 19.14 -26.10
CA ALA G 68 -62.72 18.32 -25.06
C ALA G 68 -61.39 18.93 -24.60
N THR G 69 -61.09 18.83 -23.31
CA THR G 69 -59.78 19.18 -22.79
C THR G 69 -59.12 18.00 -22.07
N LEU G 70 -57.97 17.57 -22.56
CA LEU G 70 -57.23 16.45 -21.97
C LEU G 70 -56.19 16.90 -20.96
N THR G 71 -56.15 16.23 -19.82
CA THR G 71 -55.15 16.54 -18.81
C THR G 71 -54.67 15.24 -18.15
N VAL G 72 -53.57 15.34 -17.40
CA VAL G 72 -53.10 14.24 -16.57
C VAL G 72 -52.66 14.69 -15.18
N ASP G 73 -52.62 13.74 -14.25
CA ASP G 73 -52.05 13.94 -12.93
C ASP G 73 -51.05 12.82 -12.66
N ARG G 74 -49.77 13.14 -12.76
CA ARG G 74 -48.72 12.14 -12.64
C ARG G 74 -48.64 11.52 -11.26
N SER G 75 -48.87 12.32 -10.22
CA SER G 75 -48.82 11.83 -8.84
C SER G 75 -49.85 10.73 -8.58
N SER G 76 -50.99 10.82 -9.25
CA SER G 76 -52.06 9.84 -9.06
C SER G 76 -52.14 8.87 -10.24
N SER G 77 -51.37 9.17 -11.29
CA SER G 77 -51.39 8.40 -12.54
C SER G 77 -52.81 8.29 -13.11
N THR G 78 -53.45 9.45 -13.24
CA THR G 78 -54.82 9.50 -13.72
C THR G 78 -54.86 10.43 -14.92
N ALA G 79 -55.56 10.01 -15.97
CA ALA G 79 -55.77 10.86 -17.12
C ALA G 79 -57.17 11.48 -17.02
N TYR G 80 -57.35 12.70 -17.51
CA TYR G 80 -58.67 13.32 -17.48
C TYR G 80 -59.07 13.84 -18.84
N MET G 81 -60.37 13.77 -19.13
CA MET G 81 -60.95 14.44 -20.27
C MET G 81 -62.11 15.28 -19.80
N GLU G 82 -62.08 16.56 -20.15
CA GLU G 82 -63.17 17.44 -19.78
C GLU G 82 -64.00 17.76 -21.01
N LEU G 83 -65.29 17.48 -20.92
CA LEU G 83 -66.23 17.86 -21.98
C LEU G 83 -66.91 19.16 -21.57
N LEU G 84 -66.92 20.15 -22.46
CA LEU G 84 -67.46 21.47 -22.13
C LEU G 84 -68.74 21.77 -22.90
N ARG G 85 -69.65 22.52 -22.25
CA ARG G 85 -70.83 23.07 -22.91
C ARG G 85 -71.63 21.98 -23.62
N LEU G 86 -72.03 21.00 -22.83
CA LEU G 86 -72.64 19.76 -23.33
C LEU G 86 -74.00 19.93 -24.00
N THR G 87 -74.15 19.21 -25.11
CA THR G 87 -75.39 19.13 -25.84
C THR G 87 -75.73 17.66 -25.99
N SER G 88 -76.96 17.33 -26.38
CA SER G 88 -77.37 15.92 -26.47
C SER G 88 -76.53 15.14 -27.48
N GLU G 89 -75.75 15.86 -28.29
CA GLU G 89 -74.80 15.26 -29.21
C GLU G 89 -73.61 14.60 -28.51
N ASP G 90 -73.40 14.94 -27.23
CA ASP G 90 -72.28 14.43 -26.46
C ASP G 90 -72.72 13.24 -25.62
N SER G 91 -74.00 12.89 -25.73
CA SER G 91 -74.50 11.67 -25.11
C SER G 91 -73.83 10.49 -25.81
N ALA G 92 -72.99 9.77 -25.08
CA ALA G 92 -72.13 8.75 -25.68
C ALA G 92 -71.44 7.94 -24.61
N VAL G 93 -70.75 6.89 -25.04
CA VAL G 93 -69.81 6.20 -24.16
C VAL G 93 -68.45 6.74 -24.53
N TYR G 94 -67.63 7.06 -23.52
CA TYR G 94 -66.26 7.51 -23.76
C TYR G 94 -65.24 6.53 -23.18
N TYR G 95 -64.24 6.19 -23.98
CA TYR G 95 -63.17 5.31 -23.54
C TYR G 95 -61.85 6.05 -23.46
N CYS G 96 -61.06 5.75 -22.44
CA CYS G 96 -59.63 6.03 -22.55
C CYS G 96 -58.99 4.76 -23.15
N ALA G 97 -57.88 4.93 -23.85
CA ALA G 97 -57.16 3.77 -24.40
C ALA G 97 -55.68 4.09 -24.55
N ARG G 98 -54.83 3.18 -24.07
CA ARG G 98 -53.40 3.42 -24.04
C ARG G 98 -52.72 2.96 -25.32
N SER G 99 -51.83 3.79 -25.85
CA SER G 99 -51.03 3.40 -27.00
C SER G 99 -50.16 2.17 -26.65
N GLY G 100 -49.82 1.38 -27.66
CA GLY G 100 -48.97 0.23 -27.46
C GLY G 100 -47.50 0.55 -27.72
N ARG G 101 -46.69 -0.49 -27.82
CA ARG G 101 -45.27 -0.34 -28.08
C ARG G 101 -44.91 -0.94 -29.45
N GLY G 102 -44.15 -0.20 -30.24
CA GLY G 102 -43.57 -0.75 -31.46
C GLY G 102 -43.78 0.10 -32.71
N ALA G 103 -44.70 1.06 -32.62
CA ALA G 103 -44.92 1.98 -33.73
C ALA G 103 -43.75 2.97 -33.85
N PRO G 104 -43.48 3.45 -35.07
CA PRO G 104 -42.32 4.35 -35.25
C PRO G 104 -42.54 5.74 -34.64
N THR G 105 -43.80 6.13 -34.45
CA THR G 105 -44.14 7.44 -33.91
C THR G 105 -45.34 7.39 -32.95
N THR G 106 -45.63 8.53 -32.33
CA THR G 106 -46.74 8.63 -31.41
C THR G 106 -48.06 8.56 -32.17
N THR G 107 -48.01 8.99 -33.42
CA THR G 107 -49.18 9.04 -34.29
C THR G 107 -49.57 7.64 -34.72
N THR G 108 -48.59 6.79 -34.99
CA THR G 108 -48.88 5.48 -35.56
C THR G 108 -49.17 4.37 -34.55
N ALA G 109 -49.09 4.70 -33.26
CA ALA G 109 -49.41 3.73 -32.20
C ALA G 109 -50.87 3.22 -32.26
N TRP G 110 -51.04 1.91 -32.03
CA TRP G 110 -52.37 1.30 -31.98
C TRP G 110 -52.78 1.16 -30.52
N PHE G 111 -54.02 0.71 -30.26
CA PHE G 111 -54.54 0.70 -28.87
C PHE G 111 -54.56 -0.69 -28.24
N THR G 112 -53.67 -0.91 -27.28
CA THR G 112 -53.53 -2.25 -26.69
C THR G 112 -54.29 -2.43 -25.38
N TYR G 113 -54.59 -1.33 -24.68
CA TYR G 113 -55.35 -1.40 -23.43
C TYR G 113 -56.48 -0.38 -23.42
N TRP G 114 -57.65 -0.80 -22.92
CA TRP G 114 -58.85 0.06 -22.90
C TRP G 114 -59.49 0.14 -21.52
N GLY G 115 -59.98 1.32 -21.15
CA GLY G 115 -60.82 1.44 -19.97
C GLY G 115 -62.14 0.76 -20.26
N GLN G 116 -62.97 0.56 -19.23
CA GLN G 116 -64.24 -0.14 -19.43
C GLN G 116 -65.30 0.81 -20.01
N GLY G 117 -64.92 2.08 -20.15
CA GLY G 117 -65.79 3.06 -20.77
C GLY G 117 -66.68 3.77 -19.78
N THR G 118 -67.03 5.03 -20.10
CA THR G 118 -67.91 5.85 -19.27
C THR G 118 -69.15 6.29 -20.05
N LEU G 119 -70.34 5.96 -19.55
CA LEU G 119 -71.56 6.38 -20.22
C LEU G 119 -71.95 7.80 -19.80
N VAL G 120 -72.10 8.67 -20.79
CA VAL G 120 -72.44 10.06 -20.52
C VAL G 120 -73.84 10.40 -21.06
N THR G 121 -74.75 10.75 -20.16
CA THR G 121 -76.10 11.13 -20.57
C THR G 121 -76.30 12.64 -20.35
N VAL G 122 -76.49 13.38 -21.42
CA VAL G 122 -76.83 14.78 -21.22
C VAL G 122 -78.31 15.01 -21.52
N SER G 123 -79.04 15.21 -20.44
CA SER G 123 -80.48 15.46 -20.49
C SER G 123 -80.87 16.40 -19.35
N ALA G 124 -81.99 17.11 -19.52
CA ALA G 124 -82.51 17.97 -18.48
C ALA G 124 -83.41 17.21 -17.50
N ALA G 125 -83.80 15.99 -17.88
CA ALA G 125 -84.67 15.15 -17.06
C ALA G 125 -84.06 14.86 -15.68
N LYS G 126 -84.84 14.26 -14.78
CA LYS G 126 -84.39 14.12 -13.39
C LYS G 126 -84.27 12.67 -12.94
N THR G 127 -83.22 12.39 -12.18
CA THR G 127 -82.92 11.04 -11.70
C THR G 127 -84.12 10.39 -11.01
N THR G 128 -84.49 9.21 -11.49
CA THR G 128 -85.64 8.49 -10.98
C THR G 128 -85.27 7.03 -10.74
N PRO G 129 -85.48 6.53 -9.51
CA PRO G 129 -85.22 5.13 -9.16
C PRO G 129 -86.17 4.15 -9.85
N PRO G 130 -85.73 2.90 -10.04
CA PRO G 130 -86.66 1.94 -10.65
C PRO G 130 -87.69 1.42 -9.66
N SER G 131 -88.87 1.09 -10.16
CA SER G 131 -89.79 0.24 -9.42
C SER G 131 -89.59 -1.17 -9.94
N VAL G 132 -89.46 -2.13 -9.03
CA VAL G 132 -89.12 -3.50 -9.41
C VAL G 132 -90.25 -4.44 -9.01
N TYR G 133 -90.73 -5.21 -9.98
CA TYR G 133 -91.86 -6.09 -9.76
C TYR G 133 -91.51 -7.52 -10.17
N PRO G 134 -92.10 -8.51 -9.49
CA PRO G 134 -91.87 -9.92 -9.81
C PRO G 134 -92.64 -10.36 -11.05
N LEU G 135 -91.98 -11.08 -11.96
CA LEU G 135 -92.70 -11.69 -13.07
C LEU G 135 -92.89 -13.18 -12.78
N ALA G 136 -94.04 -13.51 -12.21
CA ALA G 136 -94.30 -14.84 -11.69
C ALA G 136 -95.33 -15.61 -12.52
N PRO G 137 -95.05 -16.90 -12.76
CA PRO G 137 -95.92 -17.86 -13.44
C PRO G 137 -96.90 -18.56 -12.49
N GLY G 138 -97.95 -19.17 -13.06
CA GLY G 138 -98.89 -19.96 -12.28
C GLY G 138 -98.44 -21.41 -12.17
N SER G 139 -99.38 -22.29 -11.85
CA SER G 139 -99.09 -23.72 -11.69
C SER G 139 -98.63 -24.38 -12.99
N SER G 145 -88.82 -30.51 -17.23
CA SER G 145 -89.66 -29.35 -17.50
C SER G 145 -89.14 -28.10 -16.80
N MET G 146 -89.04 -27.04 -17.58
CA MET G 146 -88.48 -25.80 -17.07
C MET G 146 -89.57 -24.80 -16.74
N VAL G 147 -89.24 -23.86 -15.86
CA VAL G 147 -90.15 -22.76 -15.59
C VAL G 147 -89.39 -21.46 -15.86
N THR G 148 -90.06 -20.51 -16.50
CA THR G 148 -89.43 -19.23 -16.78
C THR G 148 -90.06 -18.18 -15.88
N LEU G 149 -89.21 -17.33 -15.33
CA LEU G 149 -89.69 -16.24 -14.51
C LEU G 149 -88.75 -15.06 -14.68
N GLY G 150 -89.16 -13.89 -14.20
CA GLY G 150 -88.32 -12.72 -14.34
C GLY G 150 -88.68 -11.62 -13.38
N CYS G 151 -88.11 -10.45 -13.58
CA CYS G 151 -88.57 -9.29 -12.86
C CYS G 151 -88.50 -8.05 -13.75
N LEU G 152 -89.52 -7.22 -13.60
CA LEU G 152 -89.70 -6.00 -14.38
C LEU G 152 -89.08 -4.79 -13.67
N VAL G 153 -88.24 -4.07 -14.40
CA VAL G 153 -87.58 -2.90 -13.86
C VAL G 153 -88.11 -1.66 -14.56
N LYS G 154 -89.02 -0.95 -13.90
CA LYS G 154 -89.85 0.05 -14.59
C LYS G 154 -89.62 1.48 -14.12
N GLY G 155 -89.62 2.41 -15.07
CA GLY G 155 -89.70 3.83 -14.75
C GLY G 155 -88.50 4.45 -14.05
N TYR G 156 -87.29 4.11 -14.52
CA TYR G 156 -86.08 4.74 -13.97
C TYR G 156 -85.44 5.70 -14.97
N PHE G 157 -84.47 6.46 -14.47
CA PHE G 157 -83.68 7.41 -15.27
C PHE G 157 -82.49 7.86 -14.45
N PRO G 158 -81.31 7.98 -15.06
CA PRO G 158 -80.97 7.56 -16.42
C PRO G 158 -80.43 6.13 -16.46
N GLU G 159 -79.84 5.74 -17.58
CA GLU G 159 -79.11 4.47 -17.67
C GLU G 159 -77.80 4.57 -16.84
N PRO G 160 -77.24 3.43 -16.40
CA PRO G 160 -77.70 2.05 -16.57
C PRO G 160 -78.35 1.49 -15.33
N VAL G 161 -78.96 0.31 -15.47
CA VAL G 161 -79.40 -0.51 -14.35
C VAL G 161 -78.61 -1.80 -14.46
N THR G 162 -78.29 -2.47 -13.36
CA THR G 162 -77.72 -3.82 -13.45
C THR G 162 -78.65 -4.85 -12.81
N VAL G 163 -78.82 -6.00 -13.47
CA VAL G 163 -79.67 -7.07 -12.95
C VAL G 163 -78.88 -8.37 -12.75
N THR G 164 -79.08 -9.03 -11.60
CA THR G 164 -78.43 -10.30 -11.31
C THR G 164 -79.44 -11.27 -10.74
N TRP G 165 -79.07 -12.54 -10.67
CA TRP G 165 -79.98 -13.53 -10.11
C TRP G 165 -79.28 -14.39 -9.07
N ASN G 166 -79.93 -14.52 -7.91
CA ASN G 166 -79.30 -15.12 -6.73
C ASN G 166 -77.89 -14.58 -6.58
N SER G 167 -77.76 -13.26 -6.61
CA SER G 167 -76.48 -12.57 -6.49
C SER G 167 -75.39 -13.02 -7.46
N GLY G 168 -75.78 -13.68 -8.55
CA GLY G 168 -74.82 -14.04 -9.58
C GLY G 168 -74.55 -15.53 -9.71
N SER G 169 -74.94 -16.30 -8.72
CA SER G 169 -74.76 -17.75 -8.78
C SER G 169 -75.67 -18.33 -9.86
N LEU G 170 -76.73 -17.60 -10.20
CA LEU G 170 -77.66 -18.03 -11.23
C LEU G 170 -77.47 -17.19 -12.49
N SER G 171 -76.54 -17.60 -13.35
CA SER G 171 -76.11 -16.77 -14.47
C SER G 171 -76.48 -17.34 -15.85
N SER G 172 -76.67 -18.65 -15.94
CA SER G 172 -77.05 -19.24 -17.21
C SER G 172 -78.57 -19.39 -17.25
N GLY G 173 -79.15 -19.26 -18.44
CA GLY G 173 -80.59 -19.21 -18.61
C GLY G 173 -81.19 -17.82 -18.38
N VAL G 174 -80.33 -16.80 -18.40
CA VAL G 174 -80.71 -15.42 -18.10
C VAL G 174 -80.75 -14.48 -19.31
N HIS G 175 -81.89 -13.83 -19.53
CA HIS G 175 -82.00 -12.81 -20.58
C HIS G 175 -82.37 -11.48 -19.99
N THR G 176 -81.46 -10.51 -20.03
CA THR G 176 -81.79 -9.15 -19.61
C THR G 176 -81.82 -8.19 -20.81
N PHE G 177 -83.04 -7.78 -21.15
CA PHE G 177 -83.34 -7.08 -22.38
C PHE G 177 -82.96 -5.61 -22.31
N PRO G 178 -82.47 -5.04 -23.42
CA PRO G 178 -82.17 -3.59 -23.44
C PRO G 178 -83.42 -2.77 -23.10
N ALA G 179 -83.23 -1.67 -22.36
CA ALA G 179 -84.33 -0.84 -21.93
C ALA G 179 -85.01 -0.12 -23.09
N VAL G 180 -86.26 0.27 -22.88
CA VAL G 180 -86.96 1.14 -23.80
C VAL G 180 -87.24 2.49 -23.13
N LEU G 181 -87.09 3.54 -23.93
CA LEU G 181 -87.27 4.90 -23.43
C LEU G 181 -88.66 5.37 -23.80
N GLN G 182 -89.47 5.71 -22.81
CA GLN G 182 -90.80 6.24 -23.03
C GLN G 182 -91.09 7.39 -22.07
N SER G 183 -91.22 8.60 -22.59
CA SER G 183 -91.52 9.78 -21.78
C SER G 183 -90.45 9.97 -20.70
N ASP G 184 -89.21 10.04 -21.13
CA ASP G 184 -88.07 10.34 -20.27
C ASP G 184 -87.88 9.30 -19.14
N LEU G 185 -88.49 8.13 -19.30
CA LEU G 185 -88.32 7.02 -18.37
C LEU G 185 -88.02 5.70 -19.08
N TYR G 186 -87.03 4.97 -18.54
CA TYR G 186 -86.64 3.67 -19.06
C TYR G 186 -87.36 2.51 -18.37
N THR G 187 -87.49 1.41 -19.10
CA THR G 187 -88.07 0.16 -18.58
C THR G 187 -87.32 -1.01 -19.22
N LEU G 188 -87.02 -2.04 -18.43
CA LEU G 188 -86.51 -3.28 -18.98
C LEU G 188 -86.99 -4.45 -18.16
N SER G 189 -86.96 -5.63 -18.77
CA SER G 189 -87.23 -6.87 -18.08
C SER G 189 -86.02 -7.79 -18.13
N SER G 190 -85.95 -8.68 -17.16
CA SER G 190 -84.94 -9.71 -17.14
C SER G 190 -85.61 -11.05 -16.90
N SER G 191 -85.30 -12.06 -17.72
CA SER G 191 -85.88 -13.38 -17.51
C SER G 191 -84.84 -14.39 -17.05
N VAL G 192 -85.29 -15.40 -16.33
CA VAL G 192 -84.43 -16.53 -16.03
C VAL G 192 -85.25 -17.82 -16.11
N THR G 193 -84.61 -18.86 -16.61
CA THR G 193 -85.23 -20.18 -16.74
C THR G 193 -84.47 -21.19 -15.88
N VAL G 194 -85.22 -21.87 -15.02
CA VAL G 194 -84.64 -22.82 -14.08
C VAL G 194 -85.47 -24.11 -14.10
N PRO G 195 -84.87 -25.24 -13.68
CA PRO G 195 -85.62 -26.49 -13.60
C PRO G 195 -86.72 -26.41 -12.56
N SER G 196 -87.72 -27.28 -12.64
CA SER G 196 -88.74 -27.32 -11.61
C SER G 196 -88.22 -28.07 -10.38
N SER G 197 -87.04 -28.67 -10.51
CA SER G 197 -86.39 -29.33 -9.40
C SER G 197 -85.76 -28.31 -8.45
N THR G 198 -85.59 -27.08 -8.93
CA THR G 198 -85.03 -26.01 -8.10
C THR G 198 -86.04 -24.88 -7.93
N TRP G 199 -87.27 -25.11 -8.38
CA TRP G 199 -88.34 -24.12 -8.26
C TRP G 199 -89.70 -24.78 -8.37
N PRO G 200 -90.65 -24.39 -7.51
CA PRO G 200 -90.53 -23.34 -6.49
C PRO G 200 -89.76 -23.78 -5.25
N SER G 201 -89.35 -25.04 -5.20
CA SER G 201 -88.83 -25.68 -3.98
C SER G 201 -87.65 -24.94 -3.35
N GLU G 202 -86.96 -24.12 -4.15
CA GLU G 202 -85.85 -23.31 -3.67
C GLU G 202 -86.13 -21.84 -3.94
N THR G 203 -85.19 -20.96 -3.59
CA THR G 203 -85.42 -19.52 -3.78
C THR G 203 -84.64 -18.96 -4.97
N VAL G 204 -85.37 -18.25 -5.83
CA VAL G 204 -84.79 -17.52 -6.94
C VAL G 204 -85.06 -16.04 -6.74
N THR G 205 -84.00 -15.24 -6.66
CA THR G 205 -84.11 -13.81 -6.34
C THR G 205 -83.40 -12.95 -7.37
N CYS G 206 -84.08 -11.94 -7.91
CA CYS G 206 -83.40 -11.00 -8.79
C CYS G 206 -82.92 -9.80 -7.98
N ASN G 207 -81.74 -9.29 -8.32
CA ASN G 207 -81.16 -8.14 -7.63
C ASN G 207 -80.94 -6.99 -8.60
N VAL G 208 -81.49 -5.83 -8.27
CA VAL G 208 -81.42 -4.71 -9.18
C VAL G 208 -80.66 -3.55 -8.57
N ALA G 209 -79.73 -3.00 -9.34
CA ALA G 209 -79.00 -1.82 -8.88
C ALA G 209 -79.12 -0.71 -9.90
N HIS G 210 -79.37 0.50 -9.41
CA HIS G 210 -79.42 1.69 -10.24
C HIS G 210 -78.54 2.75 -9.58
N PRO G 211 -77.34 2.99 -10.12
CA PRO G 211 -76.36 3.79 -9.39
C PRO G 211 -76.74 5.26 -9.26
N ALA G 212 -77.41 5.80 -10.27
CA ALA G 212 -77.72 7.22 -10.35
C ALA G 212 -78.61 7.67 -9.18
N SER G 213 -79.31 6.71 -8.59
CA SER G 213 -80.16 7.00 -7.46
C SER G 213 -79.78 6.09 -6.31
N SER G 214 -78.59 5.50 -6.40
CA SER G 214 -78.06 4.55 -5.41
C SER G 214 -79.15 3.62 -4.86
N THR G 215 -79.83 2.93 -5.79
CA THR G 215 -80.85 1.97 -5.45
C THR G 215 -80.27 0.57 -5.53
N LYS G 216 -80.54 -0.25 -4.54
CA LYS G 216 -80.12 -1.64 -4.53
C LYS G 216 -81.21 -2.49 -3.90
N VAL G 217 -82.06 -3.07 -4.75
CA VAL G 217 -83.19 -3.84 -4.24
C VAL G 217 -83.19 -5.27 -4.76
N ASP G 218 -83.55 -6.19 -3.88
CA ASP G 218 -83.72 -7.57 -4.27
C ASP G 218 -85.20 -7.83 -4.43
N LYS G 219 -85.54 -9.03 -4.89
CA LYS G 219 -86.92 -9.40 -5.14
C LYS G 219 -86.99 -10.92 -5.25
N LYS G 220 -87.50 -11.56 -4.21
CA LYS G 220 -87.72 -13.00 -4.25
C LYS G 220 -88.92 -13.25 -5.17
N ILE G 221 -88.78 -14.18 -6.10
CA ILE G 221 -89.89 -14.57 -6.95
C ILE G 221 -90.51 -15.86 -6.43
N VAL G 222 -91.84 -15.87 -6.33
CA VAL G 222 -92.58 -17.01 -5.80
C VAL G 222 -93.78 -17.34 -6.67
N PRO G 223 -94.11 -18.64 -6.80
CA PRO G 223 -95.24 -19.06 -7.63
C PRO G 223 -96.55 -18.47 -7.15
N ARG G 224 -97.41 -18.04 -8.07
CA ARG G 224 -98.68 -17.43 -7.69
C ARG G 224 -99.79 -17.82 -8.64
N ASP H 1 -58.81 13.67 -43.80
CA ASP H 1 -59.08 12.50 -42.98
C ASP H 1 -59.18 11.25 -43.86
N ILE H 2 -58.48 10.19 -43.48
CA ILE H 2 -58.59 8.93 -44.21
C ILE H 2 -59.94 8.30 -43.93
N VAL H 3 -60.67 7.98 -44.99
CA VAL H 3 -61.99 7.36 -44.85
C VAL H 3 -61.85 5.85 -44.95
N LEU H 4 -62.35 5.12 -43.95
CA LEU H 4 -62.31 3.66 -44.01
C LEU H 4 -63.67 3.10 -44.33
N THR H 5 -63.75 2.37 -45.45
CA THR H 5 -65.00 1.79 -45.88
C THR H 5 -64.98 0.29 -45.70
N GLN H 6 -65.78 -0.19 -44.76
CA GLN H 6 -65.86 -1.62 -44.50
C GLN H 6 -66.97 -2.25 -45.35
N SER H 7 -66.81 -3.52 -45.66
CA SER H 7 -67.86 -4.29 -46.29
C SER H 7 -67.60 -5.77 -46.02
N PRO H 8 -68.66 -6.55 -45.83
CA PRO H 8 -70.05 -6.05 -45.81
C PRO H 8 -70.36 -5.30 -44.51
N ALA H 9 -71.56 -4.74 -44.42
CA ALA H 9 -71.99 -4.06 -43.21
C ALA H 9 -72.30 -5.08 -42.13
N SER H 10 -72.82 -6.23 -42.55
CA SER H 10 -73.15 -7.30 -41.65
C SER H 10 -73.15 -8.61 -42.42
N LEU H 11 -72.92 -9.71 -41.71
CA LEU H 11 -72.97 -11.03 -42.32
C LEU H 11 -73.20 -12.08 -41.25
N ALA H 12 -73.76 -13.20 -41.67
CA ALA H 12 -74.01 -14.31 -40.80
C ALA H 12 -73.25 -15.51 -41.35
N VAL H 13 -72.44 -16.15 -40.50
CA VAL H 13 -71.60 -17.27 -40.91
C VAL H 13 -71.85 -18.46 -39.96
N SER H 14 -71.99 -19.67 -40.50
CA SER H 14 -72.21 -20.83 -39.65
C SER H 14 -71.00 -21.19 -38.82
N LEU H 15 -71.24 -21.78 -37.67
CA LEU H 15 -70.18 -22.33 -36.82
C LEU H 15 -69.25 -23.21 -37.62
N GLY H 16 -67.95 -22.97 -37.54
CA GLY H 16 -66.98 -23.79 -38.25
C GLY H 16 -66.66 -23.30 -39.65
N GLN H 17 -67.42 -22.33 -40.15
CA GLN H 17 -67.17 -21.80 -41.49
C GLN H 17 -66.30 -20.54 -41.45
N ARG H 18 -65.96 -20.02 -42.61
CA ARG H 18 -65.05 -18.89 -42.74
C ARG H 18 -65.77 -17.54 -42.88
N ALA H 19 -65.35 -16.57 -42.06
CA ALA H 19 -65.83 -15.18 -42.15
C ALA H 19 -64.75 -14.29 -42.76
N THR H 20 -65.09 -13.54 -43.81
CA THR H 20 -64.15 -12.60 -44.43
C THR H 20 -64.66 -11.16 -44.40
N ILE H 21 -63.86 -10.27 -43.85
CA ILE H 21 -64.24 -8.87 -43.67
C ILE H 21 -63.21 -7.93 -44.29
N SER H 22 -63.71 -7.01 -45.12
CA SER H 22 -62.88 -6.10 -45.90
C SER H 22 -62.91 -4.66 -45.39
N CYS H 23 -61.76 -3.99 -45.50
CA CYS H 23 -61.65 -2.58 -45.19
C CYS H 23 -60.92 -1.92 -46.35
N ARG H 24 -61.46 -0.83 -46.89
CA ARG H 24 -60.76 -0.06 -47.91
C ARG H 24 -60.53 1.35 -47.41
N ALA H 25 -59.29 1.82 -47.48
CA ALA H 25 -58.95 3.17 -47.07
C ALA H 25 -58.98 4.11 -48.28
N SER H 26 -59.38 5.37 -48.05
CA SER H 26 -59.44 6.37 -49.13
C SER H 26 -58.04 6.73 -49.66
N GLU H 27 -57.04 6.75 -48.81
CA GLU H 27 -55.65 6.89 -49.26
C GLU H 27 -54.79 5.79 -48.62
N SER H 28 -53.58 5.61 -49.11
CA SER H 28 -52.67 4.61 -48.56
C SER H 28 -52.41 4.87 -47.08
N VAL H 29 -52.26 3.79 -46.32
CA VAL H 29 -51.93 3.89 -44.90
C VAL H 29 -50.56 3.23 -44.65
N ASP H 30 -49.74 3.15 -45.70
CA ASP H 30 -48.38 2.64 -45.60
C ASP H 30 -47.35 3.73 -45.31
N SER H 31 -46.47 3.47 -44.35
CA SER H 31 -45.25 4.24 -44.14
C SER H 31 -44.25 3.37 -43.38
N TYR H 32 -43.01 3.84 -43.28
CA TYR H 32 -41.96 3.15 -42.52
C TYR H 32 -41.88 1.66 -42.80
N GLY H 33 -42.19 1.25 -44.02
CA GLY H 33 -42.17 -0.15 -44.40
C GLY H 33 -43.30 -0.98 -43.80
N ASN H 34 -44.30 -0.29 -43.26
CA ASN H 34 -45.41 -0.98 -42.61
C ASN H 34 -46.77 -0.54 -43.16
N SER H 35 -47.80 -1.32 -42.86
CA SER H 35 -49.17 -0.88 -43.11
C SER H 35 -49.86 -0.63 -41.79
N PHE H 36 -50.24 0.62 -41.53
CA PHE H 36 -50.85 0.94 -40.25
C PHE H 36 -52.38 0.87 -40.28
N MET H 37 -52.85 -0.35 -40.56
CA MET H 37 -54.27 -0.71 -40.42
C MET H 37 -54.31 -1.75 -39.33
N HIS H 38 -55.26 -1.62 -38.41
CA HIS H 38 -55.39 -2.54 -37.29
C HIS H 38 -56.85 -2.97 -37.16
N TRP H 39 -57.07 -4.18 -36.67
CA TRP H 39 -58.45 -4.67 -36.53
C TRP H 39 -58.85 -4.87 -35.09
N TYR H 40 -60.05 -4.42 -34.74
CA TYR H 40 -60.59 -4.57 -33.38
C TYR H 40 -61.92 -5.31 -33.38
N GLN H 41 -62.20 -5.99 -32.27
CA GLN H 41 -63.42 -6.72 -32.05
C GLN H 41 -64.12 -6.08 -30.87
N GLN H 42 -65.41 -5.83 -31.00
CA GLN H 42 -66.15 -5.27 -29.86
C GLN H 42 -67.48 -5.99 -29.65
N LYS H 43 -67.66 -6.60 -28.48
CA LYS H 43 -68.95 -7.18 -28.13
C LYS H 43 -69.84 -6.07 -27.55
N PRO H 44 -71.16 -6.21 -27.65
CA PRO H 44 -72.05 -5.18 -27.09
C PRO H 44 -71.76 -4.89 -25.62
N GLY H 45 -71.65 -3.60 -25.30
CA GLY H 45 -71.45 -3.15 -23.93
C GLY H 45 -70.04 -3.26 -23.36
N GLN H 46 -69.07 -3.61 -24.21
CA GLN H 46 -67.67 -3.77 -23.78
C GLN H 46 -66.76 -2.89 -24.62
N PRO H 47 -65.58 -2.55 -24.08
CA PRO H 47 -64.62 -1.82 -24.94
C PRO H 47 -64.08 -2.73 -26.05
N PRO H 48 -63.69 -2.14 -27.18
CA PRO H 48 -62.98 -2.89 -28.22
C PRO H 48 -61.77 -3.66 -27.68
N ILE H 49 -61.48 -4.82 -28.26
CA ILE H 49 -60.23 -5.55 -28.03
C ILE H 49 -59.41 -5.60 -29.32
N LEU H 50 -58.12 -5.26 -29.24
CA LEU H 50 -57.24 -5.40 -30.41
C LEU H 50 -57.00 -6.86 -30.77
N LEU H 51 -57.28 -7.22 -32.03
CA LEU H 51 -57.00 -8.54 -32.57
C LEU H 51 -55.67 -8.59 -33.34
N ILE H 52 -55.51 -7.60 -34.21
CA ILE H 52 -54.47 -7.59 -35.22
C ILE H 52 -53.90 -6.19 -35.32
N SER H 53 -52.58 -6.08 -35.33
CA SER H 53 -51.99 -4.77 -35.55
C SER H 53 -51.09 -4.80 -36.79
N ARG H 54 -50.94 -3.66 -37.44
CA ARG H 54 -50.13 -3.54 -38.65
C ARG H 54 -50.53 -4.56 -39.69
N ALA H 55 -51.83 -4.59 -39.98
CA ALA H 55 -52.44 -5.46 -40.99
C ALA H 55 -52.40 -6.97 -40.73
N SER H 56 -51.33 -7.50 -40.14
CA SER H 56 -51.23 -8.96 -40.05
C SER H 56 -50.58 -9.54 -38.80
N ASN H 57 -50.13 -8.69 -37.88
CA ASN H 57 -49.50 -9.18 -36.65
C ASN H 57 -50.56 -9.60 -35.65
N LEU H 58 -50.68 -10.92 -35.42
CA LEU H 58 -51.62 -11.41 -34.42
C LEU H 58 -51.17 -10.96 -33.06
N GLU H 59 -52.06 -10.31 -32.33
CA GLU H 59 -51.73 -9.82 -31.02
C GLU H 59 -51.67 -10.98 -30.05
N SER H 60 -50.83 -10.87 -29.03
CA SER H 60 -50.66 -11.92 -28.03
C SER H 60 -51.97 -12.25 -27.29
N GLY H 61 -52.26 -13.53 -27.13
CA GLY H 61 -53.45 -13.95 -26.40
C GLY H 61 -54.70 -14.05 -27.25
N ILE H 62 -54.58 -13.77 -28.55
CA ILE H 62 -55.73 -13.78 -29.43
C ILE H 62 -55.65 -15.04 -30.26
N PRO H 63 -56.76 -15.80 -30.38
CA PRO H 63 -56.67 -17.09 -31.09
C PRO H 63 -56.11 -16.94 -32.52
N ALA H 64 -55.44 -17.98 -33.00
CA ALA H 64 -54.89 -18.00 -34.35
C ALA H 64 -55.98 -18.15 -35.42
N ARG H 65 -57.22 -18.36 -35.00
CA ARG H 65 -58.28 -18.44 -36.00
C ARG H 65 -58.55 -17.05 -36.60
N PHE H 66 -58.04 -16.02 -35.95
CA PHE H 66 -58.05 -14.65 -36.47
C PHE H 66 -56.77 -14.38 -37.26
N SER H 67 -56.89 -13.89 -38.48
CA SER H 67 -55.70 -13.45 -39.23
C SER H 67 -56.06 -12.28 -40.11
N GLY H 68 -55.06 -11.47 -40.44
CA GLY H 68 -55.27 -10.33 -41.29
C GLY H 68 -54.26 -10.30 -42.40
N SER H 69 -54.60 -9.66 -43.52
CA SER H 69 -53.64 -9.41 -44.58
C SER H 69 -54.01 -8.14 -45.37
N GLY H 70 -53.14 -7.79 -46.31
CA GLY H 70 -53.36 -6.66 -47.18
C GLY H 70 -52.29 -5.60 -47.03
N SER H 71 -52.36 -4.57 -47.86
CA SER H 71 -51.47 -3.41 -47.81
C SER H 71 -52.10 -2.26 -48.59
N ARG H 72 -51.49 -1.08 -48.49
CA ARG H 72 -51.87 0.12 -49.24
C ARG H 72 -53.25 0.66 -48.83
N THR H 73 -54.27 0.35 -49.62
CA THR H 73 -55.62 0.78 -49.29
C THR H 73 -56.56 -0.38 -48.95
N ASP H 74 -56.20 -1.59 -49.36
CA ASP H 74 -57.10 -2.74 -49.24
C ASP H 74 -56.66 -3.79 -48.22
N PHE H 75 -57.52 -4.07 -47.26
CA PHE H 75 -57.19 -4.98 -46.17
C PHE H 75 -58.31 -5.96 -45.89
N THR H 76 -57.94 -7.12 -45.35
CA THR H 76 -58.89 -8.19 -45.06
C THR H 76 -58.65 -8.83 -43.69
N LEU H 77 -59.71 -8.94 -42.91
CA LEU H 77 -59.69 -9.76 -41.69
C LEU H 77 -60.35 -11.11 -41.98
N THR H 78 -59.73 -12.19 -41.52
CA THR H 78 -60.34 -13.50 -41.62
C THR H 78 -60.48 -14.18 -40.27
N ILE H 79 -61.67 -14.73 -40.03
CA ILE H 79 -61.95 -15.55 -38.87
C ILE H 79 -62.31 -16.95 -39.39
N ASN H 80 -61.55 -17.95 -38.99
CA ASN H 80 -61.68 -19.28 -39.58
C ASN H 80 -60.94 -20.30 -38.75
N PRO H 81 -61.67 -21.25 -38.14
CA PRO H 81 -63.12 -21.43 -38.16
C PRO H 81 -63.83 -20.47 -37.23
N VAL H 82 -65.03 -20.01 -37.60
CA VAL H 82 -65.83 -19.14 -36.74
C VAL H 82 -66.39 -19.93 -35.55
N GLU H 83 -66.32 -19.33 -34.36
CA GLU H 83 -66.86 -19.95 -33.14
C GLU H 83 -68.02 -19.10 -32.56
N ALA H 84 -68.81 -19.70 -31.68
CA ALA H 84 -70.04 -19.09 -31.22
C ALA H 84 -69.83 -17.73 -30.52
N ASP H 85 -68.73 -17.60 -29.80
CA ASP H 85 -68.47 -16.37 -29.07
C ASP H 85 -67.81 -15.31 -29.97
N ASP H 86 -67.77 -15.57 -31.28
CA ASP H 86 -67.21 -14.58 -32.22
C ASP H 86 -68.23 -13.54 -32.71
N PHE H 87 -69.50 -13.67 -32.33
CA PHE H 87 -70.46 -12.65 -32.74
C PHE H 87 -70.06 -11.35 -32.05
N ALA H 88 -69.99 -10.28 -32.84
CA ALA H 88 -69.48 -9.01 -32.40
C ALA H 88 -69.47 -8.05 -33.57
N THR H 89 -69.11 -6.81 -33.31
CA THR H 89 -68.84 -5.87 -34.40
C THR H 89 -67.32 -5.73 -34.57
N TYR H 90 -66.83 -5.88 -35.80
CA TYR H 90 -65.39 -5.75 -36.07
C TYR H 90 -65.09 -4.42 -36.72
N TYR H 91 -64.08 -3.73 -36.21
CA TYR H 91 -63.67 -2.43 -36.73
C TYR H 91 -62.24 -2.44 -37.29
N CYS H 92 -62.04 -1.84 -38.46
CA CYS H 92 -60.67 -1.53 -38.86
C CYS H 92 -60.30 -0.15 -38.32
N GLN H 93 -59.01 0.11 -38.19
CA GLN H 93 -58.52 1.41 -37.74
C GLN H 93 -57.19 1.74 -38.41
N GLN H 94 -57.09 2.94 -38.99
CA GLN H 94 -55.82 3.37 -39.55
C GLN H 94 -55.18 4.34 -38.56
N THR H 95 -53.85 4.25 -38.44
CA THR H 95 -53.12 5.15 -37.58
C THR H 95 -51.96 5.77 -38.36
N ASN H 96 -52.03 5.75 -39.69
CA ASN H 96 -50.93 6.26 -40.48
C ASN H 96 -50.79 7.77 -40.40
N GLU H 97 -51.89 8.47 -40.16
CA GLU H 97 -51.84 9.92 -40.04
C GLU H 97 -52.98 10.43 -39.16
N ASP H 98 -52.77 11.59 -38.56
CA ASP H 98 -53.79 12.26 -37.77
C ASP H 98 -54.91 12.79 -38.68
N PRO H 99 -56.16 12.70 -38.21
CA PRO H 99 -56.51 11.99 -36.99
C PRO H 99 -56.72 10.50 -37.28
N ARG H 100 -56.57 9.68 -36.24
CA ARG H 100 -56.90 8.27 -36.35
C ARG H 100 -58.38 8.11 -36.70
N THR H 101 -58.65 7.27 -37.67
CA THR H 101 -60.02 7.00 -38.08
C THR H 101 -60.33 5.50 -37.99
N PHE H 102 -61.62 5.20 -37.81
CA PHE H 102 -62.12 3.84 -37.74
C PHE H 102 -63.11 3.60 -38.88
N GLY H 103 -63.23 2.35 -39.33
CA GLY H 103 -64.29 2.00 -40.25
C GLY H 103 -65.64 2.06 -39.54
N GLY H 104 -66.71 1.90 -40.31
CA GLY H 104 -68.06 1.94 -39.75
C GLY H 104 -68.40 0.65 -39.01
N GLY H 105 -67.60 -0.39 -39.20
CA GLY H 105 -67.83 -1.66 -38.53
C GLY H 105 -68.58 -2.69 -39.34
N THR H 106 -68.29 -3.95 -39.06
CA THR H 106 -68.97 -5.09 -39.68
C THR H 106 -69.57 -5.96 -38.61
N LYS H 107 -70.89 -6.09 -38.59
CA LYS H 107 -71.52 -6.95 -37.59
C LYS H 107 -71.53 -8.43 -38.04
N LEU H 108 -70.86 -9.28 -37.27
CA LEU H 108 -70.90 -10.72 -37.52
C LEU H 108 -71.99 -11.40 -36.68
N GLU H 109 -72.95 -12.00 -37.35
CA GLU H 109 -73.93 -12.87 -36.71
C GLU H 109 -73.49 -14.33 -36.86
N ILE H 110 -73.63 -15.14 -35.82
CA ILE H 110 -73.41 -16.58 -35.93
C ILE H 110 -74.65 -17.24 -36.55
N LYS H 111 -74.50 -17.90 -37.69
CA LYS H 111 -75.65 -18.57 -38.29
C LYS H 111 -75.82 -19.99 -37.73
N ARG H 112 -77.07 -20.35 -37.44
CA ARG H 112 -77.42 -21.69 -36.94
C ARG H 112 -78.75 -22.18 -37.50
N ALA H 113 -79.12 -23.42 -37.17
CA ALA H 113 -80.41 -23.94 -37.61
C ALA H 113 -81.58 -23.14 -37.00
N ASP H 114 -82.70 -23.04 -37.72
CA ASP H 114 -83.88 -22.32 -37.24
C ASP H 114 -84.37 -22.91 -35.93
N ALA H 115 -84.89 -22.06 -35.05
CA ALA H 115 -85.32 -22.54 -33.75
C ALA H 115 -86.55 -21.75 -33.28
N ALA H 116 -87.58 -22.49 -32.84
CA ALA H 116 -88.83 -21.90 -32.40
C ALA H 116 -88.68 -21.23 -31.05
N PRO H 117 -89.45 -20.17 -30.78
CA PRO H 117 -89.28 -19.52 -29.47
C PRO H 117 -89.97 -20.26 -28.34
N THR H 118 -89.47 -20.11 -27.12
CA THR H 118 -90.22 -20.51 -25.93
C THR H 118 -91.00 -19.31 -25.40
N VAL H 119 -92.33 -19.37 -25.43
CA VAL H 119 -93.14 -18.22 -25.01
C VAL H 119 -93.66 -18.34 -23.59
N SER H 120 -93.48 -17.28 -22.81
CA SER H 120 -93.99 -17.19 -21.45
C SER H 120 -94.73 -15.86 -21.28
N ILE H 121 -95.89 -15.90 -20.64
CA ILE H 121 -96.67 -14.68 -20.41
C ILE H 121 -96.83 -14.50 -18.90
N PHE H 122 -96.85 -13.24 -18.45
CA PHE H 122 -96.85 -12.89 -17.02
C PHE H 122 -97.82 -11.77 -16.72
N PRO H 123 -98.71 -11.99 -15.75
CA PRO H 123 -99.70 -10.98 -15.34
C PRO H 123 -99.04 -9.82 -14.61
N PRO H 124 -99.70 -8.67 -14.54
CA PRO H 124 -99.23 -7.64 -13.64
C PRO H 124 -99.17 -8.19 -12.21
N SER H 125 -98.18 -7.79 -11.43
CA SER H 125 -98.07 -8.25 -10.07
C SER H 125 -99.05 -7.48 -9.18
N SER H 126 -99.53 -8.12 -8.11
CA SER H 126 -100.46 -7.46 -7.20
C SER H 126 -99.80 -6.22 -6.62
N GLU H 127 -98.48 -6.25 -6.50
CA GLU H 127 -97.70 -5.08 -6.10
C GLU H 127 -97.91 -3.89 -7.01
N GLN H 128 -97.74 -4.07 -8.32
CA GLN H 128 -97.86 -2.96 -9.27
C GLN H 128 -99.28 -2.42 -9.34
N LEU H 129 -100.26 -3.32 -9.26
CA LEU H 129 -101.66 -2.92 -9.36
C LEU H 129 -102.06 -1.93 -8.23
N THR H 130 -101.52 -2.11 -7.03
CA THR H 130 -101.84 -1.19 -5.92
C THR H 130 -101.43 0.25 -6.22
N SER H 131 -100.42 0.43 -7.08
CA SER H 131 -100.06 1.77 -7.53
C SER H 131 -101.17 2.28 -8.44
N GLY H 132 -100.95 2.23 -9.75
CA GLY H 132 -102.00 2.62 -10.69
C GLY H 132 -101.79 2.11 -12.10
N GLY H 133 -100.82 1.22 -12.28
CA GLY H 133 -100.50 0.74 -13.61
C GLY H 133 -100.50 -0.77 -13.71
N ALA H 134 -100.52 -1.27 -14.95
CA ALA H 134 -100.50 -2.71 -15.18
C ALA H 134 -99.66 -3.04 -16.40
N SER H 135 -98.58 -3.76 -16.15
CA SER H 135 -97.72 -4.22 -17.23
C SER H 135 -97.94 -5.70 -17.42
N VAL H 136 -98.27 -6.10 -18.64
CA VAL H 136 -98.30 -7.50 -19.02
C VAL H 136 -97.05 -7.77 -19.85
N VAL H 137 -96.27 -8.77 -19.45
CA VAL H 137 -94.98 -9.07 -20.08
C VAL H 137 -94.99 -10.42 -20.78
N CYS H 138 -94.47 -10.45 -22.00
CA CYS H 138 -94.35 -11.69 -22.71
C CYS H 138 -92.88 -11.90 -23.12
N PHE H 139 -92.34 -13.07 -22.80
CA PHE H 139 -91.01 -13.47 -23.24
C PHE H 139 -91.10 -14.46 -24.41
N LEU H 140 -90.37 -14.15 -25.46
CA LEU H 140 -90.20 -15.04 -26.59
C LEU H 140 -88.72 -15.38 -26.58
N ASN H 141 -88.36 -16.52 -26.01
CA ASN H 141 -86.95 -16.78 -25.76
C ASN H 141 -86.31 -17.80 -26.72
N ASN H 142 -85.01 -17.59 -26.97
CA ASN H 142 -84.16 -18.54 -27.67
C ASN H 142 -84.69 -19.02 -29.03
N PHE H 143 -84.81 -18.09 -29.97
CA PHE H 143 -85.29 -18.43 -31.32
C PHE H 143 -84.28 -18.01 -32.39
N TYR H 144 -84.42 -18.56 -33.60
CA TYR H 144 -83.54 -18.18 -34.69
C TYR H 144 -84.27 -18.43 -35.98
N PRO H 145 -84.20 -17.50 -36.95
CA PRO H 145 -83.48 -16.23 -36.98
C PRO H 145 -84.18 -15.11 -36.22
N LYS H 146 -83.58 -13.92 -36.25
CA LYS H 146 -84.02 -12.81 -35.41
C LYS H 146 -85.43 -12.34 -35.71
N ASP H 147 -85.83 -12.39 -36.98
CA ASP H 147 -87.14 -11.87 -37.37
C ASP H 147 -88.29 -12.69 -36.78
N ILE H 148 -89.13 -12.01 -36.00
CA ILE H 148 -90.26 -12.65 -35.33
C ILE H 148 -91.40 -11.64 -35.16
N ASN H 149 -92.63 -12.12 -35.12
CA ASN H 149 -93.78 -11.25 -34.87
C ASN H 149 -94.50 -11.59 -33.58
N VAL H 150 -95.00 -10.58 -32.89
CA VAL H 150 -95.75 -10.80 -31.66
C VAL H 150 -97.08 -10.07 -31.76
N LYS H 151 -98.15 -10.76 -31.40
CA LYS H 151 -99.46 -10.14 -31.39
C LYS H 151 -100.09 -10.28 -29.99
N TRP H 152 -100.67 -9.20 -29.51
CA TRP H 152 -101.40 -9.18 -28.24
C TRP H 152 -102.90 -9.21 -28.46
N LYS H 153 -103.59 -10.02 -27.66
CA LYS H 153 -105.03 -10.02 -27.63
C LYS H 153 -105.52 -9.75 -26.20
N ILE H 154 -106.61 -9.00 -26.10
CA ILE H 154 -107.33 -8.79 -24.87
C ILE H 154 -108.75 -9.28 -25.09
N ASP H 155 -109.16 -10.28 -24.32
CA ASP H 155 -110.43 -10.99 -24.55
C ASP H 155 -110.55 -11.41 -26.02
N GLY H 156 -109.46 -11.90 -26.60
CA GLY H 156 -109.49 -12.38 -27.98
C GLY H 156 -109.46 -11.32 -29.07
N SER H 157 -109.43 -10.05 -28.72
CA SER H 157 -109.33 -9.01 -29.74
C SER H 157 -107.94 -8.36 -29.75
N GLU H 158 -107.41 -8.11 -30.96
CA GLU H 158 -106.04 -7.61 -31.11
C GLU H 158 -105.84 -6.26 -30.44
N ARG H 159 -104.79 -6.17 -29.64
CA ARG H 159 -104.44 -4.94 -28.96
C ARG H 159 -103.07 -4.44 -29.41
N GLN H 160 -103.01 -3.19 -29.91
CA GLN H 160 -101.74 -2.61 -30.37
C GLN H 160 -101.26 -1.43 -29.51
N ASN H 161 -102.19 -0.65 -28.99
CA ASN H 161 -101.84 0.50 -28.16
C ASN H 161 -101.07 0.08 -26.90
N GLY H 162 -99.89 0.65 -26.69
CA GLY H 162 -99.15 0.42 -25.46
C GLY H 162 -98.21 -0.77 -25.44
N VAL H 163 -97.90 -1.31 -26.63
CA VAL H 163 -96.95 -2.43 -26.75
C VAL H 163 -95.55 -1.93 -27.05
N LEU H 164 -94.55 -2.40 -26.29
CA LEU H 164 -93.14 -2.15 -26.62
C LEU H 164 -92.29 -3.45 -26.64
N ASN H 165 -91.50 -3.62 -27.68
CA ASN H 165 -90.70 -4.82 -27.84
C ASN H 165 -89.21 -4.54 -27.76
N SER H 166 -88.44 -5.53 -27.33
CA SER H 166 -87.01 -5.35 -27.13
C SER H 166 -86.24 -6.65 -27.41
N TRP H 167 -85.23 -6.59 -28.27
CA TRP H 167 -84.45 -7.79 -28.62
C TRP H 167 -83.11 -7.84 -27.87
N THR H 168 -82.74 -9.01 -27.36
CA THR H 168 -81.37 -9.19 -26.85
C THR H 168 -80.42 -9.30 -28.02
N ASP H 169 -79.14 -9.12 -27.75
CA ASP H 169 -78.08 -9.55 -28.66
C ASP H 169 -78.11 -11.09 -28.75
N GLN H 170 -77.36 -11.65 -29.71
CA GLN H 170 -77.27 -13.09 -29.87
C GLN H 170 -76.71 -13.76 -28.60
N ASP H 171 -77.15 -14.98 -28.29
CA ASP H 171 -76.66 -15.66 -27.09
C ASP H 171 -75.33 -16.34 -27.35
N SER H 172 -74.45 -16.30 -26.35
CA SER H 172 -73.06 -16.75 -26.49
C SER H 172 -72.89 -18.25 -26.64
N LYS H 173 -73.83 -19.02 -26.10
CA LYS H 173 -73.80 -20.47 -26.20
C LYS H 173 -74.55 -21.02 -27.42
N ASP H 174 -75.83 -20.68 -27.56
CA ASP H 174 -76.65 -21.39 -28.55
C ASP H 174 -76.92 -20.55 -29.79
N SER H 175 -76.37 -19.33 -29.79
CA SER H 175 -76.48 -18.41 -30.92
C SER H 175 -77.93 -18.00 -31.25
N THR H 176 -78.81 -18.02 -30.25
CA THR H 176 -80.21 -17.64 -30.46
C THR H 176 -80.43 -16.17 -30.10
N TYR H 177 -81.62 -15.70 -30.45
CA TYR H 177 -82.09 -14.39 -30.01
C TYR H 177 -83.26 -14.55 -29.07
N SER H 178 -83.49 -13.57 -28.19
CA SER H 178 -84.72 -13.50 -27.41
C SER H 178 -85.32 -12.11 -27.58
N MET H 179 -86.58 -11.98 -27.18
CA MET H 179 -87.31 -10.74 -27.32
C MET H 179 -88.36 -10.60 -26.23
N SER H 180 -88.40 -9.43 -25.57
CA SER H 180 -89.48 -9.13 -24.62
C SER H 180 -90.55 -8.29 -25.27
N SER H 181 -91.81 -8.59 -24.96
CA SER H 181 -92.90 -7.72 -25.37
C SER H 181 -93.72 -7.35 -24.16
N THR H 182 -93.83 -6.04 -23.92
CA THR H 182 -94.53 -5.51 -22.77
C THR H 182 -95.74 -4.66 -23.17
N LEU H 183 -96.91 -5.03 -22.66
CA LEU H 183 -98.15 -4.30 -22.88
C LEU H 183 -98.50 -3.53 -21.61
N THR H 184 -98.41 -2.22 -21.68
CA THR H 184 -98.59 -1.38 -20.51
C THR H 184 -99.96 -0.72 -20.54
N LEU H 185 -100.72 -0.94 -19.47
CA LEU H 185 -102.07 -0.39 -19.31
C LEU H 185 -102.21 0.36 -18.00
N THR H 186 -103.27 1.17 -17.90
CA THR H 186 -103.72 1.65 -16.60
C THR H 186 -104.29 0.48 -15.80
N LYS H 187 -104.23 0.55 -14.46
CA LYS H 187 -104.89 -0.48 -13.67
C LYS H 187 -106.39 -0.53 -13.97
N ASP H 188 -106.97 0.62 -14.26
CA ASP H 188 -108.40 0.70 -14.60
C ASP H 188 -108.72 -0.16 -15.83
N GLU H 189 -108.00 0.03 -16.93
CA GLU H 189 -108.35 -0.67 -18.17
C GLU H 189 -108.13 -2.17 -18.02
N TYR H 190 -107.08 -2.52 -17.29
CA TYR H 190 -106.71 -3.90 -17.07
C TYR H 190 -107.85 -4.70 -16.46
N GLU H 191 -108.50 -4.12 -15.45
CA GLU H 191 -109.51 -4.85 -14.69
C GLU H 191 -110.86 -4.81 -15.40
N ARG H 192 -110.95 -4.05 -16.49
CA ARG H 192 -112.14 -4.07 -17.34
C ARG H 192 -112.21 -5.32 -18.23
N HIS H 193 -111.18 -6.16 -18.20
CA HIS H 193 -111.12 -7.31 -19.10
C HIS H 193 -110.78 -8.61 -18.39
N ASN H 194 -111.02 -9.72 -19.07
CA ASN H 194 -110.99 -11.03 -18.46
C ASN H 194 -109.75 -11.87 -18.77
N SER H 195 -109.30 -11.86 -20.03
CA SER H 195 -108.12 -12.63 -20.42
C SER H 195 -107.15 -11.84 -21.28
N TYR H 196 -105.88 -12.23 -21.19
CA TYR H 196 -104.77 -11.61 -21.92
C TYR H 196 -103.96 -12.66 -22.66
N THR H 197 -103.70 -12.41 -23.94
CA THR H 197 -103.01 -13.36 -24.80
C THR H 197 -101.81 -12.77 -25.53
N CYS H 198 -100.73 -13.54 -25.55
CA CYS H 198 -99.54 -13.27 -26.33
C CYS H 198 -99.42 -14.33 -27.45
N GLU H 199 -99.20 -13.88 -28.69
CA GLU H 199 -99.09 -14.77 -29.83
C GLU H 199 -97.77 -14.59 -30.60
N ALA H 200 -96.97 -15.64 -30.70
CA ALA H 200 -95.68 -15.54 -31.35
C ALA H 200 -95.72 -16.18 -32.73
N THR H 201 -95.44 -15.41 -33.77
CA THR H 201 -95.37 -15.97 -35.10
C THR H 201 -93.93 -15.93 -35.61
N HIS H 202 -93.44 -17.11 -35.94
CA HIS H 202 -92.05 -17.30 -36.33
C HIS H 202 -92.01 -18.27 -37.49
N LYS H 203 -90.99 -18.17 -38.33
CA LYS H 203 -90.95 -18.93 -39.56
C LYS H 203 -90.88 -20.42 -39.28
N THR H 204 -90.42 -20.80 -38.09
CA THR H 204 -90.30 -22.22 -37.72
C THR H 204 -91.64 -22.96 -37.72
N SER H 205 -92.75 -22.23 -37.64
CA SER H 205 -94.05 -22.90 -37.72
C SER H 205 -95.15 -22.05 -38.34
N THR H 206 -96.13 -22.73 -38.94
CA THR H 206 -97.21 -22.08 -39.66
C THR H 206 -98.20 -21.42 -38.71
N SER H 207 -98.45 -22.06 -37.57
CA SER H 207 -99.38 -21.53 -36.58
C SER H 207 -98.64 -20.89 -35.43
N PRO H 208 -99.26 -19.85 -34.83
CA PRO H 208 -98.62 -19.09 -33.76
C PRO H 208 -98.53 -19.88 -32.46
N ILE H 209 -97.45 -19.67 -31.72
CA ILE H 209 -97.36 -20.11 -30.35
C ILE H 209 -98.16 -19.14 -29.47
N VAL H 210 -99.13 -19.68 -28.73
CA VAL H 210 -100.09 -18.87 -27.99
C VAL H 210 -100.07 -19.13 -26.49
N LYS H 211 -99.74 -18.11 -25.71
CA LYS H 211 -99.84 -18.22 -24.26
C LYS H 211 -100.85 -17.21 -23.71
N SER H 212 -101.72 -17.67 -22.82
CA SER H 212 -102.74 -16.80 -22.22
C SER H 212 -102.82 -16.92 -20.69
N PHE H 213 -103.50 -15.97 -20.05
CA PHE H 213 -103.92 -16.10 -18.66
C PHE H 213 -105.25 -15.36 -18.47
N ASN H 214 -105.98 -15.75 -17.42
CA ASN H 214 -107.20 -15.06 -17.04
C ASN H 214 -106.92 -14.17 -15.85
N ARG H 215 -107.44 -12.96 -15.88
CA ARG H 215 -107.20 -12.02 -14.79
C ARG H 215 -107.59 -12.60 -13.43
N ASN H 216 -108.77 -13.21 -13.35
CA ASN H 216 -109.29 -13.75 -12.08
C ASN H 216 -109.51 -12.65 -11.03
#